data_3OBV
#
_entry.id   3OBV
#
_cell.length_a   93.926
_cell.length_b   208.519
_cell.length_c   131.516
_cell.angle_alpha   90.00
_cell.angle_beta   102.74
_cell.angle_gamma   90.00
#
_symmetry.space_group_name_H-M   'P 1 21 1'
#
loop_
_entity.id
_entity.type
_entity.pdbx_description
1 polymer 'Protein diaphanous homolog 1'
2 polymer 'Protein diaphanous homolog 1'
3 branched beta-D-fructofuranose-(2-1)-alpha-D-glucopyranose
#
loop_
_entity_poly.entity_id
_entity_poly.type
_entity_poly.pdbx_seq_one_letter_code
_entity_poly.pdbx_strand_id
1 'polypeptide(L)'
;ESSRSAMMYIQELRSGLRDMHLLSCLESLRVSLNNNPVSWVQTFGAEGLASLLDILKRLHDEKEETSGNYDSRNQHEIIR
CLKAFMNNKFGIKTMLETEEGILLLVRAMDPAVPNMMIDAAKLLSALCILPQPEDMNERVLEAMTERAEMDEVERFQPLL
DGLKSGTSIALKVGCLQLINALITPAEELDFRVHIRSELMRLGLHQVLQELREIENEDMKVQLCVFDEQGDEDFFDLKGR
LDDIRMEMDDFGEVFQIILNTVKDSKAEPHFLSILQHLLLVRNDYEARPQYYKLIEECVSQIVLHKNGTDPDFKCRHLQI
DIERLVD
;
A,B,C,D
2 'polypeptide(L)'
;KKVYKPEVQLRRPNWSKFVAEDLSQDCFWTKVKEDRFENNELFAKLTLAFSAQTKTSKAKKDQEGGEEKKSVQKKKVKEL
KVLDSKTAQNLSIFLGSFRMPYQEIKNVILEVNEAVLTESMIQNLIKQMPEPEQLKMLSELKEEYDDLAESEQFGVVMGT
VPRLRPRLNAILFKLQFSEQVENIKPEIVSVTAACEELRKSENFSSLLELTLLVGNYMNAGSRNAGAFGFNISFLCKLRD
TKSADQKMTLLHFLAELCENDHPEVLKFPDELAHVEKASRVSAENLQKSLDQMKKQIADVERDVQNFPAATDEKDKFVEK
MTSFVKDAQEQYNKLRMMHSNMETLYKELGDYFVFDPKKLSVEEFFMDLHNFRNMFLQAVKENQKRRETEEKMRRAKLAK
EKAEKERLEKQQKREQLIDMNAEGDETGVMDSLLEALQSGAAFRRKRGPRQVNRKAG
;
E,F,G,H
#
# COMPACT_ATOMS: atom_id res chain seq x y z
N GLU A 1 41.49 30.36 22.62
CA GLU A 1 42.33 29.84 23.70
C GLU A 1 42.05 30.56 25.01
N SER A 2 42.04 31.88 24.95
CA SER A 2 41.82 32.73 26.12
C SER A 2 40.64 32.23 26.95
N SER A 3 40.66 32.50 28.24
CA SER A 3 39.55 32.12 29.11
C SER A 3 38.63 33.31 29.37
N ARG A 4 39.09 34.49 28.98
CA ARG A 4 38.25 35.68 29.11
C ARG A 4 37.21 35.73 27.99
N SER A 5 37.58 35.19 26.83
CA SER A 5 36.76 35.28 25.63
C SER A 5 35.47 34.49 25.77
N ALA A 6 35.47 33.51 26.65
CA ALA A 6 34.26 32.79 26.94
C ALA A 6 33.28 33.71 27.67
N MET A 7 33.81 34.68 28.41
CA MET A 7 32.95 35.62 29.13
C MET A 7 32.43 36.71 28.21
N MET A 8 33.23 37.05 27.20
CA MET A 8 32.91 38.05 26.19
C MET A 8 31.76 37.58 25.29
N TYR A 9 31.85 36.31 24.90
CA TYR A 9 30.82 35.70 24.11
C TYR A 9 29.49 35.82 24.85
N ILE A 10 29.49 35.56 26.16
CA ILE A 10 28.27 35.64 26.94
C ILE A 10 27.69 37.05 26.88
N GLN A 11 28.57 38.01 26.71
CA GLN A 11 28.13 39.39 26.73
C GLN A 11 27.60 39.81 25.35
N GLU A 12 28.30 39.43 24.27
CA GLU A 12 27.79 39.69 22.92
C GLU A 12 26.39 39.08 22.77
N LEU A 13 26.22 37.84 23.23
CA LEU A 13 24.97 37.14 23.09
C LEU A 13 23.82 37.96 23.68
N ARG A 14 24.11 38.64 24.78
CA ARG A 14 23.08 39.39 25.49
C ARG A 14 23.00 40.82 25.03
N SER A 15 23.78 41.16 24.01
CA SER A 15 23.88 42.54 23.52
C SER A 15 22.79 42.97 22.53
N GLY A 16 22.00 42.01 22.04
CA GLY A 16 20.94 42.33 21.09
C GLY A 16 21.37 42.37 19.63
N LEU A 17 22.29 41.48 19.26
CA LEU A 17 22.69 41.33 17.87
C LEU A 17 21.54 40.80 17.03
N ARG A 18 21.52 41.20 15.76
CA ARG A 18 20.52 40.74 14.78
C ARG A 18 21.17 40.29 13.47
N ASP A 19 20.40 39.57 12.66
CA ASP A 19 20.80 39.20 11.30
C ASP A 19 22.22 38.65 11.16
N MET A 20 22.92 39.14 10.14
CA MET A 20 24.23 38.59 9.82
C MET A 20 25.28 38.87 10.90
N HIS A 21 25.00 39.85 11.75
CA HIS A 21 25.90 40.16 12.85
C HIS A 21 25.78 39.14 13.96
N LEU A 22 24.55 38.79 14.32
CA LEU A 22 24.34 37.75 15.31
C LEU A 22 24.90 36.43 14.76
N LEU A 23 24.79 36.24 13.45
CA LEU A 23 25.20 34.97 12.83
C LEU A 23 26.70 34.81 12.80
N SER A 24 27.38 35.92 12.51
CA SER A 24 28.83 35.91 12.46
C SER A 24 29.45 35.62 13.83
N CYS A 25 28.76 36.08 14.86
CA CYS A 25 29.08 35.75 16.26
C CYS A 25 28.83 34.28 16.60
N LEU A 26 27.62 33.77 16.36
CA LEU A 26 27.33 32.37 16.57
C LEU A 26 28.36 31.52 15.88
N GLU A 27 28.73 31.86 14.65
CA GLU A 27 29.64 31.01 13.89
C GLU A 27 31.00 30.97 14.56
N SER A 28 31.41 32.09 15.13
CA SER A 28 32.68 32.15 15.87
C SER A 28 32.54 31.32 17.12
N LEU A 29 31.43 31.51 17.81
CA LEU A 29 31.16 30.74 19.00
C LEU A 29 31.14 29.24 18.70
N ARG A 30 30.46 28.83 17.63
CA ARG A 30 30.43 27.41 17.31
C ARG A 30 31.88 26.93 17.28
N VAL A 31 32.73 27.66 16.58
CA VAL A 31 34.12 27.26 16.40
C VAL A 31 34.91 27.23 17.70
N SER A 32 34.67 28.21 18.57
CA SER A 32 35.38 28.20 19.85
C SER A 32 35.02 26.96 20.66
N LEU A 33 33.74 26.64 20.78
CA LEU A 33 33.29 25.50 21.58
C LEU A 33 33.81 24.16 21.04
N ASN A 34 34.21 24.14 19.78
CA ASN A 34 34.58 22.91 19.09
C ASN A 34 36.08 22.65 19.10
N ASN A 35 36.84 23.63 19.58
CA ASN A 35 38.30 23.62 19.47
C ASN A 35 39.01 23.74 20.81
N ASN A 36 38.48 24.58 21.70
CA ASN A 36 38.95 24.68 23.07
C ASN A 36 38.73 23.41 23.91
N PRO A 37 39.43 23.33 25.04
CA PRO A 37 39.27 22.29 26.07
C PRO A 37 37.94 22.38 26.78
N VAL A 38 37.45 21.24 27.27
CA VAL A 38 36.22 21.19 28.03
C VAL A 38 36.14 22.20 29.16
N SER A 39 37.29 22.63 29.68
CA SER A 39 37.29 23.56 30.78
C SER A 39 36.83 24.95 30.30
N TRP A 40 37.17 25.29 29.07
CA TRP A 40 36.72 26.55 28.48
C TRP A 40 35.19 26.58 28.45
N VAL A 41 34.63 25.50 27.91
CA VAL A 41 33.20 25.27 27.89
C VAL A 41 32.59 25.54 29.27
N GLN A 42 33.16 24.94 30.32
CA GLN A 42 32.64 25.10 31.68
C GLN A 42 32.57 26.56 32.13
N THR A 43 33.38 27.40 31.50
CA THR A 43 33.51 28.80 31.90
C THR A 43 32.39 29.59 31.27
N PHE A 44 32.18 29.33 29.98
CA PHE A 44 30.96 29.68 29.29
C PHE A 44 29.79 29.11 30.07
N GLY A 45 29.80 27.79 30.20
CA GLY A 45 28.85 27.08 31.05
C GLY A 45 27.40 27.55 30.99
N ALA A 46 26.68 27.25 32.07
CA ALA A 46 25.25 27.46 32.15
C ALA A 46 24.74 28.84 31.71
N GLU A 47 25.39 29.90 32.15
CA GLU A 47 24.92 31.24 31.82
C GLU A 47 25.02 31.46 30.31
N GLY A 48 26.05 30.86 29.71
CA GLY A 48 26.23 30.93 28.27
C GLY A 48 25.10 30.21 27.57
N LEU A 49 24.97 28.92 27.88
CA LEU A 49 23.86 28.09 27.42
C LEU A 49 22.51 28.82 27.53
N ALA A 50 22.22 29.35 28.70
CA ALA A 50 20.98 30.08 28.90
C ALA A 50 20.88 31.25 27.94
N SER A 51 22.00 31.86 27.61
CA SER A 51 22.01 32.99 26.68
C SER A 51 21.70 32.53 25.25
N LEU A 52 22.28 31.40 24.87
CA LEU A 52 21.95 30.76 23.61
C LEU A 52 20.44 30.51 23.52
N LEU A 53 19.89 29.79 24.49
CA LEU A 53 18.45 29.51 24.55
C LEU A 53 17.49 30.71 24.64
N ASP A 54 17.91 31.84 25.22
CA ASP A 54 17.02 33.00 25.26
C ASP A 54 16.82 33.51 23.82
N ILE A 55 17.89 33.44 23.04
CA ILE A 55 17.89 33.89 21.65
C ILE A 55 17.04 32.95 20.83
N LEU A 56 17.31 31.67 20.97
CA LEU A 56 16.58 30.63 20.28
C LEU A 56 15.11 30.81 20.52
N LYS A 57 14.78 31.23 21.73
CA LYS A 57 13.39 31.44 22.12
C LYS A 57 12.82 32.65 21.38
N ARG A 58 13.61 33.71 21.29
CA ARG A 58 13.19 34.87 20.52
C ARG A 58 12.99 34.53 19.04
N LEU A 59 13.89 33.70 18.49
CA LEU A 59 13.83 33.35 17.06
C LEU A 59 12.63 32.47 16.71
N HIS A 60 12.39 31.41 17.49
CA HIS A 60 11.23 30.56 17.29
C HIS A 60 9.95 31.40 17.44
N ASP A 61 10.03 32.49 18.19
CA ASP A 61 8.86 33.32 18.46
C ASP A 61 8.58 34.33 17.36
N GLU A 62 9.64 34.74 16.65
CA GLU A 62 9.46 35.68 15.54
C GLU A 62 9.10 34.92 14.25
N LYS A 63 9.39 33.61 14.22
CA LYS A 63 9.08 32.76 13.07
C LYS A 63 7.64 32.23 13.09
N GLU A 64 7.03 32.20 14.26
CA GLU A 64 5.60 31.93 14.36
C GLU A 64 4.84 33.17 13.84
N GLU A 65 5.42 34.34 14.07
CA GLU A 65 4.82 35.60 13.65
C GLU A 65 5.30 36.11 12.27
N THR A 66 5.63 35.19 11.36
CA THR A 66 6.25 35.59 10.08
C THR A 66 5.73 34.86 8.84
N SER A 67 6.28 35.21 7.68
CA SER A 67 5.87 34.65 6.39
C SER A 67 7.02 34.11 5.50
N GLY A 68 8.13 34.85 5.41
CA GLY A 68 9.34 34.40 4.72
C GLY A 68 10.56 34.64 5.59
N ASN A 69 11.35 33.59 5.87
CA ASN A 69 12.31 33.59 7.00
C ASN A 69 13.79 33.25 6.75
N TYR A 70 14.62 34.28 6.55
CA TYR A 70 16.09 34.10 6.44
C TYR A 70 16.68 33.61 7.75
N ASP A 71 15.86 33.70 8.80
CA ASP A 71 16.20 33.28 10.18
C ASP A 71 16.88 31.93 10.25
N SER A 72 16.53 31.04 9.32
CA SER A 72 16.96 29.65 9.43
C SER A 72 18.40 29.65 9.93
N ARG A 73 19.22 30.49 9.32
CA ARG A 73 20.65 30.45 9.57
C ARG A 73 21.02 30.62 11.04
N ASN A 74 20.49 31.65 11.70
CA ASN A 74 20.75 31.88 13.13
C ASN A 74 20.21 30.78 14.04
N GLN A 75 18.94 30.39 13.85
CA GLN A 75 18.39 29.28 14.62
C GLN A 75 19.31 28.07 14.50
N HIS A 76 19.67 27.76 13.26
CA HIS A 76 20.40 26.54 12.98
C HIS A 76 21.81 26.62 13.54
N GLU A 77 22.35 27.82 13.56
CA GLU A 77 23.70 28.01 14.05
C GLU A 77 23.68 27.81 15.55
N ILE A 78 22.62 28.28 16.19
CA ILE A 78 22.44 28.02 17.60
C ILE A 78 22.38 26.51 17.88
N ILE A 79 21.70 25.74 17.03
CA ILE A 79 21.69 24.26 17.14
C ILE A 79 23.10 23.66 16.97
N ARG A 80 23.88 24.17 16.02
CA ARG A 80 25.27 23.74 15.87
C ARG A 80 26.14 24.04 17.11
N CYS A 81 25.84 25.16 17.77
CA CYS A 81 26.53 25.50 19.01
C CYS A 81 26.15 24.50 20.08
N LEU A 82 24.86 24.22 20.20
CA LEU A 82 24.41 23.32 21.25
C LEU A 82 25.13 21.98 21.14
N LYS A 83 25.28 21.48 19.91
CA LYS A 83 25.96 20.21 19.70
C LYS A 83 27.36 20.31 20.30
N ALA A 84 28.10 21.31 19.85
CA ALA A 84 29.45 21.55 20.33
C ALA A 84 29.46 21.63 21.86
N PHE A 85 28.54 22.41 22.42
CA PHE A 85 28.44 22.59 23.85
C PHE A 85 28.10 21.31 24.58
N MET A 86 27.51 20.37 23.87
CA MET A 86 27.09 19.12 24.50
C MET A 86 28.00 17.98 24.11
N ASN A 87 29.12 18.33 23.48
CA ASN A 87 30.06 17.31 23.02
C ASN A 87 30.97 16.84 24.15
N ASN A 88 30.50 16.99 25.39
CA ASN A 88 31.25 16.57 26.56
C ASN A 88 30.33 16.36 27.76
N LYS A 89 30.76 15.54 28.70
CA LYS A 89 29.89 15.17 29.81
C LYS A 89 29.33 16.37 30.51
N PHE A 90 30.09 17.46 30.60
CA PHE A 90 29.60 18.63 31.31
C PHE A 90 28.40 19.29 30.65
N GLY A 91 28.47 19.47 29.34
CA GLY A 91 27.47 20.21 28.60
C GLY A 91 26.15 19.47 28.55
N ILE A 92 26.23 18.19 28.23
CA ILE A 92 25.06 17.36 28.28
C ILE A 92 24.37 17.54 29.64
N LYS A 93 25.12 17.33 30.72
CA LYS A 93 24.53 17.38 32.05
C LYS A 93 23.90 18.75 32.26
N THR A 94 24.55 19.78 31.74
CA THR A 94 24.13 21.16 31.99
C THR A 94 22.85 21.44 31.23
N MET A 95 22.81 20.93 30.02
CA MET A 95 21.63 21.03 29.18
C MET A 95 20.39 20.46 29.88
N LEU A 96 20.46 19.19 30.28
CA LEU A 96 19.33 18.55 30.91
C LEU A 96 18.90 19.36 32.13
N GLU A 97 19.80 20.15 32.66
CA GLU A 97 19.42 20.90 33.85
C GLU A 97 18.52 22.09 33.52
N THR A 98 18.43 22.44 32.24
CA THR A 98 17.69 23.63 31.82
C THR A 98 16.22 23.38 31.91
N GLU A 99 15.43 24.45 31.88
CA GLU A 99 13.98 24.32 31.99
C GLU A 99 13.31 24.19 30.63
N GLU A 100 13.97 24.69 29.58
CA GLU A 100 13.33 24.81 28.28
C GLU A 100 14.19 24.34 27.13
N GLY A 101 15.35 23.79 27.46
CA GLY A 101 16.33 23.40 26.46
C GLY A 101 15.88 22.25 25.59
N ILE A 102 15.30 21.22 26.19
CA ILE A 102 14.87 20.12 25.36
C ILE A 102 13.70 20.58 24.49
N LEU A 103 12.81 21.39 25.06
CA LEU A 103 11.69 21.89 24.27
C LEU A 103 12.19 22.64 23.05
N LEU A 104 13.20 23.50 23.24
CA LEU A 104 13.70 24.28 22.12
C LEU A 104 14.31 23.41 21.04
N LEU A 105 15.04 22.37 21.44
CA LEU A 105 15.51 21.39 20.47
C LEU A 105 14.32 20.89 19.62
N VAL A 106 13.26 20.38 20.27
CA VAL A 106 12.07 19.87 19.56
C VAL A 106 11.52 20.85 18.53
N ARG A 107 11.36 22.10 18.94
CA ARG A 107 10.81 23.15 18.06
C ARG A 107 11.70 23.47 16.87
N ALA A 108 12.91 22.94 16.88
CA ALA A 108 13.83 23.10 15.76
C ALA A 108 13.55 22.00 14.76
N MET A 109 12.62 21.12 15.11
CA MET A 109 12.26 20.08 14.18
C MET A 109 11.14 20.56 13.28
N ASP A 110 11.56 21.24 12.23
CA ASP A 110 10.70 21.77 11.22
C ASP A 110 11.13 21.14 9.91
N PRO A 111 10.28 20.30 9.29
CA PRO A 111 10.71 19.56 8.08
C PRO A 111 11.03 20.47 6.88
N ALA A 112 10.56 21.71 6.93
CA ALA A 112 10.83 22.68 5.89
C ALA A 112 12.27 23.20 5.93
N VAL A 113 12.92 23.05 7.09
CA VAL A 113 14.34 23.32 7.22
C VAL A 113 15.05 22.03 7.53
N PRO A 114 15.11 21.12 6.57
CA PRO A 114 15.55 19.74 6.80
C PRO A 114 16.88 19.61 7.52
N ASN A 115 17.87 20.40 7.14
CA ASN A 115 19.17 20.15 7.73
C ASN A 115 19.18 20.59 9.19
N MET A 116 18.34 21.57 9.53
CA MET A 116 18.22 21.93 10.95
C MET A 116 17.44 20.86 11.72
N MET A 117 16.38 20.31 11.14
CA MET A 117 15.59 19.28 11.81
C MET A 117 16.46 18.05 12.01
N ILE A 118 17.21 17.72 10.96
CA ILE A 118 18.16 16.65 11.09
C ILE A 118 19.08 16.81 12.31
N ASP A 119 19.74 17.97 12.45
CA ASP A 119 20.73 18.16 13.53
C ASP A 119 20.05 18.15 14.88
N ALA A 120 18.85 18.71 14.96
CA ALA A 120 18.14 18.79 16.25
C ALA A 120 17.57 17.44 16.66
N ALA A 121 17.21 16.64 15.67
CA ALA A 121 16.70 15.30 15.94
C ALA A 121 17.80 14.35 16.40
N LYS A 122 19.00 14.54 15.88
CA LYS A 122 20.17 13.76 16.33
C LYS A 122 20.41 13.97 17.81
N LEU A 123 20.39 15.24 18.23
CA LEU A 123 20.68 15.55 19.63
C LEU A 123 19.59 14.96 20.52
N LEU A 124 18.33 15.22 20.19
CA LEU A 124 17.23 14.60 20.92
C LEU A 124 17.43 13.09 21.01
N SER A 125 17.81 12.45 19.90
CA SER A 125 18.00 10.99 19.92
C SER A 125 19.15 10.59 20.82
N ALA A 126 20.26 11.33 20.77
CA ALA A 126 21.34 11.10 21.71
C ALA A 126 20.84 11.16 23.16
N LEU A 127 20.10 12.21 23.53
CA LEU A 127 19.54 12.29 24.88
C LEU A 127 18.73 11.05 25.30
N CYS A 128 17.97 10.47 24.37
CA CYS A 128 17.09 9.32 24.65
C CYS A 128 17.92 8.10 25.00
N ILE A 129 19.03 7.97 24.28
CA ILE A 129 20.01 6.90 24.41
C ILE A 129 20.72 6.82 25.78
N LEU A 130 20.73 7.93 26.53
CA LEU A 130 21.57 8.03 27.74
C LEU A 130 21.16 7.06 28.84
N PRO A 131 22.17 6.52 29.52
CA PRO A 131 21.92 5.65 30.67
C PRO A 131 21.42 6.46 31.88
N GLN A 132 21.95 7.67 32.07
CA GLN A 132 21.54 8.50 33.19
C GLN A 132 21.25 9.89 32.66
N PRO A 133 20.13 10.49 33.09
CA PRO A 133 19.15 9.95 34.04
C PRO A 133 18.18 8.95 33.44
N GLU A 134 17.33 8.43 34.32
CA GLU A 134 16.35 7.44 33.93
C GLU A 134 15.27 8.03 33.03
N ASP A 135 14.94 7.29 31.98
CA ASP A 135 13.79 7.63 31.18
C ASP A 135 13.97 8.95 30.45
N MET A 136 15.12 9.12 29.81
CA MET A 136 15.32 10.30 28.99
C MET A 136 14.30 10.31 27.86
N ASN A 137 14.08 9.15 27.23
CA ASN A 137 13.05 9.07 26.19
C ASN A 137 11.73 9.73 26.59
N GLU A 138 11.25 9.45 27.79
CA GLU A 138 9.94 9.97 28.18
C GLU A 138 9.98 11.48 28.37
N ARG A 139 11.13 11.99 28.76
CA ARG A 139 11.27 13.44 28.84
C ARG A 139 11.31 14.08 27.46
N VAL A 140 12.04 13.50 26.53
CA VAL A 140 12.01 14.05 25.17
C VAL A 140 10.56 14.06 24.72
N LEU A 141 9.88 12.95 24.91
CA LEU A 141 8.50 12.81 24.48
C LEU A 141 7.57 13.83 25.15
N GLU A 142 7.78 14.06 26.44
CA GLU A 142 7.00 15.07 27.15
C GLU A 142 7.11 16.42 26.45
N ALA A 143 8.30 16.74 25.97
CA ALA A 143 8.50 18.02 25.30
C ALA A 143 7.81 18.06 23.92
N MET A 144 7.95 16.98 23.16
CA MET A 144 7.29 16.84 21.88
C MET A 144 5.81 17.04 22.08
N THR A 145 5.34 16.53 23.22
CA THR A 145 3.93 16.63 23.58
C THR A 145 3.55 18.07 23.87
N GLU A 146 4.38 18.78 24.63
CA GLU A 146 4.11 20.19 24.91
C GLU A 146 4.14 21.08 23.66
N ARG A 147 5.08 20.85 22.74
CA ARG A 147 5.07 21.56 21.48
C ARG A 147 3.75 21.30 20.76
N ALA A 148 3.33 20.04 20.76
CA ALA A 148 2.10 19.65 20.08
C ALA A 148 0.88 20.39 20.62
N GLU A 149 0.79 20.56 21.93
CA GLU A 149 -0.35 21.28 22.53
C GLU A 149 -0.31 22.75 22.18
N MET A 150 0.88 23.33 22.10
CA MET A 150 0.95 24.73 21.72
C MET A 150 0.62 24.98 20.23
N ASP A 151 1.31 24.31 19.31
CA ASP A 151 0.95 24.41 17.89
C ASP A 151 -0.43 23.79 17.57
N GLU A 152 -0.97 23.00 18.50
CA GLU A 152 -2.19 22.20 18.27
C GLU A 152 -2.10 21.24 17.07
N VAL A 153 -1.27 20.22 17.22
CA VAL A 153 -1.04 19.24 16.18
C VAL A 153 -0.64 17.94 16.85
N GLU A 154 -0.73 16.83 16.11
CA GLU A 154 -0.30 15.56 16.68
C GLU A 154 1.17 15.68 16.98
N ARG A 155 1.59 15.20 18.14
CA ARG A 155 2.97 15.36 18.54
C ARG A 155 3.97 14.61 17.62
N PHE A 156 3.48 13.64 16.85
CA PHE A 156 4.35 12.89 15.92
C PHE A 156 4.22 13.34 14.47
N GLN A 157 3.47 14.42 14.26
CA GLN A 157 3.33 15.00 12.94
C GLN A 157 4.65 15.34 12.29
N PRO A 158 5.46 16.17 12.94
CA PRO A 158 6.68 16.60 12.29
C PRO A 158 7.51 15.42 11.87
N LEU A 159 7.57 14.37 12.68
CA LEU A 159 8.27 13.15 12.26
C LEU A 159 7.69 12.43 11.04
N LEU A 160 6.37 12.30 10.97
CA LEU A 160 5.79 11.67 9.77
C LEU A 160 5.95 12.53 8.51
N ASP A 161 5.85 13.85 8.66
CA ASP A 161 6.11 14.77 7.55
C ASP A 161 7.52 14.60 7.00
N GLY A 162 8.47 14.36 7.89
CA GLY A 162 9.85 14.14 7.51
C GLY A 162 10.12 12.84 6.78
N LEU A 163 9.14 11.94 6.77
CA LEU A 163 9.34 10.65 6.12
C LEU A 163 8.64 10.60 4.78
N LYS A 164 7.75 11.57 4.53
CA LYS A 164 6.97 11.66 3.28
C LYS A 164 7.84 11.73 2.03
N SER A 165 7.30 11.25 0.91
CA SER A 165 8.07 11.03 -0.32
C SER A 165 9.01 12.16 -0.75
N GLY A 166 8.59 13.40 -0.58
CA GLY A 166 9.39 14.50 -1.07
C GLY A 166 10.78 14.69 -0.47
N THR A 167 10.94 14.32 0.79
CA THR A 167 12.07 14.71 1.65
C THR A 167 13.36 13.94 1.37
N SER A 168 14.49 14.47 1.78
CA SER A 168 15.76 13.77 1.52
C SER A 168 15.90 12.48 2.29
N ILE A 169 16.65 11.55 1.71
CA ILE A 169 16.98 10.32 2.41
C ILE A 169 17.58 10.63 3.80
N ALA A 170 18.32 11.73 3.92
CA ALA A 170 18.97 12.08 5.18
C ALA A 170 17.97 12.44 6.25
N LEU A 171 16.90 13.11 5.84
CA LEU A 171 15.86 13.45 6.78
C LEU A 171 15.04 12.22 7.20
N LYS A 172 14.80 11.30 6.27
CA LYS A 172 14.02 10.13 6.61
C LYS A 172 14.80 9.37 7.69
N VAL A 173 16.02 9.01 7.35
CA VAL A 173 16.88 8.30 8.28
C VAL A 173 16.93 8.94 9.67
N GLY A 174 16.88 10.26 9.73
CA GLY A 174 16.89 10.97 11.01
C GLY A 174 15.59 10.87 11.80
N CYS A 175 14.47 10.95 11.10
CA CYS A 175 13.16 10.73 11.70
C CYS A 175 12.98 9.31 12.22
N LEU A 176 13.35 8.30 11.42
CA LEU A 176 13.25 6.93 11.92
C LEU A 176 14.13 6.75 13.17
N GLN A 177 15.34 7.28 13.08
CA GLN A 177 16.28 7.17 14.17
C GLN A 177 15.70 7.69 15.49
N LEU A 178 15.03 8.84 15.45
CA LEU A 178 14.44 9.41 16.66
C LEU A 178 13.21 8.62 17.13
N ILE A 179 12.50 8.01 16.19
CA ILE A 179 11.41 7.13 16.56
C ILE A 179 12.02 5.95 17.28
N ASN A 180 13.07 5.40 16.69
CA ASN A 180 13.72 4.26 17.31
C ASN A 180 14.25 4.63 18.70
N ALA A 181 14.68 5.87 18.86
CA ALA A 181 15.33 6.28 20.11
C ALA A 181 14.31 6.52 21.20
N LEU A 182 13.10 6.91 20.80
CA LEU A 182 11.98 7.04 21.75
C LEU A 182 11.42 5.68 22.19
N ILE A 183 11.42 4.71 21.30
CA ILE A 183 10.77 3.43 21.56
C ILE A 183 11.73 2.41 22.18
N THR A 184 12.88 2.22 21.56
CA THR A 184 13.77 1.13 21.94
C THR A 184 14.29 1.12 23.39
N PRO A 185 14.56 2.29 23.97
CA PRO A 185 15.12 2.31 25.33
C PRO A 185 14.08 2.09 26.42
N ALA A 186 12.81 2.20 26.08
CA ALA A 186 11.73 2.08 27.07
C ALA A 186 11.67 0.65 27.56
N GLU A 187 11.52 0.49 28.87
CA GLU A 187 11.56 -0.85 29.44
C GLU A 187 10.20 -1.57 29.35
N GLU A 188 9.12 -0.80 29.41
CA GLU A 188 7.78 -1.38 29.51
C GLU A 188 7.14 -1.70 28.15
N LEU A 189 6.82 -2.97 27.94
CA LEU A 189 6.21 -3.41 26.69
C LEU A 189 4.96 -2.57 26.31
N ASP A 190 4.06 -2.33 27.26
CA ASP A 190 2.87 -1.55 26.93
C ASP A 190 3.20 -0.21 26.33
N PHE A 191 4.24 0.42 26.86
CA PHE A 191 4.69 1.72 26.37
C PHE A 191 5.17 1.65 24.91
N ARG A 192 6.13 0.77 24.62
CA ARG A 192 6.53 0.52 23.23
C ARG A 192 5.31 0.32 22.32
N VAL A 193 4.35 -0.50 22.74
CA VAL A 193 3.15 -0.69 21.92
C VAL A 193 2.31 0.58 21.74
N HIS A 194 2.06 1.30 22.83
CA HIS A 194 1.30 2.55 22.77
C HIS A 194 1.82 3.47 21.68
N ILE A 195 3.09 3.82 21.81
CA ILE A 195 3.81 4.73 20.91
C ILE A 195 3.79 4.24 19.47
N ARG A 196 4.21 3.01 19.25
CA ARG A 196 4.16 2.43 17.91
C ARG A 196 2.76 2.44 17.31
N SER A 197 1.75 2.02 18.07
CA SER A 197 0.38 2.09 17.59
C SER A 197 0.02 3.53 17.22
N GLU A 198 0.51 4.48 18.01
CA GLU A 198 0.23 5.89 17.75
C GLU A 198 0.80 6.37 16.45
N LEU A 199 2.03 5.96 16.16
CA LEU A 199 2.70 6.32 14.91
C LEU A 199 1.94 5.71 13.73
N MET A 200 1.50 4.47 13.88
CA MET A 200 0.71 3.84 12.84
C MET A 200 -0.61 4.62 12.54
N ARG A 201 -1.37 5.01 13.56
CA ARG A 201 -2.58 5.76 13.31
C ARG A 201 -2.27 6.98 12.46
N LEU A 202 -1.03 7.43 12.47
CA LEU A 202 -0.72 8.68 11.80
C LEU A 202 -0.22 8.39 10.40
N GLY A 203 -0.03 7.12 10.10
CA GLY A 203 0.27 6.70 8.74
C GLY A 203 1.62 6.04 8.62
N LEU A 204 2.20 5.67 9.76
CA LEU A 204 3.54 5.11 9.76
C LEU A 204 3.67 3.89 8.85
N HIS A 205 2.63 3.08 8.81
CA HIS A 205 2.74 1.81 8.09
C HIS A 205 2.97 1.96 6.60
N GLN A 206 2.24 2.86 5.96
CA GLN A 206 2.42 3.09 4.53
C GLN A 206 3.81 3.67 4.26
N VAL A 207 4.20 4.68 5.01
CA VAL A 207 5.54 5.22 4.85
C VAL A 207 6.61 4.12 4.91
N LEU A 208 6.51 3.21 5.88
CA LEU A 208 7.47 2.12 5.96
C LEU A 208 7.61 1.32 4.64
N GLN A 209 6.49 1.08 3.97
CA GLN A 209 6.52 0.40 2.67
C GLN A 209 7.48 1.12 1.74
N GLU A 210 7.38 2.44 1.70
CA GLU A 210 8.20 3.23 0.80
C GLU A 210 9.69 3.15 1.16
N LEU A 211 10.01 3.21 2.46
CA LEU A 211 11.40 3.31 2.91
C LEU A 211 12.16 1.99 2.76
N ARG A 212 11.41 0.89 2.74
CA ARG A 212 12.05 -0.41 2.61
C ARG A 212 12.62 -0.65 1.24
N GLU A 213 12.25 0.21 0.29
CA GLU A 213 12.71 0.11 -1.09
C GLU A 213 14.06 0.79 -1.29
N ILE A 214 14.29 1.85 -0.52
CA ILE A 214 15.46 2.70 -0.66
C ILE A 214 16.77 1.99 -0.43
N GLU A 215 17.64 2.01 -1.43
CA GLU A 215 18.95 1.39 -1.35
C GLU A 215 19.88 2.31 -0.58
N ASN A 216 19.85 2.23 0.75
CA ASN A 216 20.66 3.13 1.55
C ASN A 216 21.01 2.52 2.89
N GLU A 217 22.32 2.35 3.14
CA GLU A 217 22.74 1.56 4.27
C GLU A 217 22.28 2.14 5.60
N ASP A 218 22.30 3.45 5.73
CA ASP A 218 21.90 4.06 6.99
C ASP A 218 20.44 3.83 7.24
N MET A 219 19.66 3.87 6.17
CA MET A 219 18.23 3.64 6.23
C MET A 219 17.90 2.19 6.59
N LYS A 220 18.62 1.24 6.02
CA LYS A 220 18.38 -0.18 6.31
C LYS A 220 18.61 -0.47 7.79
N VAL A 221 19.66 0.15 8.33
CA VAL A 221 20.07 -0.04 9.72
C VAL A 221 18.97 0.36 10.68
N GLN A 222 18.38 1.53 10.44
CA GLN A 222 17.26 2.00 11.24
C GLN A 222 15.99 1.17 11.06
N LEU A 223 15.75 0.68 9.85
CA LEU A 223 14.58 -0.18 9.60
C LEU A 223 14.69 -1.51 10.32
N CYS A 224 15.85 -2.13 10.15
CA CYS A 224 16.13 -3.36 10.87
C CYS A 224 15.95 -3.13 12.41
N VAL A 225 16.47 -2.03 12.95
CA VAL A 225 16.21 -1.78 14.38
C VAL A 225 14.70 -1.76 14.70
N PHE A 226 13.92 -0.95 13.96
CA PHE A 226 12.50 -0.80 14.18
C PHE A 226 11.76 -2.12 14.04
N ASP A 227 12.10 -2.87 12.98
CA ASP A 227 11.41 -4.14 12.72
C ASP A 227 11.68 -5.15 13.82
N GLU A 228 12.97 -5.37 14.09
CA GLU A 228 13.40 -6.33 15.09
C GLU A 228 12.81 -6.03 16.45
N GLN A 229 12.75 -4.75 16.79
CA GLN A 229 12.14 -4.33 18.03
C GLN A 229 10.63 -4.63 18.09
N GLY A 230 9.96 -4.53 16.95
CA GLY A 230 8.56 -4.92 16.87
C GLY A 230 8.39 -6.41 17.04
N ASP A 231 9.24 -7.20 16.37
CA ASP A 231 9.14 -8.67 16.51
C ASP A 231 9.39 -9.09 17.95
N GLU A 232 10.24 -8.37 18.65
CA GLU A 232 10.54 -8.77 19.99
C GLU A 232 9.35 -8.45 20.87
N ASP A 233 8.66 -7.35 20.57
CA ASP A 233 7.45 -7.00 21.32
C ASP A 233 6.33 -7.98 21.06
N PHE A 234 6.23 -8.50 19.85
CA PHE A 234 5.26 -9.55 19.57
C PHE A 234 5.57 -10.78 20.36
N PHE A 235 6.82 -11.20 20.31
CA PHE A 235 7.28 -12.33 21.09
C PHE A 235 6.98 -12.19 22.60
N ASP A 236 7.02 -10.97 23.12
CA ASP A 236 6.71 -10.76 24.52
C ASP A 236 5.25 -10.91 24.77
N LEU A 237 4.43 -10.28 23.92
CA LEU A 237 2.98 -10.36 24.05
C LEU A 237 2.52 -11.83 24.02
N LYS A 238 3.10 -12.62 23.13
CA LYS A 238 2.80 -14.05 23.06
C LYS A 238 3.14 -14.74 24.37
N GLY A 239 4.18 -14.26 25.03
CA GLY A 239 4.57 -14.84 26.30
C GLY A 239 3.60 -14.50 27.40
N ARG A 240 3.01 -13.31 27.36
CA ARG A 240 1.98 -12.98 28.34
C ARG A 240 0.80 -13.94 28.23
N LEU A 241 0.52 -14.36 27.00
CA LEU A 241 -0.56 -15.29 26.75
C LEU A 241 -0.24 -16.65 27.37
N ASP A 242 0.95 -17.17 27.13
CA ASP A 242 1.39 -18.43 27.76
C ASP A 242 1.25 -18.36 29.27
N ASP A 243 1.64 -17.21 29.84
CA ASP A 243 1.44 -16.94 31.28
C ASP A 243 -0.03 -17.03 31.67
N ILE A 244 -0.90 -16.38 30.90
CA ILE A 244 -2.34 -16.38 31.23
C ILE A 244 -2.92 -17.79 31.22
N ARG A 245 -2.65 -18.53 30.16
CA ARG A 245 -3.03 -19.93 30.09
C ARG A 245 -2.57 -20.75 31.27
N MET A 246 -1.38 -20.46 31.77
CA MET A 246 -0.86 -21.23 32.88
C MET A 246 -1.62 -20.86 34.16
N GLU A 247 -1.83 -19.56 34.38
CA GLU A 247 -2.40 -19.06 35.64
C GLU A 247 -3.92 -19.11 35.74
N MET A 248 -4.60 -18.75 34.65
CA MET A 248 -6.04 -18.53 34.65
C MET A 248 -6.79 -19.59 33.88
N ASP A 249 -7.14 -20.69 34.54
CA ASP A 249 -7.68 -21.87 33.87
C ASP A 249 -9.11 -22.16 34.33
N ASP A 250 -9.72 -21.20 35.01
CA ASP A 250 -11.03 -21.37 35.61
C ASP A 250 -12.00 -20.36 35.03
N PHE A 251 -13.04 -20.88 34.39
CA PHE A 251 -13.98 -20.04 33.65
C PHE A 251 -14.50 -18.88 34.50
N GLY A 252 -14.93 -19.19 35.72
CA GLY A 252 -15.48 -18.17 36.57
C GLY A 252 -14.51 -17.07 36.93
N GLU A 253 -13.28 -17.46 37.28
CA GLU A 253 -12.31 -16.50 37.79
C GLU A 253 -11.90 -15.55 36.67
N VAL A 254 -11.89 -16.07 35.45
CA VAL A 254 -11.49 -15.26 34.30
C VAL A 254 -12.60 -14.32 33.93
N PHE A 255 -13.82 -14.85 33.96
CA PHE A 255 -14.99 -14.03 33.68
C PHE A 255 -15.08 -12.84 34.65
N GLN A 256 -14.90 -13.10 35.93
CA GLN A 256 -15.00 -12.04 36.91
C GLN A 256 -13.94 -10.96 36.66
N ILE A 257 -12.78 -11.36 36.18
CA ILE A 257 -11.72 -10.41 35.90
C ILE A 257 -11.99 -9.58 34.66
N ILE A 258 -12.32 -10.25 33.56
CA ILE A 258 -12.74 -9.53 32.36
C ILE A 258 -13.79 -8.50 32.76
N LEU A 259 -14.75 -8.91 33.59
CA LEU A 259 -15.81 -8.01 34.04
C LEU A 259 -15.25 -6.81 34.76
N ASN A 260 -14.45 -7.06 35.80
CA ASN A 260 -13.85 -5.98 36.61
C ASN A 260 -13.09 -5.03 35.73
N THR A 261 -12.46 -5.55 34.69
CA THR A 261 -11.72 -4.74 33.72
C THR A 261 -12.61 -3.81 32.86
N VAL A 262 -13.74 -4.31 32.36
CA VAL A 262 -14.54 -3.49 31.44
C VAL A 262 -15.63 -2.67 32.12
N LYS A 263 -15.97 -3.03 33.35
CA LYS A 263 -17.05 -2.35 34.06
C LYS A 263 -16.89 -0.82 34.01
N ASP A 264 -17.99 -0.11 33.78
CA ASP A 264 -17.96 1.35 33.84
C ASP A 264 -17.05 1.91 32.76
N SER A 265 -16.88 1.14 31.70
CA SER A 265 -16.05 1.52 30.57
C SER A 265 -16.83 1.43 29.26
N LYS A 266 -16.42 2.17 28.24
CA LYS A 266 -17.06 2.05 26.94
C LYS A 266 -17.00 0.60 26.41
N ALA A 267 -16.20 -0.24 27.05
CA ALA A 267 -15.97 -1.61 26.55
C ALA A 267 -17.00 -2.60 27.04
N GLU A 268 -17.78 -2.21 28.04
CA GLU A 268 -18.70 -3.13 28.69
C GLU A 268 -19.77 -3.66 27.75
N PRO A 269 -20.50 -2.74 27.09
CA PRO A 269 -21.56 -3.07 26.14
C PRO A 269 -21.08 -4.01 25.03
N HIS A 270 -19.92 -3.72 24.45
CA HIS A 270 -19.30 -4.62 23.46
C HIS A 270 -19.14 -6.05 23.98
N PHE A 271 -18.78 -6.17 25.25
CA PHE A 271 -18.54 -7.48 25.83
C PHE A 271 -19.89 -8.22 25.94
N LEU A 272 -20.88 -7.53 26.48
CA LEU A 272 -22.23 -8.06 26.54
C LEU A 272 -22.69 -8.49 25.17
N SER A 273 -22.49 -7.64 24.15
CA SER A 273 -22.88 -8.08 22.80
C SER A 273 -22.17 -9.36 22.35
N ILE A 274 -20.86 -9.43 22.55
CA ILE A 274 -20.12 -10.64 22.22
C ILE A 274 -20.78 -11.89 22.84
N LEU A 275 -21.07 -11.83 24.13
CA LEU A 275 -21.64 -13.00 24.80
C LEU A 275 -22.97 -13.35 24.17
N GLN A 276 -23.80 -12.33 23.97
CA GLN A 276 -25.10 -12.55 23.36
C GLN A 276 -24.97 -13.29 22.03
N HIS A 277 -24.12 -12.81 21.13
CA HIS A 277 -23.83 -13.51 19.87
C HIS A 277 -23.41 -14.99 20.04
N LEU A 278 -22.68 -15.32 21.10
CA LEU A 278 -22.31 -16.70 21.32
C LEU A 278 -23.54 -17.56 21.58
N LEU A 279 -24.56 -16.95 22.19
CA LEU A 279 -25.83 -17.63 22.41
C LEU A 279 -26.51 -17.93 21.10
N LEU A 280 -26.20 -17.14 20.07
CA LEU A 280 -26.84 -17.29 18.76
C LEU A 280 -26.12 -18.30 17.87
N VAL A 281 -25.03 -18.86 18.37
CA VAL A 281 -24.27 -19.83 17.59
C VAL A 281 -25.19 -21.03 17.36
N ARG A 282 -25.34 -21.41 16.10
CA ARG A 282 -26.27 -22.48 15.73
C ARG A 282 -26.15 -23.66 16.65
N ASN A 283 -27.29 -24.19 17.07
CA ASN A 283 -27.27 -25.29 18.02
C ASN A 283 -27.16 -26.64 17.32
N ASP A 284 -25.99 -26.95 16.78
CA ASP A 284 -25.73 -28.21 16.08
C ASP A 284 -24.45 -28.86 16.59
N TYR A 285 -24.47 -30.17 16.82
CA TYR A 285 -23.34 -30.86 17.47
C TYR A 285 -22.01 -30.76 16.75
N GLU A 286 -22.04 -30.68 15.42
CA GLU A 286 -20.81 -30.56 14.63
C GLU A 286 -20.42 -29.10 14.45
N ALA A 287 -21.42 -28.24 14.22
CA ALA A 287 -21.12 -26.87 13.80
C ALA A 287 -20.79 -25.93 14.94
N ARG A 288 -21.26 -26.25 16.16
CA ARG A 288 -21.09 -25.32 17.24
C ARG A 288 -19.61 -25.17 17.53
N PRO A 289 -18.93 -26.28 17.85
CA PRO A 289 -17.49 -26.31 18.14
C PRO A 289 -16.68 -25.58 17.07
N GLN A 290 -17.07 -25.72 15.82
CA GLN A 290 -16.37 -25.04 14.72
C GLN A 290 -16.61 -23.53 14.69
N TYR A 291 -17.81 -23.11 15.07
CA TYR A 291 -18.10 -21.70 15.21
C TYR A 291 -17.14 -21.11 16.23
N TYR A 292 -17.11 -21.73 17.40
CA TYR A 292 -16.27 -21.27 18.51
C TYR A 292 -14.80 -21.24 18.16
N LYS A 293 -14.33 -22.28 17.49
CA LYS A 293 -12.95 -22.29 17.02
C LYS A 293 -12.66 -21.12 16.07
N LEU A 294 -13.55 -20.89 15.12
CA LEU A 294 -13.38 -19.80 14.17
C LEU A 294 -13.36 -18.48 14.92
N ILE A 295 -14.20 -18.35 15.93
CA ILE A 295 -14.32 -17.11 16.65
C ILE A 295 -13.06 -16.87 17.45
N GLU A 296 -12.55 -17.94 18.05
CA GLU A 296 -11.33 -17.91 18.82
C GLU A 296 -10.13 -17.56 17.92
N GLU A 297 -10.11 -18.09 16.71
CA GLU A 297 -9.03 -17.66 15.84
C GLU A 297 -9.10 -16.17 15.54
N CYS A 298 -10.31 -15.68 15.33
CA CYS A 298 -10.53 -14.28 15.03
C CYS A 298 -10.11 -13.41 16.20
N VAL A 299 -10.51 -13.80 17.41
CA VAL A 299 -10.13 -13.03 18.58
C VAL A 299 -8.61 -13.01 18.78
N SER A 300 -7.99 -14.19 18.72
CA SER A 300 -6.54 -14.28 18.78
C SER A 300 -5.82 -13.34 17.81
N GLN A 301 -6.19 -13.37 16.53
CA GLN A 301 -5.51 -12.53 15.53
C GLN A 301 -5.71 -11.04 15.66
N ILE A 302 -6.73 -10.67 16.43
CA ILE A 302 -6.97 -9.28 16.73
C ILE A 302 -6.14 -8.87 17.96
N VAL A 303 -6.28 -9.60 19.05
CA VAL A 303 -5.64 -9.22 20.31
C VAL A 303 -4.10 -9.32 20.27
N LEU A 304 -3.61 -10.42 19.71
CA LEU A 304 -2.19 -10.61 19.41
C LEU A 304 -1.87 -10.11 18.02
N HIS A 305 -1.99 -8.81 17.80
CA HIS A 305 -1.62 -8.28 16.51
C HIS A 305 -0.11 -8.43 16.34
N LYS A 306 0.33 -8.63 15.10
CA LYS A 306 1.77 -8.83 14.85
C LYS A 306 2.55 -7.51 14.88
N ASN A 307 3.88 -7.58 15.01
CA ASN A 307 4.69 -6.36 14.96
C ASN A 307 4.51 -5.36 16.09
N GLY A 308 4.00 -5.81 17.21
CA GLY A 308 3.87 -4.95 18.38
C GLY A 308 3.13 -3.64 18.19
N THR A 309 2.17 -3.61 17.26
CA THR A 309 1.24 -2.48 17.14
C THR A 309 -0.19 -2.93 17.39
N ASP A 310 -1.06 -1.97 17.68
CA ASP A 310 -2.49 -2.24 17.77
C ASP A 310 -3.03 -2.56 16.39
N PRO A 311 -4.18 -3.23 16.32
CA PRO A 311 -4.88 -3.37 15.04
C PRO A 311 -5.24 -1.99 14.54
N ASP A 312 -5.37 -1.85 13.22
CA ASP A 312 -5.92 -0.61 12.65
C ASP A 312 -7.44 -0.59 12.78
N PHE A 313 -7.96 0.16 13.75
CA PHE A 313 -9.41 0.11 14.03
C PHE A 313 -10.25 0.82 12.98
N LYS A 314 -9.60 1.42 11.99
CA LYS A 314 -10.30 2.15 10.93
C LYS A 314 -10.41 1.30 9.68
N CYS A 315 -9.48 0.36 9.57
CA CYS A 315 -9.46 -0.62 8.49
C CYS A 315 -10.67 -1.50 8.71
N ARG A 316 -11.48 -1.66 7.66
CA ARG A 316 -12.76 -2.34 7.78
C ARG A 316 -12.81 -3.66 7.04
N HIS A 317 -11.66 -4.29 6.90
CA HIS A 317 -11.62 -5.64 6.39
C HIS A 317 -10.49 -6.42 7.09
N LEU A 318 -10.76 -7.67 7.47
CA LEU A 318 -9.73 -8.53 8.08
C LEU A 318 -9.65 -9.89 7.42
N GLN A 319 -8.46 -10.48 7.43
CA GLN A 319 -8.24 -11.78 6.82
C GLN A 319 -7.80 -12.78 7.85
N ILE A 320 -8.76 -13.45 8.46
CA ILE A 320 -8.40 -14.36 9.53
C ILE A 320 -7.69 -15.61 8.94
N ASP A 321 -6.50 -15.96 9.44
CA ASP A 321 -5.78 -17.14 8.91
C ASP A 321 -6.15 -18.46 9.62
N ILE A 322 -6.06 -19.58 8.90
CA ILE A 322 -6.41 -20.89 9.47
C ILE A 322 -5.53 -21.99 8.89
N LYS B 2 10.16 -53.68 66.35
CA LYS B 2 11.23 -52.92 65.83
C LYS B 2 11.60 -51.72 66.69
N VAL B 3 12.72 -51.05 66.36
CA VAL B 3 13.19 -49.88 67.12
C VAL B 3 13.92 -48.80 66.32
N TYR B 4 13.54 -47.55 66.55
CA TYR B 4 14.16 -46.41 65.89
C TYR B 4 14.89 -45.53 66.90
N LYS B 5 15.69 -44.62 66.36
CA LYS B 5 16.41 -43.63 67.15
C LYS B 5 16.68 -42.40 66.28
N PRO B 6 15.66 -41.54 66.13
CA PRO B 6 15.76 -40.29 65.36
C PRO B 6 16.56 -39.24 66.12
N GLU B 7 17.07 -38.24 65.40
CA GLU B 7 17.85 -37.18 66.03
C GLU B 7 16.97 -36.09 66.63
N VAL B 8 15.88 -35.77 65.94
CA VAL B 8 14.99 -34.71 66.38
C VAL B 8 13.64 -35.27 66.82
N GLN B 9 13.18 -34.84 67.99
CA GLN B 9 11.85 -35.24 68.44
C GLN B 9 10.84 -34.75 67.41
N LEU B 10 9.93 -35.65 67.01
CA LEU B 10 8.85 -35.28 66.11
C LEU B 10 7.52 -35.13 66.86
N ARG B 11 6.61 -34.34 66.32
CA ARG B 11 5.26 -34.29 66.87
C ARG B 11 4.68 -35.67 66.68
N ARG B 12 3.84 -36.12 67.60
CA ARG B 12 3.28 -37.46 67.46
C ARG B 12 1.77 -37.54 67.61
N PRO B 13 1.22 -38.70 67.23
CA PRO B 13 -0.16 -39.11 67.43
C PRO B 13 -0.30 -39.76 68.79
N ASN B 14 -1.02 -39.15 69.74
CA ASN B 14 -1.11 -39.73 71.08
C ASN B 14 -2.13 -40.85 71.19
N TRP B 15 -2.22 -41.65 70.13
CA TRP B 15 -3.10 -42.82 70.13
C TRP B 15 -2.90 -43.77 71.31
N SER B 16 -3.81 -44.72 71.43
CA SER B 16 -3.65 -45.77 72.42
C SER B 16 -3.03 -46.92 71.67
N LYS B 17 -1.89 -47.40 72.15
CA LYS B 17 -1.12 -48.39 71.41
C LYS B 17 -1.59 -49.82 71.67
N PHE B 18 -1.27 -50.72 70.74
CA PHE B 18 -1.48 -52.16 70.94
C PHE B 18 -0.11 -52.84 71.11
N VAL B 19 -0.02 -53.75 72.09
CA VAL B 19 1.19 -54.56 72.25
C VAL B 19 0.92 -56.00 71.83
N ALA B 20 1.91 -56.67 71.26
CA ALA B 20 1.74 -58.04 70.74
C ALA B 20 1.08 -58.96 71.74
N GLU B 21 1.32 -58.71 73.02
CA GLU B 21 0.88 -59.58 74.12
C GLU B 21 -0.62 -59.90 74.08
N ASP B 22 -1.32 -59.71 75.18
CA ASP B 22 -2.73 -60.04 75.21
C ASP B 22 -3.47 -59.28 74.13
N LEU B 23 -2.89 -58.17 73.66
CA LEU B 23 -3.58 -57.28 72.74
C LEU B 23 -3.80 -57.89 71.33
N SER B 24 -2.78 -58.46 70.70
CA SER B 24 -2.97 -59.10 69.39
C SER B 24 -3.41 -60.57 69.57
N GLN B 25 -4.00 -61.18 68.53
CA GLN B 25 -4.36 -62.61 68.57
C GLN B 25 -4.16 -63.35 67.26
N ASP B 26 -5.14 -63.24 66.37
CA ASP B 26 -4.93 -63.66 64.99
C ASP B 26 -5.57 -62.63 64.07
N CYS B 27 -5.42 -61.38 64.49
CA CYS B 27 -6.06 -60.24 63.88
C CYS B 27 -5.34 -59.72 62.64
N PHE B 28 -5.65 -58.48 62.29
CA PHE B 28 -5.10 -57.81 61.12
C PHE B 28 -3.63 -57.45 61.35
N TRP B 29 -3.32 -57.04 62.57
CA TRP B 29 -2.01 -56.53 62.88
C TRP B 29 -0.94 -57.63 62.93
N THR B 30 -1.34 -58.85 63.29
CA THR B 30 -0.37 -59.93 63.39
C THR B 30 0.26 -60.24 62.03
N LYS B 31 -0.46 -59.97 60.96
CA LYS B 31 0.04 -60.31 59.62
C LYS B 31 0.59 -59.10 58.88
N VAL B 32 1.23 -58.20 59.61
CA VAL B 32 1.76 -56.99 59.01
C VAL B 32 3.25 -57.12 58.84
N LYS B 33 3.78 -56.65 57.71
CA LYS B 33 5.22 -56.65 57.49
C LYS B 33 5.78 -55.26 57.76
N GLU B 34 6.47 -55.10 58.90
CA GLU B 34 6.85 -53.76 59.35
C GLU B 34 7.69 -52.99 58.36
N ASP B 35 8.61 -53.66 57.67
CA ASP B 35 9.51 -53.00 56.72
C ASP B 35 8.85 -52.70 55.37
N ARG B 36 7.69 -53.29 55.11
CA ARG B 36 6.98 -53.14 53.84
C ARG B 36 6.90 -51.74 53.21
N PHE B 37 7.01 -50.68 54.02
CA PHE B 37 6.92 -49.33 53.47
C PHE B 37 8.12 -48.44 53.79
N GLU B 38 9.09 -48.98 54.51
CA GLU B 38 10.25 -48.19 54.98
C GLU B 38 11.11 -47.58 53.85
N ASN B 39 11.46 -46.30 54.03
CA ASN B 39 12.47 -45.61 53.24
C ASN B 39 13.22 -44.72 54.20
N ASN B 40 14.43 -44.29 53.84
CA ASN B 40 15.11 -43.29 54.64
C ASN B 40 14.63 -41.90 54.23
N GLU B 41 13.98 -41.83 53.07
CA GLU B 41 13.42 -40.59 52.53
C GLU B 41 12.07 -40.29 53.15
N LEU B 42 11.23 -41.31 53.28
CA LEU B 42 9.97 -41.16 54.01
C LEU B 42 10.24 -40.50 55.36
N PHE B 43 11.14 -41.10 56.12
CA PHE B 43 11.51 -40.58 57.44
C PHE B 43 12.17 -39.22 57.34
N ALA B 44 12.62 -38.87 56.14
CA ALA B 44 13.25 -37.57 55.93
C ALA B 44 12.20 -36.51 55.71
N LYS B 45 11.25 -36.76 54.82
CA LYS B 45 10.16 -35.83 54.56
C LYS B 45 9.44 -35.61 55.87
N LEU B 46 9.24 -36.72 56.57
CA LEU B 46 8.47 -36.73 57.79
C LEU B 46 9.16 -35.93 58.91
N THR B 47 10.46 -36.15 59.08
CA THR B 47 11.23 -35.43 60.08
C THR B 47 11.23 -33.93 59.79
N LEU B 48 11.10 -33.59 58.51
CA LEU B 48 11.03 -32.20 58.10
C LEU B 48 9.72 -31.56 58.55
N ALA B 49 8.60 -32.14 58.13
CA ALA B 49 7.29 -31.60 58.41
C ALA B 49 6.96 -31.48 59.90
N PHE B 50 7.28 -32.52 60.67
CA PHE B 50 6.77 -32.62 62.02
C PHE B 50 7.78 -32.57 63.16
N SER B 51 8.79 -31.71 63.07
CA SER B 51 9.71 -31.61 64.21
C SER B 51 9.19 -30.58 65.20
N ALA B 52 9.58 -30.72 66.47
CA ALA B 52 9.14 -29.78 67.50
C ALA B 52 10.30 -28.89 67.97
N GLN B 53 10.20 -27.60 67.68
CA GLN B 53 11.22 -26.62 68.05
C GLN B 53 10.66 -25.49 68.92
N VAL B 77 23.52 -9.79 96.25
CA VAL B 77 22.17 -9.26 96.08
C VAL B 77 21.47 -9.01 97.43
N LYS B 78 20.78 -7.87 97.53
CA LYS B 78 20.46 -7.23 98.82
C LYS B 78 19.14 -7.61 99.49
N GLU B 79 19.18 -7.60 100.84
CA GLU B 79 18.09 -8.09 101.68
C GLU B 79 16.91 -7.12 101.89
N LEU B 80 15.71 -7.66 101.81
CA LEU B 80 14.50 -6.87 102.02
C LEU B 80 14.30 -6.50 103.50
N LYS B 81 13.79 -5.30 103.74
CA LYS B 81 13.48 -4.85 105.09
C LYS B 81 12.02 -4.40 105.27
N VAL B 82 11.30 -4.14 104.18
CA VAL B 82 9.88 -3.80 104.28
C VAL B 82 8.94 -4.60 103.33
N LEU B 83 9.23 -4.54 102.04
CA LEU B 83 8.34 -5.10 101.02
C LEU B 83 7.99 -6.58 101.20
N ASP B 84 6.74 -6.92 100.94
CA ASP B 84 6.35 -8.33 100.89
C ASP B 84 7.11 -9.06 99.79
N SER B 85 7.17 -10.38 99.85
CA SER B 85 7.93 -11.14 98.86
C SER B 85 7.49 -10.85 97.43
N LYS B 86 6.18 -10.93 97.15
CA LYS B 86 5.65 -10.66 95.80
C LYS B 86 6.10 -9.30 95.26
N THR B 87 5.60 -8.23 95.88
CA THR B 87 5.90 -6.86 95.47
C THR B 87 7.35 -6.64 95.13
N ALA B 88 8.25 -7.22 95.92
CA ALA B 88 9.69 -7.07 95.70
C ALA B 88 10.07 -7.63 94.33
N GLN B 89 9.57 -8.82 94.00
CA GLN B 89 9.92 -9.46 92.74
C GLN B 89 9.31 -8.75 91.51
N ASN B 90 8.07 -8.30 91.64
CA ASN B 90 7.45 -7.48 90.61
C ASN B 90 8.25 -6.21 90.32
N LEU B 91 8.49 -5.41 91.36
CA LEU B 91 9.29 -4.20 91.23
C LEU B 91 10.67 -4.51 90.67
N SER B 92 11.19 -5.67 91.05
CA SER B 92 12.50 -6.09 90.61
C SER B 92 12.54 -6.25 89.10
N ILE B 93 11.45 -6.74 88.53
CA ILE B 93 11.39 -6.96 87.11
C ILE B 93 11.02 -5.68 86.39
N PHE B 94 10.05 -4.95 86.94
CA PHE B 94 9.59 -3.73 86.33
C PHE B 94 10.72 -2.70 86.24
N LEU B 95 11.37 -2.42 87.37
CA LEU B 95 12.49 -1.47 87.40
C LEU B 95 13.65 -1.93 86.51
N GLY B 96 13.61 -3.19 86.10
CA GLY B 96 14.63 -3.76 85.24
C GLY B 96 14.36 -3.46 83.78
N SER B 97 13.10 -3.51 83.38
CA SER B 97 12.73 -3.19 82.01
C SER B 97 12.61 -1.67 81.83
N PHE B 98 12.09 -1.00 82.87
CA PHE B 98 11.91 0.44 82.82
C PHE B 98 13.23 1.14 82.60
N ARG B 99 14.17 0.91 83.52
CA ARG B 99 15.52 1.45 83.38
C ARG B 99 15.51 2.97 83.28
N MET B 100 15.35 3.62 84.42
CA MET B 100 15.43 5.06 84.52
C MET B 100 15.76 5.31 85.96
N PRO B 101 16.47 6.40 86.24
CA PRO B 101 16.94 6.76 87.59
C PRO B 101 15.78 7.01 88.55
N TYR B 102 15.85 6.47 89.77
CA TYR B 102 14.76 6.58 90.72
C TYR B 102 14.55 8.04 91.10
N GLN B 103 15.55 8.86 90.81
CA GLN B 103 15.47 10.28 91.08
C GLN B 103 14.78 10.98 89.90
N GLU B 104 15.11 10.56 88.68
CA GLU B 104 14.42 11.04 87.49
C GLU B 104 12.92 10.78 87.61
N ILE B 105 12.55 9.51 87.83
CA ILE B 105 11.16 9.13 88.00
C ILE B 105 10.46 10.06 88.97
N LYS B 106 11.11 10.34 90.11
CA LYS B 106 10.53 11.26 91.08
C LYS B 106 10.26 12.64 90.46
N ASN B 107 11.15 13.10 89.60
CA ASN B 107 11.04 14.44 89.02
C ASN B 107 9.85 14.59 88.09
N VAL B 108 9.81 13.76 87.05
CA VAL B 108 8.68 13.75 86.11
C VAL B 108 7.31 13.84 86.81
N ILE B 109 7.10 13.02 87.83
CA ILE B 109 5.85 13.01 88.60
C ILE B 109 5.52 14.34 89.29
N LEU B 110 6.55 15.04 89.78
CA LEU B 110 6.34 16.30 90.46
C LEU B 110 6.05 17.43 89.48
N GLU B 111 6.91 17.57 88.48
CA GLU B 111 6.78 18.64 87.50
C GLU B 111 5.57 18.44 86.63
N VAL B 112 5.15 17.19 86.50
CA VAL B 112 4.12 16.80 85.55
C VAL B 112 4.66 17.05 84.15
N ASN B 113 5.95 16.78 83.99
CA ASN B 113 6.65 16.92 82.73
C ASN B 113 6.03 16.06 81.64
N GLU B 114 5.15 16.66 80.85
CA GLU B 114 4.37 15.92 79.84
C GLU B 114 5.20 15.47 78.63
N ALA B 115 6.48 15.82 78.61
CA ALA B 115 7.37 15.37 77.54
C ALA B 115 7.89 13.96 77.79
N VAL B 116 7.64 13.41 78.97
CA VAL B 116 8.12 12.09 79.34
C VAL B 116 6.96 11.16 79.68
N LEU B 117 5.98 11.70 80.40
CA LEU B 117 4.81 10.94 80.82
C LEU B 117 4.10 10.29 79.65
N THR B 118 3.52 9.13 79.90
CA THR B 118 2.65 8.48 78.92
C THR B 118 1.54 7.75 79.67
N GLU B 119 0.43 7.51 78.98
CA GLU B 119 -0.64 6.74 79.57
C GLU B 119 0.00 5.45 80.10
N SER B 120 0.74 4.79 79.23
CA SER B 120 1.42 3.53 79.53
C SER B 120 2.27 3.57 80.81
N MET B 121 3.15 4.56 80.88
CA MET B 121 4.15 4.66 81.95
C MET B 121 3.51 4.95 83.30
N ILE B 122 2.53 5.84 83.30
CA ILE B 122 1.81 6.21 84.52
C ILE B 122 0.86 5.09 84.99
N GLN B 123 0.51 4.18 84.09
CA GLN B 123 -0.31 3.03 84.47
C GLN B 123 0.53 1.85 84.93
N ASN B 124 1.82 1.91 84.66
CA ASN B 124 2.76 0.95 85.22
C ASN B 124 3.11 1.30 86.66
N LEU B 125 3.35 2.59 86.88
CA LEU B 125 3.74 3.07 88.20
C LEU B 125 2.64 2.82 89.23
N ILE B 126 1.41 3.10 88.85
CA ILE B 126 0.28 2.83 89.73
C ILE B 126 0.17 1.33 90.02
N LYS B 127 0.55 0.52 89.04
CA LYS B 127 0.41 -0.93 89.13
C LYS B 127 1.47 -1.53 90.06
N GLN B 128 2.68 -0.96 89.99
CA GLN B 128 3.84 -1.48 90.71
C GLN B 128 4.09 -0.82 92.08
N MET B 129 3.58 0.39 92.27
CA MET B 129 3.79 1.12 93.53
C MET B 129 3.42 0.28 94.74
N PRO B 130 4.34 0.21 95.71
CA PRO B 130 4.04 -0.41 97.00
C PRO B 130 2.86 0.28 97.69
N GLU B 131 2.20 -0.41 98.62
CA GLU B 131 1.10 0.18 99.39
C GLU B 131 1.60 1.46 100.06
N PRO B 132 0.69 2.36 100.48
CA PRO B 132 1.23 3.55 101.15
C PRO B 132 1.92 3.24 102.50
N GLU B 133 1.48 2.18 103.18
CA GLU B 133 2.07 1.75 104.44
C GLU B 133 3.51 1.26 104.25
N GLN B 134 3.74 0.58 103.12
CA GLN B 134 5.06 0.04 102.76
C GLN B 134 6.02 1.17 102.37
N LEU B 135 5.47 2.30 101.94
CA LEU B 135 6.28 3.48 101.65
C LEU B 135 6.56 4.27 102.90
N LYS B 136 5.58 4.34 103.79
CA LYS B 136 5.79 4.99 105.09
C LYS B 136 6.86 4.22 105.87
N MET B 137 6.85 2.90 105.77
CA MET B 137 7.81 2.06 106.48
C MET B 137 9.22 2.12 105.90
N LEU B 138 9.33 2.35 104.60
CA LEU B 138 10.62 2.55 103.96
C LEU B 138 11.07 3.99 104.08
N SER B 139 10.14 4.92 104.25
CA SER B 139 10.49 6.32 104.40
C SER B 139 11.16 6.53 105.77
N GLU B 140 10.98 5.55 106.65
CA GLU B 140 11.60 5.55 107.98
C GLU B 140 12.91 4.76 108.02
N LEU B 141 13.40 4.37 106.86
CA LEU B 141 14.71 3.73 106.72
C LEU B 141 15.56 4.43 105.64
N LYS B 142 15.28 5.70 105.35
CA LYS B 142 16.01 6.41 104.29
C LYS B 142 17.50 6.57 104.64
N GLU B 143 17.85 6.08 105.82
CA GLU B 143 19.22 6.15 106.34
C GLU B 143 20.11 5.08 105.72
N GLU B 144 19.62 3.85 105.66
CA GLU B 144 20.42 2.74 105.16
C GLU B 144 20.32 2.59 103.63
N TYR B 145 20.09 3.69 102.91
CA TYR B 145 19.73 3.63 101.47
C TYR B 145 20.66 2.82 100.55
N ASP B 146 21.97 2.95 100.71
CA ASP B 146 22.89 2.21 99.84
C ASP B 146 22.90 0.71 100.15
N ASP B 147 22.39 0.36 101.32
CA ASP B 147 22.35 -1.04 101.79
C ASP B 147 21.09 -1.78 101.29
N LEU B 148 20.07 -1.02 100.87
CA LEU B 148 18.79 -1.57 100.43
C LEU B 148 18.85 -2.12 99.01
N ALA B 149 17.96 -3.07 98.70
CA ALA B 149 17.86 -3.58 97.33
C ALA B 149 17.17 -2.58 96.41
N GLU B 150 17.29 -2.81 95.11
CA GLU B 150 16.76 -1.89 94.11
C GLU B 150 15.31 -1.54 94.41
N SER B 151 14.48 -2.59 94.44
CA SER B 151 13.05 -2.47 94.74
C SER B 151 12.73 -1.57 95.93
N GLU B 152 13.58 -1.58 96.94
CA GLU B 152 13.33 -0.74 98.10
C GLU B 152 13.92 0.67 97.98
N GLN B 153 15.03 0.81 97.23
CA GLN B 153 15.55 2.14 96.96
C GLN B 153 14.46 2.97 96.28
N PHE B 154 13.87 2.38 95.25
CA PHE B 154 12.78 3.03 94.55
C PHE B 154 11.70 3.40 95.57
N GLY B 155 11.39 2.45 96.45
CA GLY B 155 10.37 2.68 97.46
C GLY B 155 10.65 3.88 98.35
N VAL B 156 11.92 4.07 98.72
CA VAL B 156 12.30 5.18 99.59
C VAL B 156 12.16 6.51 98.87
N VAL B 157 12.51 6.53 97.58
CA VAL B 157 12.41 7.74 96.77
C VAL B 157 10.96 8.20 96.67
N MET B 158 10.07 7.29 96.26
CA MET B 158 8.63 7.53 96.17
C MET B 158 7.94 7.73 97.52
N GLY B 159 8.52 7.16 98.58
CA GLY B 159 7.99 7.30 99.93
C GLY B 159 8.08 8.76 100.33
N THR B 160 8.65 9.55 99.41
CA THR B 160 8.92 10.97 99.60
C THR B 160 7.88 11.89 98.99
N VAL B 161 7.47 11.55 97.77
CA VAL B 161 6.48 12.32 97.06
C VAL B 161 5.17 12.31 97.85
N PRO B 162 4.75 13.51 98.32
CA PRO B 162 3.57 13.74 99.17
C PRO B 162 2.31 13.46 98.42
N ARG B 163 1.35 12.80 99.06
CA ARG B 163 0.10 12.45 98.38
C ARG B 163 0.46 11.86 97.02
N LEU B 164 1.19 10.74 97.02
CA LEU B 164 1.65 10.14 95.77
C LEU B 164 0.51 9.55 94.95
N ARG B 165 -0.31 8.71 95.58
CA ARG B 165 -1.37 8.03 94.86
C ARG B 165 -2.39 8.98 94.20
N PRO B 166 -2.92 9.96 94.96
CA PRO B 166 -3.79 10.97 94.35
C PRO B 166 -3.11 11.65 93.16
N ARG B 167 -1.81 11.86 93.29
CA ARG B 167 -1.01 12.57 92.30
C ARG B 167 -0.89 11.80 90.99
N LEU B 168 -0.71 10.49 91.10
CA LEU B 168 -0.66 9.63 89.92
C LEU B 168 -2.05 9.45 89.31
N ASN B 169 -3.06 9.30 90.17
CA ASN B 169 -4.46 9.30 89.77
C ASN B 169 -4.82 10.50 88.91
N ALA B 170 -4.62 11.69 89.47
CA ALA B 170 -4.94 12.92 88.76
C ALA B 170 -4.16 13.02 87.47
N ILE B 171 -2.89 12.64 87.51
CA ILE B 171 -2.02 12.77 86.33
C ILE B 171 -2.50 11.92 85.16
N LEU B 172 -3.04 10.75 85.46
CA LEU B 172 -3.59 9.85 84.43
C LEU B 172 -4.85 10.43 83.81
N PHE B 173 -5.86 10.71 84.64
CA PHE B 173 -7.12 11.28 84.19
C PHE B 173 -6.87 12.39 83.17
N LYS B 174 -5.78 13.13 83.37
CA LYS B 174 -5.39 14.20 82.46
C LYS B 174 -4.85 13.65 81.15
N LEU B 175 -4.00 12.62 81.23
CA LEU B 175 -3.43 12.00 80.04
C LEU B 175 -4.52 11.36 79.18
N GLN B 176 -5.62 10.97 79.80
CA GLN B 176 -6.67 10.24 79.11
C GLN B 176 -7.84 11.13 78.73
N PHE B 177 -7.89 12.32 79.31
CA PHE B 177 -9.09 13.15 79.20
C PHE B 177 -9.52 13.36 77.76
N SER B 178 -8.62 13.89 76.94
CA SER B 178 -8.88 14.08 75.51
C SER B 178 -9.62 12.89 74.88
N GLU B 179 -9.06 11.71 75.02
CA GLU B 179 -9.61 10.52 74.39
C GLU B 179 -11.01 10.18 74.87
N GLN B 180 -11.30 10.36 76.16
CA GLN B 180 -12.61 9.97 76.67
C GLN B 180 -13.67 11.01 76.32
N VAL B 181 -13.22 12.24 76.03
CA VAL B 181 -14.06 13.30 75.50
C VAL B 181 -14.63 12.91 74.14
N GLU B 182 -13.83 12.17 73.39
CA GLU B 182 -14.16 11.87 72.00
C GLU B 182 -14.73 10.48 71.81
N ASN B 183 -15.14 9.85 72.91
CA ASN B 183 -15.91 8.61 72.86
C ASN B 183 -17.33 8.98 73.21
N ILE B 184 -17.49 10.22 73.67
CA ILE B 184 -18.77 10.73 74.11
C ILE B 184 -19.35 11.63 73.04
N LYS B 185 -18.50 12.46 72.46
CA LYS B 185 -18.96 13.54 71.58
C LYS B 185 -19.61 13.07 70.28
N PRO B 186 -18.89 12.26 69.49
CA PRO B 186 -19.41 11.84 68.19
C PRO B 186 -20.74 11.09 68.31
N GLU B 187 -20.98 10.42 69.44
CA GLU B 187 -22.23 9.74 69.65
C GLU B 187 -23.32 10.77 69.88
N ILE B 188 -23.03 11.75 70.71
CA ILE B 188 -23.97 12.84 70.98
C ILE B 188 -24.27 13.63 69.71
N VAL B 189 -23.34 13.64 68.78
CA VAL B 189 -23.55 14.26 67.48
C VAL B 189 -24.48 13.43 66.59
N SER B 190 -24.23 12.14 66.49
CA SER B 190 -25.04 11.21 65.69
C SER B 190 -26.51 11.26 66.07
N VAL B 191 -26.80 11.01 67.35
CA VAL B 191 -28.18 11.04 67.82
C VAL B 191 -28.84 12.40 67.52
N THR B 192 -28.12 13.47 67.81
CA THR B 192 -28.62 14.82 67.53
C THR B 192 -28.95 14.96 66.05
N ALA B 193 -28.01 14.61 65.18
CA ALA B 193 -28.25 14.71 63.74
C ALA B 193 -29.44 13.85 63.30
N ALA B 194 -29.44 12.58 63.66
CA ALA B 194 -30.56 11.72 63.29
C ALA B 194 -31.87 12.34 63.77
N CYS B 195 -31.90 12.85 64.99
CA CYS B 195 -33.12 13.46 65.52
C CYS B 195 -33.58 14.62 64.65
N GLU B 196 -32.61 15.33 64.06
CA GLU B 196 -32.93 16.47 63.20
C GLU B 196 -33.36 16.01 61.83
N GLU B 197 -32.63 15.05 61.27
CA GLU B 197 -32.95 14.47 59.96
C GLU B 197 -34.40 13.97 59.90
N LEU B 198 -34.88 13.42 61.00
CA LEU B 198 -36.23 12.88 61.05
C LEU B 198 -37.24 14.00 61.10
N ARG B 199 -37.17 14.79 62.17
CA ARG B 199 -38.09 15.92 62.37
C ARG B 199 -38.30 16.73 61.09
N LYS B 200 -37.32 16.68 60.20
CA LYS B 200 -37.23 17.60 59.08
C LYS B 200 -37.45 16.90 57.75
N SER B 201 -37.68 15.59 57.78
CA SER B 201 -37.87 14.86 56.53
C SER B 201 -39.32 14.86 56.12
N GLU B 202 -39.61 15.67 55.09
CA GLU B 202 -40.97 15.77 54.58
C GLU B 202 -41.31 14.53 53.75
N ASN B 203 -40.29 13.93 53.12
CA ASN B 203 -40.50 12.70 52.36
C ASN B 203 -40.90 11.52 53.24
N PHE B 204 -40.38 11.48 54.47
CA PHE B 204 -40.78 10.48 55.44
C PHE B 204 -42.18 10.79 55.95
N SER B 205 -42.40 12.03 56.37
CA SER B 205 -43.75 12.51 56.71
C SER B 205 -44.79 12.09 55.67
N SER B 206 -44.47 12.30 54.40
CA SER B 206 -45.34 11.89 53.33
C SER B 206 -45.71 10.42 53.50
N LEU B 207 -44.69 9.56 53.55
CA LEU B 207 -44.94 8.13 53.68
C LEU B 207 -45.87 7.81 54.85
N LEU B 208 -45.81 8.60 55.92
CA LEU B 208 -46.69 8.36 57.06
C LEU B 208 -48.11 8.71 56.74
N GLU B 209 -48.31 9.85 56.07
CA GLU B 209 -49.63 10.30 55.69
C GLU B 209 -50.27 9.30 54.72
N LEU B 210 -49.47 8.82 53.79
CA LEU B 210 -49.94 7.85 52.82
C LEU B 210 -50.30 6.54 53.51
N THR B 211 -49.58 6.22 54.58
CA THR B 211 -49.80 4.99 55.33
C THR B 211 -51.10 5.11 56.11
N LEU B 212 -51.26 6.23 56.81
CA LEU B 212 -52.49 6.51 57.56
C LEU B 212 -53.70 6.35 56.68
N LEU B 213 -53.65 6.96 55.49
CA LEU B 213 -54.77 6.89 54.56
C LEU B 213 -55.14 5.44 54.29
N VAL B 214 -54.23 4.75 53.62
CA VAL B 214 -54.44 3.36 53.28
C VAL B 214 -54.95 2.58 54.48
N GLY B 215 -54.21 2.68 55.57
CA GLY B 215 -54.59 2.01 56.80
C GLY B 215 -56.05 2.24 57.12
N ASN B 216 -56.46 3.50 57.10
CA ASN B 216 -57.83 3.87 57.45
C ASN B 216 -58.89 3.21 56.56
N TYR B 217 -58.70 3.27 55.25
CA TYR B 217 -59.64 2.59 54.38
C TYR B 217 -59.64 1.12 54.76
N MET B 218 -58.47 0.52 54.88
CA MET B 218 -58.41 -0.89 55.22
C MET B 218 -59.16 -1.21 56.51
N ASN B 219 -58.94 -0.39 57.54
CA ASN B 219 -59.61 -0.56 58.82
C ASN B 219 -61.05 -0.01 58.84
N ALA B 220 -61.59 0.38 57.69
CA ALA B 220 -62.94 0.96 57.66
C ALA B 220 -63.97 0.04 58.31
N GLY B 221 -64.62 0.50 59.37
CA GLY B 221 -65.62 -0.29 60.07
C GLY B 221 -65.11 -1.18 61.19
N SER B 222 -63.80 -1.17 61.41
CA SER B 222 -63.21 -1.85 62.57
C SER B 222 -63.13 -0.86 63.74
N ARG B 223 -62.71 -1.33 64.91
CA ARG B 223 -62.47 -0.40 66.01
C ARG B 223 -61.38 0.62 65.64
N ASN B 224 -60.57 0.30 64.64
CA ASN B 224 -59.46 1.16 64.23
C ASN B 224 -59.83 2.22 63.20
N ALA B 225 -61.05 2.14 62.69
CA ALA B 225 -61.48 2.99 61.59
C ALA B 225 -61.36 4.47 61.96
N GLY B 226 -61.31 5.34 60.95
CA GLY B 226 -61.07 6.76 61.21
C GLY B 226 -60.03 7.01 62.31
N ALA B 227 -58.76 6.74 62.02
CA ALA B 227 -57.68 7.02 62.96
C ALA B 227 -57.02 8.33 62.61
N PHE B 228 -56.69 9.13 63.62
CA PHE B 228 -56.04 10.42 63.36
C PHE B 228 -54.52 10.29 63.28
N GLY B 229 -54.04 9.07 63.50
CA GLY B 229 -52.63 8.75 63.41
C GLY B 229 -52.37 7.38 64.01
N PHE B 230 -51.20 6.79 63.70
CA PHE B 230 -50.79 5.53 64.33
C PHE B 230 -49.45 5.71 65.02
N ASN B 231 -49.09 4.76 65.89
CA ASN B 231 -47.83 4.90 66.60
C ASN B 231 -46.66 4.46 65.74
N ILE B 232 -45.70 5.36 65.55
CA ILE B 232 -44.61 5.19 64.58
C ILE B 232 -43.72 3.93 64.76
N SER B 233 -43.72 3.36 65.96
CA SER B 233 -43.08 2.08 66.22
C SER B 233 -43.65 0.99 65.33
N PHE B 234 -44.86 1.21 64.84
CA PHE B 234 -45.61 0.16 64.17
C PHE B 234 -45.11 -0.12 62.76
N LEU B 235 -44.34 0.81 62.20
CA LEU B 235 -43.88 0.69 60.81
C LEU B 235 -43.27 -0.67 60.45
N CYS B 236 -42.43 -1.19 61.34
CA CYS B 236 -41.76 -2.47 61.09
C CYS B 236 -42.72 -3.61 60.93
N LYS B 237 -44.00 -3.34 61.21
CA LYS B 237 -45.03 -4.37 61.18
C LYS B 237 -45.90 -4.28 59.93
N LEU B 238 -45.82 -3.16 59.23
CA LEU B 238 -46.68 -2.98 58.06
C LEU B 238 -46.51 -4.18 57.17
N ARG B 239 -45.29 -4.67 57.10
CA ARG B 239 -44.94 -5.78 56.26
C ARG B 239 -45.60 -7.08 56.74
N ASP B 240 -46.12 -7.06 57.97
CA ASP B 240 -46.68 -8.27 58.58
C ASP B 240 -48.10 -8.51 58.13
N THR B 241 -48.67 -7.51 57.44
CA THR B 241 -50.03 -7.60 56.88
C THR B 241 -49.95 -8.04 55.43
N LYS B 242 -50.31 -9.30 55.21
CA LYS B 242 -50.16 -9.88 53.89
C LYS B 242 -51.49 -9.84 53.14
N SER B 243 -51.43 -10.00 51.83
CA SER B 243 -52.64 -10.05 51.02
C SER B 243 -53.34 -11.41 51.10
N ALA B 244 -54.44 -11.53 50.34
CA ALA B 244 -55.16 -12.79 50.18
C ALA B 244 -54.16 -13.95 50.05
N ASP B 245 -53.69 -14.15 48.82
CA ASP B 245 -52.55 -15.01 48.53
C ASP B 245 -51.31 -14.27 49.01
N GLN B 246 -50.56 -14.88 49.93
CA GLN B 246 -49.55 -14.11 50.66
C GLN B 246 -48.38 -13.66 49.77
N LYS B 247 -48.70 -13.26 48.55
CA LYS B 247 -47.74 -12.83 47.54
C LYS B 247 -47.41 -11.34 47.67
N MET B 248 -48.24 -10.60 48.41
CA MET B 248 -48.12 -9.16 48.53
C MET B 248 -48.31 -8.67 49.97
N THR B 249 -47.52 -7.69 50.40
CA THR B 249 -47.66 -7.11 51.74
C THR B 249 -48.06 -5.64 51.68
N LEU B 250 -48.63 -5.17 52.76
CA LEU B 250 -49.00 -3.76 52.83
C LEU B 250 -47.78 -2.85 52.58
N LEU B 251 -46.59 -3.30 52.98
CA LEU B 251 -45.37 -2.50 52.79
C LEU B 251 -44.89 -2.44 51.33
N HIS B 252 -44.91 -3.57 50.62
CA HIS B 252 -44.62 -3.55 49.18
C HIS B 252 -45.64 -2.72 48.45
N PHE B 253 -46.88 -2.75 48.93
CA PHE B 253 -47.95 -1.98 48.30
C PHE B 253 -47.74 -0.51 48.48
N LEU B 254 -47.47 -0.10 49.71
CA LEU B 254 -47.13 1.28 49.99
C LEU B 254 -45.92 1.70 49.13
N ALA B 255 -44.97 0.80 48.98
CA ALA B 255 -43.74 1.14 48.27
C ALA B 255 -43.94 1.23 46.77
N GLU B 256 -44.91 0.46 46.26
CA GLU B 256 -45.28 0.58 44.84
C GLU B 256 -45.98 1.90 44.60
N LEU B 257 -46.95 2.22 45.46
CA LEU B 257 -47.63 3.51 45.39
C LEU B 257 -46.62 4.62 45.21
N CYS B 258 -45.59 4.61 46.04
CA CYS B 258 -44.60 5.68 45.99
C CYS B 258 -43.86 5.66 44.66
N GLU B 259 -43.39 4.50 44.24
CA GLU B 259 -42.65 4.35 43.00
C GLU B 259 -43.45 4.91 41.83
N ASN B 260 -44.72 4.54 41.76
CA ASN B 260 -45.59 4.93 40.65
C ASN B 260 -46.16 6.34 40.74
N ASP B 261 -46.52 6.78 41.95
CA ASP B 261 -47.30 8.01 42.07
C ASP B 261 -46.68 9.06 42.98
N HIS B 262 -45.54 8.75 43.61
CA HIS B 262 -44.90 9.68 44.54
C HIS B 262 -43.41 9.40 44.73
N PRO B 263 -42.64 9.37 43.63
CA PRO B 263 -41.22 9.04 43.71
C PRO B 263 -40.49 9.67 44.88
N GLU B 264 -40.65 10.97 45.12
CA GLU B 264 -39.92 11.65 46.19
C GLU B 264 -39.85 10.80 47.44
N VAL B 265 -41.00 10.30 47.88
CA VAL B 265 -41.03 9.45 49.05
C VAL B 265 -39.85 8.46 49.08
N LEU B 266 -39.44 7.96 47.91
CA LEU B 266 -38.34 6.98 47.84
C LEU B 266 -36.96 7.54 48.20
N LYS B 267 -36.91 8.81 48.54
CA LYS B 267 -35.65 9.45 48.90
C LYS B 267 -35.52 9.60 50.42
N PHE B 268 -36.57 9.25 51.16
CA PHE B 268 -36.50 9.43 52.62
C PHE B 268 -35.36 8.62 53.24
N PRO B 269 -35.10 7.40 52.73
CA PRO B 269 -33.93 6.67 53.25
C PRO B 269 -32.61 7.48 53.20
N ASP B 270 -32.44 8.33 52.19
CA ASP B 270 -31.22 9.14 52.06
C ASP B 270 -31.25 10.36 53.01
N GLU B 271 -32.45 10.86 53.29
CA GLU B 271 -32.58 11.97 54.25
C GLU B 271 -32.32 11.55 55.70
N LEU B 272 -32.14 10.25 55.92
CA LEU B 272 -31.94 9.70 57.26
C LEU B 272 -30.55 9.07 57.41
N ALA B 273 -29.52 9.85 57.13
CA ALA B 273 -28.15 9.34 57.06
C ALA B 273 -27.54 8.98 58.42
N HIS B 274 -27.88 9.76 59.45
CA HIS B 274 -27.43 9.47 60.80
C HIS B 274 -28.28 8.45 61.57
N VAL B 275 -29.36 8.00 60.98
CA VAL B 275 -30.24 7.10 61.71
C VAL B 275 -29.51 5.82 62.07
N GLU B 276 -28.71 5.30 61.16
CA GLU B 276 -27.99 4.07 61.47
C GLU B 276 -26.98 4.24 62.62
N LYS B 277 -26.26 5.36 62.65
CA LYS B 277 -25.30 5.57 63.72
C LYS B 277 -26.02 5.75 65.05
N ALA B 278 -27.13 6.47 65.02
CA ALA B 278 -27.90 6.67 66.24
C ALA B 278 -28.41 5.34 66.78
N SER B 279 -28.67 4.38 65.90
CA SER B 279 -29.28 3.12 66.31
C SER B 279 -28.26 2.33 67.10
N ARG B 280 -27.00 2.73 66.99
CA ARG B 280 -25.95 1.94 67.61
C ARG B 280 -25.37 2.51 68.91
N VAL B 281 -25.92 3.59 69.43
CA VAL B 281 -25.41 4.14 70.69
C VAL B 281 -26.02 3.53 71.93
N SER B 282 -25.68 4.12 73.06
CA SER B 282 -26.20 3.71 74.35
C SER B 282 -26.51 4.92 75.21
N ALA B 283 -27.78 5.28 75.29
CA ALA B 283 -28.22 6.32 76.20
C ALA B 283 -27.63 6.07 77.58
N GLU B 284 -27.89 4.90 78.14
CA GLU B 284 -27.37 4.56 79.46
C GLU B 284 -25.87 4.84 79.60
N ASN B 285 -25.06 4.40 78.64
CA ASN B 285 -23.61 4.57 78.72
C ASN B 285 -23.10 6.01 78.57
N LEU B 286 -23.84 6.85 77.87
CA LEU B 286 -23.48 8.27 77.80
C LEU B 286 -23.79 8.94 79.13
N GLN B 287 -24.97 8.68 79.66
CA GLN B 287 -25.36 9.22 80.97
C GLN B 287 -24.30 8.86 82.00
N LYS B 288 -24.00 7.57 82.14
CA LYS B 288 -22.97 7.11 83.05
C LYS B 288 -21.63 7.78 82.71
N SER B 289 -21.22 7.63 81.46
CA SER B 289 -19.92 8.12 81.02
C SER B 289 -19.70 9.63 81.24
N LEU B 290 -20.75 10.43 81.11
CA LEU B 290 -20.62 11.86 81.38
C LEU B 290 -20.60 12.15 82.87
N ASP B 291 -21.43 11.45 83.63
CA ASP B 291 -21.51 11.65 85.07
C ASP B 291 -20.22 11.26 85.79
N GLN B 292 -19.46 10.36 85.17
CA GLN B 292 -18.20 9.90 85.73
C GLN B 292 -17.07 10.88 85.44
N MET B 293 -17.17 11.56 84.30
CA MET B 293 -16.24 12.63 83.98
C MET B 293 -16.54 13.84 84.85
N LYS B 294 -17.70 13.81 85.50
CA LYS B 294 -18.07 14.84 86.46
C LYS B 294 -17.39 14.58 87.79
N LYS B 295 -17.48 13.34 88.26
CA LYS B 295 -16.91 12.95 89.54
C LYS B 295 -15.39 12.90 89.46
N GLN B 296 -14.86 12.67 88.26
CA GLN B 296 -13.42 12.56 88.05
C GLN B 296 -12.76 13.92 88.12
N ILE B 297 -13.50 14.95 87.69
CA ILE B 297 -13.01 16.31 87.80
C ILE B 297 -13.27 16.89 89.20
N ALA B 298 -14.29 16.36 89.88
CA ALA B 298 -14.60 16.75 91.25
C ALA B 298 -13.70 16.01 92.24
N ASP B 299 -13.09 14.93 91.77
CA ASP B 299 -12.11 14.18 92.56
C ASP B 299 -10.72 14.80 92.43
N VAL B 300 -10.48 15.51 91.32
CA VAL B 300 -9.20 16.18 91.06
C VAL B 300 -9.26 17.64 91.46
N GLU B 301 -10.48 18.18 91.53
CA GLU B 301 -10.67 19.52 92.06
C GLU B 301 -10.31 19.51 93.54
N ARG B 302 -10.96 18.64 94.32
CA ARG B 302 -10.65 18.51 95.75
C ARG B 302 -9.20 18.04 96.02
N ASP B 303 -8.60 17.28 95.10
CA ASP B 303 -7.20 16.87 95.24
C ASP B 303 -6.25 18.06 94.97
N VAL B 304 -6.81 19.23 94.67
CA VAL B 304 -6.02 20.46 94.53
C VAL B 304 -6.33 21.44 95.68
N GLN B 305 -7.39 21.16 96.43
CA GLN B 305 -7.82 22.03 97.52
C GLN B 305 -7.31 21.57 98.88
N ASN B 306 -7.07 20.27 99.04
CA ASN B 306 -6.54 19.73 100.28
C ASN B 306 -5.03 19.58 100.17
N PHE B 307 -4.50 19.94 99.01
CA PHE B 307 -3.11 19.66 98.69
C PHE B 307 -2.14 20.52 99.48
N PRO B 308 -1.15 19.88 100.13
CA PRO B 308 -0.11 20.53 100.92
C PRO B 308 0.66 21.55 100.08
N ALA B 309 1.12 22.63 100.71
CA ALA B 309 1.88 23.65 99.98
C ALA B 309 3.27 23.14 99.59
N ALA B 310 3.62 23.35 98.32
CA ALA B 310 4.85 22.82 97.75
C ALA B 310 6.10 23.24 98.51
N THR B 311 6.89 22.27 98.93
CA THR B 311 8.15 22.55 99.61
C THR B 311 9.24 22.99 98.64
N ASP B 312 9.32 22.34 97.48
CA ASP B 312 10.30 22.72 96.46
C ASP B 312 9.69 23.06 95.10
N GLU B 313 10.51 23.60 94.22
CA GLU B 313 10.02 24.23 92.99
C GLU B 313 9.78 23.27 91.83
N LYS B 314 10.02 21.99 92.06
CA LYS B 314 9.75 20.99 91.02
C LYS B 314 8.30 20.48 91.08
N ASP B 315 7.58 20.87 92.14
CA ASP B 315 6.23 20.37 92.41
C ASP B 315 5.16 21.22 91.75
N LYS B 316 5.04 21.07 90.43
CA LYS B 316 4.11 21.89 89.64
C LYS B 316 2.68 21.32 89.60
N PHE B 317 2.30 20.59 90.65
CA PHE B 317 0.99 19.96 90.72
C PHE B 317 -0.06 21.03 90.94
N VAL B 318 -0.09 21.58 92.16
CA VAL B 318 -1.09 22.60 92.50
C VAL B 318 -1.21 23.65 91.40
N GLU B 319 -0.20 23.71 90.53
CA GLU B 319 -0.16 24.66 89.42
C GLU B 319 -0.84 24.15 88.15
N LYS B 320 -0.37 23.01 87.63
CA LYS B 320 -0.90 22.49 86.37
C LYS B 320 -2.27 21.81 86.48
N MET B 321 -2.57 21.20 87.63
CA MET B 321 -3.87 20.57 87.88
C MET B 321 -4.94 21.60 88.24
N THR B 322 -4.55 22.86 88.27
CA THR B 322 -5.49 23.97 88.41
C THR B 322 -5.78 24.58 87.02
N SER B 323 -4.83 24.44 86.11
CA SER B 323 -5.01 24.84 84.72
C SER B 323 -5.81 23.79 83.93
N PHE B 324 -5.74 22.55 84.41
CA PHE B 324 -6.49 21.45 83.84
C PHE B 324 -7.93 21.50 84.35
N VAL B 325 -8.10 21.41 85.67
CA VAL B 325 -9.43 21.39 86.28
C VAL B 325 -10.32 22.53 85.78
N LYS B 326 -9.71 23.56 85.22
CA LYS B 326 -10.48 24.64 84.61
C LYS B 326 -10.93 24.25 83.20
N ASP B 327 -9.96 23.88 82.37
CA ASP B 327 -10.23 23.50 80.98
C ASP B 327 -11.10 22.23 80.84
N ALA B 328 -11.02 21.35 81.83
CA ALA B 328 -11.77 20.10 81.81
C ALA B 328 -13.22 20.30 82.24
N GLN B 329 -13.43 21.08 83.29
CA GLN B 329 -14.79 21.41 83.72
C GLN B 329 -15.41 22.35 82.69
N GLU B 330 -14.62 22.68 81.68
CA GLU B 330 -15.06 23.53 80.58
C GLU B 330 -15.64 22.71 79.43
N GLN B 331 -14.87 21.74 78.95
CA GLN B 331 -15.35 20.86 77.89
C GLN B 331 -16.49 19.97 78.36
N TYR B 332 -16.43 19.50 79.61
CA TYR B 332 -17.53 18.74 80.21
C TYR B 332 -18.82 19.52 80.11
N ASN B 333 -18.74 20.82 80.36
CA ASN B 333 -19.92 21.67 80.25
C ASN B 333 -20.49 21.74 78.83
N LYS B 334 -19.62 21.87 77.83
CA LYS B 334 -20.03 21.85 76.43
C LYS B 334 -20.69 20.52 76.01
N LEU B 335 -20.14 19.41 76.46
CA LEU B 335 -20.79 18.12 76.24
C LEU B 335 -22.11 18.08 77.00
N ARG B 336 -22.10 18.51 78.26
CA ARG B 336 -23.31 18.48 79.07
C ARG B 336 -24.40 19.31 78.38
N MET B 337 -23.97 20.30 77.60
CA MET B 337 -24.87 21.10 76.77
C MET B 337 -25.48 20.25 75.69
N MET B 338 -24.65 19.85 74.74
CA MET B 338 -25.08 18.97 73.66
C MET B 338 -25.96 17.82 74.16
N HIS B 339 -25.56 17.21 75.27
CA HIS B 339 -26.30 16.09 75.85
C HIS B 339 -27.67 16.47 76.40
N SER B 340 -27.76 17.61 77.08
CA SER B 340 -29.07 18.09 77.55
C SER B 340 -29.94 18.47 76.36
N ASN B 341 -29.30 19.02 75.33
CA ASN B 341 -29.96 19.35 74.07
C ASN B 341 -30.49 18.10 73.35
N MET B 342 -29.58 17.20 73.00
CA MET B 342 -29.91 15.93 72.36
C MET B 342 -31.13 15.27 72.99
N GLU B 343 -31.10 15.08 74.30
CA GLU B 343 -32.24 14.54 75.06
C GLU B 343 -33.53 15.31 74.81
N THR B 344 -33.40 16.62 74.62
CA THR B 344 -34.55 17.49 74.40
C THR B 344 -35.18 17.24 73.03
N LEU B 345 -34.33 17.12 72.00
CA LEU B 345 -34.79 16.77 70.67
C LEU B 345 -35.58 15.47 70.66
N TYR B 346 -35.09 14.46 71.38
CA TYR B 346 -35.76 13.16 71.45
C TYR B 346 -37.08 13.25 72.23
N LYS B 347 -37.13 14.10 73.26
CA LYS B 347 -38.38 14.30 74.00
C LYS B 347 -39.38 15.05 73.12
N GLU B 348 -38.84 15.94 72.29
CA GLU B 348 -39.65 16.70 71.34
C GLU B 348 -40.12 15.82 70.18
N LEU B 349 -39.25 14.96 69.66
CA LEU B 349 -39.69 13.99 68.67
C LEU B 349 -40.87 13.21 69.21
N GLY B 350 -40.80 12.83 70.48
CA GLY B 350 -41.86 12.07 71.13
C GLY B 350 -43.18 12.83 71.17
N ASP B 351 -43.10 14.13 71.37
CA ASP B 351 -44.30 14.96 71.34
C ASP B 351 -44.88 15.05 69.94
N TYR B 352 -44.01 15.19 68.95
CA TYR B 352 -44.39 15.44 67.57
C TYR B 352 -44.97 14.22 66.84
N PHE B 353 -44.39 13.03 67.08
CA PHE B 353 -44.88 11.78 66.48
C PHE B 353 -45.72 10.96 67.47
N VAL B 354 -45.88 11.52 68.67
CA VAL B 354 -46.79 10.98 69.67
C VAL B 354 -46.34 9.64 70.23
N PHE B 355 -45.28 9.68 71.04
CA PHE B 355 -44.77 8.49 71.69
C PHE B 355 -44.02 8.86 72.97
N ASP B 356 -44.01 7.95 73.94
CA ASP B 356 -43.43 8.23 75.24
C ASP B 356 -41.90 8.07 75.20
N PRO B 357 -41.16 9.19 75.26
CA PRO B 357 -39.70 9.14 75.19
C PRO B 357 -39.06 8.31 76.32
N LYS B 358 -39.78 8.14 77.43
CA LYS B 358 -39.24 7.49 78.62
C LYS B 358 -39.43 5.97 78.64
N LYS B 359 -40.34 5.47 77.82
CA LYS B 359 -40.63 4.04 77.80
C LYS B 359 -39.74 3.34 76.77
N LEU B 360 -39.00 4.12 76.00
CA LEU B 360 -38.32 3.62 74.81
C LEU B 360 -36.99 4.34 74.63
N SER B 361 -35.90 3.60 74.69
CA SER B 361 -34.58 4.24 74.60
C SER B 361 -34.33 4.89 73.25
N VAL B 362 -33.42 5.84 73.23
CA VAL B 362 -33.03 6.50 72.00
C VAL B 362 -32.62 5.50 70.93
N GLU B 363 -31.58 4.72 71.21
CA GLU B 363 -31.07 3.70 70.29
C GLU B 363 -32.16 2.71 69.85
N GLU B 364 -33.07 2.39 70.76
CA GLU B 364 -34.16 1.46 70.46
C GLU B 364 -35.06 2.05 69.40
N PHE B 365 -35.43 3.32 69.60
CA PHE B 365 -36.25 4.06 68.66
C PHE B 365 -35.61 4.12 67.29
N PHE B 366 -34.33 4.52 67.23
CA PHE B 366 -33.63 4.60 65.95
C PHE B 366 -33.27 3.25 65.34
N MET B 367 -33.10 2.24 66.15
CA MET B 367 -32.94 0.92 65.60
C MET B 367 -34.24 0.52 64.88
N ASP B 368 -35.38 0.69 65.53
CA ASP B 368 -36.68 0.41 64.86
C ASP B 368 -36.81 1.14 63.52
N LEU B 369 -36.43 2.41 63.50
CA LEU B 369 -36.54 3.21 62.29
C LEU B 369 -35.54 2.75 61.22
N HIS B 370 -34.30 2.53 61.66
CA HIS B 370 -33.26 1.98 60.80
C HIS B 370 -33.69 0.66 60.18
N ASN B 371 -34.24 -0.24 60.99
CA ASN B 371 -34.78 -1.49 60.47
C ASN B 371 -35.85 -1.26 59.43
N PHE B 372 -36.77 -0.36 59.73
CA PHE B 372 -37.85 -0.08 58.81
C PHE B 372 -37.27 0.42 57.53
N ARG B 373 -36.35 1.39 57.62
CA ARG B 373 -35.76 1.90 56.39
C ARG B 373 -35.27 0.77 55.50
N ASN B 374 -34.50 -0.17 56.07
CA ASN B 374 -34.01 -1.33 55.32
C ASN B 374 -35.13 -2.17 54.70
N MET B 375 -36.16 -2.47 55.50
CA MET B 375 -37.33 -3.17 55.00
C MET B 375 -37.90 -2.48 53.77
N PHE B 376 -37.85 -1.15 53.78
CA PHE B 376 -38.47 -0.38 52.73
C PHE B 376 -37.65 -0.54 51.48
N LEU B 377 -36.38 -0.15 51.57
CA LEU B 377 -35.50 -0.23 50.42
C LEU B 377 -35.61 -1.61 49.81
N GLN B 378 -35.77 -2.62 50.67
CA GLN B 378 -35.79 -3.98 50.18
C GLN B 378 -37.09 -4.33 49.53
N ALA B 379 -38.18 -3.76 50.03
CA ALA B 379 -39.47 -4.03 49.42
C ALA B 379 -39.50 -3.38 48.04
N VAL B 380 -39.01 -2.15 47.96
CA VAL B 380 -38.83 -1.49 46.68
C VAL B 380 -38.10 -2.38 45.66
N LYS B 381 -36.96 -2.92 46.07
CA LYS B 381 -36.14 -3.75 45.20
C LYS B 381 -36.87 -5.01 44.74
N GLU B 382 -37.57 -5.65 45.65
CA GLU B 382 -38.31 -6.88 45.35
C GLU B 382 -39.49 -6.63 44.41
N ASN B 383 -40.13 -5.46 44.56
CA ASN B 383 -41.17 -4.99 43.65
C ASN B 383 -40.67 -4.97 42.21
N GLN B 384 -39.50 -4.35 42.01
CA GLN B 384 -38.90 -4.25 40.68
C GLN B 384 -38.67 -5.61 40.05
N LYS B 385 -38.01 -6.50 40.79
CA LYS B 385 -37.77 -7.84 40.28
C LYS B 385 -39.10 -8.48 39.91
N ARG B 386 -40.10 -8.26 40.75
CA ARG B 386 -41.44 -8.76 40.47
C ARG B 386 -41.92 -8.22 39.12
N ARG B 387 -41.80 -6.92 38.90
CA ARG B 387 -42.28 -6.31 37.66
C ARG B 387 -41.49 -6.80 36.45
N GLU B 388 -40.17 -6.94 36.61
CA GLU B 388 -39.35 -7.52 35.56
C GLU B 388 -39.87 -8.91 35.20
N THR B 389 -40.15 -9.70 36.23
CA THR B 389 -40.62 -11.06 36.01
C THR B 389 -42.01 -11.10 35.39
N GLU B 390 -42.82 -10.08 35.65
CA GLU B 390 -44.15 -9.98 35.04
C GLU B 390 -44.04 -9.61 33.56
N GLU B 391 -43.11 -8.70 33.26
CA GLU B 391 -42.76 -8.39 31.87
C GLU B 391 -42.35 -9.65 31.12
N LYS B 392 -41.22 -10.24 31.52
CA LYS B 392 -40.72 -11.46 30.87
C LYS B 392 -41.85 -12.46 30.56
N MET B 393 -42.70 -12.74 31.54
CA MET B 393 -43.80 -13.67 31.32
C MET B 393 -44.83 -13.20 30.27
N ARG B 394 -45.08 -11.89 30.22
CA ARG B 394 -46.04 -11.34 29.26
C ARG B 394 -45.53 -11.36 27.84
N ARG B 395 -44.32 -10.82 27.64
CA ARG B 395 -43.70 -10.82 26.33
C ARG B 395 -43.58 -12.25 25.80
N ALA B 396 -43.26 -13.17 26.70
CA ALA B 396 -43.15 -14.58 26.36
C ALA B 396 -44.49 -15.18 25.91
N LYS B 397 -45.57 -14.69 26.52
CA LYS B 397 -46.92 -15.11 26.16
C LYS B 397 -47.33 -14.50 24.81
N LEU B 398 -46.93 -13.26 24.55
CA LEU B 398 -47.20 -12.64 23.27
C LEU B 398 -46.52 -13.41 22.15
N ALA B 399 -45.24 -13.75 22.36
CA ALA B 399 -44.48 -14.48 21.37
C ALA B 399 -45.02 -15.89 21.13
N LYS B 400 -45.55 -16.53 22.18
CA LYS B 400 -46.12 -17.88 22.05
C LYS B 400 -47.38 -17.90 21.21
N GLU B 401 -48.11 -16.79 21.24
CA GLU B 401 -49.31 -16.64 20.43
C GLU B 401 -48.94 -16.24 19.01
N LYS B 402 -47.98 -15.33 18.89
CA LYS B 402 -47.43 -14.94 17.59
C LYS B 402 -46.99 -16.17 16.78
N ALA B 403 -46.28 -17.08 17.43
CA ALA B 403 -45.81 -18.28 16.74
C ALA B 403 -46.97 -19.23 16.40
N GLU B 404 -47.86 -19.50 17.35
CA GLU B 404 -49.00 -20.39 17.10
C GLU B 404 -49.86 -19.86 15.94
N LYS B 405 -49.90 -18.55 15.80
CA LYS B 405 -50.63 -17.92 14.72
C LYS B 405 -49.79 -17.92 13.43
N GLU B 406 -48.47 -17.76 13.55
CA GLU B 406 -47.57 -17.85 12.41
C GLU B 406 -47.75 -19.17 11.66
N ARG B 407 -47.65 -20.28 12.38
CA ARG B 407 -47.67 -21.62 11.77
C ARG B 407 -49.04 -22.01 11.24
N LEU B 408 -50.10 -21.52 11.87
CA LEU B 408 -51.46 -21.78 11.39
C LEU B 408 -51.73 -21.07 10.07
N GLU B 409 -51.22 -19.85 9.94
CA GLU B 409 -51.35 -19.10 8.69
C GLU B 409 -50.53 -19.81 7.61
N LYS B 410 -49.31 -20.22 7.97
CA LYS B 410 -48.44 -20.90 7.02
C LYS B 410 -49.01 -22.24 6.60
N GLN B 411 -49.83 -22.83 7.47
CA GLN B 411 -50.44 -24.12 7.16
C GLN B 411 -51.69 -23.95 6.32
N GLN B 412 -52.40 -22.85 6.56
CA GLN B 412 -53.56 -22.52 5.74
C GLN B 412 -53.12 -22.16 4.31
N LYS B 413 -51.89 -21.68 4.15
CA LYS B 413 -51.38 -21.38 2.82
C LYS B 413 -50.97 -22.66 2.10
N ARG B 414 -50.51 -23.65 2.85
CA ARG B 414 -50.05 -24.89 2.24
C ARG B 414 -51.24 -25.66 1.69
N GLU B 415 -52.40 -25.48 2.32
CA GLU B 415 -53.61 -26.25 1.98
C GLU B 415 -54.42 -25.64 0.83
N GLN B 416 -53.95 -24.51 0.31
CA GLN B 416 -54.57 -23.86 -0.85
C GLN B 416 -54.02 -24.43 -2.15
N LEU B 417 -53.01 -25.29 -2.02
CA LEU B 417 -52.46 -26.05 -3.13
C LEU B 417 -53.33 -27.27 -3.42
N ILE B 418 -53.80 -27.91 -2.36
CA ILE B 418 -54.45 -29.23 -2.43
C ILE B 418 -55.26 -29.52 -1.17
N ASP B 419 -56.49 -30.00 -1.35
CA ASP B 419 -57.19 -30.61 -0.24
C ASP B 419 -57.32 -32.09 -0.51
N MET B 420 -56.49 -32.88 0.16
CA MET B 420 -56.40 -34.31 -0.07
C MET B 420 -57.66 -35.06 0.36
N ASN B 421 -58.83 -34.45 0.17
CA ASN B 421 -60.05 -35.01 0.72
C ASN B 421 -61.35 -34.79 -0.08
N ALA B 422 -61.37 -33.81 -0.97
CA ALA B 422 -62.62 -33.38 -1.61
C ALA B 422 -63.22 -34.34 -2.67
N GLU B 423 -62.88 -34.09 -3.93
CA GLU B 423 -63.41 -34.88 -5.04
C GLU B 423 -62.29 -35.67 -5.72
N GLY B 424 -62.60 -36.93 -6.07
CA GLY B 424 -61.61 -37.82 -6.64
C GLY B 424 -61.71 -38.03 -8.15
N ASP B 425 -62.68 -37.38 -8.77
CA ASP B 425 -62.86 -37.51 -10.22
C ASP B 425 -61.86 -36.69 -11.00
N GLU B 426 -61.12 -35.85 -10.28
CA GLU B 426 -60.19 -34.94 -10.91
C GLU B 426 -58.88 -35.63 -11.28
N THR B 427 -58.54 -35.52 -12.56
CA THR B 427 -57.22 -35.88 -13.03
C THR B 427 -56.45 -34.57 -13.20
N GLY B 428 -55.12 -34.67 -13.24
CA GLY B 428 -54.27 -33.48 -13.35
C GLY B 428 -53.96 -32.86 -12.01
N VAL B 429 -54.26 -33.58 -10.92
CA VAL B 429 -53.86 -33.12 -9.60
C VAL B 429 -52.37 -32.84 -9.60
N MET B 430 -51.62 -33.77 -10.18
CA MET B 430 -50.15 -33.73 -10.15
C MET B 430 -49.58 -32.84 -11.25
N ASP B 431 -50.38 -32.53 -12.25
CA ASP B 431 -49.94 -31.58 -13.27
C ASP B 431 -50.07 -30.18 -12.70
N SER B 432 -51.08 -29.98 -11.86
CA SER B 432 -51.26 -28.71 -11.17
C SER B 432 -50.05 -28.42 -10.28
N LEU B 433 -49.68 -29.41 -9.46
CA LEU B 433 -48.55 -29.28 -8.56
C LEU B 433 -47.27 -28.90 -9.32
N LEU B 434 -47.00 -29.55 -10.45
CA LEU B 434 -45.77 -29.25 -11.17
C LEU B 434 -45.76 -27.86 -11.81
N GLU B 435 -46.91 -27.32 -12.19
CA GLU B 435 -46.94 -25.98 -12.78
C GLU B 435 -46.69 -24.96 -11.67
N ALA B 436 -47.14 -25.29 -10.46
CA ALA B 436 -46.85 -24.46 -9.29
C ALA B 436 -45.34 -24.39 -9.01
N LEU B 437 -44.69 -25.55 -8.91
CA LEU B 437 -43.26 -25.61 -8.68
C LEU B 437 -42.55 -24.87 -9.81
N GLN B 438 -43.05 -25.06 -11.02
CA GLN B 438 -42.39 -24.57 -12.22
C GLN B 438 -42.38 -23.05 -12.32
N SER B 439 -43.38 -22.41 -11.72
CA SER B 439 -43.57 -20.98 -11.88
C SER B 439 -43.09 -20.23 -10.66
N GLY B 440 -43.20 -20.87 -9.49
CA GLY B 440 -42.76 -20.27 -8.26
C GLY B 440 -43.91 -20.28 -7.29
N ALA B 441 -45.11 -20.35 -7.85
CA ALA B 441 -46.36 -20.30 -7.09
C ALA B 441 -46.37 -21.26 -5.91
N ALA B 442 -45.77 -22.45 -6.08
CA ALA B 442 -45.74 -23.42 -5.01
C ALA B 442 -45.00 -22.87 -3.80
N PHE B 443 -44.28 -21.75 -3.98
CA PHE B 443 -43.40 -21.22 -2.95
C PHE B 443 -43.87 -19.88 -2.34
N SER C 2 -61.89 -52.88 -21.58
CA SER C 2 -61.20 -51.68 -21.08
C SER C 2 -60.87 -51.84 -19.59
N SER C 3 -61.87 -52.17 -18.77
CA SER C 3 -61.63 -52.45 -17.35
C SER C 3 -61.12 -53.88 -17.21
N ARG C 4 -61.39 -54.69 -18.24
CA ARG C 4 -60.89 -56.06 -18.30
C ARG C 4 -59.37 -56.06 -18.44
N SER C 5 -58.84 -55.09 -19.19
CA SER C 5 -57.41 -55.03 -19.48
C SER C 5 -56.57 -54.33 -18.41
N ALA C 6 -57.23 -53.83 -17.37
CA ALA C 6 -56.53 -53.26 -16.23
C ALA C 6 -56.16 -54.37 -15.26
N MET C 7 -57.09 -55.28 -15.01
CA MET C 7 -56.79 -56.50 -14.26
C MET C 7 -55.65 -57.26 -14.96
N MET C 8 -55.56 -57.10 -16.28
CA MET C 8 -54.60 -57.83 -17.10
C MET C 8 -53.19 -57.34 -16.88
N TYR C 9 -53.03 -56.03 -16.95
CA TYR C 9 -51.75 -55.38 -16.69
C TYR C 9 -51.09 -55.98 -15.47
N ILE C 10 -51.84 -56.01 -14.38
CA ILE C 10 -51.34 -56.58 -13.13
C ILE C 10 -50.73 -57.97 -13.33
N GLN C 11 -51.29 -58.74 -14.26
CA GLN C 11 -50.81 -60.10 -14.50
C GLN C 11 -49.67 -60.14 -15.52
N GLU C 12 -49.63 -59.15 -16.40
CA GLU C 12 -48.51 -58.98 -17.34
C GLU C 12 -47.24 -58.53 -16.62
N LEU C 13 -47.39 -57.59 -15.69
CA LEU C 13 -46.23 -57.12 -14.93
C LEU C 13 -45.67 -58.26 -14.07
N ARG C 14 -46.54 -59.20 -13.72
CA ARG C 14 -46.17 -60.27 -12.79
C ARG C 14 -45.74 -61.53 -13.51
N SER C 15 -45.65 -61.46 -14.83
CA SER C 15 -45.35 -62.63 -15.64
C SER C 15 -43.86 -62.75 -15.96
N GLY C 16 -43.11 -61.72 -15.65
CA GLY C 16 -41.68 -61.73 -15.90
C GLY C 16 -41.30 -61.29 -17.30
N LEU C 17 -42.02 -60.30 -17.82
CA LEU C 17 -41.65 -59.69 -19.11
C LEU C 17 -40.28 -59.05 -18.96
N ARG C 18 -39.51 -59.01 -20.05
CA ARG C 18 -38.19 -58.38 -20.03
C ARG C 18 -37.97 -57.52 -21.28
N ASP C 19 -36.83 -56.83 -21.31
CA ASP C 19 -36.44 -55.98 -22.45
C ASP C 19 -37.58 -55.25 -23.14
N MET C 20 -37.71 -55.47 -24.44
CA MET C 20 -38.65 -54.68 -25.25
C MET C 20 -40.11 -55.12 -25.07
N HIS C 21 -40.32 -56.33 -24.56
CA HIS C 21 -41.67 -56.80 -24.25
C HIS C 21 -42.20 -56.10 -23.00
N LEU C 22 -41.43 -56.15 -21.93
CA LEU C 22 -41.71 -55.32 -20.76
C LEU C 22 -41.93 -53.88 -21.20
N LEU C 23 -41.12 -53.41 -22.16
CA LEU C 23 -41.16 -52.01 -22.55
C LEU C 23 -42.47 -51.61 -23.21
N SER C 24 -42.87 -52.36 -24.23
CA SER C 24 -44.10 -52.04 -24.98
C SER C 24 -45.35 -52.18 -24.11
N CYS C 25 -45.22 -52.97 -23.03
CA CYS C 25 -46.32 -53.15 -22.06
C CYS C 25 -46.42 -51.92 -21.16
N LEU C 26 -45.26 -51.40 -20.76
CA LEU C 26 -45.20 -50.22 -19.91
C LEU C 26 -45.59 -48.96 -20.69
N GLU C 27 -45.26 -48.94 -21.97
CA GLU C 27 -45.62 -47.80 -22.82
C GLU C 27 -47.13 -47.73 -22.99
N SER C 28 -47.74 -48.89 -23.17
CA SER C 28 -49.18 -48.96 -23.22
C SER C 28 -49.78 -48.62 -21.84
N LEU C 29 -49.29 -49.29 -20.79
CA LEU C 29 -49.71 -48.98 -19.43
C LEU C 29 -49.71 -47.48 -19.18
N ARG C 30 -48.70 -46.80 -19.72
CA ARG C 30 -48.60 -45.34 -19.60
C ARG C 30 -49.81 -44.67 -20.24
N VAL C 31 -50.03 -44.95 -21.52
CA VAL C 31 -51.15 -44.32 -22.22
C VAL C 31 -52.53 -44.67 -21.64
N SER C 32 -52.66 -45.91 -21.18
CA SER C 32 -53.89 -46.30 -20.54
C SER C 32 -54.11 -45.37 -19.34
N LEU C 33 -53.03 -45.10 -18.62
CA LEU C 33 -53.07 -44.24 -17.42
C LEU C 33 -53.22 -42.75 -17.76
N ASN C 34 -52.65 -42.34 -18.90
CA ASN C 34 -52.72 -40.95 -19.33
C ASN C 34 -54.06 -40.61 -19.99
N ASN C 35 -54.92 -41.61 -20.16
CA ASN C 35 -56.06 -41.46 -21.06
C ASN C 35 -57.43 -41.89 -20.51
N ASN C 36 -57.43 -42.93 -19.68
CA ASN C 36 -58.68 -43.39 -19.07
C ASN C 36 -59.02 -42.60 -17.80
N PRO C 37 -60.31 -42.47 -17.48
CA PRO C 37 -60.73 -41.69 -16.31
C PRO C 37 -60.17 -42.24 -15.00
N VAL C 38 -60.07 -41.38 -13.98
CA VAL C 38 -59.57 -41.79 -12.66
C VAL C 38 -60.05 -43.17 -12.21
N SER C 39 -61.34 -43.45 -12.41
CA SER C 39 -61.93 -44.71 -11.99
C SER C 39 -61.22 -45.95 -12.57
N TRP C 40 -60.62 -45.78 -13.75
CA TRP C 40 -59.84 -46.86 -14.39
C TRP C 40 -58.55 -47.11 -13.62
N VAL C 41 -57.99 -46.03 -13.08
CA VAL C 41 -56.76 -46.11 -12.30
C VAL C 41 -57.01 -46.78 -10.95
N GLN C 42 -58.14 -46.48 -10.33
CA GLN C 42 -58.50 -47.16 -9.09
C GLN C 42 -58.58 -48.64 -9.37
N THR C 43 -58.97 -48.98 -10.61
CA THR C 43 -59.11 -50.37 -11.05
C THR C 43 -57.76 -51.01 -11.41
N PHE C 44 -56.73 -50.18 -11.63
CA PHE C 44 -55.36 -50.68 -11.69
C PHE C 44 -54.88 -50.82 -10.24
N GLY C 45 -55.09 -49.76 -9.48
CA GLY C 45 -55.00 -49.81 -8.02
C GLY C 45 -53.64 -50.14 -7.43
N ALA C 46 -53.60 -50.20 -6.10
CA ALA C 46 -52.37 -50.42 -5.35
C ALA C 46 -51.63 -51.70 -5.72
N GLU C 47 -52.37 -52.78 -5.94
CA GLU C 47 -51.74 -54.07 -6.23
C GLU C 47 -50.92 -53.98 -7.52
N GLY C 48 -51.32 -53.06 -8.40
CA GLY C 48 -50.65 -52.87 -9.68
C GLY C 48 -49.48 -51.91 -9.57
N LEU C 49 -49.62 -50.92 -8.70
CA LEU C 49 -48.54 -50.05 -8.29
C LEU C 49 -47.40 -50.90 -7.76
N ALA C 50 -47.74 -51.82 -6.86
CA ALA C 50 -46.77 -52.68 -6.22
C ALA C 50 -45.89 -53.44 -7.21
N SER C 51 -46.47 -53.74 -8.38
CA SER C 51 -45.80 -54.58 -9.39
C SER C 51 -44.88 -53.73 -10.25
N LEU C 52 -45.28 -52.49 -10.49
CA LEU C 52 -44.37 -51.51 -11.06
C LEU C 52 -43.15 -51.39 -10.15
N LEU C 53 -43.42 -51.28 -8.85
CA LEU C 53 -42.38 -51.12 -7.84
C LEU C 53 -41.54 -52.40 -7.59
N ASP C 54 -42.12 -53.57 -7.84
CA ASP C 54 -41.35 -54.81 -7.67
C ASP C 54 -40.35 -54.88 -8.80
N ILE C 55 -40.80 -54.42 -9.97
CA ILE C 55 -40.00 -54.38 -11.18
C ILE C 55 -38.93 -53.30 -11.06
N LEU C 56 -39.36 -52.13 -10.60
CA LEU C 56 -38.44 -51.03 -10.39
C LEU C 56 -37.27 -51.49 -9.52
N LYS C 57 -37.59 -52.24 -8.47
CA LYS C 57 -36.55 -52.68 -7.53
C LYS C 57 -35.67 -53.73 -8.19
N ARG C 58 -36.25 -54.55 -9.05
CA ARG C 58 -35.47 -55.55 -9.75
C ARG C 58 -34.49 -54.87 -10.70
N LEU C 59 -34.98 -53.86 -11.42
CA LEU C 59 -34.17 -53.11 -12.38
C LEU C 59 -33.01 -52.35 -11.71
N HIS C 60 -33.33 -51.58 -10.67
CA HIS C 60 -32.29 -50.89 -9.92
C HIS C 60 -31.20 -51.84 -9.41
N ASP C 61 -31.62 -52.97 -8.85
CA ASP C 61 -30.68 -53.95 -8.33
C ASP C 61 -29.70 -54.41 -9.42
N GLU C 62 -30.22 -54.56 -10.63
CA GLU C 62 -29.41 -55.01 -11.76
C GLU C 62 -28.58 -53.86 -12.34
N TYR C 70 -28.85 -49.94 -20.01
CA TYR C 70 -29.95 -49.94 -20.98
C TYR C 70 -31.27 -50.39 -20.37
N ASP C 71 -31.21 -50.75 -19.08
CA ASP C 71 -32.36 -50.84 -18.21
C ASP C 71 -33.10 -49.52 -18.29
N SER C 72 -32.35 -48.49 -18.65
CA SER C 72 -32.83 -47.11 -18.58
C SER C 72 -34.26 -46.94 -19.07
N ARG C 73 -34.52 -47.42 -20.28
CA ARG C 73 -35.84 -47.23 -20.87
C ARG C 73 -36.96 -47.80 -20.01
N ASN C 74 -36.78 -49.04 -19.54
CA ASN C 74 -37.75 -49.71 -18.66
C ASN C 74 -38.00 -48.96 -17.33
N GLN C 75 -36.92 -48.56 -16.65
CA GLN C 75 -37.04 -47.82 -15.41
C GLN C 75 -37.75 -46.51 -15.62
N HIS C 76 -37.20 -45.73 -16.56
CA HIS C 76 -37.76 -44.45 -16.93
C HIS C 76 -39.24 -44.56 -17.28
N GLU C 77 -39.60 -45.55 -18.11
CA GLU C 77 -41.02 -45.75 -18.42
C GLU C 77 -41.81 -45.94 -17.12
N ILE C 78 -41.34 -46.82 -16.24
CA ILE C 78 -42.02 -47.01 -14.97
C ILE C 78 -42.24 -45.66 -14.26
N ILE C 79 -41.28 -44.75 -14.43
CA ILE C 79 -41.36 -43.42 -13.83
C ILE C 79 -42.47 -42.59 -14.51
N ARG C 80 -42.69 -42.80 -15.80
CA ARG C 80 -43.75 -42.05 -16.49
C ARG C 80 -45.11 -42.59 -16.10
N CYS C 81 -45.14 -43.87 -15.76
CA CYS C 81 -46.40 -44.49 -15.35
C CYS C 81 -46.70 -43.96 -13.97
N LEU C 82 -45.66 -43.88 -13.15
CA LEU C 82 -45.83 -43.40 -11.80
C LEU C 82 -46.44 -42.01 -11.88
N LYS C 83 -45.91 -41.20 -12.78
CA LYS C 83 -46.35 -39.82 -12.87
C LYS C 83 -47.81 -39.80 -13.26
N ALA C 84 -48.13 -40.61 -14.26
CA ALA C 84 -49.52 -40.78 -14.68
C ALA C 84 -50.37 -41.34 -13.53
N PHE C 85 -49.95 -42.48 -12.95
CA PHE C 85 -50.65 -43.09 -11.83
C PHE C 85 -50.97 -42.06 -10.75
N MET C 86 -49.99 -41.22 -10.43
CA MET C 86 -50.18 -40.31 -9.31
C MET C 86 -50.55 -38.91 -9.77
N ASN C 87 -51.23 -38.84 -10.91
CA ASN C 87 -51.80 -37.59 -11.37
C ASN C 87 -53.23 -37.37 -10.85
N ASN C 88 -53.54 -38.00 -9.72
CA ASN C 88 -54.83 -37.79 -9.04
C ASN C 88 -54.73 -38.18 -7.57
N LYS C 89 -55.55 -37.54 -6.74
CA LYS C 89 -55.41 -37.70 -5.29
C LYS C 89 -55.34 -39.16 -4.87
N PHE C 90 -55.97 -40.04 -5.64
CA PHE C 90 -55.91 -41.45 -5.29
C PHE C 90 -54.52 -42.05 -5.44
N GLY C 91 -53.88 -41.81 -6.58
CA GLY C 91 -52.55 -42.33 -6.85
C GLY C 91 -51.55 -41.82 -5.83
N ILE C 92 -51.46 -40.50 -5.71
CA ILE C 92 -50.63 -39.85 -4.70
C ILE C 92 -50.75 -40.48 -3.33
N LYS C 93 -51.99 -40.53 -2.80
CA LYS C 93 -52.25 -41.13 -1.50
C LYS C 93 -51.67 -42.54 -1.40
N THR C 94 -51.81 -43.30 -2.48
CA THR C 94 -51.44 -44.72 -2.50
C THR C 94 -49.94 -44.88 -2.51
N MET C 95 -49.32 -44.10 -3.39
CA MET C 95 -47.90 -43.89 -3.41
C MET C 95 -47.36 -43.77 -1.99
N LEU C 96 -47.89 -42.78 -1.25
CA LEU C 96 -47.45 -42.48 0.12
C LEU C 96 -47.58 -43.62 1.11
N GLU C 97 -48.46 -44.56 0.80
CA GLU C 97 -48.71 -45.66 1.70
C GLU C 97 -47.71 -46.78 1.47
N THR C 98 -46.94 -46.67 0.39
CA THR C 98 -45.94 -47.70 0.09
C THR C 98 -44.76 -47.63 1.05
N GLU C 99 -44.08 -48.76 1.25
CA GLU C 99 -42.95 -48.80 2.16
C GLU C 99 -41.66 -48.29 1.50
N GLU C 100 -41.57 -48.45 0.18
CA GLU C 100 -40.31 -48.16 -0.52
C GLU C 100 -40.54 -47.39 -1.83
N GLY C 101 -41.74 -46.81 -1.95
CA GLY C 101 -42.12 -46.04 -3.12
C GLY C 101 -41.28 -44.78 -3.25
N ILE C 102 -41.26 -43.98 -2.19
CA ILE C 102 -40.46 -42.77 -2.24
C ILE C 102 -38.98 -43.08 -2.35
N LEU C 103 -38.52 -44.17 -1.73
CA LEU C 103 -37.12 -44.54 -1.87
C LEU C 103 -36.73 -44.84 -3.33
N LEU C 104 -37.57 -45.58 -4.04
CA LEU C 104 -37.24 -45.94 -5.43
C LEU C 104 -37.24 -44.72 -6.34
N LEU C 105 -38.22 -43.84 -6.16
CA LEU C 105 -38.20 -42.56 -6.82
C LEU C 105 -36.81 -41.91 -6.62
N VAL C 106 -36.31 -41.97 -5.39
CA VAL C 106 -35.02 -41.35 -5.08
C VAL C 106 -33.92 -42.01 -5.88
N ARG C 107 -33.96 -43.35 -5.94
CA ARG C 107 -32.93 -44.09 -6.66
C ARG C 107 -32.97 -43.85 -8.16
N ALA C 108 -34.04 -43.20 -8.62
CA ALA C 108 -34.18 -42.93 -10.04
C ALA C 108 -33.37 -41.70 -10.42
N MET C 109 -32.85 -41.01 -9.42
CA MET C 109 -32.12 -39.76 -9.66
C MET C 109 -30.68 -40.03 -9.96
N ASP C 110 -30.44 -40.42 -11.20
CA ASP C 110 -29.14 -40.77 -11.68
C ASP C 110 -28.73 -39.66 -12.63
N PRO C 111 -27.69 -38.90 -12.29
CA PRO C 111 -27.39 -37.82 -13.24
C PRO C 111 -26.90 -38.38 -14.57
N ALA C 112 -26.55 -39.67 -14.56
CA ALA C 112 -26.24 -40.41 -15.79
C ALA C 112 -27.40 -40.41 -16.80
N VAL C 113 -28.62 -40.64 -16.32
CA VAL C 113 -29.80 -40.62 -17.16
C VAL C 113 -30.60 -39.32 -16.95
N PRO C 114 -30.08 -38.19 -17.43
CA PRO C 114 -30.70 -36.89 -17.13
C PRO C 114 -32.24 -36.85 -17.22
N ASN C 115 -32.85 -37.53 -18.19
CA ASN C 115 -34.30 -37.41 -18.30
C ASN C 115 -35.12 -38.21 -17.27
N MET C 116 -34.57 -39.34 -16.83
CA MET C 116 -35.21 -40.12 -15.77
C MET C 116 -35.17 -39.31 -14.48
N MET C 117 -33.99 -38.78 -14.15
CA MET C 117 -33.79 -38.02 -12.92
C MET C 117 -34.69 -36.78 -12.88
N ILE C 118 -34.80 -36.11 -14.02
CA ILE C 118 -35.67 -34.96 -14.13
C ILE C 118 -37.10 -35.28 -13.72
N ASP C 119 -37.62 -36.41 -14.21
CA ASP C 119 -39.00 -36.84 -13.95
C ASP C 119 -39.18 -37.29 -12.51
N ALA C 120 -38.18 -37.99 -11.97
CA ALA C 120 -38.29 -38.44 -10.59
C ALA C 120 -38.19 -37.26 -9.62
N ALA C 121 -37.39 -36.27 -9.99
CA ALA C 121 -37.13 -35.13 -9.13
C ALA C 121 -38.35 -34.21 -9.06
N LYS C 122 -39.23 -34.33 -10.04
CA LYS C 122 -40.45 -33.51 -10.06
C LYS C 122 -41.46 -34.15 -9.15
N LEU C 123 -41.49 -35.48 -9.17
CA LEU C 123 -42.47 -36.18 -8.36
C LEU C 123 -42.08 -35.91 -6.91
N LEU C 124 -40.82 -36.17 -6.60
CA LEU C 124 -40.32 -35.94 -5.25
C LEU C 124 -40.58 -34.50 -4.84
N SER C 125 -40.31 -33.56 -5.73
CA SER C 125 -40.59 -32.14 -5.46
C SER C 125 -42.06 -31.90 -5.15
N ALA C 126 -42.94 -32.53 -5.93
CA ALA C 126 -44.38 -32.39 -5.71
C ALA C 126 -44.75 -32.95 -4.34
N LEU C 127 -44.25 -34.13 -4.02
CA LEU C 127 -44.43 -34.72 -2.69
C LEU C 127 -44.05 -33.78 -1.53
N CYS C 128 -42.94 -33.05 -1.66
CA CYS C 128 -42.49 -32.12 -0.61
C CYS C 128 -43.50 -30.99 -0.35
N ILE C 129 -44.22 -30.61 -1.41
CA ILE C 129 -45.19 -29.52 -1.41
C ILE C 129 -46.49 -29.81 -0.66
N LEU C 130 -46.90 -31.08 -0.66
CA LEU C 130 -48.19 -31.46 -0.08
C LEU C 130 -48.35 -30.92 1.32
N PRO C 131 -49.57 -30.49 1.64
CA PRO C 131 -49.92 -30.03 2.98
C PRO C 131 -49.98 -31.22 3.93
N GLN C 132 -50.56 -32.31 3.45
CA GLN C 132 -50.75 -33.52 4.23
C GLN C 132 -50.17 -34.72 3.47
N PRO C 133 -49.46 -35.60 4.19
CA PRO C 133 -49.14 -35.59 5.62
C PRO C 133 -48.19 -34.48 6.05
N GLU C 134 -47.93 -34.42 7.35
CA GLU C 134 -47.04 -33.42 7.92
C GLU C 134 -45.60 -33.67 7.47
N ASP C 135 -44.92 -32.61 7.06
CA ASP C 135 -43.49 -32.72 6.80
C ASP C 135 -43.17 -33.76 5.74
N MET C 136 -43.60 -33.55 4.51
CA MET C 136 -43.27 -34.52 3.48
C MET C 136 -41.81 -34.39 3.14
N ASN C 137 -41.37 -33.14 3.06
CA ASN C 137 -39.96 -32.82 2.81
C ASN C 137 -38.99 -33.71 3.61
N GLU C 138 -39.31 -33.99 4.86
CA GLU C 138 -38.42 -34.79 5.69
C GLU C 138 -38.44 -36.25 5.29
N ARG C 139 -39.59 -36.75 4.86
CA ARG C 139 -39.62 -38.14 4.43
C ARG C 139 -38.87 -38.31 3.11
N VAL C 140 -38.97 -37.31 2.23
CA VAL C 140 -38.18 -37.36 1.03
C VAL C 140 -36.71 -37.36 1.46
N LEU C 141 -36.38 -36.44 2.36
CA LEU C 141 -35.02 -36.31 2.84
C LEU C 141 -34.49 -37.62 3.43
N GLU C 142 -35.34 -38.30 4.20
CA GLU C 142 -34.97 -39.56 4.84
C GLU C 142 -34.59 -40.57 3.77
N ALA C 143 -35.35 -40.61 2.68
CA ALA C 143 -35.05 -41.57 1.63
C ALA C 143 -33.71 -41.21 1.00
N MET C 144 -33.53 -39.93 0.69
CA MET C 144 -32.28 -39.43 0.12
C MET C 144 -31.09 -39.85 0.97
N THR C 145 -31.30 -39.78 2.28
CA THR C 145 -30.30 -40.22 3.24
C THR C 145 -30.01 -41.71 3.08
N GLU C 146 -31.04 -42.54 3.23
CA GLU C 146 -30.89 -44.00 3.11
C GLU C 146 -30.18 -44.45 1.82
N ARG C 147 -30.61 -43.95 0.67
CA ARG C 147 -29.88 -44.23 -0.56
C ARG C 147 -28.41 -43.91 -0.30
N ALA C 148 -28.19 -42.66 0.08
CA ALA C 148 -26.84 -42.15 0.31
C ALA C 148 -25.99 -43.08 1.18
N GLU C 149 -26.63 -43.73 2.16
CA GLU C 149 -25.89 -44.58 3.08
C GLU C 149 -25.45 -45.92 2.47
N MET C 150 -26.21 -46.39 1.49
CA MET C 150 -25.93 -47.68 0.86
C MET C 150 -25.02 -47.56 -0.36
N ASP C 151 -24.90 -46.35 -0.91
CA ASP C 151 -23.96 -46.12 -2.01
C ASP C 151 -22.68 -45.53 -1.42
N GLU C 152 -22.76 -45.16 -0.14
CA GLU C 152 -21.63 -44.55 0.53
C GLU C 152 -21.20 -43.18 -0.03
N VAL C 153 -22.17 -42.39 -0.49
CA VAL C 153 -21.90 -41.02 -0.88
C VAL C 153 -22.69 -40.08 0.01
N GLU C 154 -22.49 -38.77 -0.16
CA GLU C 154 -23.30 -37.74 0.51
C GLU C 154 -24.71 -37.73 -0.07
N ARG C 155 -25.71 -37.65 0.79
CA ARG C 155 -27.09 -37.66 0.30
C ARG C 155 -27.42 -36.57 -0.75
N PHE C 156 -26.62 -35.52 -0.83
CA PHE C 156 -26.94 -34.47 -1.80
C PHE C 156 -25.98 -34.49 -2.99
N GLN C 157 -25.16 -35.52 -3.07
CA GLN C 157 -24.21 -35.61 -4.18
C GLN C 157 -24.95 -35.64 -5.53
N PRO C 158 -25.91 -36.58 -5.69
CA PRO C 158 -26.60 -36.68 -6.98
C PRO C 158 -27.20 -35.35 -7.36
N LEU C 159 -27.87 -34.69 -6.41
CA LEU C 159 -28.42 -33.36 -6.70
C LEU C 159 -27.39 -32.37 -7.20
N LEU C 160 -26.21 -32.34 -6.58
CA LEU C 160 -25.14 -31.42 -7.00
C LEU C 160 -24.54 -31.77 -8.35
N ASP C 161 -24.33 -33.07 -8.61
CA ASP C 161 -23.85 -33.51 -9.91
C ASP C 161 -24.72 -33.03 -11.07
N GLY C 162 -26.04 -33.05 -10.86
CA GLY C 162 -26.98 -32.62 -11.88
C GLY C 162 -26.90 -31.13 -12.12
N LEU C 163 -26.36 -30.40 -11.14
CA LEU C 163 -26.25 -28.96 -11.26
C LEU C 163 -25.00 -28.57 -12.03
N LYS C 164 -24.11 -29.56 -12.22
CA LYS C 164 -22.81 -29.33 -12.89
C LYS C 164 -22.90 -29.05 -14.39
N SER C 165 -21.96 -28.22 -14.85
CA SER C 165 -21.98 -27.50 -16.15
C SER C 165 -22.52 -28.20 -17.41
N GLY C 166 -22.00 -29.39 -17.71
CA GLY C 166 -22.33 -30.06 -18.97
C GLY C 166 -23.76 -30.54 -19.08
N THR C 167 -24.40 -30.70 -17.93
CA THR C 167 -25.78 -31.16 -17.82
C THR C 167 -26.80 -30.18 -18.41
N SER C 168 -27.88 -30.71 -18.99
CA SER C 168 -28.93 -29.88 -19.59
C SER C 168 -29.62 -28.89 -18.64
N ILE C 169 -30.04 -27.75 -19.17
CA ILE C 169 -30.85 -26.80 -18.42
C ILE C 169 -31.95 -27.47 -17.59
N ALA C 170 -32.70 -28.35 -18.23
CA ALA C 170 -33.82 -28.96 -17.55
C ALA C 170 -33.39 -29.67 -16.27
N LEU C 171 -32.24 -30.37 -16.32
CA LEU C 171 -31.77 -31.11 -15.16
C LEU C 171 -31.31 -30.16 -14.07
N LYS C 172 -30.65 -29.08 -14.48
CA LYS C 172 -30.19 -28.05 -13.57
C LYS C 172 -31.37 -27.52 -12.80
N VAL C 173 -32.33 -26.97 -13.55
CA VAL C 173 -33.55 -26.42 -12.99
C VAL C 173 -34.27 -27.40 -12.07
N GLY C 174 -34.26 -28.67 -12.42
CA GLY C 174 -34.93 -29.68 -11.63
C GLY C 174 -34.27 -29.97 -10.30
N CYS C 175 -32.94 -29.96 -10.30
CA CYS C 175 -32.16 -30.14 -9.08
C CYS C 175 -32.33 -28.99 -8.10
N LEU C 176 -32.23 -27.77 -8.61
CA LEU C 176 -32.46 -26.59 -7.78
C LEU C 176 -33.87 -26.52 -7.22
N GLN C 177 -34.84 -26.99 -8.00
CA GLN C 177 -36.23 -26.92 -7.57
C GLN C 177 -36.54 -27.94 -6.45
N LEU C 178 -35.98 -29.14 -6.57
CA LEU C 178 -36.06 -30.14 -5.51
C LEU C 178 -35.36 -29.67 -4.25
N ILE C 179 -34.29 -28.90 -4.43
CA ILE C 179 -33.56 -28.34 -3.30
C ILE C 179 -34.49 -27.34 -2.63
N ASN C 180 -35.07 -26.46 -3.43
CA ASN C 180 -36.05 -25.52 -2.91
C ASN C 180 -37.27 -26.18 -2.26
N ALA C 181 -37.59 -27.38 -2.73
CA ALA C 181 -38.76 -28.11 -2.23
C ALA C 181 -38.47 -28.81 -0.90
N LEU C 182 -37.20 -29.15 -0.66
CA LEU C 182 -36.78 -29.68 0.62
C LEU C 182 -36.64 -28.60 1.71
N ILE C 183 -36.14 -27.42 1.32
CA ILE C 183 -35.86 -26.33 2.26
C ILE C 183 -37.10 -25.48 2.58
N THR C 184 -37.67 -24.84 1.56
CA THR C 184 -38.76 -23.87 1.72
C THR C 184 -39.99 -24.25 2.57
N PRO C 185 -40.50 -25.46 2.39
CA PRO C 185 -41.61 -25.96 3.21
C PRO C 185 -41.30 -26.23 4.68
N ALA C 186 -40.02 -26.27 5.06
CA ALA C 186 -39.66 -26.58 6.45
C ALA C 186 -40.11 -25.49 7.42
N GLU C 187 -40.74 -25.93 8.50
CA GLU C 187 -41.22 -24.99 9.53
C GLU C 187 -40.05 -24.29 10.21
N GLU C 188 -39.14 -25.10 10.77
CA GLU C 188 -38.09 -24.62 11.64
C GLU C 188 -36.93 -23.97 10.90
N LEU C 189 -36.59 -22.77 11.34
CA LEU C 189 -35.48 -22.04 10.76
C LEU C 189 -34.17 -22.81 10.92
N ASP C 190 -34.04 -23.53 12.04
CA ASP C 190 -32.79 -24.24 12.30
C ASP C 190 -32.56 -25.30 11.26
N PHE C 191 -33.64 -25.93 10.83
CA PHE C 191 -33.59 -26.99 9.83
C PHE C 191 -33.14 -26.44 8.49
N ARG C 192 -33.77 -25.37 8.03
CA ARG C 192 -33.41 -24.79 6.75
C ARG C 192 -31.92 -24.43 6.72
N VAL C 193 -31.44 -23.77 7.75
CA VAL C 193 -30.03 -23.41 7.79
C VAL C 193 -29.10 -24.65 7.77
N HIS C 194 -29.53 -25.70 8.45
CA HIS C 194 -28.77 -26.94 8.47
C HIS C 194 -28.53 -27.45 7.07
N ILE C 195 -29.61 -27.54 6.31
CA ILE C 195 -29.59 -28.14 4.98
C ILE C 195 -28.80 -27.24 4.03
N ARG C 196 -29.11 -25.94 4.06
CA ARG C 196 -28.40 -25.01 3.18
C ARG C 196 -26.92 -25.13 3.43
N SER C 197 -26.54 -25.16 4.69
CA SER C 197 -25.13 -25.23 5.01
C SER C 197 -24.52 -26.55 4.51
N GLU C 198 -25.27 -27.65 4.62
CA GLU C 198 -24.76 -28.93 4.12
C GLU C 198 -24.49 -28.92 2.61
N LEU C 199 -25.33 -28.20 1.88
CA LEU C 199 -25.15 -28.05 0.44
C LEU C 199 -23.92 -27.21 0.17
N MET C 200 -23.77 -26.14 0.93
CA MET C 200 -22.63 -25.27 0.71
C MET C 200 -21.28 -25.97 0.85
N ARG C 201 -21.19 -26.87 1.83
CA ARG C 201 -19.97 -27.64 2.02
C ARG C 201 -19.67 -28.50 0.79
N LEU C 202 -20.73 -28.96 0.13
CA LEU C 202 -20.60 -29.84 -1.03
C LEU C 202 -20.23 -29.06 -2.28
N GLY C 203 -20.24 -27.73 -2.16
CA GLY C 203 -19.78 -26.84 -3.21
C GLY C 203 -20.88 -26.05 -3.87
N LEU C 204 -22.02 -25.93 -3.20
CA LEU C 204 -23.16 -25.31 -3.84
C LEU C 204 -22.87 -23.89 -4.26
N HIS C 205 -22.20 -23.13 -3.41
CA HIS C 205 -22.04 -21.72 -3.67
C HIS C 205 -21.42 -21.45 -5.02
N GLN C 206 -20.37 -22.20 -5.32
CA GLN C 206 -19.65 -21.99 -6.57
C GLN C 206 -20.49 -22.39 -7.78
N VAL C 207 -21.30 -23.44 -7.62
CA VAL C 207 -22.19 -23.87 -8.70
C VAL C 207 -23.28 -22.83 -9.01
N LEU C 208 -23.87 -22.24 -7.97
CA LEU C 208 -24.85 -21.18 -8.17
C LEU C 208 -24.28 -19.98 -8.93
N GLN C 209 -22.99 -19.69 -8.73
CA GLN C 209 -22.39 -18.55 -9.43
C GLN C 209 -22.41 -18.77 -10.94
N GLU C 210 -22.22 -20.02 -11.37
CA GLU C 210 -22.25 -20.37 -12.78
C GLU C 210 -23.65 -20.36 -13.41
N LEU C 211 -24.66 -20.79 -12.66
CA LEU C 211 -26.04 -20.81 -13.14
C LEU C 211 -26.64 -19.41 -13.24
N ARG C 212 -26.02 -18.45 -12.56
CA ARG C 212 -26.50 -17.07 -12.55
C ARG C 212 -26.22 -16.39 -13.89
N GLU C 213 -25.31 -16.96 -14.66
CA GLU C 213 -24.87 -16.41 -15.96
C GLU C 213 -25.82 -16.78 -17.09
N ILE C 214 -26.55 -17.88 -16.91
CA ILE C 214 -27.48 -18.45 -17.89
C ILE C 214 -28.82 -17.70 -17.96
N GLU C 215 -29.14 -17.20 -19.15
CA GLU C 215 -30.44 -16.61 -19.41
C GLU C 215 -31.44 -17.74 -19.57
N ASN C 216 -32.29 -17.95 -18.57
CA ASN C 216 -33.30 -19.01 -18.63
C ASN C 216 -34.36 -18.75 -17.59
N GLU C 217 -35.59 -18.52 -18.02
CA GLU C 217 -36.63 -18.05 -17.08
C GLU C 217 -36.82 -19.01 -15.92
N ASP C 218 -36.87 -20.31 -16.23
CA ASP C 218 -37.18 -21.33 -15.24
C ASP C 218 -36.09 -21.40 -14.20
N MET C 219 -34.86 -21.21 -14.65
CA MET C 219 -33.69 -21.22 -13.78
C MET C 219 -33.65 -19.97 -12.91
N LYS C 220 -33.90 -18.80 -13.49
CA LYS C 220 -33.97 -17.56 -12.71
C LYS C 220 -34.97 -17.68 -11.56
N VAL C 221 -36.14 -18.24 -11.87
CA VAL C 221 -37.20 -18.44 -10.89
C VAL C 221 -36.79 -19.28 -9.68
N GLN C 222 -36.21 -20.45 -9.91
CA GLN C 222 -35.67 -21.28 -8.83
C GLN C 222 -34.55 -20.60 -8.04
N LEU C 223 -33.70 -19.84 -8.73
CA LEU C 223 -32.64 -19.08 -8.05
C LEU C 223 -33.24 -17.97 -7.18
N CYS C 224 -34.22 -17.26 -7.70
CA CYS C 224 -34.87 -16.21 -6.92
C CYS C 224 -35.54 -16.80 -5.67
N VAL C 225 -36.22 -17.93 -5.81
CA VAL C 225 -36.81 -18.64 -4.66
C VAL C 225 -35.74 -19.02 -3.62
N PHE C 226 -34.61 -19.56 -4.07
CA PHE C 226 -33.54 -20.01 -3.19
C PHE C 226 -32.92 -18.85 -2.42
N ASP C 227 -32.62 -17.76 -3.13
CA ASP C 227 -32.03 -16.55 -2.52
C ASP C 227 -32.98 -15.87 -1.53
N GLU C 228 -34.19 -15.57 -1.97
CA GLU C 228 -35.17 -14.96 -1.07
C GLU C 228 -35.27 -15.76 0.22
N GLN C 229 -35.16 -17.07 0.15
CA GLN C 229 -35.32 -17.87 1.37
C GLN C 229 -34.14 -17.71 2.32
N GLY C 230 -32.93 -17.67 1.75
CA GLY C 230 -31.74 -17.31 2.49
C GLY C 230 -32.00 -15.99 3.19
N ASP C 231 -32.34 -14.98 2.41
CA ASP C 231 -32.67 -13.67 2.98
C ASP C 231 -33.69 -13.77 4.10
N GLU C 232 -34.84 -14.41 3.87
CA GLU C 232 -35.83 -14.45 4.95
C GLU C 232 -35.19 -15.07 6.17
N ASP C 233 -34.37 -16.09 5.96
CA ASP C 233 -33.77 -16.78 7.11
C ASP C 233 -32.82 -15.87 7.88
N PHE C 234 -31.87 -15.27 7.17
CA PHE C 234 -30.97 -14.27 7.72
C PHE C 234 -31.72 -13.25 8.55
N PHE C 235 -32.77 -12.70 7.97
CA PHE C 235 -33.63 -11.74 8.65
C PHE C 235 -34.23 -12.34 9.94
N ASP C 236 -34.59 -13.61 9.91
CA ASP C 236 -35.22 -14.26 11.07
C ASP C 236 -34.21 -14.44 12.20
N LEU C 237 -32.96 -14.66 11.82
CA LEU C 237 -31.90 -14.90 12.79
C LEU C 237 -31.50 -13.55 13.42
N LYS C 238 -31.58 -12.47 12.64
CA LYS C 238 -31.37 -11.15 13.22
C LYS C 238 -32.41 -10.93 14.32
N GLY C 239 -33.60 -11.45 14.09
CA GLY C 239 -34.66 -11.35 15.07
C GLY C 239 -34.34 -12.12 16.33
N ARG C 240 -33.72 -13.28 16.19
CA ARG C 240 -33.37 -14.08 17.36
C ARG C 240 -32.50 -13.26 18.27
N LEU C 241 -31.68 -12.42 17.66
CA LEU C 241 -30.71 -11.65 18.42
C LEU C 241 -31.43 -10.54 19.16
N ASP C 242 -32.34 -9.86 18.46
CA ASP C 242 -33.17 -8.82 19.09
C ASP C 242 -33.87 -9.35 20.34
N ASP C 243 -34.41 -10.56 20.26
CA ASP C 243 -34.98 -11.20 21.43
C ASP C 243 -33.92 -11.35 22.51
N ILE C 244 -32.78 -11.92 22.14
CA ILE C 244 -31.72 -12.18 23.12
C ILE C 244 -31.35 -10.90 23.86
N ARG C 245 -31.23 -9.82 23.12
CA ARG C 245 -30.91 -8.53 23.72
C ARG C 245 -31.97 -8.07 24.71
N MET C 246 -33.19 -8.52 24.50
CA MET C 246 -34.31 -8.11 25.32
C MET C 246 -34.37 -8.91 26.62
N GLU C 247 -33.97 -10.18 26.57
CA GLU C 247 -34.15 -11.13 27.66
C GLU C 247 -32.88 -11.43 28.47
N MET C 248 -31.73 -11.44 27.78
CA MET C 248 -30.44 -11.71 28.41
C MET C 248 -29.65 -10.43 28.56
N ASP C 249 -30.04 -9.58 29.50
CA ASP C 249 -29.36 -8.30 29.66
C ASP C 249 -28.30 -8.45 30.72
N ASP C 250 -28.24 -9.62 31.34
CA ASP C 250 -27.44 -9.83 32.56
C ASP C 250 -26.18 -10.70 32.36
N PHE C 251 -24.99 -10.13 32.65
CA PHE C 251 -23.73 -10.87 32.44
C PHE C 251 -23.69 -12.29 33.05
N GLY C 252 -23.92 -12.39 34.35
CA GLY C 252 -23.98 -13.69 35.01
C GLY C 252 -24.88 -14.72 34.31
N GLU C 253 -26.08 -14.31 33.96
CA GLU C 253 -27.05 -15.26 33.43
C GLU C 253 -26.58 -15.74 32.07
N VAL C 254 -26.19 -14.81 31.22
CA VAL C 254 -25.69 -15.14 29.90
C VAL C 254 -24.45 -16.03 30.00
N PHE C 255 -23.52 -15.63 30.85
CA PHE C 255 -22.31 -16.42 31.05
C PHE C 255 -22.61 -17.88 31.39
N GLN C 256 -23.44 -18.07 32.41
CA GLN C 256 -23.84 -19.43 32.82
C GLN C 256 -24.47 -20.23 31.68
N ILE C 257 -25.34 -19.60 30.90
CA ILE C 257 -25.98 -20.31 29.79
C ILE C 257 -24.99 -20.82 28.78
N ILE C 258 -24.09 -19.93 28.34
CA ILE C 258 -23.04 -20.31 27.39
C ILE C 258 -22.28 -21.51 27.96
N LEU C 259 -21.91 -21.37 29.23
CA LEU C 259 -21.20 -22.43 29.94
C LEU C 259 -21.90 -23.80 29.86
N ASN C 260 -23.18 -23.85 30.22
CA ASN C 260 -23.95 -25.10 30.15
C ASN C 260 -24.01 -25.67 28.74
N THR C 261 -24.16 -24.78 27.76
CA THR C 261 -24.13 -25.18 26.36
C THR C 261 -22.82 -25.89 25.97
N VAL C 262 -21.68 -25.25 26.21
CA VAL C 262 -20.41 -25.78 25.69
C VAL C 262 -19.76 -26.84 26.57
N LYS C 263 -20.19 -26.94 27.81
CA LYS C 263 -19.54 -27.85 28.75
C LYS C 263 -19.60 -29.25 28.19
N ASP C 264 -18.49 -29.97 28.36
CA ASP C 264 -18.33 -31.37 27.96
C ASP C 264 -18.52 -31.56 26.45
N SER C 265 -17.98 -30.59 25.72
CA SER C 265 -18.22 -30.41 24.30
C SER C 265 -16.93 -29.92 23.70
N LYS C 266 -16.70 -30.20 22.43
CA LYS C 266 -15.46 -29.72 21.80
C LYS C 266 -15.36 -28.18 21.77
N ALA C 267 -16.38 -27.51 22.30
CA ALA C 267 -16.41 -26.03 22.30
C ALA C 267 -15.92 -25.37 23.57
N GLU C 268 -15.84 -26.15 24.65
CA GLU C 268 -15.41 -25.62 25.94
C GLU C 268 -14.03 -24.99 25.87
N PRO C 269 -13.03 -25.71 25.30
CA PRO C 269 -11.64 -25.22 25.28
C PRO C 269 -11.52 -23.88 24.58
N HIS C 270 -12.31 -23.71 23.51
CA HIS C 270 -12.28 -22.51 22.69
C HIS C 270 -12.82 -21.33 23.45
N PHE C 271 -13.90 -21.57 24.17
CA PHE C 271 -14.56 -20.50 24.88
C PHE C 271 -13.58 -19.99 25.96
N LEU C 272 -12.94 -20.91 26.66
CA LEU C 272 -11.85 -20.55 27.57
C LEU C 272 -10.76 -19.75 26.87
N SER C 273 -10.30 -20.19 25.70
CA SER C 273 -9.26 -19.44 24.99
C SER C 273 -9.71 -18.06 24.52
N ILE C 274 -10.99 -17.94 24.19
CA ILE C 274 -11.56 -16.62 23.88
C ILE C 274 -11.45 -15.67 25.09
N LEU C 275 -11.97 -16.11 26.24
CA LEU C 275 -11.90 -15.35 27.50
C LEU C 275 -10.47 -15.04 27.93
N GLN C 276 -9.57 -15.99 27.73
CA GLN C 276 -8.17 -15.76 28.06
C GLN C 276 -7.56 -14.68 27.14
N HIS C 277 -7.86 -14.73 25.84
CA HIS C 277 -7.31 -13.71 24.94
C HIS C 277 -7.85 -12.32 25.22
N LEU C 278 -9.04 -12.22 25.79
CA LEU C 278 -9.62 -10.92 26.03
C LEU C 278 -8.86 -10.22 27.13
N LEU C 279 -8.27 -11.03 28.00
CA LEU C 279 -7.55 -10.51 29.15
C LEU C 279 -6.25 -9.87 28.67
N LEU C 280 -5.88 -10.22 27.44
CA LEU C 280 -4.67 -9.72 26.80
C LEU C 280 -4.88 -8.39 26.11
N VAL C 281 -6.11 -7.94 26.05
CA VAL C 281 -6.35 -6.67 25.41
C VAL C 281 -5.59 -5.58 26.15
N ARG C 282 -4.79 -4.84 25.39
CA ARG C 282 -3.97 -3.75 25.92
C ARG C 282 -4.69 -2.90 26.95
N ASN C 283 -4.07 -2.74 28.11
CA ASN C 283 -4.72 -1.97 29.17
C ASN C 283 -4.49 -0.47 28.96
N ASP C 284 -5.21 0.07 27.97
CA ASP C 284 -5.23 1.50 27.64
C ASP C 284 -6.68 2.04 27.51
N TYR C 285 -6.95 3.20 28.12
CA TYR C 285 -8.30 3.75 28.21
C TYR C 285 -8.95 3.88 26.86
N GLU C 286 -8.19 4.30 25.84
CA GLU C 286 -8.75 4.48 24.48
C GLU C 286 -8.84 3.22 23.63
N ALA C 287 -7.81 2.37 23.71
CA ALA C 287 -7.74 1.25 22.79
C ALA C 287 -8.63 0.14 23.24
N ARG C 288 -8.82 0.00 24.55
CA ARG C 288 -9.49 -1.19 25.05
C ARG C 288 -10.90 -1.34 24.52
N PRO C 289 -11.70 -0.27 24.57
CA PRO C 289 -13.06 -0.33 24.01
C PRO C 289 -13.07 -0.63 22.51
N GLN C 290 -12.03 -0.15 21.82
CA GLN C 290 -11.94 -0.38 20.37
C GLN C 290 -11.60 -1.80 19.98
N TYR C 291 -10.83 -2.45 20.83
CA TYR C 291 -10.49 -3.83 20.64
C TYR C 291 -11.79 -4.58 20.76
N TYR C 292 -12.49 -4.31 21.85
CA TYR C 292 -13.69 -5.06 22.17
C TYR C 292 -14.72 -4.84 21.07
N LYS C 293 -14.98 -3.58 20.71
CA LYS C 293 -15.79 -3.28 19.54
C LYS C 293 -15.42 -4.11 18.31
N LEU C 294 -14.15 -4.09 17.95
CA LEU C 294 -13.69 -4.76 16.73
C LEU C 294 -13.93 -6.24 16.81
N ILE C 295 -13.57 -6.84 17.94
CA ILE C 295 -13.85 -8.24 18.21
C ILE C 295 -15.35 -8.50 18.00
N GLU C 296 -16.16 -7.58 18.50
CA GLU C 296 -17.59 -7.73 18.49
C GLU C 296 -18.15 -7.69 17.07
N GLU C 297 -17.58 -6.81 16.23
CA GLU C 297 -18.05 -6.70 14.85
C GLU C 297 -17.65 -7.91 14.02
N CYS C 298 -16.57 -8.60 14.41
CA CYS C 298 -16.13 -9.78 13.68
C CYS C 298 -16.91 -10.96 14.14
N VAL C 299 -17.05 -11.11 15.45
CA VAL C 299 -18.03 -12.08 15.95
C VAL C 299 -19.42 -11.96 15.30
N SER C 300 -19.90 -10.75 15.06
CA SER C 300 -21.19 -10.61 14.40
C SER C 300 -21.21 -11.16 12.96
N GLN C 301 -20.24 -10.81 12.13
CA GLN C 301 -20.16 -11.36 10.76
C GLN C 301 -20.05 -12.87 10.73
N ILE C 302 -19.46 -13.45 11.78
CA ILE C 302 -19.29 -14.90 11.84
C ILE C 302 -20.55 -15.65 12.27
N VAL C 303 -21.22 -15.15 13.30
CA VAL C 303 -22.31 -15.86 13.93
C VAL C 303 -23.62 -15.59 13.20
N LEU C 304 -23.88 -14.33 12.91
CA LEU C 304 -25.03 -13.98 12.07
C LEU C 304 -24.56 -14.03 10.64
N HIS C 305 -24.20 -15.20 10.15
CA HIS C 305 -23.66 -15.26 8.80
C HIS C 305 -24.77 -15.02 7.79
N LYS C 306 -24.39 -14.45 6.66
CA LYS C 306 -25.36 -14.05 5.65
C LYS C 306 -25.99 -15.18 4.85
N ASN C 307 -27.23 -14.98 4.43
CA ASN C 307 -27.90 -15.94 3.56
C ASN C 307 -28.26 -17.24 4.26
N GLY C 308 -28.35 -17.20 5.57
CA GLY C 308 -28.76 -18.35 6.33
C GLY C 308 -27.89 -19.58 6.12
N THR C 309 -26.59 -19.37 5.93
CA THR C 309 -25.66 -20.49 5.94
C THR C 309 -24.59 -20.32 7.00
N ASP C 310 -24.09 -21.45 7.47
CA ASP C 310 -22.88 -21.48 8.28
C ASP C 310 -21.75 -20.87 7.47
N PRO C 311 -20.75 -20.32 8.16
CA PRO C 311 -19.46 -19.90 7.61
C PRO C 311 -18.67 -21.09 7.04
N ASP C 312 -17.79 -20.83 6.08
CA ASP C 312 -17.01 -21.91 5.50
C ASP C 312 -15.84 -22.28 6.42
N PHE C 313 -16.05 -23.24 7.31
CA PHE C 313 -15.02 -23.61 8.26
C PHE C 313 -13.72 -24.16 7.62
N LYS C 314 -13.75 -24.44 6.32
CA LYS C 314 -12.60 -25.08 5.66
C LYS C 314 -11.67 -24.08 4.94
N CYS C 315 -12.19 -22.89 4.61
CA CYS C 315 -11.35 -21.89 3.96
C CYS C 315 -10.17 -21.58 4.89
N ARG C 316 -8.96 -21.58 4.34
CA ARG C 316 -7.77 -21.26 5.14
C ARG C 316 -7.59 -19.76 5.37
N HIS C 317 -8.15 -18.96 4.48
CA HIS C 317 -8.18 -17.51 4.69
C HIS C 317 -9.63 -17.05 4.65
N LEU C 318 -10.23 -16.97 5.83
CA LEU C 318 -11.57 -16.43 5.97
C LEU C 318 -11.50 -14.91 5.86
N GLN C 319 -12.39 -14.35 5.06
CA GLN C 319 -12.46 -12.89 4.92
C GLN C 319 -13.69 -12.34 5.65
N ILE C 320 -13.48 -11.27 6.39
CA ILE C 320 -14.55 -10.63 7.13
C ILE C 320 -14.65 -9.19 6.73
N ASP C 321 -15.83 -8.75 6.29
CA ASP C 321 -16.11 -7.31 5.98
C ASP C 321 -16.98 -6.62 7.02
N ILE C 322 -16.42 -5.70 7.78
CA ILE C 322 -17.25 -5.10 8.81
C ILE C 322 -17.71 -3.68 8.45
N GLU C 323 -17.44 -3.29 7.20
CA GLU C 323 -18.09 -2.11 6.63
C GLU C 323 -19.57 -2.37 6.40
N ARG C 324 -20.37 -1.31 6.47
CA ARG C 324 -21.80 -1.42 6.18
C ARG C 324 -22.11 -1.84 4.74
N LEU C 325 -23.05 -2.77 4.56
CA LEU C 325 -23.63 -3.06 3.24
C LEU C 325 -24.44 -1.90 2.62
N VAL C 326 -25.54 -1.51 3.26
CA VAL C 326 -26.30 -0.37 2.78
C VAL C 326 -26.14 0.81 3.71
N ASP C 327 -26.46 2.01 3.21
CA ASP C 327 -26.40 3.21 4.04
C ASP C 327 -27.79 3.85 4.21
N LYS D 2 -62.75 11.42 58.71
CA LYS D 2 -63.66 10.97 57.67
C LYS D 2 -64.32 9.63 57.97
N VAL D 3 -65.16 9.17 57.06
CA VAL D 3 -65.82 7.86 57.17
C VAL D 3 -65.96 7.16 55.83
N TYR D 4 -65.43 5.95 55.74
CA TYR D 4 -65.50 5.18 54.51
C TYR D 4 -66.61 4.15 54.56
N LYS D 5 -66.87 3.53 53.41
CA LYS D 5 -67.84 2.46 53.30
C LYS D 5 -67.45 1.60 52.11
N PRO D 6 -66.64 0.56 52.35
CA PRO D 6 -66.18 -0.35 51.29
C PRO D 6 -67.15 -1.50 51.08
N GLU D 7 -67.31 -1.92 49.83
CA GLU D 7 -68.17 -3.05 49.50
C GLU D 7 -67.54 -4.35 49.99
N VAL D 8 -66.24 -4.52 49.70
CA VAL D 8 -65.49 -5.71 50.08
C VAL D 8 -64.66 -5.47 51.34
N GLN D 9 -64.88 -6.29 52.37
CA GLN D 9 -64.10 -6.23 53.61
C GLN D 9 -62.63 -6.66 53.45
N LEU D 10 -61.71 -5.72 53.67
CA LEU D 10 -60.27 -5.94 53.42
C LEU D 10 -59.49 -6.34 54.68
N ARG D 11 -58.40 -7.07 54.48
CA ARG D 11 -57.43 -7.31 55.57
C ARG D 11 -56.87 -5.99 56.09
N ARG D 12 -56.61 -5.93 57.39
CA ARG D 12 -56.27 -4.65 58.02
C ARG D 12 -54.99 -4.71 58.86
N PRO D 13 -54.33 -3.56 59.03
CA PRO D 13 -53.18 -3.42 59.94
C PRO D 13 -53.69 -3.29 61.37
N ASN D 14 -53.49 -4.31 62.21
CA ASN D 14 -54.05 -4.29 63.57
C ASN D 14 -53.27 -3.44 64.55
N TRP D 15 -53.00 -2.19 64.15
CA TRP D 15 -52.25 -1.26 65.00
C TRP D 15 -53.07 -0.81 66.20
N SER D 16 -52.47 0.03 67.03
CA SER D 16 -53.19 0.68 68.10
C SER D 16 -53.36 2.13 67.68
N LYS D 17 -54.61 2.57 67.56
CA LYS D 17 -54.96 3.86 66.96
C LYS D 17 -54.80 5.08 67.88
N PHE D 18 -54.78 6.27 67.29
CA PHE D 18 -54.98 7.51 68.04
C PHE D 18 -56.36 8.11 67.70
N VAL D 19 -56.96 8.82 68.66
CA VAL D 19 -58.14 9.61 68.35
C VAL D 19 -57.88 11.09 68.66
N ALA D 20 -58.28 11.96 67.72
CA ALA D 20 -58.01 13.40 67.83
C ALA D 20 -58.20 13.93 69.24
N GLU D 21 -59.37 13.65 69.82
CA GLU D 21 -59.77 14.15 71.13
C GLU D 21 -58.61 14.58 72.03
N ASP D 22 -58.13 13.64 72.84
CA ASP D 22 -57.00 13.91 73.73
C ASP D 22 -55.72 13.39 73.10
N LEU D 23 -55.83 12.33 72.32
CA LEU D 23 -54.65 11.64 71.77
C LEU D 23 -53.71 12.55 70.95
N SER D 24 -54.25 13.46 70.14
CA SER D 24 -53.43 14.45 69.41
C SER D 24 -53.23 15.75 70.22
N GLN D 25 -52.37 16.65 69.75
CA GLN D 25 -52.11 17.93 70.42
C GLN D 25 -51.68 19.05 69.47
N ASP D 26 -50.38 19.18 69.28
CA ASP D 26 -49.86 20.06 68.24
C ASP D 26 -48.74 19.35 67.48
N CYS D 27 -48.94 18.06 67.34
CA CYS D 27 -47.98 17.14 66.75
C CYS D 27 -47.97 17.16 65.23
N PHE D 28 -47.50 16.06 64.65
CA PHE D 28 -47.44 15.86 63.21
C PHE D 28 -48.81 15.58 62.65
N TRP D 29 -49.58 14.78 63.40
CA TRP D 29 -50.83 14.23 62.93
C TRP D 29 -51.94 15.28 62.73
N THR D 30 -51.92 16.34 63.54
CA THR D 30 -52.91 17.40 63.40
C THR D 30 -52.91 18.03 62.01
N LYS D 31 -51.72 18.36 61.51
CA LYS D 31 -51.57 19.07 60.25
C LYS D 31 -51.63 18.15 59.03
N VAL D 32 -52.46 17.11 59.09
CA VAL D 32 -52.51 16.13 57.99
C VAL D 32 -53.80 16.23 57.18
N LYS D 33 -53.65 16.70 55.95
CA LYS D 33 -54.79 16.79 55.03
C LYS D 33 -55.12 15.38 54.55
N GLU D 34 -56.31 14.91 54.91
CA GLU D 34 -56.70 13.51 54.67
C GLU D 34 -57.02 13.18 53.22
N ASP D 35 -57.52 14.17 52.49
CA ASP D 35 -57.85 13.96 51.08
C ASP D 35 -56.63 14.16 50.20
N ARG D 36 -55.52 14.56 50.82
CA ARG D 36 -54.29 14.85 50.08
C ARG D 36 -53.79 13.68 49.23
N PHE D 37 -54.27 12.47 49.54
CA PHE D 37 -53.80 11.29 48.83
C PHE D 37 -54.92 10.41 48.30
N GLU D 38 -56.17 10.82 48.55
CA GLU D 38 -57.33 10.04 48.13
C GLU D 38 -57.53 9.98 46.62
N ASN D 39 -57.59 8.76 46.09
CA ASN D 39 -58.10 8.52 44.76
C ASN D 39 -59.14 7.43 44.93
N ASN D 40 -60.05 7.29 43.97
CA ASN D 40 -60.95 6.15 44.00
C ASN D 40 -60.27 4.98 43.33
N GLU D 41 -59.23 5.28 42.57
CA GLU D 41 -58.42 4.25 41.94
C GLU D 41 -57.57 3.58 43.00
N LEU D 42 -57.05 4.40 43.92
CA LEU D 42 -56.25 3.88 45.03
C LEU D 42 -57.03 2.78 45.72
N PHE D 43 -58.18 3.12 46.29
CA PHE D 43 -59.00 2.15 46.99
C PHE D 43 -59.44 1.02 46.06
N ALA D 44 -59.41 1.29 44.75
CA ALA D 44 -59.69 0.26 43.77
C ALA D 44 -58.57 -0.77 43.84
N LYS D 45 -57.37 -0.37 43.44
CA LYS D 45 -56.20 -1.25 43.44
C LYS D 45 -56.04 -1.97 44.78
N LEU D 46 -56.47 -1.28 45.83
CA LEU D 46 -56.32 -1.74 47.21
C LEU D 46 -57.26 -2.87 47.52
N THR D 47 -58.55 -2.68 47.24
CA THR D 47 -59.56 -3.72 47.49
C THR D 47 -59.26 -4.94 46.63
N LEU D 48 -58.49 -4.72 45.57
CA LEU D 48 -58.07 -5.81 44.69
C LEU D 48 -57.10 -6.74 45.41
N ALA D 49 -55.97 -6.18 45.85
CA ALA D 49 -54.92 -7.00 46.45
C ALA D 49 -55.30 -7.62 47.79
N PHE D 50 -55.79 -6.78 48.70
CA PHE D 50 -55.94 -7.18 50.10
C PHE D 50 -57.34 -7.56 50.54
N SER D 51 -58.19 -7.96 49.61
CA SER D 51 -59.54 -8.39 49.98
C SER D 51 -59.48 -9.77 50.63
N ALA D 52 -60.46 -10.07 51.50
CA ALA D 52 -60.49 -11.36 52.20
C ALA D 52 -61.60 -12.32 51.74
N GLN D 53 -61.39 -12.96 50.59
CA GLN D 53 -62.36 -13.91 50.06
C GLN D 53 -62.11 -15.31 50.62
N LYS D 78 -83.25 -39.97 64.00
CA LYS D 78 -83.97 -41.01 64.74
C LYS D 78 -83.62 -40.97 66.23
N GLU D 79 -83.15 -42.10 66.79
CA GLU D 79 -82.84 -42.13 68.22
C GLU D 79 -81.91 -43.26 68.67
N LEU D 80 -81.05 -42.94 69.63
CA LEU D 80 -80.01 -43.87 70.10
C LEU D 80 -80.45 -44.77 71.24
N LYS D 81 -80.23 -46.07 71.06
CA LYS D 81 -80.70 -47.08 71.99
C LYS D 81 -79.56 -47.80 72.73
N VAL D 82 -78.30 -47.49 72.37
CA VAL D 82 -77.16 -48.16 73.00
C VAL D 82 -75.91 -47.28 73.11
N LEU D 83 -75.43 -46.77 71.98
CA LEU D 83 -74.20 -45.99 71.95
C LEU D 83 -74.31 -44.72 72.78
N ASP D 84 -73.18 -44.29 73.34
CA ASP D 84 -73.08 -42.97 73.96
C ASP D 84 -73.20 -41.92 72.88
N SER D 85 -73.21 -40.65 73.27
CA SER D 85 -73.40 -39.57 72.30
C SER D 85 -72.14 -39.31 71.46
N LYS D 86 -70.96 -39.55 72.03
CA LYS D 86 -69.69 -39.33 71.32
C LYS D 86 -69.42 -40.34 70.20
N THR D 87 -69.67 -41.61 70.48
CA THR D 87 -69.49 -42.68 69.49
C THR D 87 -70.47 -42.57 68.32
N ALA D 88 -71.76 -42.36 68.62
CA ALA D 88 -72.77 -42.23 67.57
C ALA D 88 -72.46 -41.09 66.62
N GLN D 89 -71.71 -40.10 67.13
CA GLN D 89 -71.38 -38.91 66.35
C GLN D 89 -70.11 -39.12 65.51
N ASN D 90 -69.12 -39.78 66.09
CA ASN D 90 -67.92 -40.15 65.37
C ASN D 90 -68.17 -41.16 64.25
N LEU D 91 -69.13 -42.06 64.48
CA LEU D 91 -69.60 -42.97 63.44
C LEU D 91 -70.48 -42.27 62.40
N SER D 92 -71.45 -41.49 62.86
CA SER D 92 -72.31 -40.70 61.97
C SER D 92 -71.47 -39.98 60.92
N ILE D 93 -70.30 -39.49 61.35
CA ILE D 93 -69.33 -38.87 60.45
C ILE D 93 -68.68 -39.91 59.55
N PHE D 94 -67.69 -40.60 60.10
CA PHE D 94 -67.02 -41.72 59.43
C PHE D 94 -67.91 -42.41 58.38
N LEU D 95 -69.08 -42.86 58.82
CA LEU D 95 -69.98 -43.63 57.96
C LEU D 95 -70.48 -42.87 56.73
N GLY D 96 -70.91 -41.62 56.93
CA GLY D 96 -71.40 -40.79 55.85
C GLY D 96 -70.34 -40.62 54.77
N SER D 97 -69.08 -40.60 55.21
CA SER D 97 -67.95 -40.45 54.31
C SER D 97 -67.57 -41.78 53.64
N PHE D 98 -67.37 -42.81 54.44
CA PHE D 98 -67.09 -44.15 53.93
C PHE D 98 -68.03 -44.54 52.79
N ARG D 99 -69.32 -44.64 53.11
CA ARG D 99 -70.33 -44.96 52.10
C ARG D 99 -70.11 -46.33 51.49
N MET D 100 -70.67 -47.35 52.12
CA MET D 100 -70.64 -48.68 51.52
C MET D 100 -71.65 -49.54 52.23
N PRO D 101 -72.34 -50.41 51.48
CA PRO D 101 -73.33 -51.28 52.14
C PRO D 101 -72.73 -51.88 53.40
N TYR D 102 -73.39 -51.72 54.54
CA TYR D 102 -72.91 -52.29 55.78
C TYR D 102 -72.70 -53.80 55.62
N GLN D 103 -73.41 -54.38 54.67
CA GLN D 103 -73.28 -55.80 54.34
C GLN D 103 -72.00 -56.06 53.55
N GLU D 104 -71.74 -55.21 52.55
CA GLU D 104 -70.52 -55.33 51.76
C GLU D 104 -69.30 -55.28 52.66
N ILE D 105 -69.28 -54.33 53.58
CA ILE D 105 -68.18 -54.20 54.55
C ILE D 105 -67.94 -55.49 55.32
N LYS D 106 -68.99 -55.98 55.97
CA LYS D 106 -68.93 -57.25 56.69
C LYS D 106 -68.41 -58.40 55.81
N ASN D 107 -68.72 -58.34 54.50
CA ASN D 107 -68.28 -59.37 53.58
C ASN D 107 -66.78 -59.33 53.32
N VAL D 108 -66.28 -58.15 53.00
CA VAL D 108 -64.86 -57.95 52.71
C VAL D 108 -64.01 -58.28 53.94
N ILE D 109 -64.62 -58.26 55.12
CA ILE D 109 -63.92 -58.55 56.38
C ILE D 109 -63.84 -60.05 56.65
N LEU D 110 -64.87 -60.77 56.25
CA LEU D 110 -64.93 -62.22 56.44
C LEU D 110 -64.09 -62.93 55.40
N GLU D 111 -64.24 -62.52 54.15
CA GLU D 111 -63.50 -63.10 53.04
C GLU D 111 -62.02 -62.70 53.13
N VAL D 112 -61.77 -61.55 53.76
CA VAL D 112 -60.45 -60.94 53.71
C VAL D 112 -60.11 -60.61 52.25
N ASN D 113 -61.08 -60.02 51.57
CA ASN D 113 -60.96 -59.70 50.15
C ASN D 113 -60.07 -58.48 49.94
N GLU D 114 -58.79 -58.73 49.68
CA GLU D 114 -57.83 -57.66 49.56
C GLU D 114 -58.05 -56.83 48.29
N ALA D 115 -58.96 -57.31 47.44
CA ALA D 115 -59.30 -56.59 46.23
C ALA D 115 -60.07 -55.32 46.58
N VAL D 116 -60.55 -55.26 47.82
CA VAL D 116 -61.30 -54.10 48.29
C VAL D 116 -60.68 -53.50 49.56
N LEU D 117 -60.01 -54.35 50.34
CA LEU D 117 -59.35 -53.91 51.57
C LEU D 117 -58.15 -53.00 51.34
N THR D 118 -57.96 -52.05 52.25
CA THR D 118 -56.76 -51.23 52.24
C THR D 118 -56.30 -51.01 53.68
N GLU D 119 -55.02 -50.68 53.85
CA GLU D 119 -54.46 -50.47 55.17
C GLU D 119 -55.21 -49.38 55.91
N SER D 120 -55.34 -48.21 55.27
CA SER D 120 -56.09 -47.10 55.84
C SER D 120 -57.51 -47.56 56.23
N MET D 121 -58.25 -48.07 55.24
CA MET D 121 -59.63 -48.52 55.47
C MET D 121 -59.79 -49.33 56.76
N ILE D 122 -58.84 -50.23 57.00
CA ILE D 122 -58.90 -51.11 58.15
C ILE D 122 -58.64 -50.35 59.46
N GLN D 123 -57.70 -49.40 59.42
CA GLN D 123 -57.33 -48.62 60.61
C GLN D 123 -58.46 -47.71 61.06
N ASN D 124 -59.15 -47.09 60.10
CA ASN D 124 -60.34 -46.32 60.43
C ASN D 124 -61.35 -47.21 61.16
N LEU D 125 -61.54 -48.43 60.65
CA LEU D 125 -62.49 -49.33 61.27
C LEU D 125 -62.12 -49.60 62.72
N ILE D 126 -60.85 -49.93 62.95
CA ILE D 126 -60.37 -50.23 64.31
C ILE D 126 -60.50 -49.04 65.28
N LYS D 127 -60.29 -47.83 64.76
CA LYS D 127 -60.41 -46.60 65.54
C LYS D 127 -61.87 -46.19 65.76
N GLN D 128 -62.70 -46.31 64.72
CA GLN D 128 -64.11 -45.90 64.77
C GLN D 128 -64.97 -46.91 65.50
N MET D 129 -64.54 -48.16 65.52
CA MET D 129 -65.36 -49.28 66.03
C MET D 129 -65.85 -49.05 67.45
N PRO D 130 -67.15 -49.25 67.66
CA PRO D 130 -67.72 -49.29 69.02
C PRO D 130 -66.97 -50.31 69.85
N GLU D 131 -67.14 -50.26 71.17
CA GLU D 131 -66.52 -51.23 72.06
C GLU D 131 -67.23 -52.58 71.91
N PRO D 132 -66.61 -53.66 72.40
CA PRO D 132 -67.17 -55.00 72.22
C PRO D 132 -68.51 -55.20 72.98
N GLU D 133 -68.66 -54.51 74.10
CA GLU D 133 -69.90 -54.54 74.85
C GLU D 133 -71.02 -53.85 74.09
N GLN D 134 -70.75 -52.64 73.59
CA GLN D 134 -71.72 -51.92 72.78
C GLN D 134 -72.23 -52.76 71.58
N LEU D 135 -71.35 -53.57 70.98
CA LEU D 135 -71.75 -54.44 69.87
C LEU D 135 -72.55 -55.62 70.39
N LYS D 136 -72.32 -55.98 71.65
CA LYS D 136 -73.03 -57.07 72.30
C LYS D 136 -74.49 -56.67 72.46
N MET D 137 -74.70 -55.47 72.96
CA MET D 137 -76.04 -54.94 73.18
C MET D 137 -76.74 -54.52 71.88
N LEU D 138 -76.01 -54.52 70.77
CA LEU D 138 -76.59 -54.12 69.48
C LEU D 138 -77.04 -55.31 68.62
N SER D 139 -76.52 -56.50 68.90
CA SER D 139 -76.92 -57.70 68.16
C SER D 139 -77.99 -58.49 68.92
N GLU D 140 -78.48 -57.88 70.00
CA GLU D 140 -79.63 -58.39 70.73
C GLU D 140 -80.83 -57.51 70.38
N LEU D 141 -80.53 -56.42 69.68
CA LEU D 141 -81.55 -55.49 69.14
C LEU D 141 -81.76 -55.71 67.64
N LYS D 142 -81.18 -56.77 67.10
CA LYS D 142 -81.27 -57.08 65.67
C LYS D 142 -82.72 -57.41 65.25
N GLU D 143 -83.65 -57.28 66.19
CA GLU D 143 -85.08 -57.39 65.92
C GLU D 143 -85.56 -56.13 65.21
N GLU D 144 -85.46 -55.00 65.91
CA GLU D 144 -85.84 -53.71 65.36
C GLU D 144 -84.68 -53.07 64.60
N TYR D 145 -84.41 -53.54 63.37
CA TYR D 145 -83.29 -53.04 62.59
C TYR D 145 -83.55 -51.70 61.90
N ASP D 146 -84.68 -51.59 61.22
CA ASP D 146 -85.01 -50.40 60.44
C ASP D 146 -85.42 -49.24 61.36
N ASP D 147 -85.58 -49.56 62.65
CA ASP D 147 -85.98 -48.60 63.69
C ASP D 147 -84.79 -47.80 64.27
N LEU D 148 -83.56 -48.24 63.99
CA LEU D 148 -82.35 -47.66 64.60
C LEU D 148 -81.71 -46.55 63.79
N ALA D 149 -80.94 -45.71 64.48
CA ALA D 149 -80.20 -44.65 63.82
C ALA D 149 -79.11 -45.29 62.95
N GLU D 150 -78.73 -44.60 61.87
CA GLU D 150 -77.78 -45.15 60.91
C GLU D 150 -76.46 -45.56 61.58
N SER D 151 -76.16 -44.96 62.73
CA SER D 151 -74.93 -45.26 63.45
C SER D 151 -75.05 -46.54 64.28
N GLU D 152 -76.26 -47.05 64.41
CA GLU D 152 -76.46 -48.31 65.12
C GLU D 152 -76.85 -49.45 64.17
N GLN D 153 -77.31 -49.10 62.98
CA GLN D 153 -77.51 -50.07 61.90
C GLN D 153 -76.17 -50.71 61.54
N PHE D 154 -75.13 -49.88 61.43
CA PHE D 154 -73.78 -50.34 61.17
C PHE D 154 -73.24 -51.17 62.34
N GLY D 155 -73.52 -50.73 63.57
CA GLY D 155 -73.06 -51.41 64.76
C GLY D 155 -73.67 -52.78 64.95
N VAL D 156 -74.94 -52.93 64.52
CA VAL D 156 -75.60 -54.23 64.51
C VAL D 156 -74.87 -55.19 63.58
N VAL D 157 -74.66 -54.77 62.33
CA VAL D 157 -73.97 -55.57 61.32
C VAL D 157 -72.60 -56.10 61.78
N MET D 158 -71.87 -55.29 62.54
CA MET D 158 -70.56 -55.70 63.06
C MET D 158 -70.70 -56.67 64.25
N GLY D 159 -71.78 -56.50 65.01
CA GLY D 159 -72.10 -57.38 66.13
C GLY D 159 -72.24 -58.84 65.72
N THR D 160 -72.39 -59.07 64.42
CA THR D 160 -72.41 -60.41 63.83
C THR D 160 -71.03 -61.04 63.89
N VAL D 161 -70.14 -60.49 63.08
CA VAL D 161 -68.80 -61.03 62.88
C VAL D 161 -68.16 -61.47 64.19
N PRO D 162 -67.93 -62.78 64.33
CA PRO D 162 -67.33 -63.35 65.54
C PRO D 162 -65.87 -62.94 65.63
N ARG D 163 -65.41 -62.65 66.85
CA ARG D 163 -64.01 -62.32 67.08
C ARG D 163 -63.61 -61.14 66.23
N LEU D 164 -64.40 -60.08 66.30
CA LEU D 164 -64.20 -58.93 65.45
C LEU D 164 -62.79 -58.33 65.56
N ARG D 165 -62.40 -57.92 66.76
CA ARG D 165 -61.16 -57.16 66.90
C ARG D 165 -59.93 -57.97 66.53
N PRO D 166 -59.85 -59.23 66.98
CA PRO D 166 -58.76 -60.09 66.52
C PRO D 166 -58.78 -60.18 65.02
N ARG D 167 -59.96 -60.32 64.44
CA ARG D 167 -60.06 -60.39 62.99
C ARG D 167 -59.37 -59.16 62.38
N LEU D 168 -59.83 -57.98 62.75
CA LEU D 168 -59.26 -56.73 62.23
C LEU D 168 -57.74 -56.58 62.43
N ASN D 169 -57.27 -56.74 63.67
CA ASN D 169 -55.84 -56.65 63.97
C ASN D 169 -55.01 -57.56 63.08
N ALA D 170 -55.36 -58.85 63.05
CA ALA D 170 -54.63 -59.80 62.24
C ALA D 170 -54.70 -59.41 60.77
N ILE D 171 -55.83 -58.90 60.33
CA ILE D 171 -55.91 -58.46 58.94
C ILE D 171 -54.93 -57.30 58.69
N LEU D 172 -55.01 -56.28 59.54
CA LEU D 172 -54.13 -55.13 59.45
C LEU D 172 -52.67 -55.55 59.34
N PHE D 173 -52.25 -56.42 60.25
CA PHE D 173 -50.87 -56.93 60.24
C PHE D 173 -50.46 -57.50 58.88
N LYS D 174 -51.32 -58.32 58.29
CA LYS D 174 -51.08 -58.88 56.96
C LYS D 174 -50.97 -57.79 55.91
N LEU D 175 -51.80 -56.76 56.01
CA LEU D 175 -51.75 -55.64 55.09
C LEU D 175 -50.42 -54.87 55.19
N GLN D 176 -49.81 -54.91 56.37
CA GLN D 176 -48.61 -54.14 56.65
C GLN D 176 -47.32 -54.94 56.51
N PHE D 177 -47.43 -56.26 56.42
CA PHE D 177 -46.28 -57.14 56.54
C PHE D 177 -45.22 -56.96 55.45
N SER D 178 -45.64 -57.05 54.19
CA SER D 178 -44.71 -56.89 53.09
C SER D 178 -43.88 -55.62 53.28
N GLU D 179 -44.55 -54.52 53.61
CA GLU D 179 -43.90 -53.23 53.77
C GLU D 179 -42.94 -53.16 54.96
N GLN D 180 -43.28 -53.82 56.07
CA GLN D 180 -42.45 -53.72 57.27
C GLN D 180 -41.25 -54.66 57.19
N VAL D 181 -41.28 -55.55 56.20
CA VAL D 181 -40.13 -56.37 55.93
C VAL D 181 -39.12 -55.53 55.17
N GLU D 182 -39.59 -54.67 54.29
CA GLU D 182 -38.68 -53.88 53.45
C GLU D 182 -38.13 -52.65 54.17
N ASN D 183 -38.50 -52.48 55.43
CA ASN D 183 -37.91 -51.44 56.26
C ASN D 183 -36.92 -52.07 57.20
N ILE D 184 -36.56 -53.32 56.90
CA ILE D 184 -35.66 -54.09 57.74
C ILE D 184 -34.56 -54.72 56.89
N LYS D 185 -34.95 -55.34 55.79
CA LYS D 185 -34.01 -56.11 54.98
C LYS D 185 -32.88 -55.19 54.52
N PRO D 186 -33.23 -54.11 53.82
CA PRO D 186 -32.26 -53.14 53.30
C PRO D 186 -31.15 -52.82 54.33
N GLU D 187 -31.54 -52.35 55.50
CA GLU D 187 -30.59 -51.99 56.56
C GLU D 187 -29.67 -53.14 56.94
N ILE D 188 -30.21 -54.33 57.07
CA ILE D 188 -29.38 -55.50 57.37
C ILE D 188 -28.44 -55.78 56.20
N VAL D 189 -28.90 -55.46 54.99
CA VAL D 189 -28.07 -55.64 53.81
C VAL D 189 -26.91 -54.64 53.85
N SER D 190 -27.22 -53.34 53.78
CA SER D 190 -26.24 -52.29 54.01
C SER D 190 -25.18 -52.68 55.03
N VAL D 191 -25.60 -52.91 56.27
CA VAL D 191 -24.65 -53.19 57.36
C VAL D 191 -23.81 -54.42 57.11
N THR D 192 -24.40 -55.43 56.48
CA THR D 192 -23.65 -56.63 56.16
C THR D 192 -22.61 -56.32 55.11
N ALA D 193 -23.06 -55.69 54.02
CA ALA D 193 -22.17 -55.21 52.97
C ALA D 193 -21.00 -54.40 53.54
N ALA D 194 -21.30 -53.36 54.32
CA ALA D 194 -20.24 -52.56 54.94
C ALA D 194 -19.23 -53.44 55.64
N CYS D 195 -19.71 -54.33 56.51
CA CYS D 195 -18.82 -55.22 57.26
C CYS D 195 -17.92 -56.08 56.36
N GLU D 196 -18.44 -56.47 55.20
CA GLU D 196 -17.68 -57.30 54.27
C GLU D 196 -16.67 -56.41 53.53
N GLU D 197 -17.18 -55.37 52.87
CA GLU D 197 -16.36 -54.36 52.21
C GLU D 197 -15.12 -53.99 53.02
N LEU D 198 -15.31 -53.71 54.31
CA LEU D 198 -14.20 -53.28 55.17
C LEU D 198 -13.16 -54.38 55.36
N ARG D 199 -13.64 -55.60 55.58
CA ARG D 199 -12.77 -56.72 55.86
C ARG D 199 -12.00 -57.16 54.63
N LYS D 200 -12.52 -56.80 53.47
CA LYS D 200 -11.98 -57.24 52.18
C LYS D 200 -11.17 -56.14 51.47
N SER D 201 -11.23 -54.92 51.99
CA SER D 201 -10.52 -53.84 51.33
C SER D 201 -9.06 -53.85 51.69
N GLU D 202 -8.23 -54.24 50.73
CA GLU D 202 -6.79 -54.25 50.96
C GLU D 202 -6.20 -52.85 50.81
N ASN D 203 -6.82 -52.01 49.99
CA ASN D 203 -6.40 -50.63 49.92
C ASN D 203 -6.59 -49.91 51.27
N PHE D 204 -7.61 -50.33 52.02
CA PHE D 204 -7.81 -49.76 53.34
C PHE D 204 -6.74 -50.32 54.27
N SER D 205 -6.54 -51.64 54.22
CA SER D 205 -5.49 -52.30 55.00
C SER D 205 -4.15 -51.62 54.76
N SER D 206 -3.88 -51.31 53.50
CA SER D 206 -2.66 -50.61 53.13
C SER D 206 -2.53 -49.32 53.97
N LEU D 207 -3.52 -48.44 53.84
CA LEU D 207 -3.52 -47.18 54.57
C LEU D 207 -3.24 -47.36 56.06
N LEU D 208 -3.79 -48.42 56.63
CA LEU D 208 -3.57 -48.71 58.04
C LEU D 208 -2.10 -49.02 58.29
N GLU D 209 -1.53 -49.92 57.48
CA GLU D 209 -0.12 -50.27 57.62
C GLU D 209 0.77 -49.03 57.52
N LEU D 210 0.55 -48.26 56.46
CA LEU D 210 1.27 -47.01 56.25
C LEU D 210 1.21 -46.14 57.50
N THR D 211 0.04 -46.08 58.10
CA THR D 211 -0.19 -45.20 59.24
C THR D 211 0.60 -45.68 60.45
N LEU D 212 0.59 -46.99 60.69
CA LEU D 212 1.35 -47.55 61.78
C LEU D 212 2.83 -47.23 61.62
N LEU D 213 3.29 -47.33 60.39
CA LEU D 213 4.68 -47.08 60.08
C LEU D 213 5.05 -45.66 60.48
N VAL D 214 4.47 -44.71 59.77
CA VAL D 214 4.65 -43.29 60.05
C VAL D 214 4.44 -42.94 61.53
N GLY D 215 3.46 -43.56 62.16
CA GLY D 215 3.17 -43.27 63.55
C GLY D 215 4.27 -43.77 64.46
N ASN D 216 4.67 -45.01 64.24
CA ASN D 216 5.72 -45.60 65.05
C ASN D 216 7.07 -44.86 65.00
N TYR D 217 7.36 -44.23 63.87
CA TYR D 217 8.54 -43.40 63.78
C TYR D 217 8.41 -42.16 64.68
N MET D 218 7.31 -41.44 64.55
CA MET D 218 7.12 -40.22 65.32
C MET D 218 7.11 -40.54 66.83
N ASN D 219 6.54 -41.69 67.20
CA ASN D 219 6.47 -42.07 68.59
C ASN D 219 7.76 -42.69 69.12
N ALA D 220 8.85 -42.53 68.37
CA ALA D 220 10.14 -43.07 68.80
C ALA D 220 10.52 -42.59 70.21
N GLY D 221 11.04 -43.50 71.03
CA GLY D 221 11.35 -43.18 72.41
C GLY D 221 10.20 -42.76 73.31
N SER D 222 8.98 -42.71 72.77
CA SER D 222 7.80 -42.41 73.58
C SER D 222 7.28 -43.67 74.24
N ARG D 223 6.26 -43.51 75.08
CA ARG D 223 5.58 -44.68 75.65
C ARG D 223 4.84 -45.40 74.54
N ASN D 224 4.64 -44.71 73.42
CA ASN D 224 3.87 -45.24 72.30
C ASN D 224 4.75 -45.82 71.23
N ALA D 225 6.03 -45.87 71.54
CA ALA D 225 7.01 -46.41 70.60
C ALA D 225 6.71 -47.87 70.27
N GLY D 226 7.18 -48.33 69.11
CA GLY D 226 7.00 -49.71 68.68
C GLY D 226 5.63 -50.34 68.86
N ALA D 227 4.60 -49.75 68.26
CA ALA D 227 3.25 -50.28 68.45
C ALA D 227 2.98 -51.38 67.45
N PHE D 228 2.29 -52.43 67.88
CA PHE D 228 1.84 -53.48 66.94
C PHE D 228 0.60 -53.10 66.18
N GLY D 229 -0.08 -52.05 66.67
CA GLY D 229 -1.28 -51.53 66.04
C GLY D 229 -1.83 -50.38 66.87
N PHE D 230 -2.81 -49.68 66.32
CA PHE D 230 -3.60 -48.70 67.07
C PHE D 230 -5.07 -49.00 66.91
N ASN D 231 -5.90 -48.41 67.74
CA ASN D 231 -7.32 -48.59 67.56
C ASN D 231 -7.84 -47.80 66.35
N ILE D 232 -8.42 -48.54 65.40
CA ILE D 232 -9.06 -48.04 64.19
C ILE D 232 -10.03 -46.81 64.34
N SER D 233 -10.43 -46.51 65.57
CA SER D 233 -11.37 -45.43 65.85
C SER D 233 -10.62 -44.11 65.78
N PHE D 234 -9.34 -44.20 66.09
CA PHE D 234 -8.42 -43.07 66.12
C PHE D 234 -8.22 -42.39 64.78
N LEU D 235 -8.58 -43.06 63.69
CA LEU D 235 -8.42 -42.48 62.34
C LEU D 235 -8.88 -41.01 62.19
N CYS D 236 -10.10 -40.69 62.64
CA CYS D 236 -10.61 -39.30 62.56
C CYS D 236 -9.80 -38.31 63.33
N LYS D 237 -8.83 -38.81 64.10
CA LYS D 237 -7.95 -37.94 64.90
C LYS D 237 -6.60 -37.66 64.24
N LEU D 238 -6.25 -38.43 63.21
CA LEU D 238 -4.99 -38.22 62.53
C LEU D 238 -4.83 -36.76 62.22
N ARG D 239 -5.88 -36.19 61.63
CA ARG D 239 -5.95 -34.78 61.29
C ARG D 239 -5.55 -33.86 62.44
N ASP D 240 -5.79 -34.29 63.68
CA ASP D 240 -5.54 -33.44 64.85
C ASP D 240 -4.04 -33.28 65.10
N THR D 241 -3.23 -34.07 64.42
CA THR D 241 -1.76 -34.03 64.56
C THR D 241 -1.12 -33.09 63.52
N LYS D 242 -0.78 -31.89 63.96
CA LYS D 242 -0.36 -30.84 63.03
C LYS D 242 1.15 -30.63 63.11
N SER D 243 1.73 -30.09 62.05
CA SER D 243 3.13 -29.72 62.06
C SER D 243 3.35 -28.44 62.89
N ALA D 244 4.63 -28.09 63.08
CA ALA D 244 5.04 -26.88 63.79
C ALA D 244 4.16 -25.65 63.49
N ASP D 245 4.31 -25.14 62.28
CA ASP D 245 3.38 -24.18 61.69
C ASP D 245 2.19 -25.01 61.30
N GLN D 246 1.06 -24.77 61.93
CA GLN D 246 -0.08 -25.67 61.78
C GLN D 246 -0.60 -25.73 60.34
N LYS D 247 0.34 -25.67 59.39
CA LYS D 247 0.07 -25.66 57.95
C LYS D 247 -0.19 -27.05 57.33
N MET D 248 0.17 -28.10 58.04
CA MET D 248 0.13 -29.45 57.50
C MET D 248 -0.35 -30.43 58.59
N THR D 249 -1.12 -31.45 58.20
CA THR D 249 -1.49 -32.46 59.17
C THR D 249 -0.95 -33.85 58.81
N LEU D 250 -1.00 -34.72 59.79
CA LEU D 250 -0.61 -36.09 59.59
C LEU D 250 -1.50 -36.79 58.53
N LEU D 251 -2.72 -36.30 58.36
CA LEU D 251 -3.68 -36.89 57.40
C LEU D 251 -3.34 -36.47 55.97
N HIS D 252 -3.06 -35.19 55.79
CA HIS D 252 -2.63 -34.68 54.48
C HIS D 252 -1.34 -35.32 54.07
N PHE D 253 -0.44 -35.51 55.04
CA PHE D 253 0.81 -36.18 54.80
C PHE D 253 0.57 -37.58 54.31
N LEU D 254 -0.25 -38.33 55.04
CA LEU D 254 -0.50 -39.71 54.65
C LEU D 254 -1.16 -39.77 53.29
N ALA D 255 -1.99 -38.76 53.01
CA ALA D 255 -2.72 -38.70 51.75
C ALA D 255 -1.82 -38.29 50.59
N GLU D 256 -0.94 -37.31 50.81
CA GLU D 256 0.06 -36.96 49.82
C GLU D 256 0.95 -38.17 49.54
N LEU D 257 1.39 -38.86 50.59
CA LEU D 257 2.20 -40.06 50.43
C LEU D 257 1.52 -41.02 49.47
N CYS D 258 0.25 -41.28 49.71
CA CYS D 258 -0.50 -42.20 48.85
C CYS D 258 -0.54 -41.65 47.45
N GLU D 259 -0.79 -40.35 47.34
CA GLU D 259 -0.91 -39.73 46.03
C GLU D 259 0.40 -39.86 45.25
N ASN D 260 1.51 -39.43 45.85
CA ASN D 260 2.82 -39.55 45.22
C ASN D 260 3.28 -41.01 45.00
N ASP D 261 3.40 -41.76 46.09
CA ASP D 261 4.10 -43.05 46.07
C ASP D 261 3.23 -44.31 46.19
N HIS D 262 1.90 -44.17 46.22
CA HIS D 262 1.04 -45.35 46.37
C HIS D 262 -0.36 -45.10 45.86
N PRO D 263 -0.50 -44.66 44.62
CA PRO D 263 -1.80 -44.20 44.14
C PRO D 263 -2.92 -45.19 44.41
N GLU D 264 -2.61 -46.48 44.45
CA GLU D 264 -3.61 -47.53 44.62
C GLU D 264 -4.49 -47.33 45.86
N VAL D 265 -3.93 -46.74 46.90
CA VAL D 265 -4.65 -46.58 48.15
C VAL D 265 -5.81 -45.59 48.05
N LEU D 266 -5.61 -44.49 47.33
CA LEU D 266 -6.68 -43.52 47.09
C LEU D 266 -7.99 -44.14 46.62
N LYS D 267 -7.96 -45.40 46.22
CA LYS D 267 -9.18 -46.04 45.71
C LYS D 267 -10.00 -46.69 46.83
N PHE D 268 -9.55 -46.59 48.06
CA PHE D 268 -10.26 -47.27 49.15
C PHE D 268 -11.65 -46.72 49.42
N PRO D 269 -11.82 -45.39 49.32
CA PRO D 269 -13.16 -44.79 49.47
C PRO D 269 -14.20 -45.40 48.52
N ASP D 270 -13.75 -46.02 47.43
CA ASP D 270 -14.68 -46.63 46.49
C ASP D 270 -15.00 -48.07 46.86
N GLU D 271 -14.08 -48.70 47.60
CA GLU D 271 -14.27 -50.07 48.07
C GLU D 271 -15.16 -50.15 49.32
N LEU D 272 -15.81 -49.05 49.66
CA LEU D 272 -16.68 -48.99 50.83
C LEU D 272 -18.02 -48.31 50.50
N ALA D 273 -18.68 -48.81 49.46
CA ALA D 273 -19.91 -48.20 48.96
C ALA D 273 -21.06 -48.22 49.95
N HIS D 274 -21.05 -49.19 50.86
CA HIS D 274 -22.13 -49.31 51.82
C HIS D 274 -21.86 -48.72 53.20
N VAL D 275 -20.62 -48.33 53.46
CA VAL D 275 -20.29 -47.72 54.75
C VAL D 275 -21.18 -46.51 55.05
N GLU D 276 -21.50 -45.69 54.05
CA GLU D 276 -22.33 -44.53 54.34
C GLU D 276 -23.71 -44.97 54.80
N LYS D 277 -24.32 -45.91 54.07
CA LYS D 277 -25.64 -46.42 54.47
C LYS D 277 -25.65 -47.08 55.84
N ALA D 278 -24.59 -47.81 56.15
CA ALA D 278 -24.49 -48.46 57.45
C ALA D 278 -24.44 -47.45 58.59
N SER D 279 -23.82 -46.30 58.35
CA SER D 279 -23.64 -45.32 59.41
C SER D 279 -24.97 -44.70 59.76
N ARG D 280 -25.94 -44.89 58.88
CA ARG D 280 -27.24 -44.27 59.05
C ARG D 280 -28.27 -45.21 59.69
N VAL D 281 -27.90 -46.48 59.82
CA VAL D 281 -28.72 -47.48 60.47
C VAL D 281 -28.93 -47.26 61.99
N SER D 282 -29.83 -48.04 62.58
CA SER D 282 -30.02 -48.06 64.04
C SER D 282 -30.15 -49.47 64.59
N ALA D 283 -29.08 -49.99 65.16
CA ALA D 283 -29.07 -51.38 65.57
C ALA D 283 -30.17 -51.67 66.58
N GLU D 284 -30.46 -50.71 67.44
CA GLU D 284 -31.56 -50.82 68.39
C GLU D 284 -32.94 -50.99 67.70
N ASN D 285 -33.38 -49.97 66.96
CA ASN D 285 -34.64 -50.08 66.21
C ASN D 285 -34.75 -51.35 65.39
N LEU D 286 -33.61 -51.85 64.93
CA LEU D 286 -33.58 -53.08 64.15
C LEU D 286 -33.94 -54.24 65.06
N GLN D 287 -33.27 -54.30 66.21
CA GLN D 287 -33.46 -55.36 67.18
C GLN D 287 -34.91 -55.36 67.66
N LYS D 288 -35.46 -54.17 67.85
CA LYS D 288 -36.85 -54.04 68.25
C LYS D 288 -37.76 -54.44 67.11
N SER D 289 -37.50 -53.87 65.93
CA SER D 289 -38.33 -54.10 64.77
C SER D 289 -38.54 -55.59 64.54
N LEU D 290 -37.47 -56.36 64.65
CA LEU D 290 -37.56 -57.82 64.48
C LEU D 290 -38.34 -58.46 65.62
N ASP D 291 -38.00 -58.08 66.84
CA ASP D 291 -38.69 -58.59 68.01
C ASP D 291 -40.19 -58.33 67.99
N GLN D 292 -40.61 -57.22 67.40
CA GLN D 292 -42.04 -56.91 67.34
C GLN D 292 -42.74 -57.79 66.32
N MET D 293 -42.09 -57.98 65.18
CA MET D 293 -42.60 -58.88 64.14
C MET D 293 -42.84 -60.30 64.64
N LYS D 294 -42.04 -60.74 65.60
CA LYS D 294 -42.17 -62.12 66.07
C LYS D 294 -43.29 -62.22 67.07
N LYS D 295 -43.53 -61.12 67.79
CA LYS D 295 -44.66 -61.06 68.69
C LYS D 295 -45.96 -60.99 67.88
N GLN D 296 -45.98 -60.15 66.85
CA GLN D 296 -47.17 -59.97 66.03
C GLN D 296 -47.60 -61.24 65.29
N ILE D 297 -46.64 -62.12 65.01
CA ILE D 297 -46.95 -63.41 64.45
C ILE D 297 -47.51 -64.34 65.51
N ALA D 298 -46.96 -64.23 66.72
CA ALA D 298 -47.36 -65.05 67.85
C ALA D 298 -48.76 -64.71 68.31
N ASP D 299 -49.13 -63.45 68.07
CA ASP D 299 -50.45 -62.93 68.42
C ASP D 299 -51.48 -63.43 67.43
N VAL D 300 -51.17 -63.32 66.15
CA VAL D 300 -52.04 -63.82 65.11
C VAL D 300 -52.19 -65.31 65.31
N GLU D 301 -51.05 -65.96 65.53
CA GLU D 301 -51.02 -67.41 65.67
C GLU D 301 -51.98 -67.84 66.76
N ARG D 302 -52.13 -67.00 67.77
CA ARG D 302 -52.94 -67.34 68.93
C ARG D 302 -54.41 -66.97 68.72
N ASP D 303 -54.67 -66.21 67.68
CA ASP D 303 -56.04 -65.85 67.34
C ASP D 303 -56.61 -66.86 66.37
N VAL D 304 -55.72 -67.52 65.64
CA VAL D 304 -56.10 -68.60 64.75
C VAL D 304 -56.31 -69.89 65.55
N GLN D 305 -55.73 -69.95 66.74
CA GLN D 305 -55.80 -71.18 67.55
C GLN D 305 -56.85 -71.09 68.64
N ASN D 306 -57.78 -70.14 68.50
CA ASN D 306 -58.89 -69.95 69.43
C ASN D 306 -60.17 -69.70 68.67
N PHE D 307 -60.08 -69.71 67.34
CA PHE D 307 -61.15 -69.20 66.49
C PHE D 307 -62.28 -70.18 66.29
N PRO D 308 -63.51 -69.75 66.59
CA PRO D 308 -64.70 -70.58 66.39
C PRO D 308 -64.73 -71.11 64.97
N ALA D 309 -65.05 -72.39 64.80
CA ALA D 309 -65.18 -72.96 63.47
C ALA D 309 -66.22 -72.14 62.70
N ALA D 310 -65.86 -71.73 61.48
CA ALA D 310 -66.70 -70.82 60.72
C ALA D 310 -68.11 -71.34 60.50
N THR D 311 -69.09 -70.52 60.84
CA THR D 311 -70.47 -70.86 60.59
C THR D 311 -70.72 -70.94 59.08
N ASP D 312 -70.55 -69.81 58.39
CA ASP D 312 -70.83 -69.74 56.95
C ASP D 312 -69.58 -69.67 56.08
N GLU D 313 -69.77 -69.90 54.78
CA GLU D 313 -68.66 -70.06 53.85
C GLU D 313 -68.01 -68.73 53.43
N LYS D 314 -68.53 -67.61 53.93
CA LYS D 314 -67.93 -66.30 53.67
C LYS D 314 -66.75 -66.00 54.61
N ASP D 315 -66.55 -66.85 55.61
CA ASP D 315 -65.59 -66.63 56.68
C ASP D 315 -64.22 -67.27 56.39
N LYS D 316 -63.57 -66.82 55.32
CA LYS D 316 -62.29 -67.40 54.90
C LYS D 316 -61.12 -66.91 55.75
N PHE D 317 -61.35 -66.80 57.06
CA PHE D 317 -60.33 -66.29 57.97
C PHE D 317 -59.30 -67.37 58.28
N VAL D 318 -59.54 -68.13 59.35
CA VAL D 318 -58.68 -69.25 59.73
C VAL D 318 -57.97 -69.87 58.51
N GLU D 319 -58.67 -69.97 57.39
CA GLU D 319 -58.04 -70.43 56.14
C GLU D 319 -56.89 -69.52 55.70
N LYS D 320 -57.21 -68.26 55.42
CA LYS D 320 -56.24 -67.31 54.91
C LYS D 320 -55.08 -66.99 55.88
N MET D 321 -55.38 -66.95 57.18
CA MET D 321 -54.37 -66.58 58.19
C MET D 321 -53.36 -67.68 58.51
N THR D 322 -53.78 -68.94 58.40
CA THR D 322 -52.85 -70.06 58.56
C THR D 322 -51.90 -70.11 57.38
N SER D 323 -52.42 -69.87 56.17
CA SER D 323 -51.58 -69.68 54.99
C SER D 323 -50.56 -68.56 55.24
N PHE D 324 -51.04 -67.50 55.89
CA PHE D 324 -50.26 -66.30 56.11
C PHE D 324 -49.23 -66.50 57.22
N VAL D 325 -49.70 -66.87 58.40
CA VAL D 325 -48.82 -67.15 59.53
C VAL D 325 -47.68 -68.11 59.18
N LYS D 326 -47.84 -68.87 58.10
CA LYS D 326 -46.76 -69.69 57.58
C LYS D 326 -45.76 -68.80 56.86
N ASP D 327 -46.17 -68.23 55.72
CA ASP D 327 -45.32 -67.33 54.94
C ASP D 327 -44.63 -66.29 55.84
N ALA D 328 -45.35 -65.77 56.83
CA ALA D 328 -44.81 -64.74 57.70
C ALA D 328 -43.66 -65.27 58.52
N GLN D 329 -43.83 -66.43 59.13
CA GLN D 329 -42.75 -66.98 59.91
C GLN D 329 -41.60 -67.40 59.03
N GLU D 330 -41.91 -67.68 57.77
CA GLU D 330 -40.89 -68.02 56.80
C GLU D 330 -39.99 -66.80 56.63
N GLN D 331 -40.55 -65.72 56.10
CA GLN D 331 -39.80 -64.49 55.88
C GLN D 331 -39.11 -63.97 57.14
N TYR D 332 -39.82 -64.02 58.27
CA TYR D 332 -39.24 -63.57 59.51
C TYR D 332 -37.95 -64.30 59.82
N ASN D 333 -37.98 -65.62 59.70
CA ASN D 333 -36.79 -66.41 59.99
C ASN D 333 -35.62 -66.16 59.01
N LYS D 334 -35.93 -65.87 57.74
CA LYS D 334 -34.90 -65.40 56.82
C LYS D 334 -34.25 -64.17 57.46
N LEU D 335 -35.08 -63.17 57.77
CA LEU D 335 -34.62 -61.93 58.39
C LEU D 335 -33.77 -62.14 59.65
N ARG D 336 -34.22 -62.99 60.56
CA ARG D 336 -33.50 -63.18 61.81
C ARG D 336 -32.13 -63.84 61.57
N MET D 337 -32.02 -64.59 60.49
CA MET D 337 -30.76 -65.18 60.05
C MET D 337 -29.82 -64.06 59.65
N MET D 338 -30.17 -63.40 58.55
CA MET D 338 -29.46 -62.26 58.02
C MET D 338 -28.96 -61.36 59.13
N HIS D 339 -29.80 -61.21 60.15
CA HIS D 339 -29.51 -60.30 61.24
C HIS D 339 -28.58 -60.91 62.27
N SER D 340 -28.75 -62.20 62.54
CA SER D 340 -27.84 -62.86 63.45
C SER D 340 -26.48 -62.97 62.77
N ASN D 341 -26.48 -63.13 61.46
CA ASN D 341 -25.25 -63.12 60.68
C ASN D 341 -24.58 -61.74 60.71
N MET D 342 -25.33 -60.70 60.39
CA MET D 342 -24.84 -59.33 60.49
C MET D 342 -24.15 -59.05 61.82
N GLU D 343 -24.75 -59.50 62.92
CA GLU D 343 -24.16 -59.26 64.23
C GLU D 343 -22.85 -60.01 64.39
N THR D 344 -22.70 -61.10 63.65
CA THR D 344 -21.52 -61.93 63.77
C THR D 344 -20.36 -61.27 63.00
N LEU D 345 -20.65 -60.84 61.77
CA LEU D 345 -19.68 -60.08 60.99
C LEU D 345 -19.09 -58.96 61.84
N TYR D 346 -19.96 -58.11 62.37
CA TYR D 346 -19.51 -56.98 63.18
C TYR D 346 -18.63 -57.42 64.38
N LYS D 347 -19.02 -58.50 65.03
CA LYS D 347 -18.31 -58.98 66.21
C LYS D 347 -16.92 -59.47 65.81
N GLU D 348 -16.82 -59.95 64.57
CA GLU D 348 -15.56 -60.45 64.00
C GLU D 348 -14.70 -59.32 63.44
N LEU D 349 -15.36 -58.29 62.89
CA LEU D 349 -14.68 -57.05 62.58
C LEU D 349 -13.92 -56.65 63.82
N GLY D 350 -14.60 -56.69 64.96
CA GLY D 350 -13.99 -56.32 66.21
C GLY D 350 -12.84 -57.20 66.65
N ASP D 351 -12.86 -58.47 66.24
CA ASP D 351 -11.77 -59.38 66.55
C ASP D 351 -10.60 -59.02 65.68
N TYR D 352 -10.89 -58.78 64.40
CA TYR D 352 -9.90 -58.56 63.36
C TYR D 352 -9.13 -57.24 63.54
N PHE D 353 -9.82 -56.13 63.68
CA PHE D 353 -9.17 -54.83 63.89
C PHE D 353 -9.02 -54.49 65.36
N VAL D 354 -9.35 -55.45 66.22
CA VAL D 354 -9.11 -55.33 67.65
C VAL D 354 -9.86 -54.15 68.28
N PHE D 355 -11.16 -54.33 68.48
CA PHE D 355 -11.96 -53.41 69.29
C PHE D 355 -13.12 -54.13 69.95
N ASP D 356 -13.75 -53.45 70.91
CA ASP D 356 -14.81 -54.06 71.68
C ASP D 356 -16.15 -53.78 71.00
N PRO D 357 -16.67 -54.78 70.29
CA PRO D 357 -17.92 -54.53 69.56
C PRO D 357 -19.00 -54.02 70.50
N LYS D 358 -18.93 -54.45 71.75
CA LYS D 358 -19.99 -54.17 72.73
C LYS D 358 -19.95 -52.75 73.26
N LYS D 359 -18.91 -52.01 72.90
CA LYS D 359 -18.74 -50.65 73.40
C LYS D 359 -19.17 -49.58 72.40
N LEU D 360 -19.47 -50.01 71.19
CA LEU D 360 -19.64 -49.09 70.07
C LEU D 360 -20.75 -49.68 69.22
N SER D 361 -21.85 -48.97 69.05
CA SER D 361 -22.89 -49.52 68.19
C SER D 361 -22.35 -49.61 66.77
N VAL D 362 -22.96 -50.47 65.96
CA VAL D 362 -22.56 -50.59 64.58
C VAL D 362 -22.52 -49.24 63.83
N GLU D 363 -23.57 -48.46 63.95
CA GLU D 363 -23.65 -47.17 63.26
C GLU D 363 -22.58 -46.20 63.76
N GLU D 364 -22.39 -46.14 65.08
CA GLU D 364 -21.37 -45.26 65.65
C GLU D 364 -20.05 -45.57 64.97
N PHE D 365 -19.81 -46.87 64.79
CA PHE D 365 -18.58 -47.38 64.22
C PHE D 365 -18.46 -47.03 62.75
N PHE D 366 -19.50 -47.33 61.97
CA PHE D 366 -19.50 -46.93 60.55
C PHE D 366 -19.63 -45.44 60.31
N MET D 367 -20.14 -44.69 61.27
CA MET D 367 -20.09 -43.26 61.18
C MET D 367 -18.64 -42.77 61.31
N ASP D 368 -17.92 -43.25 62.31
CA ASP D 368 -16.53 -42.82 62.48
C ASP D 368 -15.75 -43.11 61.19
N LEU D 369 -16.06 -44.24 60.58
CA LEU D 369 -15.36 -44.68 59.39
C LEU D 369 -15.78 -43.83 58.21
N HIS D 370 -17.08 -43.54 58.15
CA HIS D 370 -17.64 -42.68 57.11
C HIS D 370 -17.05 -41.27 57.21
N ASN D 371 -17.01 -40.73 58.42
CA ASN D 371 -16.35 -39.46 58.64
C ASN D 371 -14.88 -39.46 58.21
N PHE D 372 -14.13 -40.50 58.59
CA PHE D 372 -12.74 -40.58 58.17
C PHE D 372 -12.63 -40.56 56.68
N ARG D 373 -13.40 -41.43 56.02
CA ARG D 373 -13.33 -41.47 54.56
C ARG D 373 -13.54 -40.08 54.00
N ASN D 374 -14.49 -39.33 54.54
CA ASN D 374 -14.80 -38.02 53.98
C ASN D 374 -13.68 -37.04 54.24
N MET D 375 -13.03 -37.16 55.39
CA MET D 375 -11.90 -36.32 55.74
C MET D 375 -10.76 -36.55 54.78
N PHE D 376 -10.58 -37.82 54.41
CA PHE D 376 -9.46 -38.24 53.60
C PHE D 376 -9.66 -37.67 52.20
N LEU D 377 -10.85 -37.90 51.63
CA LEU D 377 -11.17 -37.33 50.32
C LEU D 377 -10.88 -35.84 50.30
N GLN D 378 -11.26 -35.16 51.38
CA GLN D 378 -10.98 -33.72 51.46
C GLN D 378 -9.51 -33.41 51.57
N ALA D 379 -8.76 -34.19 52.34
CA ALA D 379 -7.34 -33.91 52.51
C ALA D 379 -6.68 -33.98 51.14
N VAL D 380 -7.02 -35.01 50.38
CA VAL D 380 -6.45 -35.17 49.05
C VAL D 380 -6.66 -33.90 48.25
N LYS D 381 -7.92 -33.51 48.12
CA LYS D 381 -8.30 -32.27 47.46
C LYS D 381 -7.50 -31.05 47.95
N GLU D 382 -7.48 -30.84 49.25
CA GLU D 382 -6.76 -29.71 49.85
C GLU D 382 -5.27 -29.70 49.53
N ASN D 383 -4.69 -30.91 49.44
CA ASN D 383 -3.30 -31.09 49.05
C ASN D 383 -3.09 -30.61 47.63
N GLN D 384 -3.96 -31.04 46.74
CA GLN D 384 -3.86 -30.65 45.33
C GLN D 384 -3.92 -29.13 45.15
N LYS D 385 -4.76 -28.47 45.93
CA LYS D 385 -4.86 -27.02 45.84
C LYS D 385 -3.62 -26.36 46.45
N ARG D 386 -3.04 -26.99 47.46
CA ARG D 386 -1.83 -26.45 48.07
C ARG D 386 -0.70 -26.52 47.04
N ARG D 387 -0.51 -27.70 46.46
CA ARG D 387 0.48 -27.88 45.40
C ARG D 387 0.31 -26.93 44.20
N GLU D 388 -0.93 -26.64 43.82
CA GLU D 388 -1.16 -25.64 42.77
C GLU D 388 -0.68 -24.27 43.23
N THR D 389 -1.20 -23.79 44.35
CA THR D 389 -0.75 -22.53 44.94
C THR D 389 0.78 -22.44 45.06
N GLU D 390 1.45 -23.58 45.21
CA GLU D 390 2.91 -23.59 45.37
C GLU D 390 3.62 -23.45 44.03
N GLU D 391 3.11 -24.12 42.99
CA GLU D 391 3.56 -23.88 41.63
C GLU D 391 3.48 -22.40 41.25
N LYS D 392 2.27 -21.84 41.36
CA LYS D 392 2.03 -20.41 41.13
C LYS D 392 3.13 -19.54 41.76
N MET D 393 3.38 -19.73 43.05
CA MET D 393 4.38 -18.92 43.74
C MET D 393 5.84 -19.15 43.30
N ARG D 394 6.22 -20.38 42.98
CA ARG D 394 7.55 -20.65 42.39
C ARG D 394 7.71 -20.04 40.99
N ARG D 395 6.68 -20.17 40.15
CA ARG D 395 6.75 -19.63 38.80
C ARG D 395 6.86 -18.10 38.76
N ALA D 396 6.17 -17.45 39.69
CA ALA D 396 6.30 -16.00 39.90
C ALA D 396 7.72 -15.62 40.29
N LYS D 397 8.26 -16.29 41.31
CA LYS D 397 9.64 -16.11 41.72
C LYS D 397 10.53 -16.19 40.48
N LEU D 398 10.42 -17.29 39.72
CA LEU D 398 11.22 -17.47 38.52
C LEU D 398 11.12 -16.33 37.54
N ALA D 399 9.90 -15.94 37.18
CA ALA D 399 9.73 -14.89 36.18
C ALA D 399 10.15 -13.50 36.70
N LYS D 400 9.82 -13.20 37.95
CA LYS D 400 10.29 -11.95 38.58
C LYS D 400 11.83 -11.85 38.66
N GLU D 401 12.49 -12.96 38.99
CA GLU D 401 13.95 -13.01 39.01
C GLU D 401 14.55 -12.95 37.60
N LYS D 402 13.98 -13.70 36.67
CA LYS D 402 14.38 -13.57 35.27
C LYS D 402 14.27 -12.10 34.85
N ALA D 403 13.23 -11.43 35.33
CA ALA D 403 13.04 -10.01 34.98
C ALA D 403 14.12 -9.07 35.52
N GLU D 404 14.50 -9.23 36.78
CA GLU D 404 15.53 -8.38 37.36
C GLU D 404 16.86 -8.58 36.63
N LYS D 405 17.07 -9.78 36.09
CA LYS D 405 18.24 -10.05 35.26
C LYS D 405 18.13 -9.43 33.87
N GLU D 406 17.06 -9.77 33.14
CA GLU D 406 16.79 -9.23 31.79
C GLU D 406 17.06 -7.74 31.70
N ARG D 407 16.62 -7.01 32.73
CA ARG D 407 16.73 -5.55 32.76
C ARG D 407 18.12 -5.11 33.19
N LEU D 408 18.61 -5.69 34.28
CA LEU D 408 19.95 -5.38 34.78
C LEU D 408 20.94 -5.47 33.63
N GLU D 409 20.72 -6.46 32.77
CA GLU D 409 21.56 -6.73 31.63
C GLU D 409 21.36 -5.68 30.52
N LYS D 410 20.11 -5.24 30.35
CA LYS D 410 19.81 -4.18 29.39
C LYS D 410 20.39 -2.84 29.86
N GLN D 411 20.36 -2.61 31.17
CA GLN D 411 20.92 -1.40 31.77
C GLN D 411 22.44 -1.38 31.64
N GLN D 412 23.05 -2.55 31.73
CA GLN D 412 24.50 -2.66 31.65
C GLN D 412 24.98 -2.36 30.23
N LYS D 413 24.20 -2.79 29.25
CA LYS D 413 24.52 -2.46 27.87
C LYS D 413 24.40 -0.97 27.57
N ARG D 414 23.47 -0.28 28.21
CA ARG D 414 23.31 1.16 28.02
C ARG D 414 24.45 1.96 28.65
N GLU D 415 25.06 1.40 29.70
CA GLU D 415 26.21 2.06 30.36
C GLU D 415 27.53 1.82 29.63
N GLN D 416 27.52 0.94 28.64
CA GLN D 416 28.71 0.69 27.83
C GLN D 416 28.88 1.75 26.77
N LEU D 417 27.87 2.60 26.62
CA LEU D 417 27.88 3.67 25.63
C LEU D 417 28.59 4.87 26.17
N ILE D 418 28.01 5.43 27.24
CA ILE D 418 28.56 6.60 27.90
C ILE D 418 28.53 6.40 29.42
N ASP D 419 29.70 6.37 30.03
CA ASP D 419 29.82 6.32 31.48
C ASP D 419 29.70 7.76 31.95
N MET D 420 28.54 8.11 32.50
CA MET D 420 28.28 9.50 32.88
C MET D 420 28.97 9.93 34.18
N ASN D 421 30.15 9.41 34.48
CA ASN D 421 30.78 9.72 35.77
C ASN D 421 32.31 9.87 35.85
N ALA D 422 33.06 9.35 34.89
CA ALA D 422 34.53 9.39 34.98
C ALA D 422 35.19 10.65 34.40
N GLU D 423 35.86 10.47 33.25
CA GLU D 423 36.67 11.52 32.62
C GLU D 423 35.87 12.77 32.19
N GLY D 424 36.24 13.91 32.74
CA GLY D 424 35.56 15.17 32.47
C GLY D 424 36.11 15.91 31.26
N ASP D 425 37.43 16.04 31.19
CA ASP D 425 38.06 16.71 30.06
C ASP D 425 37.94 15.90 28.78
N GLU D 426 36.95 15.01 28.74
CA GLU D 426 36.60 14.29 27.54
C GLU D 426 35.77 15.16 26.62
N THR D 427 36.16 15.32 25.37
CA THR D 427 35.20 15.75 24.36
C THR D 427 34.98 14.62 23.38
N GLY D 428 34.02 14.82 22.48
CA GLY D 428 33.59 13.79 21.55
C GLY D 428 32.55 12.85 22.16
N VAL D 429 32.07 13.19 23.36
CA VAL D 429 31.07 12.36 24.02
C VAL D 429 29.86 12.25 23.12
N MET D 430 29.36 13.42 22.70
CA MET D 430 28.21 13.51 21.81
C MET D 430 28.45 12.90 20.44
N ASP D 431 29.63 13.10 19.88
CA ASP D 431 29.98 12.48 18.60
C ASP D 431 29.98 10.95 18.72
N SER D 432 30.22 10.45 19.92
CA SER D 432 30.18 9.01 20.16
C SER D 432 28.74 8.52 20.12
N LEU D 433 27.90 9.10 20.99
CA LEU D 433 26.47 8.80 21.00
C LEU D 433 25.89 8.80 19.58
N LEU D 434 26.22 9.83 18.80
CA LEU D 434 25.71 9.94 17.42
C LEU D 434 26.25 8.87 16.48
N GLU D 435 27.47 8.40 16.67
CA GLU D 435 27.99 7.36 15.79
C GLU D 435 27.33 6.05 16.14
N ALA D 436 27.11 5.84 17.43
CA ALA D 436 26.42 4.64 17.89
C ALA D 436 25.00 4.60 17.31
N LEU D 437 24.33 5.74 17.33
CA LEU D 437 22.99 5.87 16.78
C LEU D 437 22.99 5.60 15.28
N GLN D 438 23.91 6.22 14.56
CA GLN D 438 23.99 6.09 13.10
C GLN D 438 24.16 4.63 12.68
N SER D 439 24.96 3.90 13.46
CA SER D 439 25.47 2.59 13.09
C SER D 439 24.57 1.48 13.58
N GLY D 440 23.79 1.75 14.61
CA GLY D 440 22.87 0.76 15.12
C GLY D 440 23.29 0.37 16.50
N ALA D 441 24.58 0.61 16.75
CA ALA D 441 25.22 0.17 17.98
C ALA D 441 24.47 0.63 19.22
N ALA D 442 23.77 1.76 19.10
CA ALA D 442 23.09 2.30 20.27
C ALA D 442 21.90 1.44 20.71
N PHE D 443 21.55 0.44 19.90
CA PHE D 443 20.29 -0.31 20.06
C PHE D 443 20.52 -1.81 20.20
N ARG D 444 19.92 -2.43 21.20
CA ARG D 444 20.28 -3.81 21.53
C ARG D 444 19.12 -4.61 22.14
N GLU E 1 -55.12 8.67 -13.29
CA GLU E 1 -55.09 10.09 -12.91
C GLU E 1 -55.23 11.02 -14.12
N SER E 2 -55.88 12.17 -13.91
CA SER E 2 -56.19 13.08 -15.04
C SER E 2 -55.00 13.88 -15.53
N SER E 3 -55.16 14.40 -16.75
CA SER E 3 -54.22 15.37 -17.31
C SER E 3 -54.14 16.64 -16.49
N ARG E 4 -55.22 16.94 -15.77
CA ARG E 4 -55.27 18.19 -15.02
C ARG E 4 -54.39 18.18 -13.78
N SER E 5 -54.30 17.02 -13.12
CA SER E 5 -53.49 16.87 -11.91
C SER E 5 -52.02 17.12 -12.23
N ALA E 6 -51.63 16.80 -13.46
CA ALA E 6 -50.31 17.13 -13.95
C ALA E 6 -50.04 18.64 -13.97
N MET E 7 -51.02 19.46 -14.33
CA MET E 7 -50.73 20.90 -14.27
C MET E 7 -50.99 21.52 -12.89
N MET E 8 -51.63 20.77 -12.00
CA MET E 8 -51.79 21.17 -10.61
C MET E 8 -50.46 21.05 -9.89
N TYR E 9 -49.78 19.94 -10.13
CA TYR E 9 -48.47 19.68 -9.55
C TYR E 9 -47.52 20.81 -9.96
N ILE E 10 -47.60 21.21 -11.23
CA ILE E 10 -46.73 22.27 -11.72
C ILE E 10 -46.99 23.55 -10.95
N GLN E 11 -48.22 23.71 -10.49
CA GLN E 11 -48.60 24.93 -9.82
C GLN E 11 -48.23 24.89 -8.34
N GLU E 12 -48.45 23.75 -7.66
CA GLU E 12 -47.97 23.63 -6.28
C GLU E 12 -46.46 23.86 -6.23
N LEU E 13 -45.72 23.25 -7.16
CA LEU E 13 -44.27 23.38 -7.14
C LEU E 13 -43.85 24.83 -7.12
N ARG E 14 -44.57 25.66 -7.89
CA ARG E 14 -44.21 27.07 -8.01
C ARG E 14 -44.82 27.93 -6.90
N SER E 15 -45.53 27.29 -5.97
CA SER E 15 -46.31 28.00 -4.96
C SER E 15 -45.49 28.47 -3.74
N GLY E 16 -44.26 28.00 -3.62
CA GLY E 16 -43.42 28.38 -2.50
C GLY E 16 -43.62 27.52 -1.26
N LEU E 17 -43.89 26.23 -1.45
CA LEU E 17 -43.90 25.26 -0.36
C LEU E 17 -42.52 25.11 0.30
N ARG E 18 -42.53 24.86 1.61
CA ARG E 18 -41.32 24.65 2.39
C ARG E 18 -41.44 23.39 3.26
N ASP E 19 -40.30 22.89 3.75
CA ASP E 19 -40.24 21.80 4.74
C ASP E 19 -41.08 20.57 4.42
N MET E 20 -41.78 20.07 5.44
CA MET E 20 -42.55 18.84 5.28
C MET E 20 -43.75 18.97 4.31
N HIS E 21 -44.16 20.19 4.03
CA HIS E 21 -45.22 20.41 3.08
C HIS E 21 -44.71 20.23 1.68
N LEU E 22 -43.55 20.80 1.39
CA LEU E 22 -42.95 20.66 0.07
C LEU E 22 -42.63 19.20 -0.12
N LEU E 23 -42.27 18.53 0.97
CA LEU E 23 -41.84 17.14 0.90
C LEU E 23 -42.97 16.20 0.64
N SER E 24 -44.10 16.47 1.29
CA SER E 24 -45.28 15.65 1.13
C SER E 24 -45.83 15.74 -0.31
N CYS E 25 -45.65 16.90 -0.92
CA CYS E 25 -45.93 17.13 -2.33
C CYS E 25 -45.00 16.38 -3.28
N LEU E 26 -43.69 16.58 -3.12
CA LEU E 26 -42.71 15.80 -3.87
C LEU E 26 -42.98 14.31 -3.80
N GLU E 27 -43.28 13.81 -2.60
CA GLU E 27 -43.51 12.37 -2.46
C GLU E 27 -44.73 11.93 -3.26
N SER E 28 -45.76 12.78 -3.33
CA SER E 28 -46.95 12.46 -4.12
C SER E 28 -46.59 12.49 -5.58
N LEU E 29 -45.86 13.54 -5.95
CA LEU E 29 -45.37 13.66 -7.31
C LEU E 29 -44.50 12.47 -7.71
N ARG E 30 -43.57 12.05 -6.85
CA ARG E 30 -42.74 10.91 -7.22
C ARG E 30 -43.70 9.81 -7.61
N VAL E 31 -44.67 9.53 -6.75
CA VAL E 31 -45.60 8.43 -6.99
C VAL E 31 -46.44 8.56 -8.25
N SER E 32 -46.93 9.77 -8.52
CA SER E 32 -47.63 10.04 -9.76
C SER E 32 -46.75 9.76 -10.97
N LEU E 33 -45.53 10.30 -11.01
CA LEU E 33 -44.66 10.05 -12.15
C LEU E 33 -44.40 8.56 -12.38
N ASN E 34 -44.40 7.76 -11.33
CA ASN E 34 -44.16 6.32 -11.47
C ASN E 34 -45.33 5.46 -11.85
N ASN E 35 -46.54 6.04 -11.81
CA ASN E 35 -47.78 5.26 -11.97
C ASN E 35 -48.64 5.67 -13.17
N ASN E 36 -48.71 6.97 -13.44
CA ASN E 36 -49.28 7.43 -14.71
C ASN E 36 -48.45 7.00 -15.90
N PRO E 37 -49.06 7.05 -17.09
CA PRO E 37 -48.41 6.70 -18.35
C PRO E 37 -47.66 7.89 -18.88
N VAL E 38 -46.93 7.66 -19.95
CA VAL E 38 -45.99 8.66 -20.39
C VAL E 38 -46.68 9.95 -20.81
N SER E 39 -47.82 9.81 -21.48
CA SER E 39 -48.58 10.99 -21.89
C SER E 39 -48.79 11.98 -20.73
N TRP E 40 -49.01 11.46 -19.52
CA TRP E 40 -49.10 12.28 -18.31
C TRP E 40 -47.79 13.01 -18.00
N VAL E 41 -46.69 12.24 -17.96
CA VAL E 41 -45.37 12.81 -17.82
C VAL E 41 -45.15 13.97 -18.81
N GLN E 42 -45.53 13.81 -20.08
CA GLN E 42 -45.30 14.91 -21.05
C GLN E 42 -46.17 16.13 -20.82
N THR E 43 -47.29 15.95 -20.12
CA THR E 43 -48.18 17.05 -19.79
C THR E 43 -47.49 17.90 -18.77
N PHE E 44 -47.07 17.25 -17.68
CA PHE E 44 -46.07 17.78 -16.75
C PHE E 44 -44.94 18.41 -17.57
N GLY E 45 -44.28 17.58 -18.38
CA GLY E 45 -43.32 18.04 -19.38
C GLY E 45 -42.25 19.06 -18.99
N ALA E 46 -41.68 19.72 -19.99
CA ALA E 46 -40.54 20.58 -19.74
C ALA E 46 -40.77 21.61 -18.65
N GLU E 47 -42.01 22.08 -18.49
CA GLU E 47 -42.30 23.14 -17.51
C GLU E 47 -42.31 22.58 -16.10
N GLY E 48 -42.75 21.33 -15.97
CA GLY E 48 -42.72 20.62 -14.71
C GLY E 48 -41.28 20.38 -14.26
N LEU E 49 -40.50 19.71 -15.10
CA LEU E 49 -39.08 19.50 -14.86
C LEU E 49 -38.38 20.78 -14.45
N ALA E 50 -38.60 21.84 -15.20
CA ALA E 50 -37.96 23.10 -14.88
C ALA E 50 -38.37 23.56 -13.50
N SER E 51 -39.58 23.21 -13.07
CA SER E 51 -40.06 23.63 -11.76
C SER E 51 -39.37 22.84 -10.69
N LEU E 52 -39.22 21.54 -10.92
CA LEU E 52 -38.41 20.70 -10.06
C LEU E 52 -37.02 21.31 -9.87
N LEU E 53 -36.31 21.53 -10.99
CA LEU E 53 -34.96 22.11 -10.95
C LEU E 53 -34.81 23.51 -10.34
N ASP E 54 -35.82 24.36 -10.43
CA ASP E 54 -35.73 25.69 -9.81
C ASP E 54 -35.65 25.52 -8.30
N ILE E 55 -36.37 24.52 -7.79
CA ILE E 55 -36.42 24.24 -6.36
C ILE E 55 -35.09 23.66 -5.91
N LEU E 56 -34.66 22.64 -6.64
CA LEU E 56 -33.38 22.01 -6.41
C LEU E 56 -32.28 23.04 -6.35
N LYS E 57 -32.40 24.07 -7.17
CA LYS E 57 -31.42 25.12 -7.22
C LYS E 57 -31.51 25.96 -5.94
N ARG E 58 -32.72 26.26 -5.50
CA ARG E 58 -32.89 26.98 -4.25
C ARG E 58 -32.34 26.16 -3.07
N LEU E 59 -32.55 24.85 -3.08
CA LEU E 59 -32.11 24.00 -1.97
C LEU E 59 -30.59 23.84 -1.90
N HIS E 60 -29.94 23.56 -3.02
CA HIS E 60 -28.47 23.48 -3.06
C HIS E 60 -27.89 24.85 -2.64
N ASP E 61 -28.65 25.91 -2.83
CA ASP E 61 -28.17 27.26 -2.54
C ASP E 61 -28.33 27.62 -1.07
N GLU E 62 -29.32 27.04 -0.40
CA GLU E 62 -29.54 27.31 1.02
C GLU E 62 -28.71 26.38 1.89
N LYS E 63 -28.38 25.20 1.37
CA LYS E 63 -27.58 24.22 2.12
C LYS E 63 -26.16 24.71 2.40
N GLU E 64 -25.65 25.57 1.52
CA GLU E 64 -24.35 26.18 1.72
C GLU E 64 -24.44 27.32 2.72
N GLU E 65 -25.64 27.87 2.88
CA GLU E 65 -25.86 29.02 3.76
C GLU E 65 -26.18 28.61 5.23
N THR E 66 -26.04 27.33 5.57
CA THR E 66 -26.37 26.83 6.93
C THR E 66 -25.38 25.84 7.58
N SER E 67 -25.84 25.22 8.68
CA SER E 67 -24.99 24.42 9.59
C SER E 67 -25.49 22.99 9.94
N GLY E 68 -26.76 22.82 10.29
CA GLY E 68 -27.34 21.50 10.52
C GLY E 68 -28.61 21.38 9.71
N ASN E 69 -28.63 20.46 8.73
CA ASN E 69 -29.56 20.57 7.59
C ASN E 69 -30.51 19.39 7.24
N TYR E 70 -31.77 19.45 7.69
CA TYR E 70 -32.76 18.41 7.39
C TYR E 70 -33.23 18.41 5.93
N ASP E 71 -32.82 19.43 5.18
CA ASP E 71 -33.07 19.58 3.74
C ASP E 71 -32.92 18.29 2.97
N SER E 72 -32.02 17.41 3.44
CA SER E 72 -31.64 16.27 2.64
C SER E 72 -32.88 15.71 2.00
N ARG E 73 -33.94 15.55 2.81
CA ARG E 73 -35.14 14.87 2.37
C ARG E 73 -35.76 15.45 1.10
N ASN E 74 -35.95 16.77 1.06
CA ASN E 74 -36.47 17.45 -0.13
C ASN E 74 -35.59 17.34 -1.36
N GLN E 75 -34.33 17.72 -1.22
CA GLN E 75 -33.36 17.55 -2.31
C GLN E 75 -33.46 16.15 -2.88
N HIS E 76 -33.39 15.18 -1.99
CA HIS E 76 -33.31 13.77 -2.38
C HIS E 76 -34.60 13.32 -3.04
N GLU E 77 -35.72 13.88 -2.58
CA GLU E 77 -37.03 13.53 -3.11
C GLU E 77 -37.13 14.07 -4.51
N ILE E 78 -36.60 15.26 -4.70
CA ILE E 78 -36.46 15.79 -6.04
C ILE E 78 -35.67 14.85 -6.96
N ILE E 79 -34.55 14.28 -6.46
CA ILE E 79 -33.74 13.31 -7.23
C ILE E 79 -34.56 12.03 -7.55
N ARG E 80 -35.31 11.53 -6.58
CA ARG E 80 -36.27 10.45 -6.86
C ARG E 80 -37.33 10.76 -7.91
N CYS E 81 -37.75 12.04 -7.99
CA CYS E 81 -38.69 12.45 -9.02
C CYS E 81 -38.02 12.41 -10.36
N LEU E 82 -36.83 13.00 -10.45
CA LEU E 82 -36.11 13.03 -11.70
C LEU E 82 -35.95 11.63 -12.28
N LYS E 83 -35.63 10.66 -11.43
CA LYS E 83 -35.52 9.27 -11.89
C LYS E 83 -36.80 8.86 -12.56
N ALA E 84 -37.89 8.98 -11.83
CA ALA E 84 -39.22 8.67 -12.36
C ALA E 84 -39.49 9.38 -13.67
N PHE E 85 -39.29 10.68 -13.66
CA PHE E 85 -39.46 11.50 -14.85
C PHE E 85 -38.58 11.09 -16.02
N MET E 86 -37.46 10.42 -15.74
CA MET E 86 -36.54 10.04 -16.82
C MET E 86 -36.65 8.58 -17.09
N ASN E 87 -37.68 7.93 -16.55
CA ASN E 87 -37.82 6.49 -16.73
C ASN E 87 -38.48 6.16 -18.06
N ASN E 88 -38.37 7.09 -19.01
CA ASN E 88 -38.90 6.90 -20.34
C ASN E 88 -38.18 7.76 -21.38
N LYS E 89 -38.25 7.38 -22.65
CA LYS E 89 -37.47 8.08 -23.64
C LYS E 89 -37.75 9.57 -23.64
N PHE E 90 -38.97 9.97 -23.31
CA PHE E 90 -39.31 11.40 -23.37
C PHE E 90 -38.61 12.24 -22.32
N GLY E 91 -38.57 11.73 -21.09
CA GLY E 91 -38.01 12.46 -19.96
C GLY E 91 -36.50 12.60 -20.06
N ILE E 92 -35.84 11.51 -20.42
CA ILE E 92 -34.42 11.57 -20.67
C ILE E 92 -34.14 12.67 -21.67
N LYS E 93 -34.81 12.62 -22.81
CA LYS E 93 -34.52 13.56 -23.87
C LYS E 93 -34.76 14.97 -23.36
N THR E 94 -35.79 15.12 -22.54
CA THR E 94 -36.21 16.44 -22.06
C THR E 94 -35.20 16.99 -21.09
N MET E 95 -34.72 16.12 -20.23
CA MET E 95 -33.68 16.46 -19.29
C MET E 95 -32.42 17.00 -19.99
N LEU E 96 -31.87 16.23 -20.94
CA LEU E 96 -30.68 16.70 -21.63
C LEU E 96 -30.92 18.05 -22.28
N GLU E 97 -32.18 18.36 -22.54
CA GLU E 97 -32.43 19.63 -23.18
C GLU E 97 -32.27 20.80 -22.21
N THR E 98 -32.27 20.54 -20.91
CA THR E 98 -32.20 21.62 -19.92
C THR E 98 -30.84 22.27 -19.89
N GLU E 99 -30.77 23.44 -19.27
CA GLU E 99 -29.52 24.17 -19.21
C GLU E 99 -28.68 23.82 -17.98
N GLU E 100 -29.34 23.34 -16.94
CA GLU E 100 -28.69 23.19 -15.64
C GLU E 100 -29.01 21.87 -14.96
N GLY E 101 -29.70 21.01 -15.66
CA GLY E 101 -30.18 19.79 -15.08
C GLY E 101 -29.05 18.82 -14.76
N ILE E 102 -28.13 18.64 -15.69
CA ILE E 102 -27.03 17.74 -15.39
C ILE E 102 -26.20 18.31 -14.25
N LEU E 103 -25.94 19.60 -14.27
CA LEU E 103 -25.19 20.20 -13.18
C LEU E 103 -25.82 19.92 -11.83
N LEU E 104 -27.15 20.08 -11.74
CA LEU E 104 -27.85 19.88 -10.47
C LEU E 104 -27.72 18.44 -10.00
N LEU E 105 -27.80 17.48 -10.95
CA LEU E 105 -27.53 16.07 -10.61
C LEU E 105 -26.14 15.96 -9.93
N VAL E 106 -25.11 16.50 -10.56
CA VAL E 106 -23.75 16.47 -10.01
C VAL E 106 -23.69 17.00 -8.57
N ARG E 107 -24.29 18.16 -8.35
CA ARG E 107 -24.25 18.80 -7.02
C ARG E 107 -24.98 18.02 -5.93
N ALA E 108 -25.75 17.00 -6.34
CA ALA E 108 -26.40 16.11 -5.42
C ALA E 108 -25.42 15.03 -4.98
N MET E 109 -24.24 15.03 -5.57
CA MET E 109 -23.24 14.07 -5.17
C MET E 109 -22.46 14.62 -4.01
N ASP E 110 -23.00 14.37 -2.82
CA ASP E 110 -22.43 14.80 -1.57
C ASP E 110 -22.28 13.55 -0.74
N PRO E 111 -21.02 13.12 -0.48
CA PRO E 111 -20.84 11.81 0.17
C PRO E 111 -21.45 11.76 1.58
N ALA E 112 -21.68 12.92 2.18
CA ALA E 112 -22.29 12.98 3.51
C ALA E 112 -23.77 12.59 3.50
N VAL E 113 -24.40 12.62 2.33
CA VAL E 113 -25.77 12.11 2.16
C VAL E 113 -25.72 10.95 1.19
N PRO E 114 -25.12 9.87 1.62
CA PRO E 114 -24.77 8.75 0.73
C PRO E 114 -25.91 8.25 -0.15
N ASN E 115 -27.09 8.12 0.41
CA ASN E 115 -28.12 7.52 -0.41
C ASN E 115 -28.57 8.48 -1.51
N MET E 116 -28.43 9.78 -1.28
CA MET E 116 -28.73 10.73 -2.35
C MET E 116 -27.63 10.70 -3.42
N MET E 117 -26.37 10.64 -2.98
CA MET E 117 -25.26 10.65 -3.92
C MET E 117 -25.34 9.40 -4.77
N ILE E 118 -25.61 8.29 -4.09
CA ILE E 118 -25.88 7.07 -4.82
C ILE E 118 -26.90 7.23 -5.95
N ASP E 119 -28.09 7.79 -5.66
CA ASP E 119 -29.18 7.85 -6.64
C ASP E 119 -28.79 8.83 -7.75
N ALA E 120 -28.15 9.94 -7.37
CA ALA E 120 -27.76 10.93 -8.38
C ALA E 120 -26.63 10.43 -9.29
N ALA E 121 -25.74 9.60 -8.74
CA ALA E 121 -24.63 9.08 -9.50
C ALA E 121 -25.09 8.04 -10.49
N LYS E 122 -26.07 7.23 -10.09
CA LYS E 122 -26.70 6.27 -11.03
C LYS E 122 -27.26 6.96 -12.26
N LEU E 123 -27.96 8.08 -12.07
CA LEU E 123 -28.58 8.75 -13.20
C LEU E 123 -27.50 9.30 -14.10
N LEU E 124 -26.55 10.03 -13.52
CA LEU E 124 -25.41 10.52 -14.29
C LEU E 124 -24.77 9.38 -15.10
N SER E 125 -24.60 8.22 -14.48
CA SER E 125 -23.96 7.09 -15.14
C SER E 125 -24.81 6.59 -16.27
N ALA E 126 -26.12 6.49 -16.03
CA ALA E 126 -27.05 6.20 -17.13
C ALA E 126 -26.90 7.14 -18.31
N LEU E 127 -26.87 8.45 -18.07
CA LEU E 127 -26.62 9.41 -19.15
C LEU E 127 -25.35 9.14 -19.97
N CYS E 128 -24.26 8.73 -19.30
CA CYS E 128 -22.96 8.49 -19.93
C CYS E 128 -23.06 7.34 -20.92
N ILE E 129 -23.79 6.33 -20.49
CA ILE E 129 -24.04 5.09 -21.23
C ILE E 129 -24.81 5.27 -22.55
N LEU E 130 -25.49 6.40 -22.71
CA LEU E 130 -26.41 6.58 -23.84
C LEU E 130 -25.73 6.59 -25.20
N PRO E 131 -26.35 5.93 -26.19
CA PRO E 131 -25.85 5.99 -27.55
C PRO E 131 -26.05 7.37 -28.18
N GLN E 132 -27.16 8.03 -27.88
CA GLN E 132 -27.43 9.35 -28.46
C GLN E 132 -27.85 10.27 -27.33
N PRO E 133 -27.31 11.49 -27.28
CA PRO E 133 -26.34 12.06 -28.22
C PRO E 133 -24.92 11.62 -28.00
N GLU E 134 -24.04 12.09 -28.88
CA GLU E 134 -22.64 11.73 -28.85
C GLU E 134 -21.95 12.33 -27.64
N ASP E 135 -21.14 11.50 -26.97
CA ASP E 135 -20.23 12.01 -25.97
C ASP E 135 -20.99 12.52 -24.76
N MET E 136 -21.95 11.72 -24.29
CA MET E 136 -22.64 12.11 -23.08
C MET E 136 -21.64 12.17 -21.94
N ASN E 137 -20.73 11.19 -21.86
CA ASN E 137 -19.69 11.21 -20.83
C ASN E 137 -18.99 12.56 -20.69
N GLU E 138 -18.62 13.17 -21.82
CA GLU E 138 -17.87 14.42 -21.74
C GLU E 138 -18.75 15.53 -21.23
N ARG E 139 -20.04 15.43 -21.49
CA ARG E 139 -20.94 16.44 -20.96
C ARG E 139 -21.12 16.27 -19.45
N VAL E 140 -21.30 15.03 -19.00
CA VAL E 140 -21.36 14.85 -17.56
C VAL E 140 -20.09 15.42 -16.94
N LEU E 141 -18.96 15.11 -17.53
CA LEU E 141 -17.68 15.57 -17.01
C LEU E 141 -17.57 17.09 -17.00
N GLU E 142 -18.04 17.71 -18.08
CA GLU E 142 -18.02 19.17 -18.14
C GLU E 142 -18.76 19.77 -16.94
N ALA E 143 -19.85 19.13 -16.53
CA ALA E 143 -20.60 19.60 -15.38
C ALA E 143 -19.85 19.41 -14.07
N MET E 144 -19.27 18.22 -13.89
CA MET E 144 -18.46 17.91 -12.72
C MET E 144 -17.33 18.91 -12.60
N THR E 145 -16.80 19.29 -13.75
CA THR E 145 -15.79 20.33 -13.82
C THR E 145 -16.34 21.69 -13.38
N GLU E 146 -17.49 22.09 -13.89
CA GLU E 146 -18.10 23.35 -13.45
C GLU E 146 -18.42 23.42 -11.96
N ARG E 147 -18.92 22.33 -11.38
CA ARG E 147 -19.12 22.29 -9.94
C ARG E 147 -17.78 22.49 -9.24
N ALA E 148 -16.76 21.83 -9.75
CA ALA E 148 -15.44 21.90 -9.14
C ALA E 148 -14.91 23.33 -9.11
N GLU E 149 -15.04 24.06 -10.23
CA GLU E 149 -14.60 25.47 -10.24
C GLU E 149 -15.39 26.34 -9.27
N MET E 150 -16.67 26.08 -9.10
CA MET E 150 -17.44 26.88 -8.16
C MET E 150 -17.08 26.56 -6.71
N ASP E 151 -17.18 25.31 -6.28
CA ASP E 151 -16.73 24.93 -4.92
C ASP E 151 -15.21 25.08 -4.72
N GLU E 152 -14.45 25.20 -5.81
CA GLU E 152 -12.98 25.22 -5.79
C GLU E 152 -12.34 23.95 -5.19
N VAL E 153 -12.50 22.84 -5.89
CA VAL E 153 -12.00 21.57 -5.44
C VAL E 153 -11.73 20.71 -6.66
N GLU E 154 -11.01 19.63 -6.49
CA GLU E 154 -10.75 18.76 -7.62
C GLU E 154 -12.09 18.20 -8.06
N ARG E 155 -12.36 18.21 -9.35
CA ARG E 155 -13.62 17.69 -9.84
C ARG E 155 -13.89 16.22 -9.49
N PHE E 156 -12.85 15.45 -9.17
CA PHE E 156 -13.02 14.02 -8.83
C PHE E 156 -12.94 13.75 -7.33
N GLN E 157 -12.90 14.83 -6.55
CA GLN E 157 -12.93 14.71 -5.10
C GLN E 157 -14.12 13.95 -4.56
N PRO E 158 -15.32 14.41 -4.90
CA PRO E 158 -16.46 13.78 -4.27
C PRO E 158 -16.44 12.29 -4.54
N LEU E 159 -16.07 11.87 -5.75
CA LEU E 159 -15.94 10.42 -6.03
C LEU E 159 -14.88 9.67 -5.21
N LEU E 160 -13.71 10.28 -5.00
CA LEU E 160 -12.72 9.62 -4.17
C LEU E 160 -13.16 9.57 -2.69
N ASP E 161 -13.77 10.65 -2.20
CA ASP E 161 -14.36 10.66 -0.85
C ASP E 161 -15.37 9.53 -0.62
N GLY E 162 -16.16 9.24 -1.65
CA GLY E 162 -17.12 8.16 -1.57
C GLY E 162 -16.52 6.76 -1.57
N LEU E 163 -15.22 6.64 -1.86
CA LEU E 163 -14.59 5.32 -1.89
C LEU E 163 -13.79 5.06 -0.62
N LYS E 164 -13.51 6.12 0.13
CA LYS E 164 -12.76 6.04 1.40
C LYS E 164 -13.37 5.05 2.40
N SER E 165 -12.52 4.50 3.27
CA SER E 165 -12.86 3.39 4.15
C SER E 165 -14.16 3.50 4.92
N GLY E 166 -14.48 4.70 5.38
CA GLY E 166 -15.71 4.86 6.17
C GLY E 166 -17.07 4.53 5.55
N THR E 167 -17.18 4.74 4.23
CA THR E 167 -18.42 4.75 3.47
C THR E 167 -19.03 3.37 3.21
N SER E 168 -20.32 3.32 2.89
CA SER E 168 -20.97 2.03 2.66
C SER E 168 -20.50 1.39 1.39
N ILE E 169 -20.58 0.06 1.36
CA ILE E 169 -20.28 -0.68 0.15
C ILE E 169 -21.12 -0.19 -1.02
N ALA E 170 -22.35 0.22 -0.74
CA ALA E 170 -23.24 0.72 -1.81
C ALA E 170 -22.73 1.98 -2.44
N LEU E 171 -22.21 2.88 -1.62
CA LEU E 171 -21.64 4.11 -2.15
C LEU E 171 -20.37 3.83 -2.97
N LYS E 172 -19.54 2.87 -2.51
CA LYS E 172 -18.29 2.64 -3.22
C LYS E 172 -18.66 2.17 -4.61
N VAL E 173 -19.46 1.12 -4.65
CA VAL E 173 -19.91 0.56 -5.91
C VAL E 173 -20.52 1.60 -6.85
N GLY E 174 -21.19 2.61 -6.31
CA GLY E 174 -21.72 3.69 -7.12
C GLY E 174 -20.73 4.66 -7.68
N CYS E 175 -19.78 5.07 -6.85
CA CYS E 175 -18.63 5.84 -7.30
C CYS E 175 -17.79 5.13 -8.38
N LEU E 176 -17.42 3.87 -8.18
CA LEU E 176 -16.68 3.17 -9.24
C LEU E 176 -17.52 3.14 -10.53
N GLN E 177 -18.79 2.83 -10.39
CA GLN E 177 -19.68 2.74 -11.53
C GLN E 177 -19.72 4.00 -12.39
N LEU E 178 -19.77 5.15 -11.76
CA LEU E 178 -19.70 6.40 -12.50
C LEU E 178 -18.31 6.70 -13.09
N ILE E 179 -17.25 6.22 -12.43
CA ILE E 179 -15.90 6.36 -12.98
C ILE E 179 -15.85 5.50 -14.23
N ASN E 180 -16.34 4.29 -14.10
CA ASN E 180 -16.40 3.42 -15.25
C ASN E 180 -17.22 4.01 -16.37
N ALA E 181 -18.28 4.77 -16.03
CA ALA E 181 -19.20 5.24 -17.05
C ALA E 181 -18.63 6.46 -17.76
N LEU E 182 -17.78 7.21 -17.07
CA LEU E 182 -17.08 8.33 -17.67
C LEU E 182 -15.93 7.87 -18.57
N ILE E 183 -15.30 6.75 -18.22
CA ILE E 183 -14.12 6.34 -18.96
C ILE E 183 -14.45 5.38 -20.09
N THR E 184 -15.22 4.35 -19.79
CA THR E 184 -15.41 3.27 -20.75
C THR E 184 -16.06 3.62 -22.10
N PRO E 185 -16.97 4.59 -22.12
CA PRO E 185 -17.64 4.91 -23.38
C PRO E 185 -16.81 5.78 -24.30
N ALA E 186 -15.78 6.42 -23.76
CA ALA E 186 -14.94 7.33 -24.53
C ALA E 186 -14.20 6.56 -25.62
N GLU E 187 -14.16 7.11 -26.83
CA GLU E 187 -13.56 6.39 -27.94
C GLU E 187 -12.04 6.56 -28.01
N GLU E 188 -11.56 7.72 -27.59
CA GLU E 188 -10.16 8.07 -27.73
C GLU E 188 -9.26 7.59 -26.57
N LEU E 189 -8.28 6.76 -26.90
CA LEU E 189 -7.36 6.22 -25.92
C LEU E 189 -6.74 7.32 -25.04
N ASP E 190 -6.29 8.43 -25.62
CA ASP E 190 -5.62 9.46 -24.81
C ASP E 190 -6.52 9.98 -23.72
N PHE E 191 -7.82 10.04 -24.01
CA PHE E 191 -8.81 10.54 -23.07
C PHE E 191 -9.00 9.58 -21.88
N ARG E 192 -9.30 8.32 -22.16
CA ARG E 192 -9.28 7.29 -21.11
C ARG E 192 -8.02 7.42 -20.24
N VAL E 193 -6.84 7.58 -20.86
CA VAL E 193 -5.62 7.69 -20.06
C VAL E 193 -5.56 8.94 -19.19
N HIS E 194 -5.85 10.09 -19.80
CA HIS E 194 -5.92 11.37 -19.07
C HIS E 194 -6.71 11.25 -17.78
N ILE E 195 -7.97 10.84 -17.94
CA ILE E 195 -8.92 10.71 -16.83
C ILE E 195 -8.40 9.75 -15.76
N ARG E 196 -8.09 8.54 -16.17
CA ARG E 196 -7.53 7.54 -15.24
C ARG E 196 -6.28 8.04 -14.52
N SER E 197 -5.34 8.63 -15.26
CA SER E 197 -4.18 9.21 -14.60
C SER E 197 -4.59 10.25 -13.58
N GLU E 198 -5.63 11.03 -13.92
CA GLU E 198 -6.14 12.06 -13.02
C GLU E 198 -6.70 11.50 -11.72
N LEU E 199 -7.48 10.43 -11.85
CA LEU E 199 -8.00 9.73 -10.67
C LEU E 199 -6.87 9.22 -9.78
N MET E 200 -5.86 8.62 -10.41
CA MET E 200 -4.69 8.14 -9.66
C MET E 200 -3.99 9.27 -8.89
N ARG E 201 -3.70 10.40 -9.51
CA ARG E 201 -3.09 11.47 -8.76
C ARG E 201 -3.89 11.79 -7.48
N LEU E 202 -5.17 11.46 -7.48
CA LEU E 202 -6.02 11.89 -6.38
C LEU E 202 -6.11 10.80 -5.34
N GLY E 203 -5.61 9.63 -5.67
CA GLY E 203 -5.43 8.60 -4.66
C GLY E 203 -6.10 7.32 -5.07
N LEU E 204 -6.53 7.26 -6.33
CA LEU E 204 -7.33 6.14 -6.76
C LEU E 204 -6.64 4.80 -6.52
N HIS E 205 -5.32 4.74 -6.70
CA HIS E 205 -4.64 3.46 -6.68
C HIS E 205 -4.68 2.78 -5.31
N GLN E 206 -4.44 3.53 -4.25
CA GLN E 206 -4.56 2.96 -2.90
C GLN E 206 -5.99 2.48 -2.61
N VAL E 207 -6.98 3.34 -2.86
CA VAL E 207 -8.36 2.93 -2.68
C VAL E 207 -8.68 1.62 -3.39
N LEU E 208 -8.24 1.47 -4.63
CA LEU E 208 -8.45 0.19 -5.33
C LEU E 208 -7.92 -1.04 -4.55
N GLN E 209 -6.75 -0.92 -3.92
CA GLN E 209 -6.24 -2.00 -3.07
C GLN E 209 -7.31 -2.42 -2.07
N GLU E 210 -7.94 -1.44 -1.42
CA GLU E 210 -8.90 -1.75 -0.37
C GLU E 210 -10.14 -2.44 -0.94
N LEU E 211 -10.60 -2.02 -2.12
CA LEU E 211 -11.91 -2.48 -2.64
C LEU E 211 -11.83 -3.88 -3.22
N ARG E 212 -10.62 -4.27 -3.59
CA ARG E 212 -10.41 -5.59 -4.14
C ARG E 212 -10.57 -6.68 -3.11
N GLU E 213 -10.53 -6.30 -1.84
CA GLU E 213 -10.70 -7.22 -0.73
C GLU E 213 -12.16 -7.57 -0.47
N ILE E 214 -13.03 -6.59 -0.68
CA ILE E 214 -14.44 -6.68 -0.35
C ILE E 214 -15.17 -7.80 -1.07
N GLU E 215 -15.77 -8.69 -0.30
CA GLU E 215 -16.54 -9.80 -0.84
C GLU E 215 -17.94 -9.32 -1.23
N ASN E 216 -18.04 -8.77 -2.43
CA ASN E 216 -19.31 -8.20 -2.83
C ASN E 216 -19.47 -8.21 -4.33
N GLU E 217 -20.49 -8.91 -4.81
CA GLU E 217 -20.59 -9.21 -6.22
C GLU E 217 -20.73 -7.97 -7.08
N ASP E 218 -21.42 -6.95 -6.58
CA ASP E 218 -21.60 -5.75 -7.39
C ASP E 218 -20.30 -5.01 -7.49
N MET E 219 -19.51 -5.07 -6.43
CA MET E 219 -18.23 -4.41 -6.37
C MET E 219 -17.24 -5.11 -7.30
N LYS E 220 -17.30 -6.44 -7.37
CA LYS E 220 -16.35 -7.19 -8.20
C LYS E 220 -16.57 -6.84 -9.64
N VAL E 221 -17.84 -6.70 -10.00
CA VAL E 221 -18.27 -6.47 -11.37
C VAL E 221 -17.71 -5.17 -11.90
N GLN E 222 -17.81 -4.12 -11.08
CA GLN E 222 -17.26 -2.81 -11.41
C GLN E 222 -15.75 -2.80 -11.46
N LEU E 223 -15.08 -3.51 -10.55
CA LEU E 223 -13.62 -3.65 -10.55
C LEU E 223 -13.12 -4.36 -11.81
N CYS E 224 -13.70 -5.50 -12.08
CA CYS E 224 -13.39 -6.20 -13.31
C CYS E 224 -13.57 -5.27 -14.54
N VAL E 225 -14.65 -4.49 -14.61
CA VAL E 225 -14.77 -3.53 -15.71
C VAL E 225 -13.59 -2.56 -15.79
N PHE E 226 -13.27 -1.90 -14.67
CA PHE E 226 -12.21 -0.92 -14.60
C PHE E 226 -10.86 -1.53 -14.95
N ASP E 227 -10.57 -2.69 -14.37
CA ASP E 227 -9.28 -3.36 -14.64
C ASP E 227 -9.13 -3.73 -16.10
N GLU E 228 -10.13 -4.45 -16.62
CA GLU E 228 -10.11 -4.93 -17.98
C GLU E 228 -9.96 -3.79 -18.98
N GLN E 229 -10.63 -2.68 -18.71
CA GLN E 229 -10.53 -1.51 -19.56
C GLN E 229 -9.12 -0.90 -19.53
N GLY E 230 -8.46 -0.97 -18.39
CA GLY E 230 -7.09 -0.49 -18.31
C GLY E 230 -6.15 -1.43 -19.06
N ASP E 231 -6.32 -2.74 -18.88
CA ASP E 231 -5.51 -3.66 -19.68
C ASP E 231 -5.68 -3.41 -21.17
N GLU E 232 -6.90 -3.10 -21.60
CA GLU E 232 -7.12 -2.94 -23.02
C GLU E 232 -6.42 -1.68 -23.48
N ASP E 233 -6.42 -0.64 -22.65
CA ASP E 233 -5.68 0.57 -22.99
C ASP E 233 -4.18 0.38 -23.02
N PHE E 234 -3.66 -0.51 -22.18
CA PHE E 234 -2.24 -0.82 -22.25
C PHE E 234 -1.93 -1.53 -23.56
N PHE E 235 -2.73 -2.53 -23.86
CA PHE E 235 -2.61 -3.23 -25.12
C PHE E 235 -2.68 -2.28 -26.35
N ASP E 236 -3.43 -1.19 -26.24
CA ASP E 236 -3.50 -0.26 -27.37
C ASP E 236 -2.22 0.55 -27.44
N LEU E 237 -1.76 1.02 -26.28
CA LEU E 237 -0.54 1.81 -26.23
C LEU E 237 0.64 1.03 -26.81
N LYS E 238 0.70 -0.25 -26.48
CA LYS E 238 1.73 -1.13 -27.03
C LYS E 238 1.62 -1.20 -28.54
N GLY E 239 0.41 -1.21 -29.06
CA GLY E 239 0.23 -1.26 -30.50
C GLY E 239 0.69 0.01 -31.17
N ARG E 240 0.56 1.16 -30.50
CA ARG E 240 1.08 2.41 -31.05
C ARG E 240 2.59 2.31 -31.22
N LEU E 241 3.22 1.61 -30.28
CA LEU E 241 4.66 1.42 -30.34
C LEU E 241 5.04 0.55 -31.55
N ASP E 242 4.33 -0.57 -31.75
CA ASP E 242 4.59 -1.41 -32.91
C ASP E 242 4.44 -0.59 -34.20
N ASP E 243 3.42 0.27 -34.23
CA ASP E 243 3.25 1.20 -35.35
C ASP E 243 4.47 2.12 -35.52
N ILE E 244 4.94 2.73 -34.45
CA ILE E 244 6.10 3.62 -34.53
C ILE E 244 7.36 2.94 -35.06
N ARG E 245 7.66 1.77 -34.51
CA ARG E 245 8.73 0.94 -35.02
C ARG E 245 8.62 0.64 -36.51
N MET E 246 7.41 0.40 -36.97
CA MET E 246 7.23 0.12 -38.39
C MET E 246 7.48 1.36 -39.24
N GLU E 247 6.92 2.49 -38.82
CA GLU E 247 6.97 3.72 -39.62
C GLU E 247 8.25 4.54 -39.50
N MET E 248 8.75 4.67 -38.28
CA MET E 248 9.85 5.62 -37.99
C MET E 248 11.16 4.92 -37.68
N ASP E 249 11.94 4.62 -38.70
CA ASP E 249 13.10 3.77 -38.55
C ASP E 249 14.38 4.53 -38.91
N ASP E 250 14.26 5.86 -38.99
CA ASP E 250 15.37 6.72 -39.43
C ASP E 250 15.74 7.71 -38.34
N PHE E 251 16.96 7.60 -37.85
CA PHE E 251 17.37 8.37 -36.68
C PHE E 251 17.05 9.86 -36.83
N GLY E 252 17.39 10.42 -37.97
CA GLY E 252 17.20 11.85 -38.18
C GLY E 252 15.75 12.28 -38.19
N GLU E 253 14.90 11.51 -38.85
CA GLU E 253 13.51 11.88 -39.00
C GLU E 253 12.81 11.81 -37.65
N VAL E 254 13.23 10.87 -36.80
CA VAL E 254 12.65 10.74 -35.48
C VAL E 254 13.12 11.86 -34.58
N PHE E 255 14.41 12.16 -34.66
CA PHE E 255 14.99 13.21 -33.85
C PHE E 255 14.30 14.55 -34.17
N GLN E 256 14.12 14.84 -35.44
CA GLN E 256 13.48 16.10 -35.82
C GLN E 256 12.04 16.20 -35.26
N ILE E 257 11.33 15.08 -35.23
CA ILE E 257 9.97 15.05 -34.69
C ILE E 257 9.93 15.22 -33.17
N ILE E 258 10.73 14.44 -32.45
CA ILE E 258 10.86 14.64 -31.01
C ILE E 258 11.14 16.12 -30.76
N LEU E 259 12.05 16.70 -31.54
CA LEU E 259 12.38 18.10 -31.37
C LEU E 259 11.17 18.98 -31.54
N ASN E 260 10.52 18.87 -32.71
CA ASN E 260 9.31 19.66 -33.02
C ASN E 260 8.31 19.55 -31.89
N THR E 261 8.17 18.35 -31.34
CA THR E 261 7.26 18.10 -30.21
C THR E 261 7.62 18.85 -28.91
N VAL E 262 8.90 18.91 -28.51
CA VAL E 262 9.24 19.49 -27.22
C VAL E 262 9.62 20.96 -27.29
N LYS E 263 9.90 21.44 -28.49
CA LYS E 263 10.34 22.82 -28.68
C LYS E 263 9.39 23.81 -27.97
N ASP E 264 9.96 24.80 -27.30
CA ASP E 264 9.15 25.86 -26.69
C ASP E 264 8.24 25.31 -25.59
N SER E 265 8.63 24.16 -25.06
CA SER E 265 7.93 23.46 -24.00
C SER E 265 8.83 23.27 -22.76
N LYS E 266 8.23 23.05 -21.59
CA LYS E 266 9.00 22.76 -20.40
C LYS E 266 9.81 21.46 -20.57
N ALA E 267 9.50 20.70 -21.61
CA ALA E 267 10.13 19.40 -21.86
C ALA E 267 11.46 19.47 -22.58
N GLU E 268 11.74 20.62 -23.18
CA GLU E 268 12.89 20.75 -24.05
C GLU E 268 14.19 20.51 -23.29
N PRO E 269 14.40 21.28 -22.21
CA PRO E 269 15.60 21.18 -21.37
C PRO E 269 15.87 19.76 -20.87
N HIS E 270 14.83 19.06 -20.40
CA HIS E 270 14.98 17.65 -20.01
C HIS E 270 15.54 16.79 -21.14
N PHE E 271 15.13 17.06 -22.36
CA PHE E 271 15.54 16.25 -23.49
C PHE E 271 17.02 16.51 -23.76
N LEU E 272 17.40 17.78 -23.76
CA LEU E 272 18.78 18.18 -23.88
C LEU E 272 19.61 17.51 -22.80
N SER E 273 19.15 17.52 -21.54
CA SER E 273 19.89 16.83 -20.50
C SER E 273 20.04 15.34 -20.75
N ILE E 274 18.96 14.68 -21.13
CA ILE E 274 19.05 13.27 -21.50
C ILE E 274 20.19 13.02 -22.51
N LEU E 275 20.22 13.79 -23.61
CA LEU E 275 21.22 13.56 -24.65
C LEU E 275 22.62 13.74 -24.07
N GLN E 276 22.81 14.83 -23.37
CA GLN E 276 24.06 15.08 -22.70
C GLN E 276 24.53 13.88 -21.86
N HIS E 277 23.68 13.35 -20.99
CA HIS E 277 24.00 12.15 -20.21
C HIS E 277 24.42 10.94 -21.07
N LEU E 278 23.85 10.80 -22.26
CA LEU E 278 24.26 9.69 -23.12
C LEU E 278 25.72 9.87 -23.57
N LEU E 279 26.15 11.13 -23.66
CA LEU E 279 27.53 11.45 -24.02
C LEU E 279 28.44 11.00 -22.91
N LEU E 280 27.92 10.92 -21.71
CA LEU E 280 28.72 10.60 -20.52
C LEU E 280 28.79 9.10 -20.30
N VAL E 281 28.11 8.33 -21.14
CA VAL E 281 28.11 6.89 -21.01
C VAL E 281 29.55 6.41 -21.21
N ARG E 282 30.05 5.67 -20.23
CA ARG E 282 31.45 5.23 -20.23
C ARG E 282 31.87 4.75 -21.58
N ASN E 283 33.03 5.20 -22.03
CA ASN E 283 33.46 4.81 -23.37
C ASN E 283 34.22 3.47 -23.38
N ASP E 284 33.49 2.37 -23.26
CA ASP E 284 34.05 1.02 -23.21
C ASP E 284 33.26 0.08 -24.13
N TYR E 285 33.96 -0.74 -24.91
CA TYR E 285 33.28 -1.57 -25.95
C TYR E 285 32.22 -2.52 -25.45
N GLU E 286 32.39 -3.04 -24.25
CA GLU E 286 31.43 -3.97 -23.65
C GLU E 286 30.35 -3.24 -22.88
N ALA E 287 30.72 -2.18 -22.18
CA ALA E 287 29.81 -1.54 -21.24
C ALA E 287 28.86 -0.52 -21.87
N ARG E 288 29.23 0.03 -23.02
CA ARG E 288 28.44 1.10 -23.58
C ARG E 288 27.09 0.52 -23.96
N PRO E 289 27.11 -0.48 -24.84
CA PRO E 289 25.89 -1.15 -25.30
C PRO E 289 24.98 -1.55 -24.14
N GLN E 290 25.55 -2.00 -23.04
CA GLN E 290 24.75 -2.39 -21.90
C GLN E 290 24.14 -1.22 -21.14
N TYR E 291 24.85 -0.10 -21.11
CA TYR E 291 24.33 1.13 -20.57
C TYR E 291 23.07 1.49 -21.35
N TYR E 292 23.21 1.55 -22.66
CA TYR E 292 22.13 1.93 -23.55
C TYR E 292 20.93 1.00 -23.44
N LYS E 293 21.17 -0.30 -23.38
CA LYS E 293 20.08 -1.26 -23.17
C LYS E 293 19.37 -1.02 -21.85
N LEU E 294 20.14 -0.78 -20.79
CA LEU E 294 19.56 -0.53 -19.47
C LEU E 294 18.70 0.73 -19.52
N ILE E 295 19.19 1.75 -20.24
CA ILE E 295 18.51 3.02 -20.32
C ILE E 295 17.21 2.89 -21.12
N GLU E 296 17.27 2.09 -22.19
CA GLU E 296 16.13 1.82 -23.02
C GLU E 296 15.09 1.01 -22.23
N GLU E 297 15.51 0.11 -21.37
CA GLU E 297 14.50 -0.58 -20.60
C GLU E 297 13.82 0.36 -19.64
N CYS E 298 14.57 1.26 -19.05
CA CYS E 298 14.03 2.25 -18.14
C CYS E 298 13.03 3.19 -18.86
N VAL E 299 13.41 3.67 -20.03
CA VAL E 299 12.52 4.53 -20.78
C VAL E 299 11.23 3.81 -21.17
N SER E 300 11.38 2.61 -21.73
CA SER E 300 10.23 1.80 -22.02
C SER E 300 9.27 1.65 -20.84
N GLN E 301 9.76 1.30 -19.65
CA GLN E 301 8.85 1.04 -18.54
C GLN E 301 8.18 2.26 -17.96
N ILE E 302 8.72 3.41 -18.30
CA ILE E 302 8.15 4.66 -17.89
C ILE E 302 7.07 5.09 -18.91
N VAL E 303 7.43 5.11 -20.17
CA VAL E 303 6.55 5.59 -21.21
C VAL E 303 5.32 4.66 -21.44
N LEU E 304 5.56 3.38 -21.52
CA LEU E 304 4.53 2.38 -21.54
C LEU E 304 4.22 1.94 -20.15
N HIS E 305 3.69 2.82 -19.33
CA HIS E 305 3.23 2.41 -18.01
C HIS E 305 2.08 1.41 -18.14
N LYS E 306 1.98 0.48 -17.20
CA LYS E 306 0.94 -0.55 -17.27
C LYS E 306 -0.43 -0.01 -16.81
N ASN E 307 -1.51 -0.71 -17.16
CA ASN E 307 -2.84 -0.32 -16.67
C ASN E 307 -3.41 0.99 -17.19
N GLY E 308 -2.91 1.46 -18.33
CA GLY E 308 -3.46 2.66 -18.92
C GLY E 308 -3.48 3.92 -18.08
N THR E 309 -2.59 4.02 -17.09
CA THR E 309 -2.38 5.27 -16.37
C THR E 309 -0.97 5.83 -16.63
N ASP E 310 -0.79 7.11 -16.32
CA ASP E 310 0.54 7.73 -16.34
C ASP E 310 1.33 7.16 -15.18
N PRO E 311 2.66 7.29 -15.22
CA PRO E 311 3.50 7.00 -14.06
C PRO E 311 3.13 7.95 -12.94
N ASP E 312 3.34 7.56 -11.70
CA ASP E 312 3.21 8.48 -10.57
C ASP E 312 4.45 9.38 -10.45
N PHE E 313 4.36 10.61 -10.93
CA PHE E 313 5.54 11.48 -10.97
C PHE E 313 5.97 12.00 -9.60
N LYS E 314 5.29 11.56 -8.55
CA LYS E 314 5.61 12.03 -7.19
C LYS E 314 6.37 10.93 -6.45
N CYS E 315 6.21 9.70 -6.95
CA CYS E 315 6.90 8.53 -6.43
C CYS E 315 8.38 8.56 -6.80
N ARG E 316 9.24 8.48 -5.79
CA ARG E 316 10.67 8.68 -5.94
C ARG E 316 11.47 7.39 -5.99
N HIS E 317 10.80 6.28 -6.31
CA HIS E 317 11.47 5.02 -6.48
C HIS E 317 10.88 4.17 -7.60
N LEU E 318 11.72 3.77 -8.56
CA LEU E 318 11.32 2.85 -9.61
C LEU E 318 12.09 1.56 -9.56
N GLN E 319 11.44 0.50 -10.03
CA GLN E 319 12.07 -0.80 -10.13
C GLN E 319 11.99 -1.21 -11.57
N ILE E 320 13.14 -1.26 -12.22
CA ILE E 320 13.18 -1.56 -13.62
C ILE E 320 13.38 -3.07 -13.77
N ASP E 321 12.61 -3.72 -14.63
CA ASP E 321 12.69 -5.18 -14.78
C ASP E 321 13.59 -5.47 -15.98
N ILE E 322 14.39 -6.53 -15.95
CA ILE E 322 15.31 -6.76 -17.07
C ILE E 322 15.65 -8.24 -17.31
N LYS F 2 10.92 -13.73 -83.82
CA LYS F 2 9.62 -14.22 -83.36
C LYS F 2 8.53 -13.18 -83.63
N VAL F 3 7.29 -13.47 -83.21
CA VAL F 3 6.16 -12.55 -83.43
C VAL F 3 5.09 -12.55 -82.34
N TYR F 4 4.70 -11.34 -81.90
CA TYR F 4 3.66 -11.16 -80.90
C TYR F 4 2.42 -10.51 -81.50
N LYS F 5 1.35 -10.49 -80.71
CA LYS F 5 0.11 -9.82 -81.09
C LYS F 5 -0.66 -9.48 -79.84
N PRO F 6 -0.25 -8.39 -79.15
CA PRO F 6 -0.90 -7.89 -77.94
C PRO F 6 -2.24 -7.23 -78.25
N GLU F 7 -3.10 -7.11 -77.24
CA GLU F 7 -4.41 -6.49 -77.43
C GLU F 7 -4.35 -4.97 -77.35
N VAL F 8 -3.51 -4.47 -76.44
CA VAL F 8 -3.41 -3.04 -76.22
C VAL F 8 -2.06 -2.50 -76.65
N GLN F 9 -2.07 -1.43 -77.43
CA GLN F 9 -0.81 -0.80 -77.82
C GLN F 9 -0.08 -0.36 -76.56
N LEU F 10 1.19 -0.69 -76.48
CA LEU F 10 2.01 -0.25 -75.36
C LEU F 10 2.91 0.93 -75.78
N ARG F 11 3.31 1.76 -74.82
CA ARG F 11 4.36 2.73 -75.10
C ARG F 11 5.60 1.96 -75.47
N ARG F 12 6.43 2.53 -76.33
CA ARG F 12 7.64 1.82 -76.74
C ARG F 12 8.92 2.64 -76.68
N PRO F 13 10.06 1.95 -76.77
CA PRO F 13 11.39 2.51 -76.96
C PRO F 13 11.65 2.70 -78.44
N ASN F 14 11.81 3.93 -78.92
CA ASN F 14 12.02 4.16 -80.36
C ASN F 14 13.44 3.97 -80.81
N TRP F 15 14.10 2.97 -80.23
CA TRP F 15 15.46 2.63 -80.62
C TRP F 15 15.64 2.38 -82.10
N SER F 16 16.89 2.24 -82.53
CA SER F 16 17.16 1.83 -83.88
C SER F 16 17.37 0.34 -83.83
N LYS F 17 16.62 -0.40 -84.64
CA LYS F 17 16.61 -1.85 -84.57
C LYS F 17 17.76 -2.50 -85.36
N PHE F 18 18.11 -3.74 -84.99
CA PHE F 18 19.02 -4.57 -85.78
C PHE F 18 18.25 -5.72 -86.42
N VAL F 19 18.50 -5.97 -87.71
CA VAL F 19 17.91 -7.13 -88.38
C VAL F 19 18.99 -8.20 -88.63
N ALA F 20 18.60 -9.46 -88.55
CA ALA F 20 19.55 -10.58 -88.66
C ALA F 20 20.45 -10.44 -89.87
N GLU F 21 19.93 -9.81 -90.92
CA GLU F 21 20.61 -9.70 -92.21
C GLU F 21 22.03 -9.14 -92.12
N ASP F 22 22.34 -8.12 -92.90
CA ASP F 22 23.70 -7.59 -92.88
C ASP F 22 24.06 -7.13 -91.48
N LEU F 23 23.02 -6.87 -90.67
CA LEU F 23 23.25 -6.29 -89.34
C LEU F 23 23.97 -7.22 -88.35
N SER F 24 23.53 -8.47 -88.20
CA SER F 24 24.22 -9.40 -87.31
C SER F 24 25.36 -10.14 -88.05
N GLN F 25 26.31 -10.74 -87.33
CA GLN F 25 27.38 -11.53 -87.95
C GLN F 25 27.81 -12.75 -87.13
N ASP F 26 28.67 -12.55 -86.15
CA ASP F 26 28.93 -13.59 -85.16
C ASP F 26 29.04 -12.90 -83.80
N CYS F 27 28.19 -11.90 -83.65
CA CYS F 27 28.17 -11.01 -82.51
C CYS F 27 27.45 -11.58 -81.30
N PHE F 28 27.08 -10.68 -80.39
CA PHE F 28 26.44 -11.03 -79.12
C PHE F 28 25.00 -11.45 -79.34
N TRP F 29 24.36 -10.78 -80.26
CA TRP F 29 22.95 -11.01 -80.51
C TRP F 29 22.66 -12.34 -81.19
N THR F 30 23.59 -12.81 -82.02
CA THR F 30 23.36 -14.08 -82.72
C THR F 30 23.19 -15.23 -81.75
N LYS F 31 23.80 -15.13 -80.57
CA LYS F 31 23.78 -16.21 -79.61
C LYS F 31 22.79 -15.96 -78.48
N VAL F 32 21.65 -15.38 -78.82
CA VAL F 32 20.64 -15.09 -77.82
C VAL F 32 19.48 -16.06 -77.96
N LYS F 33 18.95 -16.51 -76.83
CA LYS F 33 17.79 -17.38 -76.82
C LYS F 33 16.54 -16.58 -76.51
N GLU F 34 15.71 -16.34 -77.53
CA GLU F 34 14.60 -15.38 -77.40
C GLU F 34 13.60 -15.73 -76.30
N ASP F 35 13.31 -17.01 -76.14
CA ASP F 35 12.35 -17.45 -75.13
C ASP F 35 12.92 -17.47 -73.70
N ARG F 36 14.25 -17.39 -73.58
CA ARG F 36 14.95 -17.50 -72.29
C ARG F 36 14.32 -16.73 -71.09
N PHE F 37 13.57 -15.67 -71.34
CA PHE F 37 13.00 -14.89 -70.24
C PHE F 37 11.49 -14.76 -70.30
N GLU F 38 10.85 -15.34 -71.32
CA GLU F 38 9.40 -15.20 -71.54
C GLU F 38 8.53 -15.73 -70.40
N ASN F 39 7.54 -14.94 -70.02
CA ASN F 39 6.42 -15.34 -69.14
C ASN F 39 5.19 -14.67 -69.69
N ASN F 40 4.02 -15.19 -69.37
CA ASN F 40 2.80 -14.49 -69.72
C ASN F 40 2.49 -13.43 -68.66
N GLU F 41 3.15 -13.56 -67.51
CA GLU F 41 3.02 -12.61 -66.40
C GLU F 41 3.88 -11.38 -66.63
N LEU F 42 5.11 -11.59 -67.09
CA LEU F 42 5.97 -10.48 -67.48
C LEU F 42 5.21 -9.55 -68.43
N PHE F 43 4.69 -10.12 -69.50
CA PHE F 43 3.94 -9.35 -70.48
C PHE F 43 2.65 -8.79 -69.88
N ALA F 44 2.27 -9.32 -68.73
CA ALA F 44 1.06 -8.84 -68.04
C ALA F 44 1.38 -7.60 -67.20
N LYS F 45 2.43 -7.68 -66.38
CA LYS F 45 2.86 -6.54 -65.59
C LYS F 45 3.15 -5.40 -66.54
N LEU F 46 3.79 -5.76 -67.65
CA LEU F 46 4.29 -4.79 -68.62
C LEU F 46 3.15 -4.11 -69.35
N THR F 47 2.16 -4.90 -69.79
CA THR F 47 1.00 -4.35 -70.45
C THR F 47 0.22 -3.42 -69.52
N LEU F 48 0.32 -3.68 -68.23
CA LEU F 48 -0.32 -2.83 -67.23
C LEU F 48 0.35 -1.46 -67.17
N ALA F 49 1.66 -1.47 -66.95
CA ALA F 49 2.42 -0.25 -66.73
C ALA F 49 2.42 0.71 -67.93
N PHE F 50 2.58 0.15 -69.12
CA PHE F 50 2.90 0.98 -70.28
C PHE F 50 1.87 0.96 -71.40
N SER F 51 0.59 0.96 -71.09
CA SER F 51 -0.39 1.02 -72.16
C SER F 51 -0.64 2.49 -72.50
N ALA F 52 -1.07 2.75 -73.74
CA ALA F 52 -1.37 4.12 -74.17
C ALA F 52 -2.87 4.35 -74.36
N GLN F 53 -3.44 5.20 -73.51
CA GLN F 53 -4.88 5.49 -73.55
C GLN F 53 -5.14 6.99 -73.73
N VAL F 77 -27.50 23.56 -92.84
CA VAL F 77 -26.50 24.63 -92.92
C VAL F 77 -27.03 25.84 -93.71
N LYS F 78 -27.10 26.99 -93.04
CA LYS F 78 -27.57 28.22 -93.68
C LYS F 78 -26.42 29.10 -94.24
N GLU F 79 -26.40 29.28 -95.55
CA GLU F 79 -25.30 29.95 -96.26
C GLU F 79 -24.94 31.38 -95.79
N LEU F 80 -23.65 31.63 -95.55
CA LEU F 80 -23.19 32.96 -95.17
C LEU F 80 -23.39 33.98 -96.30
N LYS F 81 -23.65 35.23 -95.92
CA LYS F 81 -23.86 36.29 -96.91
C LYS F 81 -22.84 37.41 -96.71
N VAL F 82 -22.26 37.51 -95.51
CA VAL F 82 -21.24 38.54 -95.22
C VAL F 82 -19.92 38.04 -94.61
N LEU F 83 -19.96 37.54 -93.38
CA LEU F 83 -18.77 37.16 -92.61
C LEU F 83 -17.71 36.36 -93.37
N ASP F 84 -16.45 36.67 -93.13
CA ASP F 84 -15.36 35.86 -93.66
C ASP F 84 -15.44 34.44 -93.11
N SER F 85 -14.75 33.51 -93.76
CA SER F 85 -14.85 32.12 -93.33
C SER F 85 -14.44 31.90 -91.87
N LYS F 86 -13.29 32.44 -91.47
CA LYS F 86 -12.79 32.31 -90.09
C LYS F 86 -13.80 32.80 -89.05
N THR F 87 -14.05 34.11 -89.05
CA THR F 87 -14.98 34.73 -88.12
C THR F 87 -16.27 33.93 -87.94
N ALA F 88 -16.81 33.38 -89.02
CA ALA F 88 -18.05 32.62 -88.94
C ALA F 88 -17.89 31.39 -88.04
N GLN F 89 -16.80 30.68 -88.22
CA GLN F 89 -16.55 29.46 -87.44
C GLN F 89 -16.24 29.76 -85.96
N ASN F 90 -15.47 30.80 -85.70
CA ASN F 90 -15.27 31.28 -84.34
C ASN F 90 -16.57 31.62 -83.62
N LEU F 91 -17.36 32.51 -84.22
CA LEU F 91 -18.65 32.89 -83.67
C LEU F 91 -19.55 31.68 -83.51
N SER F 92 -19.41 30.74 -84.45
CA SER F 92 -20.20 29.54 -84.43
C SER F 92 -19.94 28.74 -83.16
N ILE F 93 -18.68 28.71 -82.73
CA ILE F 93 -18.32 27.96 -81.56
C ILE F 93 -18.64 28.76 -80.32
N PHE F 94 -18.28 30.04 -80.35
CA PHE F 94 -18.47 30.89 -79.19
C PHE F 94 -19.93 30.97 -78.79
N LEU F 95 -20.79 31.32 -79.75
CA LEU F 95 -22.24 31.40 -79.51
C LEU F 95 -22.83 30.05 -79.12
N GLY F 96 -22.05 29.00 -79.29
CA GLY F 96 -22.47 27.65 -78.92
C GLY F 96 -22.19 27.34 -77.46
N SER F 97 -21.06 27.82 -76.96
CA SER F 97 -20.73 27.64 -75.56
C SER F 97 -21.43 28.70 -74.71
N PHE F 98 -21.54 29.91 -75.25
CA PHE F 98 -22.15 31.02 -74.54
C PHE F 98 -23.59 30.71 -74.23
N ARG F 99 -24.38 30.45 -75.26
CA ARG F 99 -25.76 30.04 -75.07
C ARG F 99 -26.56 31.08 -74.29
N MET F 100 -26.93 32.13 -74.98
CA MET F 100 -27.79 33.16 -74.44
C MET F 100 -28.41 33.81 -75.66
N PRO F 101 -29.63 34.31 -75.52
CA PRO F 101 -30.39 34.92 -76.63
C PRO F 101 -29.68 36.16 -77.19
N TYR F 102 -29.66 36.30 -78.52
CA TYR F 102 -28.94 37.40 -79.16
C TYR F 102 -29.59 38.73 -78.80
N GLN F 103 -30.83 38.64 -78.33
CA GLN F 103 -31.57 39.83 -77.90
C GLN F 103 -31.22 40.16 -76.44
N GLU F 104 -31.09 39.14 -75.60
CA GLU F 104 -30.59 39.32 -74.24
C GLU F 104 -29.22 39.99 -74.28
N ILE F 105 -28.27 39.38 -75.00
CA ILE F 105 -26.93 39.94 -75.12
C ILE F 105 -26.98 41.43 -75.45
N LYS F 106 -27.83 41.79 -76.40
CA LYS F 106 -27.97 43.19 -76.78
C LYS F 106 -28.37 44.05 -75.57
N ASN F 107 -29.29 43.52 -74.76
CA ASN F 107 -29.83 44.25 -73.62
C ASN F 107 -28.77 44.58 -72.58
N VAL F 108 -28.12 43.55 -72.04
CA VAL F 108 -27.07 43.72 -71.04
C VAL F 108 -26.08 44.83 -71.42
N ILE F 109 -25.66 44.85 -72.68
CA ILE F 109 -24.71 45.84 -73.18
C ILE F 109 -25.25 47.28 -73.12
N LEU F 110 -26.53 47.44 -73.41
CA LEU F 110 -27.13 48.77 -73.40
C LEU F 110 -27.36 49.28 -71.99
N GLU F 111 -28.01 48.47 -71.16
CA GLU F 111 -28.34 48.87 -69.78
C GLU F 111 -27.09 48.99 -68.93
N VAL F 112 -26.05 48.27 -69.33
CA VAL F 112 -24.86 48.12 -68.52
C VAL F 112 -25.23 47.36 -67.24
N ASN F 113 -26.14 46.42 -67.40
CA ASN F 113 -26.62 45.55 -66.33
C ASN F 113 -25.47 44.78 -65.66
N GLU F 114 -24.96 45.34 -64.56
CA GLU F 114 -23.78 44.79 -63.92
C GLU F 114 -24.06 43.49 -63.16
N ALA F 115 -25.31 43.04 -63.18
CA ALA F 115 -25.66 41.77 -62.55
C ALA F 115 -25.38 40.58 -63.46
N VAL F 116 -25.02 40.87 -64.72
CA VAL F 116 -24.75 39.82 -65.71
C VAL F 116 -23.35 39.93 -66.28
N LEU F 117 -22.94 41.17 -66.54
CA LEU F 117 -21.62 41.44 -67.07
C LEU F 117 -20.51 40.83 -66.23
N THR F 118 -19.42 40.45 -66.88
CA THR F 118 -18.22 40.00 -66.19
C THR F 118 -17.00 40.41 -67.01
N GLU F 119 -15.86 40.54 -66.35
CA GLU F 119 -14.64 40.83 -67.08
C GLU F 119 -14.55 39.81 -68.21
N SER F 120 -14.69 38.54 -67.83
CA SER F 120 -14.62 37.41 -68.77
C SER F 120 -15.52 37.56 -70.00
N MET F 121 -16.80 37.80 -69.75
CA MET F 121 -17.83 37.82 -70.78
C MET F 121 -17.66 38.98 -71.76
N ILE F 122 -17.32 40.14 -71.22
CA ILE F 122 -17.10 41.34 -72.04
C ILE F 122 -15.78 41.27 -72.81
N GLN F 123 -14.88 40.39 -72.38
CA GLN F 123 -13.62 40.20 -73.11
C GLN F 123 -13.73 39.11 -74.17
N ASN F 124 -14.80 38.32 -74.09
CA ASN F 124 -15.14 37.39 -75.16
C ASN F 124 -15.85 38.09 -76.31
N LEU F 125 -16.80 38.96 -75.98
CA LEU F 125 -17.54 39.70 -76.99
C LEU F 125 -16.63 40.58 -77.85
N ILE F 126 -15.71 41.30 -77.20
CA ILE F 126 -14.74 42.11 -77.94
C ILE F 126 -13.86 41.24 -78.84
N LYS F 127 -13.62 40.01 -78.40
CA LYS F 127 -12.74 39.08 -79.10
C LYS F 127 -13.42 38.50 -80.34
N GLN F 128 -14.70 38.16 -80.18
CA GLN F 128 -15.48 37.53 -81.25
C GLN F 128 -16.21 38.50 -82.18
N MET F 129 -16.55 39.70 -81.70
CA MET F 129 -17.27 40.68 -82.53
C MET F 129 -16.69 40.83 -83.93
N PRO F 130 -17.55 40.72 -84.95
CA PRO F 130 -17.14 41.01 -86.33
C PRO F 130 -16.63 42.46 -86.45
N GLU F 131 -15.85 42.73 -87.49
CA GLU F 131 -15.37 44.09 -87.78
C GLU F 131 -16.58 45.04 -87.85
N PRO F 132 -16.37 46.36 -87.71
CA PRO F 132 -17.55 47.23 -87.82
C PRO F 132 -18.14 47.22 -89.24
N GLU F 133 -17.29 47.02 -90.25
CA GLU F 133 -17.74 46.93 -91.64
C GLU F 133 -18.63 45.71 -91.88
N GLN F 134 -18.29 44.60 -91.25
CA GLN F 134 -19.07 43.36 -91.36
C GLN F 134 -20.41 43.49 -90.64
N LEU F 135 -20.50 44.42 -89.69
CA LEU F 135 -21.75 44.65 -89.00
C LEU F 135 -22.60 45.62 -89.82
N LYS F 136 -21.96 46.62 -90.43
CA LYS F 136 -22.68 47.54 -91.29
C LYS F 136 -23.27 46.76 -92.46
N MET F 137 -22.55 45.78 -92.96
CA MET F 137 -22.98 45.00 -94.12
C MET F 137 -24.09 44.01 -93.79
N LEU F 138 -24.12 43.55 -92.55
CA LEU F 138 -25.20 42.70 -92.07
C LEU F 138 -26.38 43.53 -91.61
N SER F 139 -26.13 44.78 -91.21
CA SER F 139 -27.21 45.65 -90.75
C SER F 139 -28.05 46.05 -91.95
N GLU F 140 -27.49 45.86 -93.15
CA GLU F 140 -28.20 46.11 -94.40
C GLU F 140 -28.85 44.85 -94.99
N LEU F 141 -28.89 43.79 -94.20
CA LEU F 141 -29.62 42.57 -94.55
C LEU F 141 -30.53 42.11 -93.40
N LYS F 142 -30.94 43.04 -92.53
CA LYS F 142 -31.79 42.68 -91.39
C LYS F 142 -33.16 42.16 -91.83
N GLU F 143 -33.37 42.14 -93.15
CA GLU F 143 -34.61 41.68 -93.75
C GLU F 143 -34.71 40.16 -93.82
N GLU F 144 -33.62 39.53 -94.24
CA GLU F 144 -33.62 38.07 -94.41
C GLU F 144 -33.25 37.33 -93.12
N TYR F 145 -33.53 37.93 -91.96
CA TYR F 145 -33.00 37.42 -90.68
C TYR F 145 -33.19 35.94 -90.36
N ASP F 146 -34.38 35.39 -90.63
CA ASP F 146 -34.62 33.99 -90.32
C ASP F 146 -33.86 33.05 -91.25
N ASP F 147 -33.39 33.60 -92.38
CA ASP F 147 -32.68 32.85 -93.42
C ASP F 147 -31.16 32.78 -93.14
N LEU F 148 -30.68 33.68 -92.28
CA LEU F 148 -29.25 33.77 -91.94
C LEU F 148 -28.81 32.70 -90.96
N ALA F 149 -27.52 32.35 -90.99
CA ALA F 149 -26.99 31.44 -89.98
C ALA F 149 -26.82 32.12 -88.61
N GLU F 150 -26.61 31.31 -87.58
CA GLU F 150 -26.50 31.81 -86.21
C GLU F 150 -25.52 32.96 -86.10
N SER F 151 -24.29 32.68 -86.54
CA SER F 151 -23.20 33.67 -86.51
C SER F 151 -23.62 35.01 -87.10
N GLU F 152 -24.45 34.99 -88.13
CA GLU F 152 -24.86 36.24 -88.76
C GLU F 152 -26.09 36.87 -88.10
N GLN F 153 -26.97 36.05 -87.55
CA GLN F 153 -28.07 36.58 -86.76
C GLN F 153 -27.51 37.46 -85.65
N PHE F 154 -26.55 36.91 -84.93
CA PHE F 154 -25.89 37.65 -83.88
C PHE F 154 -25.36 38.95 -84.45
N GLY F 155 -24.74 38.85 -85.62
CA GLY F 155 -24.14 40.01 -86.26
C GLY F 155 -25.13 41.12 -86.52
N VAL F 156 -26.34 40.74 -86.95
CA VAL F 156 -27.37 41.73 -87.26
C VAL F 156 -27.90 42.42 -86.01
N VAL F 157 -28.00 41.66 -84.92
CA VAL F 157 -28.47 42.20 -83.65
C VAL F 157 -27.50 43.28 -83.16
N MET F 158 -26.21 42.91 -83.07
CA MET F 158 -25.12 43.81 -82.69
C MET F 158 -24.85 44.94 -83.70
N GLY F 159 -25.16 44.68 -84.97
CA GLY F 159 -25.00 45.68 -86.01
C GLY F 159 -25.91 46.86 -85.73
N THR F 160 -26.69 46.70 -84.66
CA THR F 160 -27.69 47.68 -84.22
C THR F 160 -27.23 48.61 -83.12
N VAL F 161 -26.54 48.04 -82.13
CA VAL F 161 -26.03 48.82 -81.02
C VAL F 161 -25.05 49.87 -81.53
N PRO F 162 -25.43 51.15 -81.36
CA PRO F 162 -24.70 52.32 -81.86
C PRO F 162 -23.37 52.46 -81.14
N ARG F 163 -22.32 52.80 -81.87
CA ARG F 163 -21.01 52.92 -81.24
C ARG F 163 -20.78 51.70 -80.37
N LEU F 164 -20.78 50.52 -80.97
CA LEU F 164 -20.65 49.28 -80.19
C LEU F 164 -19.27 49.12 -79.58
N ARG F 165 -18.23 49.25 -80.39
CA ARG F 165 -16.88 49.00 -79.89
C ARG F 165 -16.47 49.95 -78.74
N PRO F 166 -16.65 51.26 -78.91
CA PRO F 166 -16.39 52.17 -77.79
C PRO F 166 -17.16 51.76 -76.53
N ARG F 167 -18.38 51.26 -76.74
CA ARG F 167 -19.28 50.90 -75.66
C ARG F 167 -18.78 49.69 -74.88
N LEU F 168 -18.22 48.72 -75.58
CA LEU F 168 -17.64 47.54 -74.94
C LEU F 168 -16.31 47.89 -74.27
N ASN F 169 -15.51 48.71 -74.96
CA ASN F 169 -14.30 49.29 -74.40
C ASN F 169 -14.52 49.96 -73.05
N ALA F 170 -15.38 50.96 -73.03
CA ALA F 170 -15.69 51.67 -71.82
C ALA F 170 -16.20 50.73 -70.73
N ILE F 171 -17.05 49.78 -71.11
CA ILE F 171 -17.70 48.89 -70.15
C ILE F 171 -16.69 48.02 -69.43
N LEU F 172 -15.65 47.61 -70.15
CA LEU F 172 -14.57 46.83 -69.56
C LEU F 172 -13.73 47.65 -68.58
N PHE F 173 -13.16 48.75 -69.05
CA PHE F 173 -12.35 49.64 -68.20
C PHE F 173 -13.02 49.84 -66.84
N LYS F 174 -14.34 49.87 -66.84
CA LYS F 174 -15.12 50.00 -65.61
C LYS F 174 -15.10 48.72 -64.78
N LEU F 175 -15.25 47.58 -65.44
CA LEU F 175 -15.22 46.28 -64.76
C LEU F 175 -13.86 46.02 -64.14
N GLN F 176 -12.81 46.61 -64.72
CA GLN F 176 -11.45 46.38 -64.26
C GLN F 176 -10.90 47.47 -63.37
N PHE F 177 -11.56 48.62 -63.35
CA PHE F 177 -11.01 49.80 -62.70
C PHE F 177 -10.56 49.53 -61.28
N SER F 178 -11.48 49.04 -60.45
CA SER F 178 -11.18 48.70 -59.07
C SER F 178 -9.84 47.97 -58.94
N GLU F 179 -9.70 46.86 -59.68
CA GLU F 179 -8.50 46.04 -59.58
C GLU F 179 -7.22 46.77 -59.97
N GLN F 180 -7.26 47.61 -60.99
CA GLN F 180 -6.04 48.29 -61.40
C GLN F 180 -5.67 49.45 -60.47
N VAL F 181 -6.66 49.94 -59.72
CA VAL F 181 -6.44 50.93 -58.66
C VAL F 181 -5.56 50.35 -57.56
N GLU F 182 -5.72 49.06 -57.34
CA GLU F 182 -5.09 48.39 -56.20
C GLU F 182 -3.83 47.62 -56.59
N ASN F 183 -3.32 47.88 -57.78
CA ASN F 183 -2.01 47.39 -58.16
C ASN F 183 -1.08 48.59 -58.11
N ILE F 184 -1.69 49.77 -57.96
CA ILE F 184 -0.94 51.01 -57.93
C ILE F 184 -0.79 51.47 -56.50
N LYS F 185 -1.86 51.34 -55.71
CA LYS F 185 -1.95 51.99 -54.41
C LYS F 185 -0.97 51.42 -53.39
N PRO F 186 -1.01 50.10 -53.17
CA PRO F 186 -0.17 49.49 -52.12
C PRO F 186 1.31 49.74 -52.39
N GLU F 187 1.70 49.86 -53.66
CA GLU F 187 3.10 50.17 -53.95
C GLU F 187 3.40 51.60 -53.54
N ILE F 188 2.51 52.52 -53.89
CA ILE F 188 2.67 53.92 -53.50
C ILE F 188 2.68 54.07 -51.98
N VAL F 189 2.02 53.14 -51.30
CA VAL F 189 2.04 53.11 -49.83
C VAL F 189 3.39 52.63 -49.28
N SER F 190 3.89 51.51 -49.82
CA SER F 190 5.17 50.96 -49.41
C SER F 190 6.32 51.96 -49.53
N VAL F 191 6.51 52.51 -50.72
CA VAL F 191 7.58 53.49 -50.94
C VAL F 191 7.43 54.66 -49.97
N THR F 192 6.20 55.15 -49.83
CA THR F 192 5.93 56.25 -48.92
C THR F 192 6.35 55.88 -47.49
N ALA F 193 5.90 54.73 -47.02
CA ALA F 193 6.23 54.27 -45.68
C ALA F 193 7.73 54.11 -45.49
N ALA F 194 8.37 53.36 -46.38
CA ALA F 194 9.82 53.21 -46.31
C ALA F 194 10.52 54.58 -46.26
N CYS F 195 10.08 55.51 -47.10
CA CYS F 195 10.67 56.84 -47.11
C CYS F 195 10.56 57.55 -45.76
N GLU F 196 9.47 57.27 -45.05
CA GLU F 196 9.24 57.86 -43.74
C GLU F 196 10.05 57.14 -42.68
N GLU F 197 10.04 55.81 -42.72
CA GLU F 197 10.79 54.98 -41.80
C GLU F 197 12.26 55.37 -41.75
N LEU F 198 12.80 55.73 -42.90
CA LEU F 198 14.20 56.11 -43.01
C LEU F 198 14.46 57.48 -42.42
N ARG F 199 13.81 58.50 -42.98
CA ARG F 199 13.95 59.88 -42.53
C ARG F 199 13.86 60.00 -41.00
N LYS F 200 13.18 59.04 -40.40
CA LYS F 200 12.77 59.12 -39.01
C LYS F 200 13.54 58.16 -38.11
N SER F 201 14.43 57.35 -38.69
CA SER F 201 15.15 56.37 -37.88
C SER F 201 16.41 56.97 -37.30
N GLU F 202 16.37 57.25 -36.01
CA GLU F 202 17.50 57.84 -35.32
C GLU F 202 18.57 56.77 -35.09
N ASN F 203 18.16 55.52 -34.94
CA ASN F 203 19.09 54.41 -34.79
C ASN F 203 19.95 54.19 -36.04
N PHE F 204 19.35 54.38 -37.22
CA PHE F 204 20.07 54.35 -38.49
C PHE F 204 21.01 55.56 -38.58
N SER F 205 20.47 56.75 -38.35
CA SER F 205 21.28 57.96 -38.28
C SER F 205 22.52 57.75 -37.41
N SER F 206 22.31 57.17 -36.24
CA SER F 206 23.42 56.85 -35.34
C SER F 206 24.49 56.07 -36.09
N LEU F 207 24.11 54.94 -36.68
CA LEU F 207 25.07 54.13 -37.41
C LEU F 207 25.86 54.93 -38.44
N LEU F 208 25.22 55.92 -39.06
CA LEU F 208 25.92 56.76 -40.03
C LEU F 208 26.97 57.62 -39.36
N GLU F 209 26.59 58.24 -38.25
CA GLU F 209 27.50 59.11 -37.52
C GLU F 209 28.71 58.32 -37.04
N LEU F 210 28.44 57.12 -36.53
CA LEU F 210 29.50 56.25 -36.04
C LEU F 210 30.40 55.81 -37.19
N THR F 211 29.81 55.66 -38.38
CA THR F 211 30.57 55.24 -39.54
C THR F 211 31.47 56.39 -39.98
N LEU F 212 30.90 57.58 -40.07
CA LEU F 212 31.66 58.77 -40.46
C LEU F 212 32.87 58.93 -39.59
N LEU F 213 32.67 58.79 -38.28
CA LEU F 213 33.77 58.95 -37.33
C LEU F 213 34.90 58.00 -37.68
N VAL F 214 34.62 56.70 -37.53
CA VAL F 214 35.59 55.67 -37.82
C VAL F 214 36.25 55.94 -39.16
N GLY F 215 35.42 56.09 -40.18
CA GLY F 215 35.94 56.35 -41.50
C GLY F 215 36.99 57.45 -41.45
N ASN F 216 36.64 58.57 -40.83
CA ASN F 216 37.53 59.73 -40.78
C ASN F 216 38.89 59.46 -40.15
N TYR F 217 38.89 58.80 -39.01
CA TYR F 217 40.16 58.41 -38.40
C TYR F 217 40.92 57.54 -39.39
N MET F 218 40.26 56.52 -39.91
CA MET F 218 40.89 55.64 -40.87
C MET F 218 41.51 56.42 -42.04
N ASN F 219 40.74 57.35 -42.62
CA ASN F 219 41.20 58.17 -43.74
C ASN F 219 42.10 59.34 -43.32
N ALA F 220 42.50 59.38 -42.05
CA ALA F 220 43.32 60.50 -41.56
C ALA F 220 44.59 60.70 -42.40
N GLY F 221 44.71 61.85 -43.05
CA GLY F 221 45.87 62.13 -43.88
C GLY F 221 45.76 61.72 -45.35
N SER F 222 44.63 61.13 -45.74
CA SER F 222 44.35 60.83 -47.14
C SER F 222 43.58 62.00 -47.73
N ARG F 223 43.31 61.98 -49.03
CA ARG F 223 42.47 63.02 -49.63
C ARG F 223 41.08 63.01 -48.99
N ASN F 224 40.70 61.89 -48.38
CA ASN F 224 39.38 61.72 -47.78
C ASN F 224 39.27 62.21 -46.34
N ALA F 225 40.40 62.56 -45.74
CA ALA F 225 40.44 62.94 -44.33
C ALA F 225 39.50 64.09 -44.03
N GLY F 226 39.15 64.25 -42.75
CA GLY F 226 38.15 65.24 -42.38
C GLY F 226 37.00 65.33 -43.37
N ALA F 227 36.13 64.32 -43.39
CA ALA F 227 34.94 64.36 -44.25
C ALA F 227 33.72 64.81 -43.45
N PHE F 228 32.87 65.64 -44.04
CA PHE F 228 31.67 66.09 -43.33
C PHE F 228 30.49 65.14 -43.55
N GLY F 229 30.71 64.11 -44.37
CA GLY F 229 29.75 63.06 -44.62
C GLY F 229 30.16 62.21 -45.81
N PHE F 230 29.56 61.04 -45.97
CA PHE F 230 29.82 60.20 -47.14
C PHE F 230 28.51 59.91 -47.86
N ASN F 231 28.59 59.45 -49.10
CA ASN F 231 27.37 59.18 -49.83
C ASN F 231 26.77 57.84 -49.41
N ILE F 232 25.51 57.87 -49.00
CA ILE F 232 24.85 56.73 -48.36
C ILE F 232 24.75 55.42 -49.21
N SER F 233 24.93 55.56 -50.52
CA SER F 233 25.01 54.41 -51.41
C SER F 233 26.22 53.54 -51.04
N PHE F 234 27.18 54.15 -50.39
CA PHE F 234 28.44 53.49 -50.13
C PHE F 234 28.36 52.40 -49.07
N LEU F 235 27.30 52.41 -48.26
CA LEU F 235 27.18 51.45 -47.16
C LEU F 235 27.44 49.99 -47.52
N CYS F 236 26.92 49.54 -48.65
CA CYS F 236 27.10 48.15 -49.09
C CYS F 236 28.55 47.79 -49.32
N LYS F 237 29.41 48.80 -49.29
CA LYS F 237 30.83 48.60 -49.58
C LYS F 237 31.69 48.61 -48.33
N LEU F 238 31.11 49.03 -47.21
CA LEU F 238 31.89 49.10 -45.98
C LEU F 238 32.52 47.76 -45.74
N ARG F 239 31.78 46.72 -46.07
CA ARG F 239 32.22 45.36 -45.89
C ARG F 239 33.39 45.00 -46.81
N ASP F 240 33.63 45.82 -47.83
CA ASP F 240 34.67 45.55 -48.83
C ASP F 240 36.04 45.95 -48.30
N THR F 241 36.06 46.65 -47.16
CA THR F 241 37.30 47.08 -46.52
C THR F 241 37.69 46.08 -45.47
N LYS F 242 38.68 45.26 -45.78
CA LYS F 242 39.07 44.16 -44.91
C LYS F 242 40.25 44.60 -44.03
N SER F 243 40.48 43.88 -42.94
CA SER F 243 41.64 44.15 -42.08
C SER F 243 42.93 43.57 -42.66
N ALA F 244 44.02 43.73 -41.91
CA ALA F 244 45.31 43.15 -42.23
C ALA F 244 45.14 41.72 -42.77
N ASP F 245 45.02 40.77 -41.85
CA ASP F 245 44.59 39.41 -42.16
C ASP F 245 43.09 39.49 -42.41
N GLN F 246 42.67 39.08 -43.60
CA GLN F 246 41.32 39.41 -44.06
C GLN F 246 40.19 38.69 -43.24
N LYS F 247 40.43 38.58 -41.94
CA LYS F 247 39.55 37.94 -40.96
C LYS F 247 38.45 38.90 -40.44
N MET F 248 38.65 40.20 -40.64
CA MET F 248 37.75 41.22 -40.11
C MET F 248 37.45 42.33 -41.12
N THR F 249 36.19 42.77 -41.18
CA THR F 249 35.80 43.85 -42.09
C THR F 249 35.37 45.09 -41.32
N LEU F 250 35.44 46.24 -41.97
CA LEU F 250 34.97 47.47 -41.36
C LEU F 250 33.49 47.32 -40.91
N LEU F 251 32.69 46.54 -41.63
CA LEU F 251 31.28 46.38 -41.28
C LEU F 251 31.08 45.51 -40.03
N HIS F 252 31.82 44.42 -39.91
CA HIS F 252 31.74 43.61 -38.70
C HIS F 252 32.24 44.41 -37.52
N PHE F 253 33.19 45.30 -37.79
CA PHE F 253 33.77 46.13 -36.74
C PHE F 253 32.78 47.15 -36.25
N LEU F 254 32.16 47.85 -37.19
CA LEU F 254 31.10 48.78 -36.86
C LEU F 254 30.00 48.05 -36.11
N ALA F 255 29.71 46.80 -36.50
CA ALA F 255 28.59 46.08 -35.90
C ALA F 255 28.93 45.56 -34.52
N GLU F 256 30.21 45.30 -34.26
CA GLU F 256 30.64 44.94 -32.91
C GLU F 256 30.55 46.17 -32.01
N LEU F 257 31.06 47.30 -32.49
CA LEU F 257 30.95 48.56 -31.77
C LEU F 257 29.55 48.73 -31.24
N CYS F 258 28.57 48.55 -32.12
CA CYS F 258 27.20 48.76 -31.74
C CYS F 258 26.78 47.76 -30.67
N GLU F 259 27.08 46.49 -30.89
CA GLU F 259 26.70 45.42 -29.97
C GLU F 259 27.24 45.73 -28.58
N ASN F 260 28.51 46.11 -28.51
CA ASN F 260 29.17 46.35 -27.23
C ASN F 260 28.86 47.71 -26.59
N ASP F 261 28.77 48.76 -27.40
CA ASP F 261 28.73 50.11 -26.85
C ASP F 261 27.50 50.93 -27.26
N HIS F 262 26.65 50.38 -28.12
CA HIS F 262 25.49 51.11 -28.63
C HIS F 262 24.37 50.21 -29.12
N PRO F 263 23.90 49.29 -28.27
CA PRO F 263 22.90 48.30 -28.69
C PRO F 263 21.77 48.88 -29.53
N GLU F 264 21.19 50.02 -29.14
CA GLU F 264 20.06 50.60 -29.88
C GLU F 264 20.27 50.51 -31.39
N VAL F 265 21.43 50.97 -31.85
CA VAL F 265 21.73 50.90 -33.26
C VAL F 265 21.30 49.57 -33.90
N LEU F 266 21.39 48.47 -33.16
CA LEU F 266 21.03 47.13 -33.66
C LEU F 266 19.54 46.94 -33.94
N LYS F 267 18.74 47.97 -33.67
CA LYS F 267 17.31 47.90 -33.88
C LYS F 267 16.91 48.62 -35.17
N PHE F 268 17.85 49.28 -35.83
CA PHE F 268 17.49 50.01 -37.06
C PHE F 268 16.88 49.09 -38.13
N PRO F 269 17.41 47.86 -38.27
CA PRO F 269 16.77 46.94 -39.22
C PRO F 269 15.25 46.77 -39.00
N ASP F 270 14.80 46.83 -37.74
CA ASP F 270 13.36 46.72 -37.43
C ASP F 270 12.59 48.01 -37.72
N GLU F 271 13.26 49.15 -37.56
CA GLU F 271 12.65 50.45 -37.88
C GLU F 271 12.46 50.67 -39.38
N LEU F 272 12.97 49.73 -40.18
CA LEU F 272 12.92 49.84 -41.65
C LEU F 272 12.08 48.71 -42.28
N ALA F 273 10.84 48.58 -41.83
CA ALA F 273 9.99 47.44 -42.17
C ALA F 273 9.49 47.46 -43.63
N HIS F 274 9.20 48.65 -44.15
CA HIS F 274 8.78 48.80 -45.54
C HIS F 274 9.92 48.87 -46.57
N VAL F 275 11.16 48.93 -46.09
CA VAL F 275 12.26 49.09 -47.02
C VAL F 275 12.31 47.93 -48.01
N GLU F 276 12.07 46.71 -47.55
CA GLU F 276 12.09 45.56 -48.46
C GLU F 276 10.99 45.62 -49.53
N LYS F 277 9.78 46.07 -49.15
CA LYS F 277 8.71 46.17 -50.15
C LYS F 277 9.00 47.29 -51.14
N ALA F 278 9.57 48.38 -50.66
CA ALA F 278 9.92 49.49 -51.52
C ALA F 278 10.99 49.08 -52.54
N SER F 279 11.85 48.15 -52.14
CA SER F 279 12.97 47.77 -52.98
C SER F 279 12.44 47.00 -54.16
N ARG F 280 11.20 46.57 -54.07
CA ARG F 280 10.67 45.72 -55.12
C ARG F 280 9.73 46.39 -56.12
N VAL F 281 9.54 47.70 -56.03
CA VAL F 281 8.60 48.34 -56.94
C VAL F 281 9.26 48.79 -58.22
N SER F 282 8.48 49.54 -59.01
CA SER F 282 8.95 50.10 -60.25
C SER F 282 8.45 51.51 -60.42
N ALA F 283 9.31 52.50 -60.17
CA ALA F 283 8.97 53.89 -60.43
C ALA F 283 8.39 54.00 -61.84
N GLU F 284 9.17 53.57 -62.83
CA GLU F 284 8.73 53.64 -64.22
C GLU F 284 7.31 53.11 -64.44
N ASN F 285 7.03 51.92 -63.93
CA ASN F 285 5.71 51.29 -64.11
C ASN F 285 4.54 51.99 -63.39
N LEU F 286 4.82 52.66 -62.28
CA LEU F 286 3.77 53.44 -61.63
C LEU F 286 3.47 54.68 -62.47
N GLN F 287 4.52 55.37 -62.89
CA GLN F 287 4.37 56.55 -63.74
C GLN F 287 3.53 56.20 -64.97
N LYS F 288 3.96 55.18 -65.70
CA LYS F 288 3.21 54.70 -66.85
C LYS F 288 1.80 54.33 -66.43
N SER F 289 1.70 53.40 -65.48
CA SER F 289 0.42 52.85 -65.06
C SER F 289 -0.60 53.91 -64.61
N LEU F 290 -0.13 54.99 -63.99
CA LEU F 290 -1.03 56.06 -63.58
C LEU F 290 -1.45 56.94 -64.77
N ASP F 291 -0.48 57.23 -65.64
CA ASP F 291 -0.72 58.05 -66.82
C ASP F 291 -1.69 57.39 -67.81
N GLN F 292 -1.74 56.06 -67.77
CA GLN F 292 -2.63 55.31 -68.66
C GLN F 292 -4.05 55.26 -68.11
N MET F 293 -4.20 55.28 -66.79
CA MET F 293 -5.49 55.40 -66.16
C MET F 293 -6.00 56.83 -66.33
N LYS F 294 -5.11 57.72 -66.76
CA LYS F 294 -5.49 59.09 -67.09
C LYS F 294 -6.11 59.14 -68.48
N LYS F 295 -5.44 58.52 -69.43
CA LYS F 295 -5.89 58.50 -70.82
C LYS F 295 -7.12 57.60 -70.99
N GLN F 296 -7.25 56.62 -70.09
CA GLN F 296 -8.37 55.68 -70.16
C GLN F 296 -9.65 56.33 -69.69
N ILE F 297 -9.52 57.24 -68.74
CA ILE F 297 -10.69 58.01 -68.31
C ILE F 297 -10.98 59.19 -69.26
N ALA F 298 -9.95 59.68 -69.94
CA ALA F 298 -10.10 60.74 -70.94
C ALA F 298 -10.59 60.17 -72.26
N ASP F 299 -10.45 58.85 -72.41
CA ASP F 299 -10.96 58.15 -73.58
C ASP F 299 -12.43 57.78 -73.39
N VAL F 300 -12.85 57.66 -72.14
CA VAL F 300 -14.25 57.34 -71.81
C VAL F 300 -15.04 58.59 -71.49
N GLU F 301 -14.31 59.65 -71.14
CA GLU F 301 -14.94 60.94 -70.97
C GLU F 301 -15.45 61.40 -72.32
N ARG F 302 -14.56 61.49 -73.32
CA ARG F 302 -14.96 61.86 -74.68
C ARG F 302 -15.96 60.88 -75.33
N ASP F 303 -15.92 59.60 -74.95
CA ASP F 303 -16.90 58.61 -75.45
C ASP F 303 -18.28 58.83 -74.81
N VAL F 304 -18.39 59.84 -73.95
CA VAL F 304 -19.68 60.21 -73.39
C VAL F 304 -20.12 61.58 -73.92
N GLN F 305 -19.19 62.29 -74.55
CA GLN F 305 -19.45 63.64 -75.06
C GLN F 305 -19.83 63.65 -76.55
N ASN F 306 -19.34 62.67 -77.30
CA ASN F 306 -19.68 62.55 -78.71
C ASN F 306 -20.82 61.58 -78.89
N PHE F 307 -21.30 61.02 -77.78
CA PHE F 307 -22.26 59.93 -77.82
C PHE F 307 -23.65 60.38 -78.25
N PRO F 308 -24.22 59.68 -79.25
CA PRO F 308 -25.55 59.94 -79.81
C PRO F 308 -26.62 59.87 -78.73
N ALA F 309 -27.68 60.67 -78.86
CA ALA F 309 -28.75 60.68 -77.87
C ALA F 309 -29.55 59.39 -77.94
N ALA F 310 -29.79 58.78 -76.77
CA ALA F 310 -30.45 57.48 -76.67
C ALA F 310 -31.82 57.44 -77.33
N THR F 311 -32.02 56.50 -78.24
CA THR F 311 -33.30 56.35 -78.90
C THR F 311 -34.30 55.63 -78.00
N ASP F 312 -33.84 54.61 -77.28
CA ASP F 312 -34.72 53.90 -76.36
C ASP F 312 -34.20 53.87 -74.91
N GLU F 313 -35.06 53.43 -73.99
CA GLU F 313 -34.81 53.59 -72.57
C GLU F 313 -33.93 52.51 -71.94
N LYS F 314 -33.46 51.56 -72.76
CA LYS F 314 -32.56 50.53 -72.26
C LYS F 314 -31.09 50.96 -72.36
N ASP F 315 -30.85 52.09 -73.02
CA ASP F 315 -29.49 52.60 -73.28
C ASP F 315 -28.97 53.49 -72.14
N LYS F 316 -28.61 52.86 -71.03
CA LYS F 316 -28.17 53.57 -69.85
C LYS F 316 -26.67 53.91 -69.86
N PHE F 317 -26.11 54.07 -71.05
CA PHE F 317 -24.69 54.37 -71.21
C PHE F 317 -24.41 55.81 -70.79
N VAL F 318 -24.85 56.76 -71.61
CA VAL F 318 -24.62 58.17 -71.32
C VAL F 318 -24.94 58.49 -69.86
N GLU F 319 -25.68 57.59 -69.20
CA GLU F 319 -26.08 57.76 -67.80
C GLU F 319 -25.06 57.20 -66.81
N LYS F 320 -24.76 55.91 -66.93
CA LYS F 320 -23.87 55.25 -65.99
C LYS F 320 -22.37 55.54 -66.20
N MET F 321 -21.97 55.79 -67.45
CA MET F 321 -20.59 56.16 -67.75
C MET F 321 -20.30 57.62 -67.45
N THR F 322 -21.32 58.32 -66.96
CA THR F 322 -21.14 59.69 -66.47
C THR F 322 -21.03 59.65 -64.94
N SER F 323 -21.61 58.62 -64.34
CA SER F 323 -21.50 58.38 -62.89
C SER F 323 -20.17 57.71 -62.57
N PHE F 324 -19.62 57.01 -63.55
CA PHE F 324 -18.32 56.38 -63.44
C PHE F 324 -17.23 57.42 -63.65
N VAL F 325 -17.21 58.04 -64.83
CA VAL F 325 -16.17 59.03 -65.18
C VAL F 325 -15.98 60.10 -64.11
N LYS F 326 -16.96 60.26 -63.22
CA LYS F 326 -16.81 61.17 -62.11
C LYS F 326 -16.03 60.50 -60.98
N ASP F 327 -16.52 59.35 -60.54
CA ASP F 327 -15.91 58.60 -59.45
C ASP F 327 -14.48 58.09 -59.78
N ALA F 328 -14.22 57.87 -61.06
CA ALA F 328 -12.91 57.36 -61.50
C ALA F 328 -11.89 58.47 -61.59
N GLN F 329 -12.28 59.62 -62.13
CA GLN F 329 -11.38 60.76 -62.18
C GLN F 329 -11.23 61.31 -60.77
N GLU F 330 -11.91 60.66 -59.83
CA GLU F 330 -11.86 61.02 -58.42
C GLU F 330 -10.79 60.23 -57.68
N GLN F 331 -10.83 58.92 -57.82
CA GLN F 331 -9.80 58.06 -57.23
C GLN F 331 -8.44 58.26 -57.87
N TYR F 332 -8.41 58.42 -59.20
CA TYR F 332 -7.17 58.77 -59.89
C TYR F 332 -6.51 59.99 -59.25
N ASN F 333 -7.31 60.98 -58.91
CA ASN F 333 -6.76 62.17 -58.29
C ASN F 333 -6.13 61.88 -56.93
N LYS F 334 -6.77 61.01 -56.14
CA LYS F 334 -6.25 60.62 -54.82
C LYS F 334 -4.93 59.86 -54.94
N LEU F 335 -4.84 58.94 -55.91
CA LEU F 335 -3.57 58.31 -56.23
C LEU F 335 -2.55 59.33 -56.74
N ARG F 336 -2.96 60.18 -57.68
CA ARG F 336 -2.05 61.20 -58.20
C ARG F 336 -1.50 62.06 -57.05
N MET F 337 -2.29 62.19 -55.99
CA MET F 337 -1.87 62.89 -54.78
C MET F 337 -0.73 62.12 -54.13
N MET F 338 -1.08 60.96 -53.58
CA MET F 338 -0.11 60.08 -52.97
C MET F 338 1.18 59.96 -53.79
N HIS F 339 1.02 59.80 -55.10
CA HIS F 339 2.18 59.66 -55.99
C HIS F 339 3.02 60.91 -56.12
N SER F 340 2.40 62.08 -56.20
CA SER F 340 3.16 63.32 -56.23
C SER F 340 3.84 63.53 -54.89
N ASN F 341 3.16 63.08 -53.83
CA ASN F 341 3.68 63.14 -52.48
C ASN F 341 4.90 62.23 -52.31
N MET F 342 4.67 60.94 -52.52
CA MET F 342 5.73 59.93 -52.50
C MET F 342 7.02 60.39 -53.19
N GLU F 343 6.93 60.81 -54.45
CA GLU F 343 8.07 61.39 -55.17
C GLU F 343 8.75 62.54 -54.42
N THR F 344 7.95 63.34 -53.72
CA THR F 344 8.46 64.48 -52.96
C THR F 344 9.32 64.01 -51.77
N LEU F 345 8.83 63.00 -51.05
CA LEU F 345 9.57 62.41 -49.94
C LEU F 345 10.94 61.90 -50.39
N TYR F 346 10.98 61.26 -51.55
CA TYR F 346 12.23 60.72 -52.11
C TYR F 346 13.16 61.85 -52.59
N LYS F 347 12.60 62.93 -53.12
CA LYS F 347 13.42 64.08 -53.52
C LYS F 347 13.98 64.75 -52.25
N GLU F 348 13.16 64.70 -51.19
CA GLU F 348 13.53 65.25 -49.88
C GLU F 348 14.58 64.39 -49.19
N LEU F 349 14.41 63.07 -49.26
CA LEU F 349 15.42 62.15 -48.76
C LEU F 349 16.74 62.49 -49.42
N GLY F 350 16.69 62.73 -50.73
CA GLY F 350 17.87 63.10 -51.48
C GLY F 350 18.57 64.34 -50.96
N ASP F 351 17.79 65.33 -50.54
CA ASP F 351 18.36 66.56 -50.00
C ASP F 351 19.00 66.32 -48.64
N TYR F 352 18.35 65.47 -47.84
CA TYR F 352 18.72 65.26 -46.43
C TYR F 352 19.97 64.38 -46.24
N PHE F 353 20.11 63.32 -47.06
CA PHE F 353 21.27 62.42 -47.02
C PHE F 353 22.26 62.74 -48.13
N VAL F 354 21.91 63.77 -48.92
CA VAL F 354 22.81 64.32 -49.94
C VAL F 354 23.07 63.36 -51.12
N PHE F 355 22.05 63.16 -51.94
CA PHE F 355 22.18 62.35 -53.15
C PHE F 355 21.18 62.79 -54.21
N ASP F 356 21.53 62.57 -55.48
CA ASP F 356 20.70 63.04 -56.58
C ASP F 356 19.53 62.08 -56.85
N PRO F 357 18.30 62.49 -56.49
CA PRO F 357 17.12 61.63 -56.66
C PRO F 357 16.91 61.20 -58.10
N LYS F 358 17.44 61.97 -59.05
CA LYS F 358 17.16 61.76 -60.48
C LYS F 358 18.12 60.79 -61.15
N LYS F 359 19.27 60.55 -60.52
CA LYS F 359 20.28 59.69 -61.11
C LYS F 359 20.09 58.25 -60.62
N LEU F 360 19.15 58.06 -59.70
CA LEU F 360 19.01 56.80 -58.98
C LEU F 360 17.54 56.51 -58.69
N SER F 361 17.04 55.40 -59.23
CA SER F 361 15.61 55.12 -59.06
C SER F 361 15.23 54.83 -57.61
N VAL F 362 13.96 55.03 -57.30
CA VAL F 362 13.44 54.74 -55.97
C VAL F 362 13.82 53.32 -55.54
N GLU F 363 13.30 52.34 -56.28
CA GLU F 363 13.57 50.93 -55.99
C GLU F 363 15.06 50.59 -55.90
N GLU F 364 15.88 51.27 -56.71
CA GLU F 364 17.33 51.05 -56.68
C GLU F 364 17.90 51.49 -55.35
N PHE F 365 17.53 52.69 -54.94
CA PHE F 365 17.94 53.25 -53.66
C PHE F 365 17.58 52.30 -52.52
N PHE F 366 16.31 51.88 -52.46
CA PHE F 366 15.85 50.99 -51.39
C PHE F 366 16.38 49.55 -51.49
N MET F 367 16.66 49.11 -52.69
CA MET F 367 17.32 47.83 -52.83
C MET F 367 18.72 47.92 -52.19
N ASP F 368 19.48 48.97 -52.52
CA ASP F 368 20.79 49.15 -51.89
C ASP F 368 20.70 49.15 -50.35
N LEU F 369 19.73 49.88 -49.81
CA LEU F 369 19.55 49.96 -48.37
C LEU F 369 19.12 48.61 -47.78
N HIS F 370 18.17 47.96 -48.44
CA HIS F 370 17.70 46.64 -48.05
C HIS F 370 18.86 45.64 -48.00
N ASN F 371 19.67 45.64 -49.06
CA ASN F 371 20.85 44.78 -49.10
C ASN F 371 21.75 45.08 -47.91
N PHE F 372 22.01 46.36 -47.68
CA PHE F 372 22.87 46.74 -46.59
C PHE F 372 22.30 46.24 -45.30
N ARG F 373 21.01 46.45 -45.08
CA ARG F 373 20.42 45.96 -43.85
C ARG F 373 20.74 44.48 -43.63
N ASN F 374 20.52 43.66 -44.67
CA ASN F 374 20.87 42.22 -44.61
C ASN F 374 22.33 41.97 -44.27
N MET F 375 23.22 42.65 -44.97
CA MET F 375 24.65 42.57 -44.68
C MET F 375 24.92 42.80 -43.21
N PHE F 376 24.15 43.71 -42.62
CA PHE F 376 24.40 44.14 -41.26
C PHE F 376 23.98 43.05 -40.31
N LEU F 377 22.70 42.69 -40.38
CA LEU F 377 22.20 41.62 -39.55
C LEU F 377 23.12 40.42 -39.63
N GLN F 378 23.64 40.16 -40.82
CA GLN F 378 24.46 38.97 -40.99
C GLN F 378 25.83 39.15 -40.37
N ALA F 379 26.33 40.37 -40.39
CA ALA F 379 27.66 40.60 -39.82
C ALA F 379 27.54 40.45 -38.32
N VAL F 380 26.47 41.00 -37.78
CA VAL F 380 26.16 40.84 -36.37
C VAL F 380 26.19 39.37 -35.96
N LYS F 381 25.46 38.55 -36.70
CA LYS F 381 25.35 37.12 -36.43
C LYS F 381 26.71 36.42 -36.49
N GLU F 382 27.52 36.78 -37.48
CA GLU F 382 28.82 36.16 -37.69
C GLU F 382 29.80 36.52 -36.57
N ASN F 383 29.66 37.75 -36.08
CA ASN F 383 30.42 38.25 -34.93
C ASN F 383 30.20 37.34 -33.71
N GLN F 384 28.93 37.06 -33.42
CA GLN F 384 28.56 36.22 -32.29
C GLN F 384 29.18 34.83 -32.38
N LYS F 385 28.98 34.17 -33.51
CA LYS F 385 29.61 32.87 -33.71
C LYS F 385 31.11 32.98 -33.47
N ARG F 386 31.70 34.05 -33.98
CA ARG F 386 33.12 34.31 -33.78
C ARG F 386 33.42 34.33 -32.29
N ARG F 387 32.64 35.09 -31.52
CA ARG F 387 32.87 35.21 -30.08
C ARG F 387 32.66 33.90 -29.34
N GLU F 388 31.60 33.17 -29.70
CA GLU F 388 31.42 31.82 -29.17
C GLU F 388 32.67 30.98 -29.41
N THR F 389 33.16 31.01 -30.64
CA THR F 389 34.33 30.21 -31.00
C THR F 389 35.59 30.64 -30.27
N GLU F 390 35.68 31.93 -29.93
CA GLU F 390 36.82 32.45 -29.15
C GLU F 390 36.72 32.00 -27.70
N GLU F 391 35.51 31.98 -27.18
CA GLU F 391 35.26 31.41 -25.85
C GLU F 391 35.70 29.95 -25.81
N LYS F 392 35.03 29.09 -26.58
CA LYS F 392 35.36 27.67 -26.63
C LYS F 392 36.88 27.44 -26.63
N MET F 393 37.60 28.13 -27.51
CA MET F 393 39.04 27.95 -27.58
C MET F 393 39.77 28.36 -26.30
N ARG F 394 39.29 29.41 -25.64
CA ARG F 394 39.92 29.89 -24.40
C ARG F 394 39.70 28.97 -23.21
N ARG F 395 38.46 28.61 -22.96
CA ARG F 395 38.14 27.70 -21.88
C ARG F 395 38.92 26.40 -22.09
N ALA F 396 39.02 25.98 -23.35
CA ALA F 396 39.71 24.74 -23.69
C ALA F 396 41.20 24.84 -23.37
N LYS F 397 41.74 26.03 -23.54
CA LYS F 397 43.15 26.31 -23.23
C LYS F 397 43.35 26.35 -21.71
N LEU F 398 42.37 26.89 -20.99
CA LEU F 398 42.44 26.91 -19.53
C LEU F 398 42.46 25.49 -18.99
N ALA F 399 41.56 24.66 -19.49
CA ALA F 399 41.46 23.27 -19.06
C ALA F 399 42.70 22.44 -19.44
N LYS F 400 43.34 22.77 -20.55
CA LYS F 400 44.54 22.05 -20.98
C LYS F 400 45.72 22.35 -20.05
N GLU F 401 45.72 23.54 -19.47
CA GLU F 401 46.75 23.95 -18.53
C GLU F 401 46.43 23.40 -17.15
N LYS F 402 45.16 23.45 -16.77
CA LYS F 402 44.69 22.85 -15.52
C LYS F 402 45.09 21.38 -15.42
N ALA F 403 44.90 20.63 -16.49
CA ALA F 403 45.26 19.22 -16.51
C ALA F 403 46.79 19.00 -16.47
N GLU F 404 47.54 19.71 -17.31
CA GLU F 404 49.00 19.58 -17.33
C GLU F 404 49.60 19.91 -15.95
N LYS F 405 48.93 20.80 -15.22
CA LYS F 405 49.34 21.17 -13.87
C LYS F 405 48.83 20.15 -12.83
N GLU F 406 47.64 19.61 -13.05
CA GLU F 406 47.11 18.54 -12.21
C GLU F 406 48.10 17.38 -12.11
N ARG F 407 48.49 16.84 -13.27
CA ARG F 407 49.31 15.62 -13.34
C ARG F 407 50.73 15.85 -12.85
N LEU F 408 51.24 17.06 -13.02
CA LEU F 408 52.59 17.39 -12.56
C LEU F 408 52.62 17.45 -11.03
N GLU F 409 51.54 17.94 -10.44
CA GLU F 409 51.43 18.01 -8.99
C GLU F 409 51.27 16.59 -8.45
N LYS F 410 50.44 15.80 -9.12
CA LYS F 410 50.23 14.42 -8.70
C LYS F 410 51.50 13.59 -8.87
N GLN F 411 52.37 13.98 -9.79
CA GLN F 411 53.61 13.25 -10.02
C GLN F 411 54.68 13.69 -9.02
N GLN F 412 54.63 14.95 -8.63
CA GLN F 412 55.52 15.45 -7.59
C GLN F 412 55.17 14.84 -6.24
N LYS F 413 53.92 14.44 -6.06
CA LYS F 413 53.52 13.78 -4.82
C LYS F 413 53.96 12.30 -4.81
N ARG F 414 54.00 11.68 -5.98
CA ARG F 414 54.40 10.28 -6.08
C ARG F 414 55.91 10.15 -5.79
N GLU F 415 56.67 11.19 -6.11
CA GLU F 415 58.13 11.15 -5.96
C GLU F 415 58.64 11.52 -4.56
N GLN F 416 57.69 11.79 -3.65
CA GLN F 416 58.02 12.07 -2.25
C GLN F 416 58.03 10.78 -1.42
N LEU F 417 57.65 9.70 -2.08
CA LEU F 417 57.79 8.37 -1.52
C LEU F 417 59.21 7.86 -1.70
N ILE F 418 59.78 8.09 -2.88
CA ILE F 418 61.04 7.49 -3.30
C ILE F 418 61.69 8.29 -4.43
N ASP F 419 62.99 8.54 -4.31
CA ASP F 419 63.76 8.99 -5.47
C ASP F 419 64.70 7.86 -5.88
N MET F 420 64.34 7.16 -6.93
CA MET F 420 65.08 5.98 -7.37
C MET F 420 66.47 6.31 -7.92
N ASN F 421 67.13 7.30 -7.32
CA ASN F 421 68.39 7.81 -7.89
C ASN F 421 69.45 8.30 -6.90
N ALA F 422 69.06 8.61 -5.67
CA ALA F 422 69.97 9.29 -4.72
C ALA F 422 71.13 8.45 -4.15
N GLU F 423 70.91 7.90 -2.96
CA GLU F 423 71.93 7.11 -2.26
C GLU F 423 71.52 5.64 -2.18
N GLY F 424 72.50 4.75 -2.37
CA GLY F 424 72.23 3.33 -2.42
C GLY F 424 72.64 2.58 -1.17
N ASP F 425 73.20 3.28 -0.19
CA ASP F 425 73.63 2.63 1.04
C ASP F 425 72.45 2.32 1.96
N GLU F 426 71.28 2.83 1.59
CA GLU F 426 70.09 2.70 2.43
C GLU F 426 69.42 1.34 2.28
N THR F 427 69.25 0.67 3.40
CA THR F 427 68.44 -0.53 3.45
C THR F 427 67.11 -0.09 4.07
N GLY F 428 66.08 -0.90 3.89
CA GLY F 428 64.78 -0.54 4.41
C GLY F 428 63.98 0.34 3.47
N VAL F 429 64.45 0.50 2.22
CA VAL F 429 63.67 1.20 1.22
C VAL F 429 62.28 0.58 1.10
N MET F 430 62.24 -0.74 1.07
CA MET F 430 61.01 -1.48 0.90
C MET F 430 60.22 -1.64 2.18
N ASP F 431 60.85 -1.43 3.32
CA ASP F 431 60.14 -1.49 4.57
C ASP F 431 59.39 -0.17 4.70
N SER F 432 60.00 0.89 4.19
CA SER F 432 59.37 2.20 4.19
C SER F 432 58.09 2.17 3.36
N LEU F 433 58.19 1.62 2.15
CA LEU F 433 57.04 1.52 1.25
C LEU F 433 55.88 0.76 1.89
N LEU F 434 56.17 -0.35 2.56
CA LEU F 434 55.10 -1.12 3.18
C LEU F 434 54.45 -0.42 4.38
N GLU F 435 55.17 0.42 5.11
CA GLU F 435 54.56 1.11 6.23
C GLU F 435 53.64 2.20 5.68
N ALA F 436 53.99 2.72 4.51
CA ALA F 436 53.15 3.71 3.82
C ALA F 436 51.83 3.08 3.39
N LEU F 437 51.91 1.95 2.71
CA LEU F 437 50.72 1.23 2.30
C LEU F 437 49.90 0.87 3.52
N GLN F 438 50.57 0.49 4.59
CA GLN F 438 49.92 -0.06 5.77
C GLN F 438 49.10 0.97 6.54
N SER F 439 49.51 2.22 6.43
CA SER F 439 48.94 3.28 7.24
C SER F 439 47.96 4.11 6.43
N GLY F 440 48.20 4.19 5.13
CA GLY F 440 47.35 4.93 4.22
C GLY F 440 48.16 6.00 3.54
N ALA F 441 49.29 6.34 4.18
CA ALA F 441 50.20 7.38 3.69
C ALA F 441 50.56 7.23 2.22
N ALA F 442 50.69 6.00 1.76
CA ALA F 442 51.07 5.77 0.37
C ALA F 442 49.98 6.29 -0.56
N PHE F 443 48.84 6.64 0.00
CA PHE F 443 47.65 7.00 -0.78
C PHE F 443 47.25 8.49 -0.78
N ARG F 444 46.49 8.98 0.19
CA ARG F 444 46.14 10.39 0.13
C ARG F 444 47.32 11.27 -0.28
N GLU G 1 78.95 -11.44 5.79
CA GLU G 1 79.76 -10.23 5.68
C GLU G 1 80.95 -10.44 4.74
N SER G 2 80.80 -11.35 3.79
CA SER G 2 81.90 -11.70 2.89
C SER G 2 81.55 -11.70 1.39
N SER G 3 82.27 -10.91 0.61
CA SER G 3 81.99 -10.80 -0.82
C SER G 3 81.95 -12.15 -1.54
N ARG G 4 82.61 -13.14 -0.99
CA ARG G 4 82.72 -14.43 -1.66
C ARG G 4 81.49 -15.31 -1.43
N SER G 5 80.99 -15.35 -0.20
CA SER G 5 79.85 -16.21 0.15
C SER G 5 78.61 -15.86 -0.68
N ALA G 6 78.40 -14.56 -0.87
CA ALA G 6 77.46 -14.05 -1.85
C ALA G 6 77.65 -14.79 -3.17
N MET G 7 78.89 -15.06 -3.52
CA MET G 7 79.12 -15.75 -4.78
C MET G 7 78.98 -17.29 -4.73
N MET G 8 79.07 -17.87 -3.54
CA MET G 8 78.81 -19.31 -3.32
C MET G 8 77.34 -19.61 -3.53
N TYR G 9 76.51 -18.79 -2.88
CA TYR G 9 75.07 -18.89 -3.00
C TYR G 9 74.67 -19.12 -4.43
N ILE G 10 75.23 -18.30 -5.32
CA ILE G 10 74.91 -18.40 -6.73
C ILE G 10 75.17 -19.80 -7.27
N GLN G 11 76.16 -20.48 -6.70
CA GLN G 11 76.51 -21.80 -7.20
C GLN G 11 75.75 -22.90 -6.48
N GLU G 12 75.36 -22.62 -5.25
CA GLU G 12 74.44 -23.49 -4.50
C GLU G 12 73.02 -23.54 -5.11
N LEU G 13 72.50 -22.38 -5.50
CA LEU G 13 71.18 -22.32 -6.12
C LEU G 13 71.20 -23.05 -7.46
N ARG G 14 72.37 -23.07 -8.09
CA ARG G 14 72.51 -23.65 -9.42
C ARG G 14 72.95 -25.13 -9.41
N SER G 15 73.03 -25.72 -8.22
CA SER G 15 73.52 -27.09 -8.10
C SER G 15 72.41 -28.13 -8.08
N GLY G 16 71.17 -27.68 -7.97
CA GLY G 16 70.05 -28.58 -7.97
C GLY G 16 69.70 -29.09 -6.59
N LEU G 17 69.84 -28.23 -5.58
CA LEU G 17 69.35 -28.55 -4.23
C LEU G 17 67.83 -28.77 -4.27
N ARG G 18 67.33 -29.63 -3.39
CA ARG G 18 65.90 -29.89 -3.29
C ARG G 18 65.45 -29.95 -1.85
N ASP G 19 64.14 -30.14 -1.67
CA ASP G 19 63.53 -30.25 -0.35
C ASP G 19 64.20 -29.42 0.75
N MET G 20 64.59 -30.09 1.82
CA MET G 20 65.06 -29.39 3.03
C MET G 20 66.49 -28.85 2.88
N HIS G 21 67.23 -29.36 1.89
CA HIS G 21 68.56 -28.81 1.59
C HIS G 21 68.45 -27.47 0.91
N LEU G 22 67.67 -27.43 -0.16
CA LEU G 22 67.30 -26.17 -0.78
C LEU G 22 66.76 -25.21 0.28
N LEU G 23 65.98 -25.74 1.22
CA LEU G 23 65.32 -24.90 2.21
C LEU G 23 66.29 -24.21 3.15
N SER G 24 67.18 -24.99 3.77
CA SER G 24 68.13 -24.42 4.75
C SER G 24 69.13 -23.46 4.10
N CYS G 25 69.32 -23.62 2.79
CA CYS G 25 70.12 -22.70 1.98
C CYS G 25 69.42 -21.38 1.74
N LEU G 26 68.11 -21.43 1.41
CA LEU G 26 67.30 -20.22 1.25
C LEU G 26 67.11 -19.49 2.56
N GLU G 27 66.96 -20.25 3.66
CA GLU G 27 66.79 -19.64 4.98
C GLU G 27 68.02 -18.84 5.36
N SER G 28 69.17 -19.40 5.06
CA SER G 28 70.42 -18.71 5.29
C SER G 28 70.57 -17.54 4.32
N LEU G 29 70.38 -17.79 3.03
CA LEU G 29 70.35 -16.70 2.04
C LEU G 29 69.47 -15.52 2.49
N ARG G 30 68.32 -15.83 3.11
CA ARG G 30 67.46 -14.80 3.65
C ARG G 30 68.20 -13.97 4.70
N VAL G 31 68.72 -14.64 5.72
CA VAL G 31 69.40 -13.91 6.79
C VAL G 31 70.63 -13.12 6.31
N SER G 32 71.33 -13.64 5.30
CA SER G 32 72.44 -12.90 4.73
C SER G 32 71.99 -11.59 4.08
N LEU G 33 70.88 -11.62 3.34
CA LEU G 33 70.39 -10.44 2.61
C LEU G 33 69.80 -9.38 3.52
N ASN G 34 69.21 -9.81 4.62
CA ASN G 34 68.72 -8.90 5.64
C ASN G 34 69.81 -8.25 6.46
N ASN G 35 70.96 -8.93 6.58
CA ASN G 35 71.97 -8.53 7.56
C ASN G 35 73.31 -7.97 7.06
N ASN G 36 73.42 -7.71 5.76
CA ASN G 36 74.56 -6.97 5.21
C ASN G 36 74.13 -5.67 4.54
N PRO G 37 75.09 -4.81 4.24
CA PRO G 37 74.79 -3.53 3.59
C PRO G 37 74.52 -3.77 2.13
N VAL G 38 74.12 -2.73 1.41
CA VAL G 38 73.67 -2.85 0.04
C VAL G 38 74.70 -3.44 -0.93
N SER G 39 75.95 -3.07 -0.73
CA SER G 39 77.04 -3.52 -1.61
C SER G 39 77.17 -5.05 -1.73
N TRP G 40 76.86 -5.77 -0.65
CA TRP G 40 76.79 -7.24 -0.66
C TRP G 40 75.68 -7.75 -1.56
N VAL G 41 74.50 -7.15 -1.37
CA VAL G 41 73.32 -7.37 -2.21
C VAL G 41 73.72 -7.12 -3.66
N GLN G 42 74.40 -6.02 -3.92
CA GLN G 42 74.83 -5.66 -5.28
C GLN G 42 75.76 -6.69 -5.94
N THR G 43 76.41 -7.52 -5.12
CA THR G 43 77.41 -8.50 -5.57
C THR G 43 76.75 -9.82 -5.94
N PHE G 44 75.86 -10.29 -5.06
CA PHE G 44 74.88 -11.33 -5.40
C PHE G 44 74.14 -10.89 -6.65
N GLY G 45 73.86 -9.59 -6.70
CA GLY G 45 73.40 -8.91 -7.89
C GLY G 45 72.32 -9.55 -8.71
N ALA G 46 72.46 -9.41 -10.01
CA ALA G 46 71.43 -9.84 -10.94
C ALA G 46 71.51 -11.33 -11.26
N GLU G 47 72.70 -11.91 -11.16
CA GLU G 47 72.85 -13.29 -11.59
C GLU G 47 72.29 -14.23 -10.53
N GLY G 48 72.22 -13.74 -9.30
CA GLY G 48 71.76 -14.54 -8.17
C GLY G 48 70.25 -14.47 -8.03
N LEU G 49 69.72 -13.29 -8.32
CA LEU G 49 68.28 -13.07 -8.43
C LEU G 49 67.73 -14.06 -9.44
N ALA G 50 68.38 -14.12 -10.59
CA ALA G 50 67.97 -15.01 -11.68
C ALA G 50 67.80 -16.46 -11.27
N SER G 51 68.55 -16.87 -10.25
CA SER G 51 68.63 -18.27 -9.86
C SER G 51 67.56 -18.57 -8.86
N LEU G 52 67.25 -17.58 -8.05
CA LEU G 52 66.05 -17.59 -7.23
C LEU G 52 64.83 -17.78 -8.14
N LEU G 53 64.80 -16.99 -9.21
CA LEU G 53 63.72 -16.98 -10.20
C LEU G 53 63.66 -18.21 -11.10
N ASP G 54 64.80 -18.87 -11.33
CA ASP G 54 64.80 -20.09 -12.13
C ASP G 54 64.19 -21.20 -11.30
N ILE G 55 64.46 -21.13 -10.01
CA ILE G 55 63.96 -22.10 -9.04
C ILE G 55 62.48 -21.87 -8.80
N LEU G 56 62.12 -20.61 -8.63
CA LEU G 56 60.74 -20.22 -8.44
C LEU G 56 59.91 -20.78 -9.57
N LYS G 57 60.41 -20.65 -10.80
CA LYS G 57 59.69 -21.12 -11.98
C LYS G 57 59.60 -22.62 -11.99
N ARG G 58 60.64 -23.29 -11.53
CA ARG G 58 60.63 -24.74 -11.47
C ARG G 58 59.61 -25.22 -10.43
N LEU G 59 59.63 -24.59 -9.27
CA LEU G 59 58.66 -24.89 -8.21
C LEU G 59 57.21 -24.68 -8.63
N HIS G 60 56.90 -23.51 -9.16
CA HIS G 60 55.55 -23.22 -9.62
C HIS G 60 55.08 -24.25 -10.67
N ASP G 61 55.95 -24.58 -11.61
CA ASP G 61 55.61 -25.55 -12.65
C ASP G 61 55.23 -26.90 -12.04
N GLU G 62 55.90 -27.28 -10.96
CA GLU G 62 55.62 -28.53 -10.28
C GLU G 62 54.39 -28.47 -9.37
N LYS G 63 54.05 -27.31 -8.84
CA LYS G 63 52.81 -27.14 -8.06
C LYS G 63 51.60 -27.41 -8.94
N GLU G 64 51.74 -27.12 -10.24
CA GLU G 64 50.69 -27.37 -11.22
C GLU G 64 50.40 -28.87 -11.42
N GLU G 65 51.46 -29.68 -11.46
CA GLU G 65 51.33 -31.12 -11.77
C GLU G 65 51.56 -32.04 -10.56
N THR G 66 51.02 -31.62 -9.41
CA THR G 66 51.15 -32.32 -8.13
C THR G 66 49.92 -32.08 -7.22
N SER G 67 49.58 -33.07 -6.38
CA SER G 67 48.32 -33.08 -5.61
C SER G 67 48.36 -32.41 -4.21
N GLY G 68 48.94 -33.07 -3.22
CA GLY G 68 49.26 -32.42 -1.95
C GLY G 68 50.73 -32.00 -2.00
N ASN G 69 51.04 -30.76 -1.64
CA ASN G 69 52.35 -30.17 -2.00
C ASN G 69 53.16 -29.36 -0.94
N TYR G 70 54.38 -29.82 -0.67
CA TYR G 70 55.30 -29.17 0.30
C TYR G 70 56.22 -28.16 -0.35
N ASP G 71 55.96 -27.85 -1.63
CA ASP G 71 56.76 -26.86 -2.33
C ASP G 71 56.66 -25.58 -1.54
N SER G 72 55.55 -25.42 -0.84
CA SER G 72 55.20 -24.16 -0.22
C SER G 72 56.36 -23.50 0.48
N ARG G 73 57.03 -24.23 1.37
CA ARG G 73 58.10 -23.65 2.16
C ARG G 73 59.21 -23.07 1.31
N ASN G 74 59.62 -23.81 0.29
CA ASN G 74 60.66 -23.37 -0.66
C ASN G 74 60.30 -22.12 -1.43
N GLN G 75 59.10 -22.11 -2.01
CA GLN G 75 58.60 -20.97 -2.77
C GLN G 75 58.48 -19.76 -1.88
N HIS G 76 57.77 -19.94 -0.78
CA HIS G 76 57.60 -18.86 0.19
C HIS G 76 58.95 -18.31 0.66
N GLU G 77 59.91 -19.20 0.96
CA GLU G 77 61.23 -18.71 1.37
C GLU G 77 61.87 -17.86 0.28
N ILE G 78 61.82 -18.32 -0.97
CA ILE G 78 62.26 -17.48 -2.08
C ILE G 78 61.57 -16.09 -2.06
N ILE G 79 60.29 -16.04 -1.68
CA ILE G 79 59.57 -14.77 -1.55
C ILE G 79 60.15 -13.89 -0.44
N ARG G 80 60.59 -14.51 0.65
CA ARG G 80 61.18 -13.73 1.74
C ARG G 80 62.54 -13.19 1.34
N CYS G 81 63.20 -13.91 0.44
CA CYS G 81 64.52 -13.48 -0.02
C CYS G 81 64.29 -12.33 -0.95
N LEU G 82 63.29 -12.49 -1.80
CA LEU G 82 62.98 -11.42 -2.73
C LEU G 82 62.71 -10.15 -1.94
N LYS G 83 61.95 -10.27 -0.86
CA LYS G 83 61.61 -9.09 -0.08
C LYS G 83 62.86 -8.47 0.46
N ALA G 84 63.73 -9.31 1.00
CA ALA G 84 65.02 -8.86 1.52
C ALA G 84 65.88 -8.29 0.37
N PHE G 85 66.04 -9.05 -0.71
CA PHE G 85 66.80 -8.60 -1.87
C PHE G 85 66.34 -7.23 -2.34
N MET G 86 65.04 -7.01 -2.37
CA MET G 86 64.55 -5.75 -2.90
C MET G 86 64.16 -4.75 -1.81
N ASN G 87 64.86 -4.82 -0.68
CA ASN G 87 64.70 -3.82 0.38
C ASN G 87 65.67 -2.66 0.22
N ASN G 88 66.11 -2.44 -1.01
CA ASN G 88 66.97 -1.30 -1.32
C ASN G 88 66.86 -0.97 -2.81
N LYS G 89 67.07 0.29 -3.15
CA LYS G 89 66.86 0.73 -4.53
C LYS G 89 67.56 -0.12 -5.57
N PHE G 90 68.67 -0.76 -5.20
CA PHE G 90 69.34 -1.62 -6.18
C PHE G 90 68.50 -2.85 -6.50
N GLY G 91 67.98 -3.52 -5.47
CA GLY G 91 67.22 -4.74 -5.65
C GLY G 91 65.98 -4.48 -6.47
N ILE G 92 65.18 -3.55 -5.99
CA ILE G 92 63.98 -3.09 -6.69
C ILE G 92 64.20 -2.83 -8.17
N LYS G 93 65.16 -1.96 -8.48
CA LYS G 93 65.56 -1.68 -9.87
C LYS G 93 65.82 -2.95 -10.67
N THR G 94 66.48 -3.93 -10.05
CA THR G 94 66.96 -5.12 -10.75
C THR G 94 65.81 -6.06 -11.00
N MET G 95 65.00 -6.19 -9.96
CA MET G 95 63.72 -6.86 -10.04
C MET G 95 62.99 -6.43 -11.29
N LEU G 96 62.84 -5.12 -11.45
CA LEU G 96 62.09 -4.52 -12.55
C LEU G 96 62.65 -4.82 -13.93
N GLU G 97 63.94 -5.12 -13.96
CA GLU G 97 64.60 -5.36 -15.24
C GLU G 97 64.41 -6.81 -15.68
N THR G 98 63.86 -7.64 -14.81
CA THR G 98 63.66 -9.05 -15.13
C THR G 98 62.50 -9.23 -16.10
N GLU G 99 62.51 -10.29 -16.88
CA GLU G 99 61.44 -10.52 -17.83
C GLU G 99 60.20 -11.16 -17.19
N GLU G 100 60.40 -11.90 -16.10
CA GLU G 100 59.33 -12.73 -15.55
C GLU G 100 59.30 -12.64 -14.03
N GLY G 101 59.96 -11.63 -13.51
CA GLY G 101 60.03 -11.43 -12.08
C GLY G 101 58.67 -11.03 -11.52
N ILE G 102 58.09 -9.98 -12.08
CA ILE G 102 56.77 -9.57 -11.65
C ILE G 102 55.73 -10.65 -11.90
N LEU G 103 55.85 -11.38 -13.00
CA LEU G 103 54.94 -12.49 -13.23
C LEU G 103 54.98 -13.53 -12.11
N LEU G 104 56.19 -13.93 -11.70
CA LEU G 104 56.33 -14.97 -10.68
C LEU G 104 55.82 -14.54 -9.31
N LEU G 105 56.10 -13.30 -8.95
CA LEU G 105 55.46 -12.71 -7.79
C LEU G 105 53.93 -12.92 -7.88
N VAL G 106 53.37 -12.69 -9.07
CA VAL G 106 51.93 -12.82 -9.23
C VAL G 106 51.48 -14.24 -8.99
N ARG G 107 52.23 -15.19 -9.53
CA ARG G 107 51.92 -16.62 -9.35
C ARG G 107 52.09 -17.11 -7.90
N ALA G 108 52.66 -16.28 -7.06
CA ALA G 108 52.83 -16.63 -5.66
C ALA G 108 51.55 -16.37 -4.91
N MET G 109 50.60 -15.69 -5.55
CA MET G 109 49.35 -15.31 -4.89
C MET G 109 48.32 -16.41 -4.95
N ASP G 110 48.49 -17.36 -4.04
CA ASP G 110 47.67 -18.55 -3.98
C ASP G 110 46.90 -18.42 -2.69
N PRO G 111 45.57 -18.28 -2.78
CA PRO G 111 44.88 -18.09 -1.50
C PRO G 111 44.99 -19.35 -0.64
N ALA G 112 45.33 -20.48 -1.27
CA ALA G 112 45.67 -21.72 -0.56
C ALA G 112 46.80 -21.58 0.47
N VAL G 113 47.86 -20.85 0.13
CA VAL G 113 48.96 -20.54 1.04
C VAL G 113 48.90 -19.09 1.56
N PRO G 114 47.98 -18.79 2.46
CA PRO G 114 47.74 -17.40 2.84
C PRO G 114 49.00 -16.58 3.12
N ASN G 115 49.99 -17.17 3.75
CA ASN G 115 51.14 -16.36 4.12
C ASN G 115 52.10 -16.02 2.98
N MET G 116 52.20 -16.92 2.00
CA MET G 116 52.96 -16.64 0.79
C MET G 116 52.31 -15.51 0.00
N MET G 117 51.00 -15.61 -0.21
CA MET G 117 50.24 -14.63 -0.98
C MET G 117 50.29 -13.25 -0.33
N ILE G 118 50.15 -13.25 0.99
CA ILE G 118 50.34 -12.01 1.74
C ILE G 118 51.63 -11.29 1.40
N ASP G 119 52.75 -12.04 1.39
CA ASP G 119 54.09 -11.47 1.19
C ASP G 119 54.29 -11.05 -0.25
N ALA G 120 53.79 -11.84 -1.19
CA ALA G 120 53.89 -11.46 -2.59
C ALA G 120 53.02 -10.25 -2.93
N ALA G 121 51.87 -10.13 -2.28
CA ALA G 121 50.94 -9.06 -2.58
C ALA G 121 51.42 -7.73 -2.04
N LYS G 122 52.32 -7.77 -1.07
CA LYS G 122 52.91 -6.55 -0.51
C LYS G 122 53.98 -6.04 -1.46
N LEU G 123 54.73 -6.97 -2.05
CA LEU G 123 55.78 -6.57 -2.94
C LEU G 123 55.12 -5.94 -4.16
N LEU G 124 54.16 -6.66 -4.72
CA LEU G 124 53.42 -6.17 -5.88
C LEU G 124 52.79 -4.80 -5.56
N SER G 125 52.15 -4.68 -4.41
CA SER G 125 51.60 -3.40 -3.96
C SER G 125 52.67 -2.32 -3.93
N ALA G 126 53.84 -2.63 -3.37
CA ALA G 126 54.92 -1.66 -3.30
C ALA G 126 55.38 -1.25 -4.71
N LEU G 127 55.50 -2.22 -5.59
CA LEU G 127 55.77 -1.93 -6.99
C LEU G 127 54.78 -0.94 -7.65
N CYS G 128 53.49 -1.07 -7.36
CA CYS G 128 52.46 -0.18 -7.92
C CYS G 128 52.64 1.28 -7.48
N ILE G 129 53.15 1.45 -6.26
CA ILE G 129 53.40 2.77 -5.65
C ILE G 129 54.55 3.59 -6.28
N LEU G 130 55.56 2.91 -6.82
CA LEU G 130 56.75 3.59 -7.30
C LEU G 130 56.37 4.72 -8.25
N PRO G 131 57.11 5.84 -8.15
CA PRO G 131 56.94 6.94 -9.09
C PRO G 131 57.51 6.55 -10.46
N GLN G 132 58.67 5.89 -10.45
CA GLN G 132 59.37 5.48 -11.67
C GLN G 132 59.62 3.97 -11.62
N PRO G 133 59.42 3.27 -12.75
CA PRO G 133 58.95 3.76 -14.05
C PRO G 133 57.50 4.22 -14.06
N GLU G 134 57.07 4.71 -15.22
CA GLU G 134 55.70 5.19 -15.40
C GLU G 134 54.72 4.04 -15.34
N ASP G 135 53.64 4.23 -14.58
CA ASP G 135 52.55 3.27 -14.58
C ASP G 135 53.02 1.89 -14.17
N MET G 136 53.39 1.71 -12.90
CA MET G 136 53.81 0.38 -12.47
C MET G 136 52.62 -0.48 -12.33
N ASN G 137 51.57 0.12 -11.77
CA ASN G 137 50.26 -0.53 -11.62
C ASN G 137 49.80 -1.30 -12.85
N GLU G 138 50.03 -0.75 -14.03
CA GLU G 138 49.64 -1.43 -15.25
C GLU G 138 50.49 -2.65 -15.54
N ARG G 139 51.79 -2.58 -15.25
CA ARG G 139 52.62 -3.75 -15.48
C ARG G 139 52.28 -4.86 -14.51
N VAL G 140 51.98 -4.50 -13.27
CA VAL G 140 51.50 -5.51 -12.34
C VAL G 140 50.22 -6.10 -12.91
N LEU G 141 49.32 -5.23 -13.35
CA LEU G 141 48.04 -5.65 -13.91
C LEU G 141 48.22 -6.58 -15.11
N GLU G 142 49.16 -6.23 -15.98
CA GLU G 142 49.47 -7.06 -17.14
C GLU G 142 49.86 -8.46 -16.74
N ALA G 143 50.64 -8.58 -15.67
CA ALA G 143 51.08 -9.89 -15.21
C ALA G 143 49.88 -10.67 -14.68
N MET G 144 49.11 -10.03 -13.81
CA MET G 144 47.87 -10.62 -13.28
C MET G 144 47.00 -11.16 -14.39
N THR G 145 46.93 -10.41 -15.50
CA THR G 145 46.20 -10.81 -16.69
C THR G 145 46.77 -12.08 -17.28
N GLU G 146 48.05 -12.05 -17.66
CA GLU G 146 48.75 -13.23 -18.20
C GLU G 146 48.62 -14.52 -17.38
N ARG G 147 48.86 -14.44 -16.08
CA ARG G 147 48.58 -15.58 -15.22
C ARG G 147 47.15 -16.04 -15.51
N ALA G 148 46.21 -15.11 -15.31
CA ALA G 148 44.79 -15.38 -15.49
C ALA G 148 44.45 -16.11 -16.78
N GLU G 149 45.14 -15.75 -17.86
CA GLU G 149 44.90 -16.37 -19.17
C GLU G 149 45.35 -17.83 -19.28
N MET G 150 46.39 -18.19 -18.54
CA MET G 150 46.93 -19.53 -18.61
C MET G 150 46.27 -20.49 -17.61
N ASP G 151 45.64 -19.96 -16.56
CA ASP G 151 44.88 -20.79 -15.62
C ASP G 151 43.42 -20.81 -16.05
N GLU G 152 43.09 -19.91 -16.98
CA GLU G 152 41.73 -19.79 -17.46
C GLU G 152 40.73 -19.32 -16.39
N VAL G 153 41.17 -18.40 -15.52
CA VAL G 153 40.28 -17.76 -14.59
C VAL G 153 40.29 -16.26 -14.83
N GLU G 154 39.46 -15.52 -14.10
CA GLU G 154 39.47 -14.07 -14.14
C GLU G 154 40.69 -13.54 -13.42
N ARG G 155 41.35 -12.57 -14.01
CA ARG G 155 42.56 -12.04 -13.40
C ARG G 155 42.39 -11.57 -11.94
N PHE G 156 41.17 -11.30 -11.50
CA PHE G 156 41.00 -10.82 -10.14
C PHE G 156 40.41 -11.88 -9.25
N GLN G 157 40.32 -13.11 -9.74
CA GLN G 157 39.74 -14.17 -8.93
C GLN G 157 40.55 -14.39 -7.64
N PRO G 158 41.87 -14.62 -7.78
CA PRO G 158 42.67 -14.93 -6.61
C PRO G 158 42.53 -13.82 -5.59
N LEU G 159 42.63 -12.56 -6.03
CA LEU G 159 42.40 -11.44 -5.10
C LEU G 159 41.06 -11.52 -4.35
N LEU G 160 39.98 -11.89 -5.04
CA LEU G 160 38.67 -11.97 -4.40
C LEU G 160 38.57 -13.15 -3.45
N ASP G 161 39.13 -14.29 -3.86
CA ASP G 161 39.15 -15.47 -2.99
C ASP G 161 39.80 -15.19 -1.63
N GLY G 162 40.85 -14.37 -1.63
CA GLY G 162 41.53 -14.01 -0.40
C GLY G 162 40.68 -13.13 0.48
N LEU G 163 39.73 -12.42 -0.12
CA LEU G 163 38.86 -11.52 0.61
C LEU G 163 37.74 -12.28 1.30
N LYS G 164 37.53 -13.53 0.88
CA LYS G 164 36.47 -14.40 1.41
C LYS G 164 36.60 -14.82 2.87
N SER G 165 35.43 -14.95 3.52
CA SER G 165 35.25 -15.01 4.98
C SER G 165 36.26 -15.78 5.84
N GLY G 166 36.52 -17.04 5.49
CA GLY G 166 37.32 -17.91 6.34
C GLY G 166 38.78 -17.52 6.42
N THR G 167 39.25 -16.79 5.41
CA THR G 167 40.62 -16.31 5.31
C THR G 167 41.02 -15.33 6.43
N SER G 168 42.28 -15.35 6.84
CA SER G 168 42.80 -14.47 7.91
C SER G 168 42.70 -12.98 7.63
N ILE G 169 42.57 -12.19 8.69
CA ILE G 169 42.59 -10.74 8.57
C ILE G 169 43.70 -10.24 7.67
N ALA G 170 44.90 -10.74 7.91
CA ALA G 170 46.06 -10.27 7.20
C ALA G 170 45.91 -10.43 5.69
N LEU G 171 45.38 -11.58 5.27
CA LEU G 171 45.19 -11.83 3.85
C LEU G 171 44.13 -10.90 3.25
N LYS G 172 43.05 -10.71 4.01
CA LYS G 172 41.98 -9.80 3.63
C LYS G 172 42.56 -8.44 3.37
N VAL G 173 43.15 -7.88 4.42
CA VAL G 173 43.80 -6.57 4.33
C VAL G 173 44.80 -6.46 3.16
N GLY G 174 45.51 -7.54 2.87
CA GLY G 174 46.49 -7.52 1.82
C GLY G 174 45.93 -7.51 0.42
N CYS G 175 44.86 -8.28 0.22
CA CYS G 175 44.10 -8.21 -1.03
C CYS G 175 43.45 -6.85 -1.33
N LEU G 176 42.83 -6.26 -0.32
CA LEU G 176 42.23 -4.95 -0.51
C LEU G 176 43.29 -3.90 -0.80
N GLN G 177 44.46 -4.05 -0.19
CA GLN G 177 45.51 -3.04 -0.35
C GLN G 177 46.18 -3.10 -1.73
N LEU G 178 46.37 -4.30 -2.23
CA LEU G 178 46.79 -4.49 -3.61
C LEU G 178 45.77 -3.95 -4.60
N ILE G 179 44.49 -4.10 -4.26
CA ILE G 179 43.42 -3.55 -5.10
C ILE G 179 43.55 -2.03 -5.09
N ASN G 180 43.72 -1.47 -3.90
CA ASN G 180 43.93 -0.04 -3.83
C ASN G 180 45.18 0.42 -4.55
N ALA G 181 46.16 -0.48 -4.62
CA ALA G 181 47.44 -0.11 -5.20
C ALA G 181 47.37 -0.12 -6.73
N LEU G 182 46.53 -0.98 -7.28
CA LEU G 182 46.27 -0.98 -8.72
C LEU G 182 45.39 0.20 -9.19
N ILE G 183 44.37 0.57 -8.41
CA ILE G 183 43.41 1.62 -8.76
C ILE G 183 43.90 3.06 -8.46
N THR G 184 44.15 3.37 -7.19
CA THR G 184 44.58 4.71 -6.75
C THR G 184 45.70 5.47 -7.49
N PRO G 185 46.78 4.77 -7.86
CA PRO G 185 47.86 5.41 -8.62
C PRO G 185 47.54 5.74 -10.08
N ALA G 186 46.46 5.17 -10.62
CA ALA G 186 46.12 5.38 -12.03
C ALA G 186 45.76 6.83 -12.33
N GLU G 187 46.36 7.37 -13.39
CA GLU G 187 46.10 8.74 -13.78
C GLU G 187 44.65 8.90 -14.24
N GLU G 188 44.27 8.10 -15.23
CA GLU G 188 43.00 8.25 -15.93
C GLU G 188 41.78 7.77 -15.14
N LEU G 189 40.79 8.65 -15.01
CA LEU G 189 39.56 8.28 -14.34
C LEU G 189 38.89 7.11 -15.03
N ASP G 190 38.99 7.05 -16.36
CA ASP G 190 38.31 5.97 -17.08
C ASP G 190 38.83 4.63 -16.67
N PHE G 191 40.13 4.57 -16.40
CA PHE G 191 40.80 3.34 -16.01
C PHE G 191 40.37 2.86 -14.63
N ARG G 192 40.39 3.76 -13.67
CA ARG G 192 39.94 3.40 -12.33
C ARG G 192 38.52 2.82 -12.38
N VAL G 193 37.60 3.52 -13.04
CA VAL G 193 36.23 3.05 -13.12
C VAL G 193 36.12 1.66 -13.79
N HIS G 194 36.88 1.48 -14.86
CA HIS G 194 36.96 0.17 -15.51
C HIS G 194 37.25 -0.95 -14.53
N ILE G 195 38.29 -0.77 -13.72
CA ILE G 195 38.79 -1.82 -12.85
C ILE G 195 37.82 -2.05 -11.71
N ARG G 196 37.36 -0.95 -11.10
CA ARG G 196 36.38 -1.06 -10.01
C ARG G 196 35.16 -1.83 -10.48
N SER G 197 34.69 -1.49 -11.67
CA SER G 197 33.54 -2.18 -12.20
C SER G 197 33.82 -3.65 -12.43
N GLU G 198 35.01 -3.98 -12.94
CA GLU G 198 35.39 -5.39 -13.14
C GLU G 198 35.38 -6.22 -11.84
N LEU G 199 35.83 -5.61 -10.75
CA LEU G 199 35.77 -6.23 -9.44
C LEU G 199 34.30 -6.40 -9.00
N MET G 200 33.49 -5.38 -9.22
CA MET G 200 32.11 -5.47 -8.77
C MET G 200 31.34 -6.62 -9.41
N ARG G 201 31.60 -6.86 -10.69
CA ARG G 201 31.02 -8.02 -11.36
C ARG G 201 31.43 -9.32 -10.71
N LEU G 202 32.65 -9.36 -10.17
CA LEU G 202 33.17 -10.58 -9.58
C LEU G 202 32.61 -10.81 -8.19
N GLY G 203 31.90 -9.81 -7.69
CA GLY G 203 31.20 -9.94 -6.42
C GLY G 203 31.74 -9.05 -5.33
N LEU G 204 32.49 -8.02 -5.71
CA LEU G 204 33.24 -7.28 -4.72
C LEU G 204 32.28 -6.63 -3.73
N HIS G 205 31.23 -6.02 -4.24
CA HIS G 205 30.36 -5.22 -3.37
C HIS G 205 29.90 -5.99 -2.17
N GLN G 206 29.49 -7.24 -2.39
CA GLN G 206 28.96 -8.05 -1.30
C GLN G 206 30.06 -8.41 -0.30
N VAL G 207 31.28 -8.63 -0.80
CA VAL G 207 32.40 -8.96 0.08
C VAL G 207 32.80 -7.78 0.98
N LEU G 208 32.86 -6.58 0.41
CA LEU G 208 33.09 -5.40 1.22
C LEU G 208 32.05 -5.20 2.34
N GLN G 209 30.80 -5.60 2.12
CA GLN G 209 29.78 -5.41 3.17
C GLN G 209 30.11 -6.23 4.40
N GLU G 210 30.72 -7.40 4.18
CA GLU G 210 31.15 -8.27 5.27
C GLU G 210 32.39 -7.80 6.04
N LEU G 211 33.35 -7.21 5.32
CA LEU G 211 34.58 -6.71 5.94
C LEU G 211 34.34 -5.43 6.76
N ARG G 212 33.21 -4.78 6.49
CA ARG G 212 32.84 -3.53 7.18
C ARG G 212 32.42 -3.81 8.64
N GLU G 213 32.05 -5.06 8.91
CA GLU G 213 31.63 -5.50 10.24
C GLU G 213 32.80 -5.75 11.20
N ILE G 214 33.97 -6.06 10.63
CA ILE G 214 35.18 -6.39 11.38
C ILE G 214 35.89 -5.18 11.96
N GLU G 215 36.07 -5.18 13.27
CA GLU G 215 36.86 -4.17 13.96
C GLU G 215 38.35 -4.48 13.76
N ASN G 216 39.01 -3.71 12.91
CA ASN G 216 40.40 -3.97 12.61
C ASN G 216 40.99 -2.75 11.94
N GLU G 217 41.96 -2.11 12.58
CA GLU G 217 42.42 -0.80 12.12
C GLU G 217 42.94 -0.84 10.69
N ASP G 218 43.69 -1.88 10.38
CA ASP G 218 44.38 -1.98 9.09
C ASP G 218 43.36 -2.16 7.99
N MET G 219 42.33 -2.93 8.29
CA MET G 219 41.21 -3.16 7.39
C MET G 219 40.37 -1.88 7.20
N LYS G 220 40.02 -1.19 8.28
CA LYS G 220 39.30 0.08 8.13
C LYS G 220 40.05 1.03 7.20
N VAL G 221 41.36 1.12 7.38
CA VAL G 221 42.21 2.00 6.57
C VAL G 221 42.15 1.74 5.06
N GLN G 222 42.32 0.49 4.66
CA GLN G 222 42.17 0.10 3.25
C GLN G 222 40.76 0.37 2.72
N LEU G 223 39.75 0.11 3.54
CA LEU G 223 38.38 0.38 3.16
C LEU G 223 38.13 1.89 2.99
N CYS G 224 38.63 2.69 3.91
CA CYS G 224 38.50 4.14 3.77
C CYS G 224 39.19 4.65 2.50
N VAL G 225 40.40 4.16 2.23
CA VAL G 225 41.09 4.45 0.96
C VAL G 225 40.27 4.10 -0.29
N PHE G 226 39.67 2.91 -0.29
CA PHE G 226 38.90 2.40 -1.42
C PHE G 226 37.64 3.23 -1.67
N ASP G 227 36.89 3.51 -0.61
CA ASP G 227 35.68 4.33 -0.66
C ASP G 227 35.98 5.78 -1.09
N GLU G 228 36.84 6.48 -0.37
CA GLU G 228 37.20 7.83 -0.77
C GLU G 228 37.53 7.90 -2.26
N GLN G 229 38.20 6.87 -2.79
CA GLN G 229 38.56 6.92 -4.20
C GLN G 229 37.35 6.82 -5.15
N GLY G 230 36.39 5.98 -4.78
CA GLY G 230 35.11 5.90 -5.48
C GLY G 230 34.50 7.30 -5.47
N ASP G 231 34.32 7.84 -4.26
CA ASP G 231 33.85 9.22 -4.11
C ASP G 231 34.60 10.19 -5.02
N GLU G 232 35.93 10.27 -4.91
CA GLU G 232 36.60 11.25 -5.74
C GLU G 232 36.22 11.03 -7.19
N ASP G 233 36.09 9.76 -7.58
CA ASP G 233 35.83 9.46 -8.99
C ASP G 233 34.44 9.93 -9.40
N PHE G 234 33.43 9.51 -8.65
CA PHE G 234 32.07 10.00 -8.80
C PHE G 234 32.02 11.52 -8.93
N PHE G 235 32.66 12.22 -8.01
CA PHE G 235 32.78 13.67 -8.07
C PHE G 235 33.40 14.14 -9.41
N ASP G 236 34.39 13.41 -9.92
CA ASP G 236 35.10 13.81 -11.13
C ASP G 236 34.19 13.66 -12.34
N LEU G 237 33.32 12.66 -12.29
CA LEU G 237 32.46 12.33 -13.40
C LEU G 237 31.31 13.35 -13.40
N LYS G 238 30.86 13.78 -12.23
CA LYS G 238 29.94 14.91 -12.15
C LYS G 238 30.53 16.10 -12.88
N GLY G 239 31.83 16.29 -12.75
CA GLY G 239 32.53 17.37 -13.42
C GLY G 239 32.54 17.21 -14.93
N ARG G 240 32.65 15.98 -15.42
CA ARG G 240 32.59 15.78 -16.87
C ARG G 240 31.28 16.32 -17.40
N LEU G 241 30.23 16.19 -16.59
CA LEU G 241 28.91 16.55 -17.04
C LEU G 241 28.79 18.07 -17.09
N ASP G 242 29.32 18.73 -16.06
CA ASP G 242 29.34 20.19 -16.02
C ASP G 242 30.01 20.79 -17.24
N ASP G 243 31.12 20.18 -17.65
CA ASP G 243 31.77 20.55 -18.92
C ASP G 243 30.81 20.35 -20.09
N ILE G 244 30.22 19.15 -20.18
CA ILE G 244 29.34 18.83 -21.30
C ILE G 244 28.23 19.88 -21.43
N ARG G 245 27.67 20.28 -20.30
CA ARG G 245 26.62 21.28 -20.30
C ARG G 245 27.11 22.61 -20.78
N MET G 246 28.40 22.85 -20.62
CA MET G 246 29.01 24.11 -21.01
C MET G 246 29.30 24.18 -22.51
N GLU G 247 29.63 23.03 -23.10
CA GLU G 247 30.11 22.95 -24.48
C GLU G 247 29.11 22.41 -25.52
N MET G 248 28.31 21.45 -25.09
CA MET G 248 27.27 20.88 -25.94
C MET G 248 25.91 21.44 -25.59
N ASP G 249 25.66 22.67 -25.96
CA ASP G 249 24.36 23.28 -25.64
C ASP G 249 23.40 23.11 -26.79
N ASP G 250 23.89 22.50 -27.88
CA ASP G 250 23.18 22.45 -29.17
C ASP G 250 22.61 21.08 -29.56
N PHE G 251 21.29 20.98 -29.74
CA PHE G 251 20.67 19.68 -30.05
C PHE G 251 21.31 18.92 -31.22
N GLY G 252 21.42 19.57 -32.37
CA GLY G 252 22.03 18.94 -33.54
C GLY G 252 23.44 18.39 -33.30
N GLU G 253 24.27 19.18 -32.67
CA GLU G 253 25.66 18.78 -32.44
C GLU G 253 25.72 17.57 -31.52
N VAL G 254 25.00 17.62 -30.40
CA VAL G 254 24.96 16.51 -29.46
C VAL G 254 24.41 15.26 -30.13
N PHE G 255 23.29 15.42 -30.83
CA PHE G 255 22.67 14.31 -31.53
C PHE G 255 23.67 13.62 -32.45
N GLN G 256 24.30 14.39 -33.32
CA GLN G 256 25.31 13.85 -34.24
C GLN G 256 26.42 13.09 -33.52
N ILE G 257 26.94 13.64 -32.43
CA ILE G 257 28.02 12.99 -31.69
C ILE G 257 27.60 11.63 -31.15
N ILE G 258 26.44 11.57 -30.51
CA ILE G 258 25.92 10.31 -29.98
C ILE G 258 25.84 9.31 -31.13
N LEU G 259 25.31 9.79 -32.24
CA LEU G 259 25.17 8.96 -33.42
C LEU G 259 26.48 8.31 -33.90
N ASN G 260 27.53 9.11 -34.04
CA ASN G 260 28.85 8.62 -34.43
C ASN G 260 29.41 7.61 -33.45
N THR G 261 29.25 7.90 -32.16
CA THR G 261 29.63 6.95 -31.11
C THR G 261 28.97 5.58 -31.28
N VAL G 262 27.64 5.52 -31.37
CA VAL G 262 26.97 4.22 -31.32
C VAL G 262 26.85 3.52 -32.65
N LYS G 263 27.07 4.25 -33.73
CA LYS G 263 26.90 3.68 -35.05
C LYS G 263 27.78 2.44 -35.20
N ASP G 264 27.20 1.41 -35.82
CA ASP G 264 27.89 0.15 -36.14
C ASP G 264 28.37 -0.58 -34.87
N SER G 265 27.54 -0.49 -33.84
CA SER G 265 27.82 -0.91 -32.48
C SER G 265 26.55 -1.53 -31.94
N LYS G 266 26.67 -2.45 -31.00
CA LYS G 266 25.50 -3.02 -30.38
C LYS G 266 24.61 -2.00 -29.66
N ALA G 267 25.01 -0.73 -29.63
CA ALA G 267 24.22 0.33 -28.98
C ALA G 267 23.25 1.08 -29.90
N GLU G 268 23.41 0.93 -31.20
CA GLU G 268 22.64 1.71 -32.15
C GLU G 268 21.15 1.41 -32.03
N PRO G 269 20.78 0.12 -32.04
CA PRO G 269 19.37 -0.29 -31.94
C PRO G 269 18.69 0.27 -30.72
N HIS G 270 19.42 0.32 -29.60
CA HIS G 270 18.85 0.79 -28.34
C HIS G 270 18.56 2.27 -28.39
N PHE G 271 19.48 3.01 -28.99
CA PHE G 271 19.33 4.45 -29.06
C PHE G 271 18.08 4.80 -29.90
N LEU G 272 17.93 4.11 -31.02
CA LEU G 272 16.73 4.15 -31.81
C LEU G 272 15.48 3.82 -30.99
N SER G 273 15.49 2.74 -30.22
CA SER G 273 14.31 2.39 -29.42
C SER G 273 14.06 3.39 -28.30
N ILE G 274 15.10 4.03 -27.80
CA ILE G 274 14.92 5.11 -26.85
C ILE G 274 14.15 6.29 -27.48
N LEU G 275 14.63 6.78 -28.62
CA LEU G 275 13.98 7.86 -29.38
C LEU G 275 12.56 7.49 -29.83
N GLN G 276 12.35 6.26 -30.23
CA GLN G 276 11.03 5.81 -30.59
C GLN G 276 10.09 5.84 -29.37
N HIS G 277 10.55 5.38 -28.21
CA HIS G 277 9.68 5.38 -27.04
C HIS G 277 9.31 6.78 -26.58
N LEU G 278 10.16 7.75 -26.86
CA LEU G 278 9.90 9.09 -26.41
C LEU G 278 8.75 9.69 -27.19
N LEU G 279 8.57 9.16 -28.39
CA LEU G 279 7.53 9.68 -29.26
C LEU G 279 6.18 9.20 -28.73
N LEU G 280 6.22 8.20 -27.86
CA LEU G 280 5.04 7.62 -27.26
C LEU G 280 4.59 8.37 -26.01
N VAL G 281 5.39 9.33 -25.57
CA VAL G 281 5.00 10.07 -24.38
C VAL G 281 3.67 10.77 -24.65
N ARG G 282 2.70 10.49 -23.78
CA ARG G 282 1.35 11.08 -23.85
C ARG G 282 1.35 12.51 -24.28
N ASN G 283 0.60 12.81 -25.34
CA ASN G 283 0.59 14.20 -25.81
C ASN G 283 -0.38 15.07 -25.00
N ASP G 284 0.07 15.46 -23.80
CA ASP G 284 -0.66 16.29 -22.85
C ASP G 284 0.28 17.38 -22.30
N TYR G 285 -0.21 18.61 -22.23
CA TYR G 285 0.60 19.76 -21.87
C TYR G 285 1.28 19.60 -20.51
N GLU G 286 0.60 18.99 -19.55
CA GLU G 286 1.14 18.87 -18.18
C GLU G 286 2.02 17.64 -17.99
N ALA G 287 1.62 16.52 -18.59
CA ALA G 287 2.27 15.26 -18.28
C ALA G 287 3.55 15.15 -19.08
N ARG G 288 3.57 15.76 -20.27
CA ARG G 288 4.69 15.50 -21.15
C ARG G 288 6.02 15.91 -20.55
N PRO G 289 6.11 17.13 -20.01
CA PRO G 289 7.36 17.56 -19.37
C PRO G 289 7.71 16.69 -18.18
N GLN G 290 6.69 16.14 -17.53
CA GLN G 290 6.93 15.31 -16.36
C GLN G 290 7.50 13.94 -16.69
N TYR G 291 7.12 13.43 -17.85
CA TYR G 291 7.61 12.16 -18.35
C TYR G 291 9.09 12.38 -18.59
N TYR G 292 9.37 13.38 -19.40
CA TYR G 292 10.70 13.73 -19.78
C TYR G 292 11.61 13.94 -18.57
N LYS G 293 11.21 14.80 -17.65
CA LYS G 293 11.89 14.92 -16.36
C LYS G 293 12.17 13.59 -15.67
N LEU G 294 11.16 12.74 -15.57
CA LEU G 294 11.32 11.47 -14.84
C LEU G 294 12.32 10.58 -15.57
N ILE G 295 12.17 10.50 -16.88
CA ILE G 295 13.10 9.78 -17.72
C ILE G 295 14.51 10.31 -17.46
N GLU G 296 14.62 11.62 -17.35
CA GLU G 296 15.89 12.28 -17.23
C GLU G 296 16.53 11.97 -15.88
N GLU G 297 15.72 11.86 -14.82
CA GLU G 297 16.25 11.61 -13.49
C GLU G 297 16.71 10.17 -13.35
N CYS G 298 16.11 9.27 -14.13
CA CYS G 298 16.48 7.85 -14.08
C CYS G 298 17.71 7.65 -14.90
N VAL G 299 17.74 8.21 -16.09
CA VAL G 299 18.99 8.25 -16.84
C VAL G 299 20.18 8.80 -16.03
N SER G 300 19.95 9.82 -15.23
CA SER G 300 21.05 10.32 -14.43
C SER G 300 21.56 9.31 -13.37
N GLN G 301 20.69 8.62 -12.66
CA GLN G 301 21.09 7.60 -11.69
C GLN G 301 21.83 6.44 -12.35
N ILE G 302 21.55 6.20 -13.63
CA ILE G 302 22.15 5.09 -14.34
C ILE G 302 23.53 5.43 -14.91
N VAL G 303 23.67 6.61 -15.48
CA VAL G 303 24.87 6.96 -16.22
C VAL G 303 25.92 7.55 -15.26
N LEU G 304 25.50 8.48 -14.42
CA LEU G 304 26.34 8.96 -13.33
C LEU G 304 26.19 8.02 -12.15
N HIS G 305 26.62 6.78 -12.30
CA HIS G 305 26.40 5.83 -11.22
C HIS G 305 27.34 6.15 -10.06
N LYS G 306 26.89 5.85 -8.86
CA LYS G 306 27.61 6.21 -7.65
C LYS G 306 28.84 5.38 -7.37
N ASN G 307 29.84 6.00 -6.73
CA ASN G 307 31.05 5.30 -6.30
C ASN G 307 31.91 4.86 -7.47
N GLY G 308 31.80 5.56 -8.59
CA GLY G 308 32.64 5.28 -9.72
C GLY G 308 32.63 3.85 -10.20
N THR G 309 31.48 3.19 -10.11
CA THR G 309 31.31 1.90 -10.78
C THR G 309 30.17 1.93 -11.78
N ASP G 310 30.27 1.06 -12.77
CA ASP G 310 29.20 0.76 -13.68
C ASP G 310 28.04 0.22 -12.86
N PRO G 311 26.82 0.36 -13.39
CA PRO G 311 25.61 -0.28 -12.85
C PRO G 311 25.70 -1.80 -12.99
N ASP G 312 25.00 -2.54 -12.15
CA ASP G 312 25.00 -4.01 -12.25
C ASP G 312 24.09 -4.48 -13.39
N PHE G 313 24.63 -4.62 -14.58
CA PHE G 313 23.80 -5.00 -15.73
C PHE G 313 23.13 -6.40 -15.61
N LYS G 314 23.48 -7.17 -14.61
CA LYS G 314 22.96 -8.53 -14.47
C LYS G 314 21.76 -8.66 -13.51
N CYS G 315 21.57 -7.68 -12.63
CA CYS G 315 20.44 -7.70 -11.72
C CYS G 315 19.16 -7.68 -12.54
N ARG G 316 18.21 -8.55 -12.19
CA ARG G 316 16.92 -8.62 -12.89
C ARG G 316 15.96 -7.49 -12.47
N HIS G 317 16.16 -6.96 -11.26
CA HIS G 317 15.39 -5.82 -10.83
C HIS G 317 16.32 -4.68 -10.45
N LEU G 318 16.68 -3.87 -11.43
CA LEU G 318 17.33 -2.58 -11.16
C LEU G 318 16.49 -1.66 -10.29
N GLN G 319 17.12 -1.09 -9.27
CA GLN G 319 16.42 -0.17 -8.39
C GLN G 319 16.94 1.23 -8.54
N ILE G 320 16.04 2.14 -8.86
CA ILE G 320 16.46 3.52 -8.97
C ILE G 320 15.78 4.32 -7.90
N ASP G 321 16.56 5.10 -7.17
CA ASP G 321 16.02 6.15 -6.29
C ASP G 321 16.28 7.48 -6.92
N ILE G 322 15.22 8.25 -7.14
CA ILE G 322 15.44 9.57 -7.70
C ILE G 322 15.11 10.67 -6.66
N GLU G 323 15.15 10.26 -5.40
CA GLU G 323 15.18 11.16 -4.27
C GLU G 323 16.59 11.68 -3.97
N ARG G 324 16.65 12.92 -3.52
CA ARG G 324 17.90 13.51 -3.04
C ARG G 324 18.48 12.81 -1.82
N LEU G 325 19.79 12.56 -1.85
CA LEU G 325 20.53 12.07 -0.67
C LEU G 325 20.56 13.05 0.53
N VAL G 326 21.07 14.27 0.30
CA VAL G 326 21.17 15.25 1.38
C VAL G 326 20.39 16.50 0.98
N ASP G 327 19.87 17.24 1.96
CA ASP G 327 19.12 18.45 1.61
C ASP G 327 19.97 19.70 1.87
N LYS H 1 35.33 70.88 -37.36
CA LYS H 1 35.82 70.26 -38.59
C LYS H 1 37.17 69.58 -38.32
N LYS H 2 37.14 68.49 -37.56
CA LYS H 2 38.32 68.10 -36.77
C LYS H 2 39.55 67.65 -37.56
N VAL H 3 40.63 67.39 -36.83
CA VAL H 3 41.87 66.88 -37.43
C VAL H 3 42.55 65.84 -36.54
N TYR H 4 42.78 64.66 -37.09
CA TYR H 4 43.43 63.60 -36.34
C TYR H 4 44.91 63.48 -36.70
N LYS H 5 45.60 62.65 -35.94
CA LYS H 5 47.01 62.37 -36.19
C LYS H 5 47.31 61.02 -35.57
N PRO H 6 47.17 59.96 -36.37
CA PRO H 6 47.44 58.59 -35.91
C PRO H 6 48.90 58.22 -36.12
N GLU H 7 49.44 57.43 -35.19
CA GLU H 7 50.81 56.95 -35.30
C GLU H 7 50.92 55.88 -36.38
N VAL H 8 49.97 54.95 -36.40
CA VAL H 8 49.92 53.86 -37.38
C VAL H 8 48.91 54.14 -38.49
N GLN H 9 49.39 54.13 -39.73
CA GLN H 9 48.53 54.34 -40.92
C GLN H 9 47.60 53.15 -41.15
N LEU H 10 46.29 53.42 -41.05
CA LEU H 10 45.26 52.38 -41.15
C LEU H 10 44.67 52.24 -42.55
N ARG H 11 44.18 51.04 -42.87
CA ARG H 11 43.36 50.85 -44.08
C ARG H 11 42.11 51.72 -44.01
N ARG H 12 41.67 52.22 -45.16
CA ARG H 12 40.59 53.20 -45.18
C ARG H 12 39.44 52.83 -46.13
N PRO H 13 38.25 53.40 -45.87
CA PRO H 13 37.10 53.29 -46.76
C PRO H 13 37.24 54.30 -47.89
N ASN H 14 37.51 53.85 -49.11
CA ASN H 14 37.75 54.77 -50.22
C ASN H 14 36.49 55.42 -50.79
N TRP H 15 35.66 55.98 -49.92
CA TRP H 15 34.40 56.60 -50.36
C TRP H 15 34.68 57.89 -51.09
N SER H 16 33.60 58.53 -51.54
CA SER H 16 33.70 59.87 -52.08
C SER H 16 33.12 60.80 -51.03
N LYS H 17 33.94 61.72 -50.55
CA LYS H 17 33.63 62.57 -49.40
C LYS H 17 32.70 63.78 -49.68
N PHE H 18 32.11 64.35 -48.62
CA PHE H 18 31.50 65.67 -48.70
C PHE H 18 32.37 66.67 -47.95
N VAL H 19 32.34 67.93 -48.38
CA VAL H 19 32.94 69.01 -47.57
C VAL H 19 31.89 70.04 -47.20
N ALA H 20 31.88 70.45 -45.93
CA ALA H 20 30.86 71.36 -45.42
C ALA H 20 30.52 72.49 -46.40
N GLU H 21 31.55 73.17 -46.87
CA GLU H 21 31.42 74.35 -47.73
C GLU H 21 30.10 74.43 -48.51
N ASP H 22 30.08 73.88 -49.71
CA ASP H 22 28.87 73.87 -50.53
C ASP H 22 28.19 72.52 -50.39
N LEU H 23 28.97 71.48 -50.15
CA LEU H 23 28.44 70.10 -50.15
C LEU H 23 27.29 69.86 -49.15
N SER H 24 27.36 70.44 -47.95
CA SER H 24 26.25 70.35 -46.98
C SER H 24 25.25 71.52 -47.14
N GLN H 25 24.11 71.46 -46.45
CA GLN H 25 23.11 72.55 -46.49
C GLN H 25 22.31 72.69 -45.19
N ASP H 26 21.18 71.99 -45.14
CA ASP H 26 20.42 71.88 -43.91
C ASP H 26 19.98 70.43 -43.71
N CYS H 27 20.87 69.54 -44.14
CA CYS H 27 20.66 68.11 -44.20
C CYS H 27 20.84 67.43 -42.85
N PHE H 28 21.16 66.13 -42.92
CA PHE H 28 21.43 65.30 -41.76
C PHE H 28 22.81 65.61 -41.19
N TRP H 29 23.76 65.77 -42.11
CA TRP H 29 25.17 65.90 -41.76
C TRP H 29 25.54 67.14 -40.95
N THR H 30 24.84 68.25 -41.19
CA THR H 30 25.10 69.47 -40.44
C THR H 30 24.97 69.28 -38.93
N LYS H 31 23.88 68.64 -38.51
CA LYS H 31 23.53 68.47 -37.11
C LYS H 31 24.25 67.29 -36.43
N VAL H 32 25.50 67.04 -36.82
CA VAL H 32 26.24 65.90 -36.29
C VAL H 32 27.35 66.31 -35.35
N LYS H 33 27.16 66.00 -34.07
CA LYS H 33 28.18 66.26 -33.06
C LYS H 33 29.31 65.22 -33.22
N GLU H 34 30.50 65.70 -33.60
CA GLU H 34 31.59 64.81 -33.96
C GLU H 34 32.26 64.10 -32.79
N ASP H 35 32.26 64.75 -31.64
CA ASP H 35 32.84 64.14 -30.44
C ASP H 35 31.84 63.22 -29.76
N ARG H 36 30.62 63.17 -30.28
CA ARG H 36 29.54 62.39 -29.67
C ARG H 36 29.89 60.91 -29.52
N PHE H 37 30.91 60.45 -30.23
CA PHE H 37 31.25 59.03 -30.22
C PHE H 37 32.73 58.78 -30.01
N GLU H 38 33.50 59.84 -29.86
CA GLU H 38 34.95 59.75 -29.69
C GLU H 38 35.39 59.14 -28.35
N ASN H 39 36.14 58.05 -28.45
CA ASN H 39 36.91 57.54 -27.32
C ASN H 39 38.33 57.42 -27.82
N ASN H 40 39.30 57.40 -26.90
CA ASN H 40 40.66 57.09 -27.32
C ASN H 40 40.83 55.59 -27.35
N GLU H 41 39.90 54.89 -26.68
CA GLU H 41 39.87 53.44 -26.70
C GLU H 41 39.37 53.00 -28.06
N LEU H 42 38.36 53.70 -28.57
CA LEU H 42 37.83 53.39 -29.88
C LEU H 42 38.96 53.35 -30.90
N PHE H 43 39.66 54.47 -31.05
CA PHE H 43 40.76 54.54 -32.01
C PHE H 43 41.86 53.56 -31.63
N ALA H 44 41.87 53.15 -30.38
CA ALA H 44 42.80 52.11 -29.93
C ALA H 44 42.42 50.80 -30.63
N LYS H 45 41.26 50.26 -30.27
CA LYS H 45 40.78 49.00 -30.81
C LYS H 45 40.86 49.02 -32.33
N LEU H 46 40.68 50.21 -32.89
CA LEU H 46 40.60 50.42 -34.32
C LEU H 46 41.97 50.26 -35.00
N THR H 47 42.95 50.99 -34.50
CA THR H 47 44.31 50.91 -35.02
C THR H 47 44.84 49.48 -34.87
N LEU H 48 44.20 48.73 -33.97
CA LEU H 48 44.59 47.36 -33.73
C LEU H 48 44.19 46.50 -34.92
N ALA H 49 42.90 46.49 -35.22
CA ALA H 49 42.38 45.59 -36.24
C ALA H 49 42.84 45.96 -37.65
N PHE H 50 42.67 47.23 -38.00
CA PHE H 50 42.80 47.67 -39.40
C PHE H 50 44.12 48.35 -39.76
N SER H 51 45.18 48.10 -39.00
CA SER H 51 46.47 48.69 -39.34
C SER H 51 47.08 47.98 -40.54
N ALA H 52 47.95 48.67 -41.27
CA ALA H 52 48.55 48.10 -42.48
C ALA H 52 50.03 47.80 -42.31
N LYS H 78 81.23 45.12 -62.81
CA LYS H 78 82.29 45.21 -63.79
C LYS H 78 81.78 45.77 -65.12
N GLU H 79 81.85 44.97 -66.18
CA GLU H 79 81.43 45.42 -67.52
C GLU H 79 81.25 44.28 -68.53
N LEU H 80 80.32 44.47 -69.47
CA LEU H 80 79.92 43.42 -70.38
C LEU H 80 80.59 43.53 -71.74
N LYS H 81 81.13 42.42 -72.21
CA LYS H 81 81.84 42.41 -73.49
C LYS H 81 81.06 41.67 -74.57
N VAL H 82 79.96 41.00 -74.21
CA VAL H 82 79.18 40.20 -75.17
C VAL H 82 77.64 40.27 -75.04
N LEU H 83 77.14 39.97 -73.84
CA LEU H 83 75.71 39.83 -73.65
C LEU H 83 75.00 41.17 -73.80
N ASP H 84 73.75 41.12 -74.25
CA ASP H 84 72.88 42.29 -74.21
C ASP H 84 72.55 42.60 -72.76
N SER H 85 71.83 43.69 -72.52
CA SER H 85 71.54 44.12 -71.16
C SER H 85 70.49 43.23 -70.49
N LYS H 86 69.55 42.69 -71.27
CA LYS H 86 68.49 41.85 -70.72
C LYS H 86 68.98 40.49 -70.22
N THR H 87 69.81 39.84 -71.02
CA THR H 87 70.38 38.54 -70.65
C THR H 87 71.28 38.63 -69.41
N ALA H 88 72.18 39.61 -69.39
CA ALA H 88 73.12 39.77 -68.28
C ALA H 88 72.38 39.97 -66.97
N GLN H 89 71.18 40.52 -67.08
CA GLN H 89 70.37 40.82 -65.90
C GLN H 89 69.53 39.62 -65.44
N ASN H 90 69.02 38.86 -66.40
CA ASN H 90 68.31 37.62 -66.10
C ASN H 90 69.23 36.54 -65.52
N LEU H 91 70.47 36.50 -66.00
CA LEU H 91 71.50 35.64 -65.42
C LEU H 91 72.01 36.16 -64.07
N SER H 92 72.31 37.45 -63.99
CA SER H 92 72.74 38.08 -62.74
C SER H 92 71.82 37.64 -61.60
N ILE H 93 70.52 37.56 -61.91
CA ILE H 93 69.51 37.07 -60.98
C ILE H 93 69.65 35.57 -60.72
N PHE H 94 69.10 34.79 -61.66
CA PHE H 94 69.25 33.34 -61.68
C PHE H 94 70.52 32.87 -60.96
N LEU H 95 71.66 33.41 -61.35
CA LEU H 95 72.96 32.95 -60.84
C LEU H 95 73.15 33.21 -59.34
N GLY H 96 72.79 34.41 -58.90
CA GLY H 96 72.91 34.76 -57.51
C GLY H 96 72.09 33.82 -56.64
N SER H 97 70.97 33.37 -57.18
CA SER H 97 70.09 32.43 -56.48
C SER H 97 70.60 30.98 -56.54
N PHE H 98 70.85 30.49 -57.75
CA PHE H 98 71.42 29.16 -57.94
C PHE H 98 72.59 28.91 -56.98
N ARG H 99 73.68 29.66 -57.14
CA ARG H 99 74.83 29.53 -56.24
C ARG H 99 75.49 28.16 -56.37
N MET H 100 76.41 28.01 -57.30
CA MET H 100 77.18 26.79 -57.37
C MET H 100 78.39 27.03 -58.26
N PRO H 101 79.54 26.45 -57.88
CA PRO H 101 80.72 26.67 -58.72
C PRO H 101 80.35 26.49 -60.19
N TYR H 102 80.64 27.48 -61.02
CA TYR H 102 80.36 27.37 -62.45
C TYR H 102 81.04 26.11 -62.98
N GLN H 103 82.09 25.67 -62.31
CA GLN H 103 82.81 24.46 -62.70
C GLN H 103 82.00 23.21 -62.29
N GLU H 104 81.47 23.22 -61.07
CA GLU H 104 80.63 22.12 -60.61
C GLU H 104 79.45 21.89 -61.55
N ILE H 105 78.79 22.98 -61.93
CA ILE H 105 77.67 22.90 -62.87
C ILE H 105 78.08 22.20 -64.15
N LYS H 106 79.11 22.72 -64.79
CA LYS H 106 79.64 22.11 -66.01
C LYS H 106 79.92 20.63 -65.82
N ASN H 107 80.35 20.24 -64.61
CA ASN H 107 80.69 18.85 -64.33
C ASN H 107 79.46 17.94 -64.30
N VAL H 108 78.45 18.36 -63.53
CA VAL H 108 77.21 17.62 -63.40
C VAL H 108 76.48 17.47 -64.75
N ILE H 109 76.78 18.36 -65.70
CA ILE H 109 76.19 18.33 -67.03
C ILE H 109 76.91 17.35 -67.96
N LEU H 110 78.23 17.23 -67.78
CA LEU H 110 79.03 16.31 -68.59
C LEU H 110 78.87 14.89 -68.11
N GLU H 111 78.93 14.71 -66.79
CA GLU H 111 78.81 13.39 -66.20
C GLU H 111 77.38 12.91 -66.31
N VAL H 112 76.46 13.86 -66.38
CA VAL H 112 75.04 13.56 -66.25
C VAL H 112 74.81 12.96 -64.88
N ASN H 113 75.38 13.60 -63.87
CA ASN H 113 75.30 13.12 -62.49
C ASN H 113 73.95 13.40 -61.86
N GLU H 114 73.06 12.42 -61.94
CA GLU H 114 71.68 12.61 -61.50
C GLU H 114 71.61 12.73 -59.99
N ALA H 115 72.75 12.53 -59.32
CA ALA H 115 72.83 12.67 -57.88
C ALA H 115 72.71 14.13 -57.51
N VAL H 116 72.90 15.00 -58.49
CA VAL H 116 72.82 16.44 -58.27
C VAL H 116 71.80 17.09 -59.20
N LEU H 117 71.59 16.48 -60.36
CA LEU H 117 70.64 16.99 -61.36
C LEU H 117 69.17 16.87 -60.92
N THR H 118 68.37 17.85 -61.31
CA THR H 118 66.94 17.79 -61.10
C THR H 118 66.23 18.36 -62.32
N GLU H 119 64.98 17.98 -62.50
CA GLU H 119 64.20 18.42 -63.65
C GLU H 119 64.12 19.96 -63.70
N SER H 120 63.69 20.55 -62.59
CA SER H 120 63.64 22.00 -62.49
C SER H 120 65.00 22.61 -62.84
N MET H 121 66.03 22.20 -62.11
CA MET H 121 67.37 22.73 -62.32
C MET H 121 67.73 22.83 -63.80
N ILE H 122 67.41 21.78 -64.54
CA ILE H 122 67.75 21.69 -65.96
C ILE H 122 66.94 22.68 -66.80
N GLN H 123 65.68 22.84 -66.46
CA GLN H 123 64.77 23.73 -67.19
C GLN H 123 65.15 25.19 -67.03
N ASN H 124 65.55 25.58 -65.82
CA ASN H 124 66.07 26.91 -65.60
C ASN H 124 67.28 27.15 -66.49
N LEU H 125 68.17 26.17 -66.58
CA LEU H 125 69.35 26.31 -67.40
C LEU H 125 68.98 26.56 -68.83
N ILE H 126 68.10 25.73 -69.37
CA ILE H 126 67.65 25.89 -70.75
C ILE H 126 66.99 27.25 -71.03
N LYS H 127 66.24 27.77 -70.07
CA LYS H 127 65.53 29.04 -70.23
C LYS H 127 66.47 30.23 -70.04
N GLN H 128 67.34 30.14 -69.04
CA GLN H 128 68.28 31.22 -68.73
C GLN H 128 69.50 31.29 -69.68
N MET H 129 69.86 30.16 -70.28
CA MET H 129 71.03 30.06 -71.14
C MET H 129 71.09 31.12 -72.22
N PRO H 130 72.27 31.77 -72.34
CA PRO H 130 72.55 32.67 -73.46
C PRO H 130 72.38 31.91 -74.78
N GLU H 131 72.28 32.63 -75.89
CA GLU H 131 72.15 32.00 -77.18
C GLU H 131 73.49 31.36 -77.56
N PRO H 132 73.49 30.48 -78.57
CA PRO H 132 74.72 29.76 -78.94
C PRO H 132 75.80 30.66 -79.51
N GLU H 133 75.40 31.75 -80.17
CA GLU H 133 76.35 32.74 -80.68
C GLU H 133 77.00 33.49 -79.52
N GLN H 134 76.20 33.96 -78.58
CA GLN H 134 76.73 34.63 -77.40
C GLN H 134 77.77 33.77 -76.66
N LEU H 135 77.56 32.46 -76.63
CA LEU H 135 78.53 31.57 -75.98
C LEU H 135 79.76 31.38 -76.87
N LYS H 136 79.57 31.57 -78.17
CA LYS H 136 80.67 31.48 -79.13
C LYS H 136 81.64 32.62 -78.86
N MET H 137 81.09 33.82 -78.76
CA MET H 137 81.89 35.02 -78.53
C MET H 137 82.44 35.11 -77.10
N LEU H 138 82.01 34.21 -76.23
CA LEU H 138 82.45 34.22 -74.83
C LEU H 138 83.58 33.23 -74.54
N SER H 139 83.77 32.26 -75.42
CA SER H 139 84.84 31.28 -75.22
C SER H 139 86.03 31.65 -76.09
N GLU H 140 85.96 32.83 -76.71
CA GLU H 140 87.08 33.42 -77.42
C GLU H 140 87.64 34.53 -76.54
N LEU H 141 86.92 34.81 -75.46
CA LEU H 141 87.32 35.78 -74.44
C LEU H 141 87.83 35.07 -73.19
N LYS H 142 87.99 33.76 -73.27
CA LYS H 142 88.48 32.97 -72.14
C LYS H 142 89.90 33.33 -71.71
N GLU H 143 90.46 34.34 -72.35
CA GLU H 143 91.74 34.91 -71.96
C GLU H 143 91.58 35.74 -70.71
N GLU H 144 90.79 36.81 -70.83
CA GLU H 144 90.50 37.68 -69.72
C GLU H 144 89.31 37.17 -68.90
N TYR H 145 89.51 36.14 -68.09
CA TYR H 145 88.41 35.55 -67.33
C TYR H 145 88.00 36.32 -66.07
N ASP H 146 88.98 36.68 -65.25
CA ASP H 146 88.72 37.35 -63.99
C ASP H 146 88.27 38.79 -64.22
N ASP H 147 88.32 39.19 -65.49
CA ASP H 147 88.06 40.56 -65.95
C ASP H 147 86.58 40.78 -66.29
N LEU H 148 85.82 39.68 -66.33
CA LEU H 148 84.43 39.74 -66.80
C LEU H 148 83.41 39.81 -65.67
N ALA H 149 82.22 40.29 -66.00
CA ALA H 149 81.14 40.36 -65.04
C ALA H 149 80.71 38.94 -64.70
N GLU H 150 80.16 38.74 -63.50
CA GLU H 150 79.82 37.39 -63.04
C GLU H 150 78.85 36.69 -63.98
N SER H 151 78.10 37.47 -64.76
CA SER H 151 77.14 36.90 -65.71
C SER H 151 77.80 36.43 -66.98
N GLU H 152 79.06 36.78 -67.18
CA GLU H 152 79.80 36.32 -68.36
C GLU H 152 80.85 35.30 -67.96
N GLN H 153 81.23 35.26 -66.68
CA GLN H 153 82.09 34.20 -66.17
C GLN H 153 81.38 32.87 -66.33
N PHE H 154 80.09 32.85 -66.01
CA PHE H 154 79.26 31.67 -66.17
C PHE H 154 79.07 31.31 -67.65
N GLY H 155 78.90 32.33 -68.48
CA GLY H 155 78.74 32.14 -69.91
C GLY H 155 79.97 31.57 -70.60
N VAL H 156 81.15 31.95 -70.11
CA VAL H 156 82.40 31.38 -70.60
C VAL H 156 82.47 29.87 -70.31
N VAL H 157 82.25 29.50 -69.05
CA VAL H 157 82.24 28.10 -68.63
C VAL H 157 81.34 27.21 -69.48
N MET H 158 80.18 27.74 -69.89
CA MET H 158 79.24 26.98 -70.70
C MET H 158 79.71 26.89 -72.16
N GLY H 159 80.40 27.94 -72.61
CA GLY H 159 80.96 27.97 -73.95
C GLY H 159 81.92 26.82 -74.23
N THR H 160 82.35 26.16 -73.17
CA THR H 160 83.18 24.96 -73.25
C THR H 160 82.39 23.80 -73.80
N VAL H 161 81.46 23.34 -72.96
CA VAL H 161 80.68 22.14 -73.22
C VAL H 161 80.17 22.07 -74.64
N PRO H 162 80.67 21.08 -75.39
CA PRO H 162 80.30 20.90 -76.79
C PRO H 162 78.86 20.44 -76.90
N ARG H 163 78.16 20.94 -77.91
CA ARG H 163 76.79 20.53 -78.16
C ARG H 163 75.92 20.78 -76.94
N LEU H 164 76.00 22.00 -76.40
CA LEU H 164 75.34 22.31 -75.16
C LEU H 164 73.85 22.02 -75.18
N ARG H 165 73.13 22.67 -76.09
CA ARG H 165 71.68 22.57 -76.06
C ARG H 165 71.15 21.16 -76.27
N PRO H 166 71.71 20.43 -77.25
CA PRO H 166 71.33 19.02 -77.39
C PRO H 166 71.60 18.27 -76.10
N ARG H 167 72.74 18.55 -75.48
CA ARG H 167 73.06 17.90 -74.23
C ARG H 167 71.91 18.14 -73.25
N LEU H 168 71.60 19.40 -72.96
CA LEU H 168 70.53 19.74 -72.01
C LEU H 168 69.17 19.13 -72.34
N ASN H 169 68.68 19.34 -73.56
CA ASN H 169 67.41 18.74 -73.99
C ASN H 169 67.36 17.24 -73.75
N ALA H 170 68.35 16.52 -74.25
CA ALA H 170 68.36 15.08 -74.07
C ALA H 170 68.43 14.72 -72.59
N ILE H 171 69.12 15.51 -71.81
CA ILE H 171 69.16 15.22 -70.37
C ILE H 171 67.79 15.40 -69.75
N LEU H 172 67.15 16.52 -70.05
CA LEU H 172 65.82 16.84 -69.55
C LEU H 172 64.84 15.71 -69.85
N PHE H 173 64.81 15.28 -71.10
CA PHE H 173 63.94 14.17 -71.52
C PHE H 173 64.12 12.95 -70.62
N LYS H 174 65.38 12.59 -70.35
CA LYS H 174 65.69 11.46 -69.48
C LYS H 174 65.14 11.67 -68.08
N LEU H 175 65.26 12.90 -67.59
CA LEU H 175 64.75 13.23 -66.28
C LEU H 175 63.22 13.10 -66.21
N GLN H 176 62.56 13.29 -67.36
CA GLN H 176 61.11 13.31 -67.43
C GLN H 176 60.50 11.99 -67.85
N PHE H 177 61.32 11.06 -68.34
CA PHE H 177 60.82 9.88 -69.01
C PHE H 177 59.99 8.96 -68.12
N SER H 178 60.56 8.55 -66.99
CA SER H 178 59.86 7.65 -66.08
C SER H 178 58.47 8.19 -65.77
N GLU H 179 58.38 9.48 -65.50
CA GLU H 179 57.11 10.11 -65.15
C GLU H 179 56.11 10.19 -66.31
N GLN H 180 56.59 10.37 -67.53
CA GLN H 180 55.66 10.59 -68.64
C GLN H 180 55.20 9.23 -69.17
N VAL H 181 55.86 8.17 -68.71
CA VAL H 181 55.39 6.81 -68.98
C VAL H 181 54.19 6.51 -68.09
N GLU H 182 54.25 6.98 -66.86
CA GLU H 182 53.19 6.67 -65.90
C GLU H 182 51.97 7.58 -66.06
N ASN H 183 52.01 8.48 -67.03
CA ASN H 183 50.83 9.27 -67.38
C ASN H 183 50.20 8.70 -68.64
N ILE H 184 50.59 7.48 -68.99
CA ILE H 184 50.15 6.84 -70.21
C ILE H 184 49.72 5.42 -69.88
N LYS H 185 50.54 4.71 -69.12
CA LYS H 185 50.32 3.28 -68.91
C LYS H 185 48.96 3.10 -68.26
N PRO H 186 48.74 3.75 -67.11
CA PRO H 186 47.49 3.68 -66.34
C PRO H 186 46.24 3.76 -67.21
N GLU H 187 46.12 4.85 -67.97
CA GLU H 187 45.00 5.05 -68.90
C GLU H 187 44.82 3.91 -69.91
N ILE H 188 45.91 3.42 -70.48
CA ILE H 188 45.81 2.26 -71.39
C ILE H 188 45.35 1.02 -70.62
N VAL H 189 45.75 0.94 -69.35
CA VAL H 189 45.31 -0.14 -68.49
C VAL H 189 43.79 -0.05 -68.24
N SER H 190 43.35 1.02 -67.56
CA SER H 190 41.92 1.33 -67.40
C SER H 190 41.08 0.97 -68.62
N VAL H 191 41.36 1.60 -69.77
CA VAL H 191 40.60 1.35 -70.99
C VAL H 191 40.62 -0.10 -71.46
N THR H 192 41.75 -0.77 -71.26
CA THR H 192 41.84 -2.18 -71.62
C THR H 192 40.95 -2.98 -70.68
N ALA H 193 41.13 -2.77 -69.39
CA ALA H 193 40.29 -3.41 -68.39
C ALA H 193 38.79 -3.23 -68.69
N ALA H 194 38.36 -1.98 -68.85
CA ALA H 194 36.97 -1.70 -69.21
C ALA H 194 36.52 -2.56 -70.37
N CYS H 195 37.27 -2.52 -71.46
CA CYS H 195 36.91 -3.29 -72.64
C CYS H 195 36.75 -4.78 -72.36
N GLU H 196 37.54 -5.31 -71.43
CA GLU H 196 37.50 -6.72 -71.10
C GLU H 196 36.31 -6.98 -70.19
N GLU H 197 36.26 -6.21 -69.10
CA GLU H 197 35.13 -6.27 -68.16
C GLU H 197 33.77 -6.33 -68.87
N LEU H 198 33.59 -5.46 -69.85
CA LEU H 198 32.31 -5.37 -70.56
C LEU H 198 32.02 -6.61 -71.37
N ARG H 199 33.04 -7.10 -72.08
CA ARG H 199 32.89 -8.26 -72.95
C ARG H 199 32.67 -9.54 -72.16
N LYS H 200 33.07 -9.53 -70.90
CA LYS H 200 33.05 -10.73 -70.05
C LYS H 200 31.90 -10.71 -69.05
N SER H 201 31.20 -9.59 -68.94
CA SER H 201 30.12 -9.49 -67.97
C SER H 201 28.88 -10.12 -68.48
N GLU H 202 28.53 -11.27 -67.91
CA GLU H 202 27.31 -11.96 -68.32
C GLU H 202 26.09 -11.36 -67.65
N ASN H 203 26.28 -10.78 -66.47
CA ASN H 203 25.20 -10.04 -65.83
C ASN H 203 24.78 -8.82 -66.66
N PHE H 204 25.73 -8.22 -67.34
CA PHE H 204 25.38 -7.14 -68.24
C PHE H 204 24.66 -7.72 -69.46
N SER H 205 25.20 -8.80 -70.04
CA SER H 205 24.58 -9.47 -71.18
C SER H 205 23.15 -9.81 -70.86
N SER H 206 22.94 -10.29 -69.64
CA SER H 206 21.60 -10.62 -69.17
C SER H 206 20.68 -9.42 -69.34
N LEU H 207 21.04 -8.31 -68.70
CA LEU H 207 20.26 -7.09 -68.77
C LEU H 207 19.91 -6.72 -70.20
N LEU H 208 20.87 -6.89 -71.10
CA LEU H 208 20.64 -6.59 -72.51
C LEU H 208 19.53 -7.48 -73.08
N GLU H 209 19.65 -8.78 -72.86
CA GLU H 209 18.66 -9.74 -73.34
C GLU H 209 17.29 -9.38 -72.82
N LEU H 210 17.19 -9.20 -71.52
CA LEU H 210 15.95 -8.80 -70.88
C LEU H 210 15.35 -7.57 -71.56
N THR H 211 16.20 -6.61 -71.88
CA THR H 211 15.74 -5.37 -72.45
C THR H 211 15.17 -5.60 -73.86
N LEU H 212 15.85 -6.40 -74.65
CA LEU H 212 15.37 -6.72 -76.00
C LEU H 212 14.01 -7.36 -75.91
N LEU H 213 13.85 -8.23 -74.92
CA LEU H 213 12.60 -8.96 -74.73
C LEU H 213 11.48 -7.97 -74.51
N VAL H 214 11.57 -7.28 -73.39
CA VAL H 214 10.60 -6.26 -73.01
C VAL H 214 10.36 -5.23 -74.12
N GLY H 215 11.42 -4.85 -74.82
CA GLY H 215 11.29 -3.86 -75.87
C GLY H 215 10.52 -4.41 -77.04
N ASN H 216 10.91 -5.59 -77.47
CA ASN H 216 10.25 -6.19 -78.60
C ASN H 216 8.74 -6.42 -78.40
N TYR H 217 8.31 -6.64 -77.16
CA TYR H 217 6.89 -6.75 -76.87
C TYR H 217 6.18 -5.40 -77.09
N MET H 218 6.72 -4.35 -76.48
CA MET H 218 6.10 -3.04 -76.59
C MET H 218 6.08 -2.57 -78.06
N ASN H 219 7.12 -2.91 -78.81
CA ASN H 219 7.20 -2.53 -80.22
C ASN H 219 6.37 -3.41 -81.13
N ALA H 220 5.48 -4.22 -80.56
CA ALA H 220 4.64 -5.12 -81.36
C ALA H 220 3.87 -4.35 -82.44
N GLY H 221 3.80 -4.92 -83.64
CA GLY H 221 3.18 -4.25 -84.77
C GLY H 221 3.78 -2.92 -85.22
N SER H 222 4.83 -2.45 -84.55
CA SER H 222 5.55 -1.24 -84.97
C SER H 222 6.57 -1.55 -86.05
N ARG H 223 7.22 -0.52 -86.56
CA ARG H 223 8.33 -0.72 -87.49
C ARG H 223 9.50 -1.35 -86.75
N ASN H 224 9.45 -1.27 -85.42
CA ASN H 224 10.54 -1.73 -84.58
C ASN H 224 10.27 -3.09 -84.02
N ALA H 225 9.17 -3.68 -84.46
CA ALA H 225 8.78 -5.00 -84.02
C ALA H 225 9.88 -6.01 -84.35
N GLY H 226 9.90 -7.12 -83.60
CA GLY H 226 10.85 -8.22 -83.82
C GLY H 226 12.30 -7.84 -84.09
N ALA H 227 12.94 -7.12 -83.16
CA ALA H 227 14.32 -6.68 -83.35
C ALA H 227 15.29 -7.75 -82.93
N PHE H 228 16.37 -7.94 -83.69
CA PHE H 228 17.42 -8.88 -83.27
C PHE H 228 18.35 -8.26 -82.24
N GLY H 229 18.27 -6.95 -82.13
CA GLY H 229 19.04 -6.21 -81.15
C GLY H 229 18.78 -4.71 -81.28
N PHE H 230 19.34 -3.95 -80.35
CA PHE H 230 19.33 -2.50 -80.46
C PHE H 230 20.73 -1.98 -80.22
N ASN H 231 20.97 -0.72 -80.55
CA ASN H 231 22.29 -0.16 -80.32
C ASN H 231 22.47 0.15 -78.82
N ILE H 232 23.49 -0.48 -78.24
CA ILE H 232 23.91 -0.34 -76.84
C ILE H 232 24.04 1.10 -76.30
N SER H 233 24.05 2.07 -77.21
CA SER H 233 24.20 3.48 -76.83
C SER H 233 22.88 3.98 -76.26
N PHE H 234 21.82 3.34 -76.73
CA PHE H 234 20.45 3.67 -76.40
C PHE H 234 20.13 3.49 -74.93
N LEU H 235 20.95 2.72 -74.21
CA LEU H 235 20.68 2.41 -72.80
C LEU H 235 20.28 3.62 -71.94
N CYS H 236 21.05 4.70 -72.02
CA CYS H 236 20.75 5.93 -71.28
C CYS H 236 19.41 6.54 -71.64
N LYS H 237 18.75 6.00 -72.66
CA LYS H 237 17.45 6.54 -73.09
C LYS H 237 16.27 5.72 -72.59
N LEU H 238 16.55 4.52 -72.09
CA LEU H 238 15.51 3.67 -71.55
C LEU H 238 14.63 4.49 -70.63
N ARG H 239 15.27 5.19 -69.71
CA ARG H 239 14.62 6.09 -68.76
C ARG H 239 13.64 7.08 -69.42
N ASP H 240 13.89 7.46 -70.67
CA ASP H 240 13.03 8.43 -71.36
C ASP H 240 11.66 7.85 -71.71
N THR H 241 11.52 6.52 -71.59
CA THR H 241 10.26 5.83 -71.89
C THR H 241 9.38 5.67 -70.64
N LYS H 242 8.39 6.54 -70.52
CA LYS H 242 7.61 6.64 -69.29
C LYS H 242 6.24 6.00 -69.48
N SER H 243 5.63 5.57 -68.38
CA SER H 243 4.25 5.11 -68.43
C SER H 243 3.26 6.28 -68.60
N ALA H 244 1.99 5.91 -68.81
CA ALA H 244 0.88 6.86 -68.93
C ALA H 244 0.98 8.06 -67.98
N ASP H 245 0.75 7.80 -66.70
CA ASP H 245 1.11 8.72 -65.63
C ASP H 245 2.60 8.61 -65.50
N GLN H 246 3.31 9.68 -65.80
CA GLN H 246 4.76 9.58 -65.90
C GLN H 246 5.44 9.17 -64.58
N LYS H 247 4.77 8.28 -63.84
CA LYS H 247 5.20 7.80 -62.52
C LYS H 247 6.27 6.68 -62.56
N MET H 248 6.44 6.05 -63.72
CA MET H 248 7.28 4.88 -63.85
C MET H 248 8.05 4.93 -65.18
N THR H 249 9.29 4.44 -65.20
CA THR H 249 10.00 4.36 -66.47
C THR H 249 10.37 2.94 -66.83
N LEU H 250 10.68 2.76 -68.09
CA LEU H 250 11.14 1.49 -68.60
C LEU H 250 12.40 1.00 -67.87
N LEU H 251 13.18 1.94 -67.32
CA LEU H 251 14.43 1.59 -66.60
C LEU H 251 14.13 1.05 -65.21
N HIS H 252 13.23 1.72 -64.50
CA HIS H 252 12.79 1.27 -63.19
C HIS H 252 12.12 -0.06 -63.29
N PHE H 253 11.37 -0.23 -64.37
CA PHE H 253 10.70 -1.50 -64.63
C PHE H 253 11.72 -2.59 -64.81
N LEU H 254 12.69 -2.37 -65.69
CA LEU H 254 13.72 -3.38 -65.91
C LEU H 254 14.46 -3.67 -64.62
N ALA H 255 14.65 -2.64 -63.79
CA ALA H 255 15.40 -2.75 -62.56
C ALA H 255 14.62 -3.48 -61.48
N GLU H 256 13.33 -3.17 -61.39
CA GLU H 256 12.46 -3.90 -60.50
C GLU H 256 12.37 -5.38 -60.91
N LEU H 257 12.24 -5.64 -62.21
CA LEU H 257 12.28 -7.02 -62.71
C LEU H 257 13.52 -7.73 -62.19
N CYS H 258 14.66 -7.10 -62.34
CA CYS H 258 15.91 -7.72 -61.92
C CYS H 258 15.85 -7.96 -60.43
N GLU H 259 15.38 -6.95 -59.71
CA GLU H 259 15.31 -7.04 -58.26
C GLU H 259 14.41 -8.19 -57.81
N ASN H 260 13.17 -8.23 -58.31
CA ASN H 260 12.24 -9.30 -57.99
C ASN H 260 12.67 -10.68 -58.52
N ASP H 261 12.86 -10.78 -59.83
CA ASP H 261 12.95 -12.08 -60.49
C ASP H 261 14.34 -12.47 -61.04
N HIS H 262 15.35 -11.64 -60.83
CA HIS H 262 16.68 -11.93 -61.37
C HIS H 262 17.79 -11.22 -60.63
N PRO H 263 17.83 -11.37 -59.31
CA PRO H 263 18.74 -10.57 -58.49
C PRO H 263 20.17 -10.55 -59.04
N GLU H 264 20.60 -11.61 -59.70
CA GLU H 264 21.99 -11.75 -60.17
C GLU H 264 22.43 -10.57 -61.04
N VAL H 265 21.49 -10.00 -61.79
CA VAL H 265 21.80 -8.92 -62.71
C VAL H 265 22.25 -7.64 -62.01
N LEU H 266 21.60 -7.29 -60.91
CA LEU H 266 22.01 -6.14 -60.11
C LEU H 266 23.50 -6.10 -59.76
N LYS H 267 24.22 -7.18 -60.02
CA LYS H 267 25.63 -7.20 -59.68
C LYS H 267 26.51 -6.71 -60.81
N PHE H 268 25.89 -6.32 -61.93
CA PHE H 268 26.68 -5.94 -63.10
C PHE H 268 27.51 -4.67 -62.88
N PRO H 269 26.94 -3.67 -62.19
CA PRO H 269 27.71 -2.48 -61.85
C PRO H 269 29.04 -2.78 -61.14
N ASP H 270 29.15 -3.95 -60.52
CA ASP H 270 30.41 -4.30 -59.85
C ASP H 270 31.39 -4.99 -60.78
N GLU H 271 30.86 -5.59 -61.86
CA GLU H 271 31.69 -6.24 -62.86
C GLU H 271 32.27 -5.25 -63.88
N LEU H 272 32.18 -3.97 -63.56
CA LEU H 272 32.68 -2.92 -64.45
C LEU H 272 33.46 -1.87 -63.67
N ALA H 273 34.46 -2.33 -62.90
CA ALA H 273 35.23 -1.47 -62.01
C ALA H 273 36.06 -0.42 -62.73
N HIS H 274 36.44 -0.71 -63.97
CA HIS H 274 37.25 0.22 -64.73
C HIS H 274 36.50 1.11 -65.73
N VAL H 275 35.23 0.83 -65.96
CA VAL H 275 34.43 1.69 -66.82
C VAL H 275 34.46 3.16 -66.41
N GLU H 276 34.40 3.46 -65.12
CA GLU H 276 34.45 4.87 -64.73
C GLU H 276 35.76 5.53 -65.12
N LYS H 277 36.89 4.85 -64.86
CA LYS H 277 38.20 5.39 -65.24
C LYS H 277 38.36 5.56 -66.74
N ALA H 278 37.86 4.62 -67.51
CA ALA H 278 37.97 4.67 -68.96
C ALA H 278 37.21 5.86 -69.52
N SER H 279 36.09 6.23 -68.90
CA SER H 279 35.25 7.32 -69.39
C SER H 279 35.97 8.62 -69.23
N ARG H 280 37.00 8.60 -68.39
CA ARG H 280 37.72 9.83 -68.10
C ARG H 280 38.99 10.00 -68.95
N VAL H 281 39.31 8.99 -69.72
CA VAL H 281 40.46 9.00 -70.60
C VAL H 281 40.29 9.94 -71.80
N SER H 282 41.37 10.16 -72.55
CA SER H 282 41.33 10.92 -73.82
C SER H 282 42.13 10.23 -74.91
N ALA H 283 41.45 9.52 -75.80
CA ALA H 283 42.14 8.72 -76.80
C ALA H 283 43.07 9.57 -77.66
N GLU H 284 42.66 10.81 -77.93
CA GLU H 284 43.49 11.74 -78.69
C GLU H 284 44.81 12.03 -77.94
N ASN H 285 44.73 12.66 -76.78
CA ASN H 285 45.93 12.93 -75.97
C ASN H 285 46.86 11.73 -75.82
N LEU H 286 46.27 10.54 -75.83
CA LEU H 286 47.01 9.31 -75.68
C LEU H 286 47.80 9.07 -76.95
N GLN H 287 47.11 9.17 -78.07
CA GLN H 287 47.68 8.97 -79.39
C GLN H 287 48.82 9.97 -79.60
N LYS H 288 48.61 11.20 -79.14
CA LYS H 288 49.62 12.24 -79.28
C LYS H 288 50.75 11.93 -78.32
N SER H 289 50.39 11.64 -77.08
CA SER H 289 51.38 11.45 -76.03
C SER H 289 52.40 10.39 -76.42
N LEU H 290 51.92 9.29 -77.03
CA LEU H 290 52.82 8.25 -77.53
C LEU H 290 53.64 8.71 -78.73
N ASP H 291 52.98 9.35 -79.68
CA ASP H 291 53.64 9.90 -80.85
C ASP H 291 54.74 10.89 -80.51
N GLN H 292 54.58 11.65 -79.42
CA GLN H 292 55.60 12.60 -79.02
C GLN H 292 56.82 11.89 -78.42
N MET H 293 56.56 10.89 -77.61
CA MET H 293 57.62 10.09 -77.01
C MET H 293 58.50 9.42 -78.07
N LYS H 294 57.93 9.10 -79.22
CA LYS H 294 58.71 8.40 -80.23
C LYS H 294 59.57 9.41 -80.98
N LYS H 295 59.06 10.63 -81.11
CA LYS H 295 59.84 11.70 -81.72
C LYS H 295 60.99 12.07 -80.79
N GLN H 296 60.70 12.17 -79.50
CA GLN H 296 61.69 12.58 -78.51
C GLN H 296 62.84 11.60 -78.37
N ILE H 297 62.57 10.33 -78.68
CA ILE H 297 63.62 9.35 -78.72
C ILE H 297 64.43 9.46 -80.00
N ALA H 298 63.74 9.80 -81.09
CA ALA H 298 64.34 9.92 -82.39
C ALA H 298 65.28 11.14 -82.44
N ASP H 299 64.91 12.14 -81.64
CA ASP H 299 65.66 13.37 -81.51
C ASP H 299 66.92 13.13 -80.73
N VAL H 300 66.80 12.41 -79.61
CA VAL H 300 67.94 12.07 -78.79
C VAL H 300 68.86 11.19 -79.60
N GLU H 301 68.25 10.21 -80.26
CA GLU H 301 69.01 9.24 -81.04
C GLU H 301 69.90 9.96 -82.05
N ARG H 302 69.43 11.08 -82.56
CA ARG H 302 70.09 11.79 -83.63
C ARG H 302 71.11 12.77 -83.06
N ASP H 303 71.07 12.97 -81.75
CA ASP H 303 72.05 13.82 -81.09
C ASP H 303 73.21 12.98 -80.64
N VAL H 304 72.94 11.70 -80.39
CA VAL H 304 73.99 10.75 -80.06
C VAL H 304 74.74 10.31 -81.32
N GLN H 305 74.11 10.49 -82.47
CA GLN H 305 74.70 10.01 -83.73
C GLN H 305 75.37 11.13 -84.50
N ASN H 306 75.65 12.23 -83.81
CA ASN H 306 76.32 13.38 -84.40
C ASN H 306 77.35 13.92 -83.43
N PHE H 307 77.47 13.25 -82.29
CA PHE H 307 78.20 13.81 -81.16
C PHE H 307 79.71 13.64 -81.27
N PRO H 308 80.44 14.76 -81.17
CA PRO H 308 81.90 14.73 -81.20
C PRO H 308 82.41 13.71 -80.19
N ALA H 309 83.39 12.90 -80.57
CA ALA H 309 84.01 11.99 -79.64
C ALA H 309 84.54 12.79 -78.46
N ALA H 310 84.20 12.35 -77.25
CA ALA H 310 84.51 13.10 -76.04
C ALA H 310 86.00 13.41 -75.91
N THR H 311 86.33 14.67 -75.68
CA THR H 311 87.70 15.06 -75.41
C THR H 311 88.17 14.45 -74.09
N ASP H 312 87.52 14.85 -72.99
CA ASP H 312 87.92 14.40 -71.64
C ASP H 312 86.97 13.39 -71.01
N GLU H 313 87.45 12.73 -69.96
CA GLU H 313 86.74 11.60 -69.37
C GLU H 313 85.56 11.99 -68.48
N LYS H 314 85.30 13.30 -68.35
CA LYS H 314 84.13 13.77 -67.60
C LYS H 314 82.84 13.77 -68.44
N ASP H 315 82.99 13.52 -69.74
CA ASP H 315 81.91 13.64 -70.71
C ASP H 315 81.18 12.33 -70.95
N LYS H 316 80.56 11.80 -69.90
CA LYS H 316 79.87 10.51 -69.98
C LYS H 316 78.50 10.61 -70.67
N PHE H 317 78.43 11.42 -71.73
CA PHE H 317 77.17 11.63 -72.44
C PHE H 317 76.88 10.44 -73.34
N VAL H 318 77.36 10.50 -74.58
CA VAL H 318 77.18 9.41 -75.54
C VAL H 318 77.10 8.04 -74.87
N GLU H 319 77.92 7.82 -73.83
CA GLU H 319 77.81 6.61 -73.03
C GLU H 319 76.42 6.45 -72.39
N LYS H 320 76.05 7.38 -71.52
CA LYS H 320 74.79 7.29 -70.78
C LYS H 320 73.50 7.36 -71.64
N MET H 321 73.53 8.13 -72.73
CA MET H 321 72.36 8.29 -73.60
C MET H 321 72.09 7.09 -74.51
N THR H 322 73.14 6.37 -74.90
CA THR H 322 72.96 5.16 -75.70
C THR H 322 72.35 4.05 -74.83
N SER H 323 72.81 3.98 -73.58
CA SER H 323 72.18 3.12 -72.57
C SER H 323 70.71 3.49 -72.42
N PHE H 324 70.43 4.78 -72.40
CA PHE H 324 69.09 5.30 -72.19
C PHE H 324 68.20 5.12 -73.42
N VAL H 325 68.65 5.63 -74.56
CA VAL H 325 67.91 5.46 -75.82
C VAL H 325 67.54 4.01 -76.10
N LYS H 326 68.23 3.08 -75.46
CA LYS H 326 67.85 1.67 -75.53
C LYS H 326 66.64 1.42 -74.63
N ASP H 327 66.84 1.57 -73.32
CA ASP H 327 65.77 1.40 -72.36
C ASP H 327 64.49 2.17 -72.76
N ALA H 328 64.67 3.38 -73.27
CA ALA H 328 63.53 4.21 -73.66
C ALA H 328 62.74 3.56 -74.78
N GLN H 329 63.41 3.11 -75.84
CA GLN H 329 62.71 2.49 -76.95
C GLN H 329 62.10 1.16 -76.52
N GLU H 330 62.70 0.57 -75.48
CA GLU H 330 62.16 -0.66 -74.91
C GLU H 330 60.78 -0.37 -74.34
N GLN H 331 60.74 0.46 -73.31
CA GLN H 331 59.48 0.83 -72.68
C GLN H 331 58.46 1.40 -73.66
N TYR H 332 58.90 2.27 -74.55
CA TYR H 332 58.00 2.84 -75.54
C TYR H 332 57.29 1.75 -76.33
N ASN H 333 58.05 0.77 -76.79
CA ASN H 333 57.46 -0.29 -77.58
C ASN H 333 56.51 -1.18 -76.78
N LYS H 334 56.78 -1.38 -75.49
CA LYS H 334 55.80 -2.02 -74.61
C LYS H 334 54.51 -1.23 -74.70
N LEU H 335 54.59 0.07 -74.37
CA LEU H 335 53.44 0.97 -74.44
C LEU H 335 52.67 0.93 -75.77
N ARG H 336 53.39 0.98 -76.90
CA ARG H 336 52.73 1.02 -78.20
C ARG H 336 51.98 -0.28 -78.47
N MET H 337 52.44 -1.37 -77.86
CA MET H 337 51.78 -2.66 -77.93
C MET H 337 50.45 -2.59 -77.22
N MET H 338 50.53 -2.42 -75.90
CA MET H 338 49.40 -2.23 -75.02
C MET H 338 48.35 -1.33 -75.65
N HIS H 339 48.82 -0.30 -76.34
CA HIS H 339 47.92 0.68 -76.94
C HIS H 339 47.35 0.20 -78.27
N SER H 340 48.14 -0.51 -79.05
CA SER H 340 47.63 -1.05 -80.28
C SER H 340 46.65 -2.17 -79.96
N ASN H 341 46.92 -2.87 -78.85
CA ASN H 341 46.00 -3.89 -78.33
C ASN H 341 44.69 -3.27 -77.83
N MET H 342 44.81 -2.26 -76.99
CA MET H 342 43.66 -1.51 -76.51
C MET H 342 42.73 -1.09 -77.65
N GLU H 343 43.30 -0.59 -78.73
CA GLU H 343 42.49 -0.12 -79.85
C GLU H 343 41.79 -1.29 -80.51
N THR H 344 42.35 -2.48 -80.36
CA THR H 344 41.82 -3.68 -81.02
C THR H 344 40.63 -4.20 -80.23
N LEU H 345 40.79 -4.28 -78.91
CA LEU H 345 39.69 -4.60 -78.02
C LEU H 345 38.47 -3.74 -78.34
N TYR H 346 38.65 -2.42 -78.29
CA TYR H 346 37.56 -1.51 -78.56
C TYR H 346 36.92 -1.76 -79.92
N LYS H 347 37.74 -2.04 -80.93
CA LYS H 347 37.24 -2.24 -82.30
C LYS H 347 36.38 -3.51 -82.37
N GLU H 348 36.73 -4.47 -81.51
CA GLU H 348 36.04 -5.75 -81.41
C GLU H 348 34.80 -5.66 -80.53
N LEU H 349 34.86 -4.84 -79.49
CA LEU H 349 33.66 -4.49 -78.76
C LEU H 349 32.63 -4.03 -79.78
N GLY H 350 33.06 -3.15 -80.68
CA GLY H 350 32.19 -2.66 -81.73
C GLY H 350 31.65 -3.71 -82.67
N ASP H 351 32.41 -4.79 -82.86
CA ASP H 351 31.96 -5.89 -83.70
C ASP H 351 30.91 -6.66 -82.93
N TYR H 352 31.20 -6.89 -81.66
CA TYR H 352 30.41 -7.75 -80.80
C TYR H 352 29.02 -7.15 -80.46
N PHE H 353 28.99 -5.92 -79.95
CA PHE H 353 27.72 -5.25 -79.65
C PHE H 353 27.20 -4.45 -80.82
N VAL H 354 27.87 -4.56 -81.96
CA VAL H 354 27.40 -3.94 -83.20
C VAL H 354 27.31 -2.42 -83.12
N PHE H 355 28.47 -1.77 -83.18
CA PHE H 355 28.52 -0.33 -83.37
C PHE H 355 29.79 0.09 -84.12
N ASP H 356 29.78 1.33 -84.58
CA ASP H 356 30.88 1.84 -85.39
C ASP H 356 31.92 2.44 -84.48
N PRO H 357 32.99 1.70 -84.20
CA PRO H 357 33.99 2.23 -83.28
C PRO H 357 34.47 3.62 -83.73
N LYS H 358 34.49 3.85 -85.04
CA LYS H 358 35.09 5.05 -85.61
C LYS H 358 34.22 6.29 -85.43
N LYS H 359 33.00 6.09 -84.94
CA LYS H 359 32.05 7.19 -84.81
C LYS H 359 31.97 7.73 -83.39
N LEU H 360 32.62 7.03 -82.46
CA LEU H 360 32.42 7.26 -81.05
C LEU H 360 33.75 7.06 -80.39
N SER H 361 34.31 8.11 -79.78
CA SER H 361 35.58 7.89 -79.10
C SER H 361 35.42 6.87 -77.98
N VAL H 362 36.51 6.24 -77.58
CA VAL H 362 36.45 5.30 -76.47
C VAL H 362 35.80 5.92 -75.21
N GLU H 363 36.21 7.13 -74.84
CA GLU H 363 35.70 7.76 -73.64
C GLU H 363 34.23 8.08 -73.79
N GLU H 364 33.84 8.62 -74.93
CA GLU H 364 32.43 8.92 -75.17
C GLU H 364 31.59 7.69 -74.90
N PHE H 365 32.09 6.55 -75.39
CA PHE H 365 31.44 5.26 -75.27
C PHE H 365 31.39 4.77 -73.82
N PHE H 366 32.53 4.78 -73.13
CA PHE H 366 32.52 4.43 -71.71
C PHE H 366 31.86 5.46 -70.78
N MET H 367 31.72 6.69 -71.24
CA MET H 367 30.92 7.66 -70.51
C MET H 367 29.43 7.31 -70.60
N ASP H 368 28.94 7.03 -71.80
CA ASP H 368 27.54 6.63 -71.94
C ASP H 368 27.26 5.42 -71.06
N LEU H 369 28.20 4.49 -71.03
CA LEU H 369 28.02 3.26 -70.26
C LEU H 369 28.12 3.56 -68.77
N HIS H 370 29.02 4.47 -68.40
CA HIS H 370 29.17 4.90 -67.01
C HIS H 370 27.90 5.61 -66.53
N ASN H 371 27.42 6.56 -67.33
CA ASN H 371 26.13 7.20 -67.06
C ASN H 371 24.97 6.22 -66.91
N PHE H 372 24.86 5.24 -67.82
CA PHE H 372 23.84 4.22 -67.68
C PHE H 372 23.96 3.49 -66.37
N ARG H 373 25.14 3.00 -66.06
CA ARG H 373 25.30 2.28 -64.82
C ARG H 373 24.81 3.15 -63.68
N ASN H 374 25.13 4.44 -63.70
CA ASN H 374 24.77 5.26 -62.56
C ASN H 374 23.27 5.46 -62.48
N MET H 375 22.62 5.53 -63.63
CA MET H 375 21.17 5.67 -63.71
C MET H 375 20.51 4.46 -63.12
N PHE H 376 21.10 3.31 -63.42
CA PHE H 376 20.51 2.04 -63.04
C PHE H 376 20.58 1.93 -61.52
N LEU H 377 21.76 2.19 -60.97
CA LEU H 377 21.93 2.16 -59.53
C LEU H 377 20.89 3.03 -58.87
N GLN H 378 20.64 4.20 -59.46
CA GLN H 378 19.65 5.10 -58.92
C GLN H 378 18.23 4.59 -59.09
N ALA H 379 17.91 4.01 -60.24
CA ALA H 379 16.56 3.48 -60.43
C ALA H 379 16.25 2.46 -59.35
N VAL H 380 17.22 1.58 -59.11
CA VAL H 380 17.02 0.55 -58.09
C VAL H 380 16.60 1.21 -56.78
N LYS H 381 17.43 2.15 -56.34
CA LYS H 381 17.21 2.90 -55.12
C LYS H 381 15.83 3.55 -55.09
N GLU H 382 15.50 4.26 -56.16
CA GLU H 382 14.20 4.95 -56.28
C GLU H 382 13.00 3.99 -56.22
N ASN H 383 13.18 2.79 -56.76
CA ASN H 383 12.20 1.72 -56.70
C ASN H 383 11.96 1.32 -55.26
N GLN H 384 13.05 1.10 -54.52
CA GLN H 384 12.97 0.69 -53.13
C GLN H 384 12.24 1.72 -52.26
N LYS H 385 12.45 2.99 -52.54
CA LYS H 385 11.76 4.03 -51.81
C LYS H 385 10.29 4.11 -52.20
N ARG H 386 10.00 3.80 -53.46
CA ARG H 386 8.62 3.79 -53.93
C ARG H 386 7.88 2.68 -53.19
N ARG H 387 8.42 1.47 -53.28
CA ARG H 387 7.85 0.33 -52.56
C ARG H 387 7.66 0.58 -51.05
N GLU H 388 8.60 1.28 -50.41
CA GLU H 388 8.42 1.63 -49.01
C GLU H 388 7.20 2.54 -48.84
N THR H 389 7.20 3.66 -49.55
CA THR H 389 6.08 4.58 -49.54
C THR H 389 4.74 3.88 -49.84
N GLU H 390 4.78 2.79 -50.60
CA GLU H 390 3.56 2.05 -50.93
C GLU H 390 3.08 1.17 -49.77
N GLU H 391 4.02 0.53 -49.07
CA GLU H 391 3.71 -0.18 -47.83
C GLU H 391 3.05 0.74 -46.82
N LYS H 392 3.71 1.84 -46.52
CA LYS H 392 3.17 2.86 -45.62
C LYS H 392 1.71 3.15 -45.93
N MET H 393 1.42 3.45 -47.19
CA MET H 393 0.06 3.82 -47.57
C MET H 393 -0.98 2.68 -47.50
N ARG H 394 -0.59 1.45 -47.83
CA ARG H 394 -1.46 0.29 -47.62
C ARG H 394 -1.72 0.01 -46.12
N ARG H 395 -0.67 0.09 -45.30
CA ARG H 395 -0.81 -0.18 -43.87
C ARG H 395 -1.72 0.84 -43.18
N ALA H 396 -1.65 2.09 -43.64
CA ALA H 396 -2.54 3.15 -43.17
C ALA H 396 -4.00 2.85 -43.54
N LYS H 397 -4.23 2.54 -44.81
CA LYS H 397 -5.54 2.08 -45.25
C LYS H 397 -6.05 0.98 -44.33
N LEU H 398 -5.26 -0.08 -44.16
CA LEU H 398 -5.65 -1.19 -43.30
C LEU H 398 -6.04 -0.76 -41.89
N ALA H 399 -5.20 0.00 -41.21
CA ALA H 399 -5.48 0.39 -39.83
C ALA H 399 -6.66 1.36 -39.73
N LYS H 400 -6.74 2.32 -40.66
CA LYS H 400 -7.88 3.24 -40.69
C LYS H 400 -9.22 2.53 -40.96
N GLU H 401 -9.24 1.54 -41.85
CA GLU H 401 -10.42 0.72 -42.08
C GLU H 401 -10.75 -0.21 -40.90
N LYS H 402 -9.74 -0.88 -40.35
CA LYS H 402 -9.93 -1.61 -39.10
C LYS H 402 -10.57 -0.69 -38.06
N ALA H 403 -10.15 0.57 -38.02
CA ALA H 403 -10.68 1.54 -37.05
C ALA H 403 -12.17 1.85 -37.26
N GLU H 404 -12.58 2.09 -38.50
CA GLU H 404 -13.97 2.40 -38.76
C GLU H 404 -14.87 1.22 -38.40
N LYS H 405 -14.33 0.01 -38.51
CA LYS H 405 -15.02 -1.19 -38.05
C LYS H 405 -15.04 -1.32 -36.52
N GLU H 406 -13.86 -1.33 -35.88
CA GLU H 406 -13.75 -1.41 -34.40
C GLU H 406 -14.78 -0.53 -33.70
N ARG H 407 -14.94 0.70 -34.20
CA ARG H 407 -15.82 1.68 -33.58
C ARG H 407 -17.27 1.44 -33.96
N LEU H 408 -17.52 1.26 -35.25
CA LEU H 408 -18.87 0.97 -35.73
C LEU H 408 -19.48 -0.14 -34.90
N GLU H 409 -18.64 -1.12 -34.57
CA GLU H 409 -19.04 -2.29 -33.80
C GLU H 409 -19.28 -1.92 -32.33
N LYS H 410 -18.44 -1.03 -31.80
CA LYS H 410 -18.62 -0.54 -30.43
C LYS H 410 -19.88 0.33 -30.31
N GLN H 411 -20.18 1.08 -31.36
CA GLN H 411 -21.39 1.92 -31.43
C GLN H 411 -22.65 1.06 -31.52
N GLN H 412 -22.56 -0.05 -32.23
CA GLN H 412 -23.70 -0.95 -32.38
C GLN H 412 -24.04 -1.62 -31.07
N LYS H 413 -23.02 -1.96 -30.30
CA LYS H 413 -23.26 -2.55 -29.00
C LYS H 413 -23.92 -1.54 -28.04
N ARG H 414 -23.62 -0.25 -28.20
CA ARG H 414 -24.22 0.77 -27.34
C ARG H 414 -25.69 1.00 -27.70
N GLU H 415 -26.05 0.77 -28.96
CA GLU H 415 -27.43 0.88 -29.39
C GLU H 415 -28.30 -0.35 -29.05
N GLN H 416 -27.69 -1.42 -28.57
CA GLN H 416 -28.43 -2.59 -28.12
C GLN H 416 -28.98 -2.40 -26.72
N LEU H 417 -28.56 -1.32 -26.06
CA LEU H 417 -28.99 -1.02 -24.71
C LEU H 417 -30.32 -0.31 -24.74
N ILE H 418 -30.30 0.88 -25.34
CA ILE H 418 -31.49 1.70 -25.48
C ILE H 418 -31.56 2.27 -26.89
N ASP H 419 -32.60 1.89 -27.61
CA ASP H 419 -32.89 2.45 -28.92
C ASP H 419 -33.61 3.76 -28.70
N MET H 420 -32.92 4.88 -28.86
CA MET H 420 -33.51 6.17 -28.53
C MET H 420 -34.50 6.71 -29.56
N ASN H 421 -35.27 5.83 -30.21
CA ASN H 421 -36.15 6.28 -31.31
C ASN H 421 -37.52 5.60 -31.54
N ALA H 422 -37.72 4.39 -31.02
CA ALA H 422 -38.97 3.67 -31.29
C ALA H 422 -40.10 3.94 -30.29
N GLU H 423 -40.40 2.94 -29.45
CA GLU H 423 -41.54 2.95 -28.53
C GLU H 423 -41.49 4.07 -27.47
N GLY H 424 -42.48 4.95 -27.50
CA GLY H 424 -42.54 6.08 -26.58
C GLY H 424 -43.23 5.76 -25.26
N ASP H 425 -44.39 5.13 -25.33
CA ASP H 425 -45.12 4.75 -24.12
C ASP H 425 -44.38 3.65 -23.35
N GLU H 426 -43.07 3.53 -23.58
CA GLU H 426 -42.24 2.66 -22.79
C GLU H 426 -41.90 3.33 -21.46
N THR H 427 -42.14 2.67 -20.34
CA THR H 427 -41.44 3.06 -19.13
C THR H 427 -40.48 1.93 -18.76
N GLY H 428 -39.65 2.19 -17.76
CA GLY H 428 -38.62 1.25 -17.35
C GLY H 428 -37.35 1.42 -18.17
N VAL H 429 -37.30 2.46 -19.01
CA VAL H 429 -36.12 2.74 -19.81
C VAL H 429 -34.91 2.92 -18.89
N MET H 430 -35.04 3.85 -17.96
CA MET H 430 -34.03 4.11 -16.95
C MET H 430 -33.70 2.91 -16.06
N ASP H 431 -34.72 2.14 -15.66
CA ASP H 431 -34.51 0.96 -14.86
C ASP H 431 -33.69 -0.08 -15.62
N SER H 432 -33.75 0.00 -16.95
CA SER H 432 -33.00 -0.90 -17.80
C SER H 432 -31.54 -0.53 -17.83
N LEU H 433 -31.28 0.73 -18.17
CA LEU H 433 -29.94 1.32 -18.10
C LEU H 433 -29.25 1.00 -16.77
N LEU H 434 -29.96 1.22 -15.67
CA LEU H 434 -29.42 0.94 -14.34
C LEU H 434 -29.13 -0.54 -14.09
N GLU H 435 -29.93 -1.44 -14.65
CA GLU H 435 -29.68 -2.87 -14.41
C GLU H 435 -28.47 -3.28 -15.20
N ALA H 436 -28.35 -2.74 -16.41
CA ALA H 436 -27.21 -2.99 -17.26
C ALA H 436 -25.92 -2.54 -16.58
N LEU H 437 -25.98 -1.36 -15.97
CA LEU H 437 -24.88 -0.79 -15.24
C LEU H 437 -24.50 -1.66 -14.03
N GLN H 438 -25.49 -2.07 -13.26
CA GLN H 438 -25.28 -2.86 -12.05
C GLN H 438 -24.54 -4.15 -12.37
N SER H 439 -24.95 -4.74 -13.50
CA SER H 439 -24.62 -6.11 -13.83
C SER H 439 -23.35 -6.20 -14.65
N GLY H 440 -22.99 -5.09 -15.29
CA GLY H 440 -21.78 -5.03 -16.06
C GLY H 440 -22.13 -4.96 -17.53
N ALA H 441 -23.31 -5.46 -17.85
CA ALA H 441 -23.82 -5.51 -19.21
C ALA H 441 -23.65 -4.20 -19.98
N ALA H 442 -23.71 -3.07 -19.29
CA ALA H 442 -23.56 -1.80 -19.98
C ALA H 442 -22.16 -1.58 -20.58
N PHE H 443 -21.20 -2.45 -20.27
CA PHE H 443 -19.78 -2.22 -20.58
C PHE H 443 -19.17 -3.36 -21.41
N ARG H 444 -18.46 -3.04 -22.49
CA ARG H 444 -17.80 -4.11 -23.26
C ARG H 444 -16.38 -3.77 -23.76
#